data_4G9I
#
_entry.id   4G9I
#
_cell.length_a   265.810
_cell.length_b   265.810
_cell.length_c   693.712
_cell.angle_alpha   90.00
_cell.angle_beta   90.00
_cell.angle_gamma   120.00
#
_symmetry.space_group_name_H-M   'P 65 2 2'
#
loop_
_entity.id
_entity.type
_entity.pdbx_description
1 polymer 'Hydrogenase maturation protein HypF'
2 non-polymer 'ZINC ION'
#
_entity_poly.entity_id   1
_entity_poly.type   'polypeptide(L)'
_entity_poly.pdbx_seq_one_letter_code
;(MSE)KAYHIHVQGIVQAVGFRPFVYRIAHEHNLRGYVKNLGDAGVEIVVEGREEDIEAFIEDLYKKKPPLARIDRIEKK
EIPPQGFDRFYIEKSSKGGKGGDSIIPPDIAICDDCLRELFDPTNKRY(MSE)YPFIVCTNCGPRFTIIEDLPYDRENTT
(MSE)KEFP(MSE)CDFCRSEYEDPLNRRYHAEPTACPVCGPSYRLYTSDGQEIYGDPLRKAAELIDKGYIVAIKGIGGI
HLACDAANEEVVAELRRRTFRPQKPFAI(MSE)AKDIETVKSFAYVSPEEEEELTSYRRPIITLRKKEPFPLPENLAPGL
HTIGV(MSE)LPYAGTHYILFHWSKTPVYV(MSE)TSANYPG(MSE)P(MSE)VKDNERAFEELKDVADYFLLHNRKILN
RADDSVIRFVDGKRAVIRRSRGFVPLPIEIPFEYNGLAVGAEL(MSE)NAFGVAKNGKVYPSQYIGNTGKVEVLEF
(MSE)REAIAHFRKILRVKNLDLIIADLHPAYNTTKLA(MSE)E(MSE)ANELDVELLQVQHHYAHIASV(MSE)AEKNL
DSVIGIALDGVGYGTDGNTWGGEVLYLGYEDVERLAHIDYYPLPGGDLASYYPLRAL(MSE)GILSKVYSIDELEGVINR
CCPKAVESLKYGKVEFNVVLNQLAKGINTAYASSTGRVLDAIAVLLNVAYRRHYEGEPA(MSE)KLESFAFKGKNDLKFE
VPVEGELIRVEELFQSILEAIEGASPADIAYSAHLALARAFAHTAVERAREFGVKNVALSGGVAYNELITK(MSE)IRKV
VEANGLNFHVTTEVPRGDNGVNVGQAFLGGLYLEGYLTKEDL(MSE)L
;
_entity_poly.pdbx_strand_id   A,B,C,D,E,F
#
# COMPACT_ATOMS: atom_id res chain seq x y z
N LYS A 2 -24.87 49.55 -21.62
CA LYS A 2 -23.82 49.29 -20.65
C LYS A 2 -24.25 48.10 -19.79
N ALA A 3 -23.98 46.90 -20.29
CA ALA A 3 -24.35 45.68 -19.58
C ALA A 3 -23.13 44.85 -19.19
N TYR A 4 -23.33 43.53 -19.16
CA TYR A 4 -22.27 42.59 -18.81
C TYR A 4 -22.55 41.24 -19.47
N HIS A 5 -21.56 40.72 -20.18
CA HIS A 5 -21.71 39.44 -20.85
C HIS A 5 -21.60 38.29 -19.86
N ILE A 6 -22.66 38.10 -19.07
CA ILE A 6 -22.71 37.04 -18.07
C ILE A 6 -22.61 35.69 -18.76
N HIS A 7 -21.64 34.88 -18.34
CA HIS A 7 -21.44 33.57 -18.92
C HIS A 7 -21.70 32.47 -17.88
N VAL A 8 -22.76 31.70 -18.10
CA VAL A 8 -23.13 30.62 -17.20
C VAL A 8 -23.10 29.29 -17.94
N GLN A 9 -22.92 28.20 -17.20
CA GLN A 9 -22.87 26.87 -17.82
C GLN A 9 -22.76 25.76 -16.77
N GLY A 10 -23.49 24.67 -16.99
CA GLY A 10 -23.44 23.56 -16.06
C GLY A 10 -24.73 22.77 -15.95
N ILE A 11 -25.84 23.47 -15.69
CA ILE A 11 -27.13 22.83 -15.54
C ILE A 11 -28.20 23.52 -16.37
N VAL A 12 -27.93 24.75 -16.78
CA VAL A 12 -28.86 25.56 -17.57
C VAL A 12 -29.52 24.87 -18.75
N GLN A 13 -28.76 24.65 -19.82
CA GLN A 13 -29.26 24.04 -21.04
C GLN A 13 -30.39 23.02 -20.87
N ALA A 14 -30.03 21.79 -20.56
CA ALA A 14 -31.00 20.70 -20.39
C ALA A 14 -32.29 21.09 -19.69
N VAL A 15 -32.18 21.56 -18.45
CA VAL A 15 -33.35 21.93 -17.66
C VAL A 15 -34.06 23.16 -18.23
N GLY A 16 -35.15 23.53 -17.59
CA GLY A 16 -35.90 24.70 -18.02
C GLY A 16 -35.28 25.93 -17.39
N PHE A 17 -34.51 26.67 -18.20
CA PHE A 17 -33.83 27.87 -17.73
C PHE A 17 -34.28 29.08 -18.54
N ARG A 18 -34.44 28.91 -19.84
CA ARG A 18 -34.85 29.98 -20.72
C ARG A 18 -36.12 30.64 -20.18
N PRO A 19 -37.14 29.83 -19.87
CA PRO A 19 -38.40 30.39 -19.34
C PRO A 19 -38.15 31.24 -18.11
N PHE A 20 -37.22 30.81 -17.26
CA PHE A 20 -36.88 31.53 -16.05
C PHE A 20 -36.16 32.84 -16.37
N VAL A 21 -35.07 32.76 -17.12
CA VAL A 21 -34.30 33.94 -17.49
C VAL A 21 -35.18 34.99 -18.15
N TYR A 22 -36.13 34.55 -18.96
CA TYR A 22 -37.03 35.47 -19.65
C TYR A 22 -37.87 36.24 -18.65
N ARG A 23 -38.58 35.52 -17.79
CA ARG A 23 -39.43 36.14 -16.78
C ARG A 23 -38.64 37.12 -15.91
N ILE A 24 -37.63 36.58 -15.23
CA ILE A 24 -36.78 37.38 -14.35
C ILE A 24 -36.31 38.67 -15.03
N ALA A 25 -36.15 38.61 -16.35
CA ALA A 25 -35.70 39.77 -17.11
C ALA A 25 -36.77 40.83 -17.19
N HIS A 26 -37.91 40.46 -17.78
CA HIS A 26 -39.03 41.37 -17.93
C HIS A 26 -39.51 41.91 -16.59
N GLU A 27 -39.45 41.06 -15.55
CA GLU A 27 -39.88 41.48 -14.23
C GLU A 27 -39.11 42.72 -13.81
N HIS A 28 -37.81 42.74 -14.13
CA HIS A 28 -36.96 43.88 -13.80
C HIS A 28 -36.92 44.83 -14.99
N ASN A 29 -37.82 44.62 -15.94
CA ASN A 29 -37.90 45.44 -17.15
C ASN A 29 -36.55 45.67 -17.80
N LEU A 30 -35.58 44.82 -17.46
CA LEU A 30 -34.24 44.93 -18.02
C LEU A 30 -34.21 44.22 -19.36
N ARG A 31 -34.45 44.96 -20.43
CA ARG A 31 -34.45 44.39 -21.78
C ARG A 31 -33.07 43.94 -22.22
N GLY A 32 -33.00 42.70 -22.72
CA GLY A 32 -31.74 42.15 -23.18
C GLY A 32 -32.01 40.92 -24.03
N TYR A 33 -31.31 39.82 -23.73
CA TYR A 33 -31.50 38.59 -24.47
C TYR A 33 -30.63 37.46 -23.92
N VAL A 34 -31.02 36.23 -24.22
CA VAL A 34 -30.29 35.05 -23.76
C VAL A 34 -29.96 34.14 -24.93
N LYS A 35 -28.73 34.23 -25.42
CA LYS A 35 -28.27 33.42 -26.53
C LYS A 35 -28.23 31.95 -26.15
N ASN A 36 -27.96 31.09 -27.13
CA ASN A 36 -27.90 29.65 -26.89
C ASN A 36 -27.03 28.98 -27.94
N LEU A 37 -26.09 28.15 -27.50
CA LEU A 37 -25.20 27.45 -28.40
C LEU A 37 -25.43 25.94 -28.34
N GLY A 38 -25.42 25.39 -27.13
CA GLY A 38 -25.63 23.97 -26.95
C GLY A 38 -25.37 23.50 -25.54
N ASP A 39 -24.85 22.27 -25.41
CA ASP A 39 -24.55 21.71 -24.10
C ASP A 39 -23.61 22.61 -23.31
N ALA A 40 -23.15 23.68 -23.94
CA ALA A 40 -22.21 24.59 -23.28
C ALA A 40 -22.22 26.03 -23.81
N GLY A 41 -23.38 26.67 -23.82
CA GLY A 41 -23.43 28.03 -24.34
C GLY A 41 -24.70 28.83 -24.14
N VAL A 42 -24.84 29.44 -22.98
CA VAL A 42 -26.01 30.27 -22.67
C VAL A 42 -25.61 31.48 -21.83
N GLU A 43 -25.42 32.60 -22.50
CA GLU A 43 -25.04 33.84 -21.80
C GLU A 43 -26.28 34.73 -21.69
N ILE A 44 -26.12 35.88 -21.04
CA ILE A 44 -27.23 36.81 -20.86
C ILE A 44 -26.72 38.24 -20.96
N VAL A 45 -27.33 39.02 -21.86
CA VAL A 45 -26.94 40.41 -22.04
C VAL A 45 -28.03 41.33 -21.49
N VAL A 46 -28.03 41.50 -20.18
CA VAL A 46 -29.01 42.35 -19.52
C VAL A 46 -28.60 43.81 -19.59
N GLU A 47 -28.81 44.42 -20.76
CA GLU A 47 -28.47 45.82 -20.98
C GLU A 47 -29.57 46.73 -20.48
N GLY A 48 -29.28 47.49 -19.43
CA GLY A 48 -30.27 48.40 -18.87
C GLY A 48 -29.66 49.30 -17.83
N ARG A 49 -30.44 49.69 -16.82
CA ARG A 49 -29.95 50.56 -15.77
C ARG A 49 -29.16 49.76 -14.73
N GLU A 50 -28.98 50.33 -13.54
CA GLU A 50 -28.24 49.66 -12.49
C GLU A 50 -29.11 49.04 -11.40
N GLU A 51 -30.15 49.73 -11.00
CA GLU A 51 -31.04 49.21 -9.95
C GLU A 51 -31.66 47.87 -10.34
N ASP A 52 -31.40 47.41 -11.56
CA ASP A 52 -31.93 46.14 -12.02
C ASP A 52 -30.83 45.25 -12.61
N ILE A 53 -29.76 45.88 -13.08
CA ILE A 53 -28.65 45.13 -13.66
C ILE A 53 -28.09 44.18 -12.60
N GLU A 54 -28.41 44.48 -11.34
CA GLU A 54 -27.96 43.69 -10.22
C GLU A 54 -29.04 42.69 -9.79
N ALA A 55 -30.26 43.18 -9.63
CA ALA A 55 -31.38 42.35 -9.23
C ALA A 55 -31.48 41.08 -10.05
N PHE A 56 -31.29 41.20 -11.36
CA PHE A 56 -31.36 40.06 -12.26
C PHE A 56 -30.31 39.01 -11.88
N ILE A 57 -29.05 39.42 -11.88
CA ILE A 57 -27.95 38.52 -11.53
C ILE A 57 -28.13 38.00 -10.10
N GLU A 58 -28.71 38.83 -9.24
CA GLU A 58 -28.93 38.49 -7.85
C GLU A 58 -30.04 37.45 -7.68
N ASP A 59 -31.07 37.54 -8.51
CA ASP A 59 -32.20 36.62 -8.44
C ASP A 59 -31.87 35.27 -9.09
N LEU A 60 -31.13 35.31 -10.19
CA LEU A 60 -30.74 34.12 -10.92
C LEU A 60 -30.26 32.99 -10.01
N TYR A 61 -29.74 33.35 -8.84
CA TYR A 61 -29.25 32.37 -7.87
C TYR A 61 -30.35 31.83 -6.97
N LYS A 62 -31.08 32.74 -6.33
CA LYS A 62 -32.14 32.39 -5.39
C LYS A 62 -33.50 32.07 -6.02
N LYS A 63 -33.59 32.18 -7.34
CA LYS A 63 -34.85 31.90 -8.02
C LYS A 63 -34.73 30.98 -9.23
N LYS A 64 -33.52 30.54 -9.50
CA LYS A 64 -33.27 29.63 -10.63
C LYS A 64 -34.22 28.45 -10.57
N PRO A 65 -34.46 27.78 -11.71
CA PRO A 65 -35.36 26.63 -11.72
C PRO A 65 -34.91 25.58 -10.70
N PRO A 66 -35.84 24.78 -10.17
CA PRO A 66 -35.51 23.74 -9.19
C PRO A 66 -34.39 22.81 -9.65
N LEU A 67 -34.66 22.03 -10.68
CA LEU A 67 -33.66 21.12 -11.21
C LEU A 67 -32.58 21.95 -11.90
N ALA A 68 -31.84 22.72 -11.12
CA ALA A 68 -30.78 23.55 -11.67
C ALA A 68 -30.02 24.32 -10.60
N ARG A 69 -28.72 24.41 -10.79
CA ARG A 69 -27.84 25.11 -9.87
C ARG A 69 -26.77 25.87 -10.65
N ILE A 70 -26.90 27.19 -10.68
CA ILE A 70 -25.95 28.04 -11.39
C ILE A 70 -24.54 27.63 -10.99
N ASP A 71 -23.66 27.52 -11.98
CA ASP A 71 -22.29 27.09 -11.72
C ASP A 71 -21.24 28.13 -12.12
N ARG A 72 -21.58 28.99 -13.06
CA ARG A 72 -20.62 30.01 -13.52
C ARG A 72 -21.27 31.34 -13.88
N ILE A 73 -20.64 32.43 -13.42
CA ILE A 73 -21.10 33.78 -13.69
C ILE A 73 -19.92 34.74 -13.74
N GLU A 74 -19.59 35.21 -14.94
CA GLU A 74 -18.49 36.14 -15.14
C GLU A 74 -19.03 37.46 -15.67
N LYS A 75 -19.10 38.46 -14.80
CA LYS A 75 -19.60 39.78 -15.18
C LYS A 75 -18.65 40.48 -16.14
N LYS A 76 -18.86 40.26 -17.44
CA LYS A 76 -18.03 40.89 -18.46
C LYS A 76 -18.55 42.29 -18.74
N GLU A 77 -18.00 42.94 -19.76
CA GLU A 77 -18.43 44.30 -20.10
C GLU A 77 -18.31 44.62 -21.59
N ILE A 78 -19.44 44.55 -22.29
CA ILE A 78 -19.48 44.83 -23.72
C ILE A 78 -20.73 45.65 -24.05
N PRO A 79 -20.57 46.73 -24.82
CA PRO A 79 -21.70 47.59 -25.20
C PRO A 79 -22.42 47.14 -26.47
N PRO A 80 -23.75 46.97 -26.40
CA PRO A 80 -24.53 46.54 -27.56
C PRO A 80 -24.51 47.58 -28.67
N GLN A 81 -24.21 47.15 -29.89
CA GLN A 81 -24.17 48.07 -31.03
C GLN A 81 -25.55 48.68 -31.23
N GLY A 82 -26.54 48.13 -30.54
CA GLY A 82 -27.90 48.62 -30.62
C GLY A 82 -28.67 48.28 -29.36
N PHE A 83 -29.21 49.30 -28.70
CA PHE A 83 -29.97 49.11 -27.47
C PHE A 83 -31.01 48.01 -27.63
N ASP A 84 -31.52 47.50 -26.50
CA ASP A 84 -32.52 46.44 -26.55
C ASP A 84 -33.91 46.94 -26.19
N ARG A 85 -34.78 46.97 -27.21
CA ARG A 85 -36.16 47.42 -27.03
C ARG A 85 -36.97 46.25 -26.49
N PHE A 86 -36.56 45.04 -26.87
CA PHE A 86 -37.25 43.83 -26.43
C PHE A 86 -36.21 42.79 -26.03
N TYR A 87 -36.58 41.94 -25.08
CA TYR A 87 -35.68 40.89 -24.63
C TYR A 87 -36.05 39.68 -25.48
N ILE A 88 -35.04 39.04 -26.06
CA ILE A 88 -35.27 37.89 -26.92
C ILE A 88 -34.48 36.67 -26.46
N GLU A 89 -34.99 35.49 -26.80
CA GLU A 89 -34.34 34.24 -26.43
C GLU A 89 -33.89 33.49 -27.68
N LYS A 90 -33.21 34.18 -28.59
CA LYS A 90 -32.73 33.57 -29.81
C LYS A 90 -32.20 32.17 -29.57
N SER A 91 -32.63 31.22 -30.40
CA SER A 91 -32.20 29.83 -30.28
C SER A 91 -31.85 29.27 -31.65
N SER A 92 -31.55 27.97 -31.69
CA SER A 92 -31.20 27.31 -32.94
C SER A 92 -32.20 26.22 -33.28
N ASP A 99 -31.70 19.04 -27.13
CA ASP A 99 -31.24 17.91 -26.33
C ASP A 99 -32.08 17.76 -25.07
N SER A 100 -33.34 17.35 -25.24
CA SER A 100 -34.25 17.16 -24.13
C SER A 100 -33.86 15.96 -23.28
N ILE A 101 -34.20 16.02 -21.99
CA ILE A 101 -33.89 14.93 -21.06
C ILE A 101 -35.04 14.72 -20.08
N ILE A 102 -35.52 13.48 -20.01
CA ILE A 102 -36.64 13.14 -19.12
C ILE A 102 -36.38 13.60 -17.69
N PRO A 103 -37.14 14.61 -17.22
CA PRO A 103 -37.01 15.15 -15.86
C PRO A 103 -37.80 14.30 -14.86
N PRO A 104 -37.36 14.29 -13.59
CA PRO A 104 -38.05 13.50 -12.56
C PRO A 104 -39.31 14.19 -12.03
N ASP A 105 -40.02 13.50 -11.14
CA ASP A 105 -41.23 14.02 -10.54
C ASP A 105 -40.90 14.91 -9.35
N ILE A 106 -41.14 16.21 -9.51
CA ILE A 106 -40.85 17.17 -8.44
C ILE A 106 -42.10 17.48 -7.62
N ALA A 107 -41.89 17.92 -6.38
CA ALA A 107 -42.99 18.27 -5.50
C ALA A 107 -43.43 19.71 -5.78
N ILE A 108 -44.62 20.07 -5.34
CA ILE A 108 -45.16 21.41 -5.55
C ILE A 108 -44.13 22.47 -5.16
N CYS A 109 -44.05 23.53 -5.96
CA CYS A 109 -43.10 24.60 -5.69
C CYS A 109 -43.65 25.52 -4.61
N ASP A 110 -42.74 26.05 -3.78
CA ASP A 110 -43.12 26.94 -2.69
C ASP A 110 -44.15 27.98 -3.13
N ASP A 111 -44.02 28.47 -4.36
CA ASP A 111 -44.93 29.46 -4.89
C ASP A 111 -46.34 28.94 -5.15
N CYS A 112 -46.45 27.93 -6.00
CA CYS A 112 -47.76 27.35 -6.30
C CYS A 112 -48.53 27.06 -5.03
N LEU A 113 -47.81 26.71 -3.97
CA LEU A 113 -48.44 26.44 -2.68
C LEU A 113 -49.44 27.55 -2.38
N ARG A 114 -48.90 28.70 -1.98
CA ARG A 114 -49.71 29.87 -1.65
C ARG A 114 -50.82 30.07 -2.68
N GLU A 115 -50.49 29.86 -3.95
CA GLU A 115 -51.44 30.03 -5.04
C GLU A 115 -52.74 29.26 -4.80
N LEU A 116 -52.62 28.01 -4.35
CA LEU A 116 -53.79 27.18 -4.09
C LEU A 116 -54.30 27.39 -2.67
N PHE A 117 -53.38 27.33 -1.71
CA PHE A 117 -53.73 27.50 -0.31
C PHE A 117 -54.26 28.90 0.00
N ASP A 118 -54.56 29.65 -1.06
CA ASP A 118 -55.08 31.01 -0.89
C ASP A 118 -56.19 31.36 -1.89
N PRO A 119 -57.22 32.07 -1.42
CA PRO A 119 -58.43 32.54 -2.11
C PRO A 119 -58.33 33.18 -3.50
N THR A 120 -57.61 34.29 -3.59
CA THR A 120 -57.47 35.06 -4.83
C THR A 120 -57.35 34.33 -6.18
N ASN A 121 -56.66 33.19 -6.20
CA ASN A 121 -56.44 32.46 -7.45
C ASN A 121 -57.61 31.70 -8.07
N LYS A 122 -57.37 31.27 -9.31
CA LYS A 122 -58.34 30.50 -10.09
C LYS A 122 -58.29 29.04 -9.66
N ARG A 123 -57.10 28.61 -9.24
CA ARG A 123 -56.89 27.24 -8.79
C ARG A 123 -57.04 27.13 -7.28
N TYR A 124 -57.79 28.06 -6.71
CA TYR A 124 -58.03 28.08 -5.26
C TYR A 124 -58.39 26.68 -4.78
N TYR A 126 -56.93 23.86 -5.65
CA TYR A 126 -56.92 22.91 -6.76
C TYR A 126 -55.81 21.88 -6.56
N PRO A 127 -56.18 20.62 -6.32
CA PRO A 127 -55.29 19.49 -6.10
C PRO A 127 -54.20 19.29 -7.16
N PHE A 128 -54.59 19.41 -8.43
CA PHE A 128 -53.63 19.20 -9.52
C PHE A 128 -52.87 20.47 -9.90
N ILE A 129 -52.74 21.39 -8.96
CA ILE A 129 -52.01 22.64 -9.22
C ILE A 129 -50.59 22.28 -9.64
N VAL A 130 -49.94 23.19 -10.36
CA VAL A 130 -48.58 22.94 -10.84
C VAL A 130 -48.07 24.03 -11.77
N CYS A 131 -46.75 24.26 -11.74
CA CYS A 131 -46.13 25.24 -12.59
C CYS A 131 -45.10 24.52 -13.46
N THR A 132 -44.34 25.27 -14.24
CA THR A 132 -43.33 24.65 -15.10
C THR A 132 -42.05 24.37 -14.31
N ASN A 133 -42.11 24.57 -13.00
CA ASN A 133 -40.95 24.35 -12.14
C ASN A 133 -41.20 23.26 -11.09
N CYS A 134 -42.24 22.45 -11.29
CA CYS A 134 -42.55 21.38 -10.36
C CYS A 134 -43.62 20.45 -10.91
N GLY A 135 -44.35 19.79 -10.02
CA GLY A 135 -45.40 18.88 -10.43
C GLY A 135 -44.87 17.55 -10.91
N PRO A 136 -45.76 16.62 -11.30
CA PRO A 136 -45.37 15.29 -11.77
C PRO A 136 -44.68 15.34 -13.13
N ARG A 137 -43.91 14.29 -13.43
CA ARG A 137 -43.19 14.20 -14.69
C ARG A 137 -43.06 12.75 -15.13
N PHE A 138 -41.92 12.13 -14.82
CA PHE A 138 -41.66 10.74 -15.18
C PHE A 138 -42.90 9.86 -15.02
N THR A 139 -43.48 9.88 -13.83
CA THR A 139 -44.66 9.08 -13.53
C THR A 139 -45.77 9.20 -14.57
N ILE A 140 -45.74 10.25 -15.37
CA ILE A 140 -46.77 10.45 -16.39
C ILE A 140 -46.24 10.84 -17.76
N ILE A 141 -44.93 10.70 -17.97
CA ILE A 141 -44.34 11.03 -19.26
C ILE A 141 -44.37 9.82 -20.18
N GLU A 142 -45.34 9.80 -21.09
CA GLU A 142 -45.47 8.69 -22.04
C GLU A 142 -44.13 8.33 -22.67
N ASP A 143 -43.50 9.30 -23.31
CA ASP A 143 -42.21 9.08 -23.95
C ASP A 143 -41.74 10.31 -24.71
N LEU A 144 -40.45 10.60 -24.64
CA LEU A 144 -39.90 11.75 -25.34
C LEU A 144 -40.29 11.64 -26.81
N PRO A 145 -40.52 12.77 -27.48
CA PRO A 145 -40.43 14.14 -26.97
C PRO A 145 -41.40 14.45 -25.83
N TYR A 146 -40.90 15.14 -24.81
CA TYR A 146 -41.72 15.53 -23.67
C TYR A 146 -42.73 16.56 -24.14
N ASP A 147 -43.97 16.11 -24.35
CA ASP A 147 -45.02 17.00 -24.82
C ASP A 147 -46.40 16.59 -24.31
N ARG A 148 -47.26 17.60 -24.11
CA ARG A 148 -48.62 17.39 -23.63
C ARG A 148 -49.31 16.31 -24.45
N GLU A 149 -49.39 16.54 -25.75
CA GLU A 149 -50.03 15.60 -26.67
C GLU A 149 -49.45 14.19 -26.59
N ASN A 150 -48.42 14.03 -25.77
CA ASN A 150 -47.79 12.73 -25.59
C ASN A 150 -47.52 12.42 -24.12
N THR A 151 -48.51 12.70 -23.28
CA THR A 151 -48.41 12.44 -21.85
C THR A 151 -49.78 12.06 -21.30
N THR A 152 -49.81 11.50 -20.10
CA THR A 152 -51.07 11.08 -19.49
C THR A 152 -52.09 12.21 -19.49
N LYS A 154 -52.81 13.96 -21.84
CA LYS A 154 -53.33 14.06 -23.20
C LYS A 154 -54.85 13.92 -23.18
N GLU A 155 -55.34 13.00 -22.35
CA GLU A 155 -56.77 12.75 -22.23
C GLU A 155 -57.51 14.00 -21.74
N PHE A 156 -56.74 15.04 -21.41
CA PHE A 156 -57.31 16.28 -20.90
C PHE A 156 -57.00 17.50 -21.77
N PRO A 157 -57.97 17.93 -22.59
CA PRO A 157 -57.76 19.11 -23.46
C PRO A 157 -57.74 20.38 -22.61
N CYS A 159 -58.27 24.09 -21.30
CA CYS A 159 -59.36 25.05 -21.42
C CYS A 159 -58.73 26.36 -21.88
N ASP A 160 -59.50 27.20 -22.56
CA ASP A 160 -59.00 28.47 -23.06
C ASP A 160 -58.12 29.23 -22.07
N PHE A 161 -58.67 29.51 -20.89
CA PHE A 161 -57.92 30.26 -19.88
C PHE A 161 -56.47 29.79 -19.78
N CYS A 162 -56.28 28.50 -19.51
CA CYS A 162 -54.93 27.95 -19.39
C CYS A 162 -54.08 28.19 -20.63
N ARG A 163 -54.57 27.74 -21.78
CA ARG A 163 -53.84 27.91 -23.03
C ARG A 163 -53.21 29.29 -23.11
N SER A 164 -54.01 30.33 -22.84
CA SER A 164 -53.52 31.69 -22.88
C SER A 164 -52.24 31.79 -22.06
N GLU A 165 -52.23 31.18 -20.88
CA GLU A 165 -51.06 31.20 -20.02
C GLU A 165 -50.00 30.29 -20.62
N TYR A 166 -50.38 29.04 -20.87
CA TYR A 166 -49.47 28.05 -21.45
C TYR A 166 -48.69 28.65 -22.60
N GLU A 167 -49.35 29.52 -23.36
CA GLU A 167 -48.73 30.17 -24.51
C GLU A 167 -47.86 31.36 -24.10
N ASP A 168 -48.44 32.28 -23.34
CA ASP A 168 -47.71 33.47 -22.90
C ASP A 168 -46.37 33.09 -22.25
N PRO A 169 -45.30 33.80 -22.61
CA PRO A 169 -43.96 33.56 -22.08
C PRO A 169 -43.76 34.09 -20.66
N LEU A 170 -44.19 35.33 -20.42
CA LEU A 170 -44.05 35.94 -19.11
C LEU A 170 -44.63 35.07 -17.99
N ASN A 171 -45.77 34.45 -18.25
CA ASN A 171 -46.40 33.60 -17.25
C ASN A 171 -45.55 32.36 -16.99
N ARG A 172 -45.44 32.00 -15.71
CA ARG A 172 -44.65 30.85 -15.29
C ARG A 172 -45.17 29.53 -15.85
N ARG A 173 -46.49 29.41 -15.96
CA ARG A 173 -47.10 28.18 -16.47
C ARG A 173 -46.78 27.96 -17.95
N TYR A 174 -45.87 28.77 -18.48
CA TYR A 174 -45.49 28.64 -19.88
C TYR A 174 -45.02 27.23 -20.24
N HIS A 175 -45.60 26.68 -21.30
CA HIS A 175 -45.29 25.33 -21.77
C HIS A 175 -45.31 24.26 -20.67
N ALA A 176 -46.01 24.55 -19.59
CA ALA A 176 -46.12 23.60 -18.48
C ALA A 176 -47.04 22.48 -18.96
N GLU A 177 -46.48 21.58 -19.76
CA GLU A 177 -47.25 20.45 -20.31
C GLU A 177 -48.33 19.91 -19.38
N PRO A 178 -47.96 19.54 -18.13
CA PRO A 178 -48.95 19.01 -17.19
C PRO A 178 -49.80 20.07 -16.48
N THR A 179 -50.11 21.15 -17.18
CA THR A 179 -50.92 22.23 -16.60
C THR A 179 -52.40 21.89 -16.66
N ALA A 180 -53.21 22.64 -15.92
CA ALA A 180 -54.65 22.42 -15.90
C ALA A 180 -55.38 23.42 -15.01
N CYS A 181 -56.61 23.08 -14.65
CA CYS A 181 -57.45 23.90 -13.79
C CYS A 181 -58.64 23.06 -13.38
N PRO A 182 -59.47 23.54 -12.45
CA PRO A 182 -60.64 22.78 -12.02
C PRO A 182 -61.60 22.37 -13.14
N VAL A 183 -61.46 22.99 -14.30
CA VAL A 183 -62.35 22.70 -15.43
C VAL A 183 -61.81 21.65 -16.41
N CYS A 184 -60.68 21.95 -17.06
CA CYS A 184 -60.12 21.01 -18.01
C CYS A 184 -59.24 19.95 -17.32
N GLY A 185 -58.78 20.27 -16.12
CA GLY A 185 -57.95 19.34 -15.38
C GLY A 185 -58.74 18.21 -14.76
N PRO A 186 -58.07 17.08 -14.44
CA PRO A 186 -58.72 15.92 -13.84
C PRO A 186 -59.41 16.26 -12.53
N SER A 187 -60.23 15.35 -12.03
CA SER A 187 -60.98 15.58 -10.80
C SER A 187 -60.92 14.40 -9.82
N TYR A 188 -61.07 14.72 -8.55
CA TYR A 188 -61.06 13.72 -7.49
C TYR A 188 -62.42 13.05 -7.30
N ARG A 189 -62.45 12.01 -6.47
CA ARG A 189 -63.68 11.28 -6.18
C ARG A 189 -63.51 10.41 -4.95
N LEU A 190 -64.63 10.12 -4.27
CA LEU A 190 -64.62 9.32 -3.07
C LEU A 190 -65.41 8.03 -3.24
N TYR A 191 -64.81 6.91 -2.82
CA TYR A 191 -65.46 5.61 -2.93
C TYR A 191 -65.38 4.88 -1.58
N THR A 192 -65.96 3.69 -1.52
CA THR A 192 -65.95 2.90 -0.29
C THR A 192 -66.26 1.46 -0.65
N SER A 193 -65.30 0.76 -1.22
CA SER A 193 -65.51 -0.62 -1.65
C SER A 193 -66.66 -0.59 -2.64
N ASP A 194 -66.77 0.54 -3.34
CA ASP A 194 -67.80 0.83 -4.33
C ASP A 194 -68.76 1.90 -3.81
N GLY A 195 -69.51 2.51 -4.71
CA GLY A 195 -70.43 3.57 -4.32
C GLY A 195 -69.63 4.86 -4.30
N GLN A 196 -70.27 6.00 -4.58
CA GLN A 196 -69.53 7.26 -4.58
C GLN A 196 -70.38 8.51 -4.88
N GLU A 197 -69.73 9.67 -4.79
CA GLU A 197 -70.37 10.95 -5.09
C GLU A 197 -69.87 11.40 -6.46
N ILE A 198 -69.84 12.71 -6.69
CA ILE A 198 -69.39 13.22 -7.98
C ILE A 198 -68.62 14.53 -7.91
N TYR A 199 -67.57 14.61 -8.72
CA TYR A 199 -66.71 15.79 -8.81
C TYR A 199 -65.96 16.15 -7.52
N GLY A 200 -66.09 17.40 -7.07
CA GLY A 200 -65.38 17.90 -5.91
C GLY A 200 -65.94 17.73 -4.51
N ASP A 201 -67.12 17.15 -4.36
CA ASP A 201 -67.69 16.96 -3.03
C ASP A 201 -66.76 16.14 -2.14
N PRO A 202 -66.00 15.18 -2.71
CA PRO A 202 -65.08 14.33 -1.98
C PRO A 202 -63.91 14.98 -1.23
N LEU A 203 -62.82 15.26 -1.93
CA LEU A 203 -61.64 15.84 -1.30
C LEU A 203 -61.83 16.30 0.15
N ARG A 204 -62.57 17.39 0.34
CA ARG A 204 -62.80 17.92 1.68
C ARG A 204 -63.18 16.83 2.69
N LYS A 205 -64.27 16.14 2.41
CA LYS A 205 -64.77 15.09 3.30
C LYS A 205 -63.76 13.96 3.51
N ALA A 206 -63.08 13.57 2.43
CA ALA A 206 -62.10 12.49 2.48
C ALA A 206 -61.29 12.47 3.78
N ALA A 207 -60.72 13.62 4.14
CA ALA A 207 -59.92 13.72 5.35
C ALA A 207 -60.78 13.61 6.61
N GLU A 208 -61.98 14.18 6.56
CA GLU A 208 -62.90 14.13 7.68
C GLU A 208 -63.04 12.70 8.21
N LEU A 209 -62.64 11.74 7.38
CA LEU A 209 -62.72 10.33 7.75
C LEU A 209 -61.37 9.79 8.21
N ILE A 210 -60.29 10.25 7.57
CA ILE A 210 -58.96 9.81 7.94
C ILE A 210 -58.68 10.09 9.41
N ASP A 211 -59.27 11.17 9.92
CA ASP A 211 -59.09 11.56 11.32
C ASP A 211 -60.21 10.90 12.13
N LYS A 212 -61.31 10.60 11.44
CA LYS A 212 -62.47 9.97 12.05
C LYS A 212 -62.02 8.64 12.65
N GLY A 213 -61.02 8.03 12.01
CA GLY A 213 -60.51 6.76 12.46
C GLY A 213 -60.23 5.81 11.32
N TYR A 214 -61.24 5.61 10.46
CA TYR A 214 -61.14 4.71 9.32
C TYR A 214 -59.89 5.01 8.50
N ILE A 215 -59.56 4.10 7.57
CA ILE A 215 -58.40 4.26 6.71
C ILE A 215 -58.87 4.34 5.26
N VAL A 216 -58.14 5.11 4.45
CA VAL A 216 -58.51 5.27 3.05
C VAL A 216 -57.28 5.42 2.16
N ALA A 217 -57.31 4.76 1.01
CA ALA A 217 -56.21 4.83 0.06
C ALA A 217 -56.25 6.17 -0.67
N ILE A 218 -55.12 6.58 -1.21
CA ILE A 218 -55.04 7.85 -1.93
C ILE A 218 -54.25 7.70 -3.22
N LYS A 219 -54.80 8.24 -4.31
CA LYS A 219 -54.15 8.14 -5.61
C LYS A 219 -52.98 9.10 -5.74
N GLY A 220 -51.81 8.68 -5.27
CA GLY A 220 -50.64 9.52 -5.35
C GLY A 220 -50.27 9.81 -6.79
N ILE A 221 -49.12 10.44 -6.99
CA ILE A 221 -48.65 10.78 -8.34
C ILE A 221 -47.90 9.64 -9.00
N GLY A 222 -47.36 8.75 -8.18
CA GLY A 222 -46.61 7.62 -8.73
C GLY A 222 -47.00 6.32 -8.06
N GLY A 223 -48.30 6.10 -7.91
CA GLY A 223 -48.78 4.88 -7.27
C GLY A 223 -49.52 5.21 -5.99
N ILE A 224 -50.79 4.86 -5.94
CA ILE A 224 -51.62 5.13 -4.77
C ILE A 224 -51.18 4.27 -3.58
N HIS A 225 -51.52 4.72 -2.37
CA HIS A 225 -51.15 3.99 -1.16
C HIS A 225 -52.10 4.26 -0.01
N LEU A 226 -52.20 3.30 0.92
CA LEU A 226 -53.09 3.43 2.07
C LEU A 226 -52.74 4.61 2.98
N ALA A 227 -53.77 5.20 3.57
CA ALA A 227 -53.60 6.32 4.48
C ALA A 227 -54.33 6.02 5.78
N CYS A 228 -53.97 6.73 6.84
CA CYS A 228 -54.59 6.54 8.14
C CYS A 228 -54.00 7.52 9.16
N ASP A 229 -54.83 7.93 10.12
CA ASP A 229 -54.38 8.85 11.16
C ASP A 229 -53.40 8.13 12.09
N ALA A 230 -52.12 8.47 11.99
CA ALA A 230 -51.09 7.85 12.80
C ALA A 230 -51.27 8.21 14.28
N ALA A 231 -52.21 9.11 14.55
CA ALA A 231 -52.46 9.55 15.92
C ALA A 231 -53.30 8.54 16.70
N ASN A 232 -54.30 7.96 16.04
CA ASN A 232 -55.17 6.97 16.67
C ASN A 232 -54.49 5.61 16.71
N GLU A 233 -53.88 5.29 17.85
CA GLU A 233 -53.18 4.00 18.01
C GLU A 233 -54.11 2.84 17.67
N GLU A 234 -55.40 3.03 17.91
CA GLU A 234 -56.41 2.01 17.65
C GLU A 234 -56.45 1.61 16.18
N VAL A 235 -56.80 2.56 15.33
CA VAL A 235 -56.90 2.33 13.89
C VAL A 235 -55.60 1.91 13.22
N VAL A 236 -54.51 2.58 13.55
CA VAL A 236 -53.22 2.25 12.95
C VAL A 236 -52.93 0.77 13.10
N ALA A 237 -53.25 0.21 14.28
CA ALA A 237 -53.04 -1.20 14.55
C ALA A 237 -53.93 -2.02 13.61
N GLU A 238 -55.20 -1.61 13.53
CA GLU A 238 -56.16 -2.29 12.66
C GLU A 238 -55.55 -2.50 11.28
N LEU A 239 -55.04 -1.42 10.70
CA LEU A 239 -54.42 -1.47 9.38
C LEU A 239 -53.39 -2.58 9.28
N ARG A 240 -52.51 -2.67 10.28
CA ARG A 240 -51.47 -3.69 10.29
C ARG A 240 -52.01 -5.12 10.18
N ARG A 241 -53.32 -5.28 10.38
CA ARG A 241 -53.92 -6.60 10.28
C ARG A 241 -54.47 -6.86 8.89
N ARG A 242 -55.24 -5.90 8.37
CA ARG A 242 -55.82 -6.03 7.04
C ARG A 242 -54.72 -6.13 5.99
N THR A 243 -53.49 -5.80 6.40
CA THR A 243 -52.34 -5.84 5.49
C THR A 243 -51.40 -6.97 5.87
N PHE A 244 -51.65 -7.60 7.02
CA PHE A 244 -50.81 -8.70 7.49
C PHE A 244 -49.36 -8.24 7.62
N ARG A 245 -49.19 -7.09 8.26
CA ARG A 245 -47.86 -6.50 8.47
C ARG A 245 -47.74 -6.16 9.96
N PRO A 246 -46.93 -6.95 10.70
CA PRO A 246 -46.70 -6.77 12.14
C PRO A 246 -45.68 -5.75 12.64
N GLN A 247 -44.59 -5.52 11.93
CA GLN A 247 -43.61 -4.56 12.46
C GLN A 247 -42.99 -3.55 11.50
N LYS A 248 -43.04 -3.79 10.20
CA LYS A 248 -42.45 -2.87 9.23
C LYS A 248 -42.76 -1.42 9.58
N PRO A 249 -41.72 -0.62 9.89
CA PRO A 249 -41.85 0.79 10.24
C PRO A 249 -42.72 1.59 9.28
N PHE A 250 -43.94 1.88 9.71
CA PHE A 250 -44.91 2.63 8.90
C PHE A 250 -44.35 4.00 8.57
N ALA A 251 -44.98 4.68 7.62
CA ALA A 251 -44.54 6.02 7.20
C ALA A 251 -45.57 7.06 7.59
N ILE A 252 -45.14 8.07 8.35
CA ILE A 252 -46.04 9.14 8.79
C ILE A 252 -45.78 10.42 8.01
N ALA A 254 -46.19 14.55 8.61
CA ALA A 254 -46.52 15.68 9.45
C ALA A 254 -46.80 16.93 8.61
N LYS A 255 -47.59 17.85 9.16
CA LYS A 255 -47.95 19.09 8.47
C LYS A 255 -46.74 19.88 8.02
N ASP A 256 -46.16 20.60 8.97
CA ASP A 256 -44.99 21.42 8.69
C ASP A 256 -43.81 20.90 9.50
N ILE A 257 -42.61 21.32 9.11
CA ILE A 257 -41.40 20.89 9.80
C ILE A 257 -41.57 20.92 11.32
N GLU A 258 -42.20 21.98 11.81
CA GLU A 258 -42.44 22.11 13.25
C GLU A 258 -42.99 20.82 13.83
N THR A 259 -44.13 20.38 13.30
CA THR A 259 -44.75 19.16 13.77
C THR A 259 -43.73 18.03 13.86
N VAL A 260 -42.87 17.94 12.84
CA VAL A 260 -41.84 16.92 12.79
C VAL A 260 -40.94 17.01 14.03
N LYS A 261 -40.68 18.24 14.47
CA LYS A 261 -39.84 18.47 15.64
C LYS A 261 -40.39 17.78 16.88
N SER A 262 -41.47 18.33 17.42
CA SER A 262 -42.09 17.78 18.63
C SER A 262 -42.46 16.31 18.41
N PHE A 263 -42.52 15.91 17.15
CA PHE A 263 -42.86 14.53 16.80
C PHE A 263 -41.64 13.64 16.95
N ALA A 264 -40.46 14.24 16.91
CA ALA A 264 -39.23 13.48 17.02
C ALA A 264 -37.97 14.36 16.99
N TYR A 265 -37.02 14.03 16.12
CA TYR A 265 -35.76 14.76 16.00
C TYR A 265 -35.44 15.32 14.60
N VAL A 266 -35.15 16.61 14.56
CA VAL A 266 -34.83 17.29 13.30
C VAL A 266 -33.33 17.54 13.17
N SER A 267 -32.71 16.92 12.17
CA SER A 267 -31.28 17.10 11.93
C SER A 267 -31.08 18.39 11.12
N PRO A 268 -29.86 18.95 11.15
CA PRO A 268 -29.53 20.18 10.44
C PRO A 268 -29.77 20.16 8.92
N GLU A 269 -28.81 19.64 8.15
CA GLU A 269 -28.99 19.56 6.71
C GLU A 269 -30.16 18.65 6.37
N GLU A 270 -30.75 18.06 7.41
CA GLU A 270 -31.88 17.17 7.25
C GLU A 270 -33.09 17.97 6.80
N GLU A 271 -33.41 19.00 7.58
CA GLU A 271 -34.55 19.86 7.28
C GLU A 271 -34.47 20.29 5.82
N GLU A 272 -33.24 20.34 5.30
CA GLU A 272 -33.00 20.71 3.91
C GLU A 272 -33.40 19.53 3.03
N GLU A 273 -32.85 18.36 3.35
CA GLU A 273 -33.14 17.15 2.60
C GLU A 273 -34.64 16.87 2.57
N LEU A 274 -35.36 17.40 3.56
CA LEU A 274 -36.81 17.21 3.66
C LEU A 274 -37.55 18.17 2.74
N THR A 275 -37.28 19.46 2.88
CA THR A 275 -37.92 20.48 2.07
C THR A 275 -37.46 20.38 0.62
N SER A 276 -36.66 19.36 0.32
CA SER A 276 -36.15 19.15 -1.03
C SER A 276 -37.31 18.99 -2.00
N TYR A 277 -37.01 19.13 -3.29
CA TYR A 277 -38.01 19.01 -4.33
C TYR A 277 -38.46 17.56 -4.52
N ARG A 278 -37.89 16.66 -3.74
CA ARG A 278 -38.22 15.25 -3.84
C ARG A 278 -39.11 14.73 -2.72
N ARG A 279 -39.23 15.52 -1.64
CA ARG A 279 -40.07 15.15 -0.50
C ARG A 279 -39.95 13.67 -0.13
N PRO A 280 -38.74 13.22 0.22
CA PRO A 280 -38.49 11.82 0.60
C PRO A 280 -38.96 11.49 2.01
N ILE A 281 -38.98 10.20 2.33
CA ILE A 281 -39.40 9.74 3.64
C ILE A 281 -38.18 9.49 4.53
N ILE A 282 -37.66 10.56 5.12
CA ILE A 282 -36.48 10.45 5.98
C ILE A 282 -36.86 9.70 7.26
N THR A 283 -35.85 9.30 8.02
CA THR A 283 -36.06 8.58 9.27
C THR A 283 -35.20 9.21 10.35
N LEU A 284 -35.84 9.91 11.27
CA LEU A 284 -35.13 10.57 12.35
C LEU A 284 -35.56 10.00 13.70
N ARG A 285 -34.66 10.01 14.68
CA ARG A 285 -34.92 9.48 16.01
C ARG A 285 -36.18 10.09 16.64
N LYS A 286 -36.96 9.27 17.35
CA LYS A 286 -38.17 9.77 18.00
C LYS A 286 -37.79 10.29 19.38
N LYS A 287 -38.43 11.38 19.80
CA LYS A 287 -38.14 11.98 21.10
C LYS A 287 -38.33 10.94 22.20
N GLU A 288 -37.42 10.96 23.19
CA GLU A 288 -37.50 10.02 24.30
C GLU A 288 -38.95 9.83 24.73
N PRO A 289 -39.63 10.92 25.18
CA PRO A 289 -41.02 10.76 25.60
C PRO A 289 -41.86 10.54 24.34
N PHE A 290 -41.96 9.30 23.90
CA PHE A 290 -42.72 8.98 22.69
C PHE A 290 -44.09 9.65 22.62
N PRO A 291 -44.31 10.49 21.58
CA PRO A 291 -45.58 11.18 21.39
C PRO A 291 -46.60 10.30 20.68
N LEU A 292 -46.34 10.02 19.41
CA LEU A 292 -47.22 9.19 18.61
C LEU A 292 -47.26 7.76 19.16
N PRO A 293 -48.37 7.05 18.94
CA PRO A 293 -48.52 5.67 19.42
C PRO A 293 -47.30 4.82 19.12
N GLU A 294 -46.85 4.05 20.11
CA GLU A 294 -45.69 3.19 19.96
C GLU A 294 -45.96 2.12 18.91
N ASN A 295 -47.15 2.17 18.31
CA ASN A 295 -47.54 1.20 17.30
C ASN A 295 -46.90 1.50 15.95
N LEU A 296 -46.83 2.78 15.58
CA LEU A 296 -46.24 3.19 14.32
C LEU A 296 -44.98 2.42 13.98
N ALA A 297 -44.19 2.06 14.99
CA ALA A 297 -42.96 1.32 14.77
C ALA A 297 -42.29 0.90 16.08
N PRO A 298 -42.31 -0.40 16.40
CA PRO A 298 -41.71 -0.92 17.61
C PRO A 298 -40.23 -1.25 17.46
N GLY A 299 -39.52 -1.35 18.58
CA GLY A 299 -38.10 -1.66 18.55
C GLY A 299 -37.32 -0.90 17.50
N LEU A 300 -37.52 0.41 17.45
CA LEU A 300 -36.82 1.26 16.49
C LEU A 300 -36.85 2.72 16.93
N HIS A 301 -35.66 3.29 17.12
CA HIS A 301 -35.54 4.68 17.55
C HIS A 301 -36.01 5.64 16.45
N THR A 302 -35.80 5.26 15.21
CA THR A 302 -36.20 6.09 14.07
C THR A 302 -37.67 5.97 13.73
N ILE A 303 -38.13 6.86 12.86
CA ILE A 303 -39.53 6.87 12.41
C ILE A 303 -39.62 7.44 11.00
N GLY A 304 -40.43 6.80 10.16
CA GLY A 304 -40.59 7.27 8.80
C GLY A 304 -41.32 8.60 8.76
N VAL A 305 -40.60 9.65 8.40
CA VAL A 305 -41.18 10.99 8.34
C VAL A 305 -41.39 11.47 6.91
N LEU A 307 -43.32 14.72 4.39
CA LEU A 307 -43.93 16.05 4.30
C LEU A 307 -44.80 16.06 3.05
N PRO A 308 -45.80 16.96 2.98
CA PRO A 308 -46.66 17.02 1.80
C PRO A 308 -45.78 17.16 0.56
N TYR A 309 -46.27 16.70 -0.58
CA TYR A 309 -45.48 16.75 -1.81
C TYR A 309 -46.19 17.12 -3.10
N ALA A 310 -47.52 17.25 -3.06
CA ALA A 310 -48.25 17.60 -4.28
C ALA A 310 -49.68 18.04 -3.98
N GLY A 311 -50.02 19.23 -4.47
CA GLY A 311 -51.34 19.80 -4.28
C GLY A 311 -52.25 19.10 -3.27
N THR A 312 -52.91 18.04 -3.72
CA THR A 312 -53.84 17.30 -2.87
C THR A 312 -53.35 17.12 -1.42
N HIS A 313 -52.05 16.91 -1.25
CA HIS A 313 -51.49 16.71 0.08
C HIS A 313 -51.76 17.90 0.98
N TYR A 314 -51.15 19.04 0.67
CA TYR A 314 -51.35 20.25 1.46
C TYR A 314 -52.83 20.50 1.73
N ILE A 315 -53.61 20.55 0.66
CA ILE A 315 -55.05 20.79 0.78
C ILE A 315 -55.73 19.76 1.67
N LEU A 316 -55.38 18.49 1.49
CA LEU A 316 -55.96 17.42 2.29
C LEU A 316 -55.56 17.61 3.75
N PHE A 317 -54.35 18.10 3.96
CA PHE A 317 -53.81 18.34 5.29
C PHE A 317 -54.58 19.44 6.02
N HIS A 318 -55.10 20.40 5.26
CA HIS A 318 -55.85 21.50 5.84
C HIS A 318 -56.82 20.93 6.88
N TRP A 319 -57.78 20.16 6.40
CA TRP A 319 -58.78 19.53 7.25
C TRP A 319 -58.19 18.32 7.97
N SER A 320 -59.05 17.42 8.42
CA SER A 320 -58.61 16.22 9.11
C SER A 320 -58.04 16.54 10.49
N LYS A 321 -58.01 17.82 10.84
CA LYS A 321 -57.49 18.28 12.12
C LYS A 321 -56.10 17.74 12.43
N THR A 322 -56.04 16.51 12.93
CA THR A 322 -54.78 15.88 13.26
C THR A 322 -53.80 15.93 12.09
N PRO A 323 -52.58 16.40 12.35
CA PRO A 323 -51.56 16.51 11.32
C PRO A 323 -51.08 15.16 10.78
N VAL A 324 -50.20 14.51 11.53
CA VAL A 324 -49.63 13.22 11.14
C VAL A 324 -50.61 12.22 10.53
N TYR A 325 -50.27 11.75 9.34
CA TYR A 325 -51.06 10.77 8.62
C TYR A 325 -50.25 9.47 8.58
N VAL A 326 -50.44 8.70 7.51
CA VAL A 326 -49.72 7.45 7.35
C VAL A 326 -49.82 6.99 5.89
N THR A 328 -48.36 4.32 3.01
CA THR A 328 -47.63 3.10 2.66
C THR A 328 -48.21 2.40 1.45
N SER A 329 -47.29 1.90 0.61
CA SER A 329 -47.64 1.18 -0.61
C SER A 329 -48.94 0.37 -0.48
N ALA A 330 -50.01 0.92 -1.04
CA ALA A 330 -51.31 0.25 -1.00
C ALA A 330 -51.24 -1.04 -1.80
N ASN A 331 -50.87 -2.12 -1.12
CA ASN A 331 -50.76 -3.43 -1.77
C ASN A 331 -50.35 -4.51 -0.77
N TYR A 332 -50.96 -5.68 -0.90
CA TYR A 332 -50.64 -6.80 -0.02
C TYR A 332 -49.13 -6.94 0.07
N PRO A 333 -48.63 -7.39 1.23
CA PRO A 333 -47.18 -7.57 1.42
C PRO A 333 -46.54 -8.46 0.35
N GLY A 334 -45.83 -7.84 -0.58
CA GLY A 334 -45.17 -8.59 -1.64
C GLY A 334 -45.50 -8.04 -3.02
N PRO A 336 -46.43 -4.85 -5.75
CA PRO A 336 -46.05 -3.46 -5.97
C PRO A 336 -47.28 -2.56 -5.90
N VAL A 338 -50.45 -0.12 -6.62
CA VAL A 338 -51.55 -0.29 -7.56
C VAL A 338 -51.81 1.00 -8.31
N LYS A 339 -51.73 0.94 -9.63
CA LYS A 339 -51.93 2.11 -10.48
C LYS A 339 -53.39 2.26 -10.92
N ASP A 340 -53.79 1.43 -11.88
CA ASP A 340 -55.14 1.49 -12.41
C ASP A 340 -56.21 1.34 -11.34
N ASN A 341 -57.02 2.39 -11.20
CA ASN A 341 -58.10 2.41 -10.22
C ASN A 341 -58.83 1.08 -10.24
N GLU A 342 -58.92 0.48 -11.43
CA GLU A 342 -59.58 -0.80 -11.62
C GLU A 342 -59.10 -1.79 -10.57
N ARG A 343 -57.78 -1.93 -10.46
CA ARG A 343 -57.17 -2.85 -9.51
C ARG A 343 -57.36 -2.38 -8.07
N ALA A 344 -57.44 -1.06 -7.89
CA ALA A 344 -57.61 -0.49 -6.56
C ALA A 344 -58.73 -1.18 -5.78
N PHE A 345 -59.80 -1.52 -6.48
CA PHE A 345 -60.95 -2.18 -5.86
C PHE A 345 -60.75 -3.69 -5.83
N GLU A 346 -60.14 -4.22 -6.89
CA GLU A 346 -59.91 -5.65 -7.01
C GLU A 346 -58.72 -6.15 -6.19
N GLU A 347 -58.37 -5.41 -5.14
CA GLU A 347 -57.25 -5.79 -4.29
C GLU A 347 -57.41 -5.33 -2.83
N LEU A 348 -57.95 -4.13 -2.64
CA LEU A 348 -58.14 -3.61 -1.30
C LEU A 348 -59.59 -3.58 -0.85
N LYS A 349 -60.46 -4.28 -1.57
CA LYS A 349 -61.87 -4.32 -1.21
C LYS A 349 -62.04 -4.54 0.29
N ASP A 350 -61.12 -5.32 0.86
CA ASP A 350 -61.16 -5.64 2.28
C ASP A 350 -60.10 -4.85 3.05
N VAL A 351 -58.98 -4.57 2.39
CA VAL A 351 -57.88 -3.84 3.01
C VAL A 351 -58.29 -2.48 3.55
N ALA A 352 -58.41 -1.50 2.66
CA ALA A 352 -58.78 -0.15 3.05
C ALA A 352 -60.28 -0.01 3.31
N ASP A 353 -60.68 1.14 3.87
CA ASP A 353 -62.08 1.40 4.17
C ASP A 353 -62.72 2.26 3.08
N TYR A 354 -62.01 3.30 2.66
CA TYR A 354 -62.50 4.21 1.63
C TYR A 354 -61.52 4.33 0.48
N PHE A 355 -61.91 5.11 -0.54
CA PHE A 355 -61.06 5.31 -1.71
C PHE A 355 -61.11 6.76 -2.20
N LEU A 356 -59.98 7.22 -2.73
CA LEU A 356 -59.88 8.58 -3.25
C LEU A 356 -58.98 8.53 -4.49
N LEU A 357 -59.61 8.34 -5.65
CA LEU A 357 -58.88 8.24 -6.90
C LEU A 357 -59.24 9.36 -7.88
N HIS A 358 -58.40 9.53 -8.90
CA HIS A 358 -58.61 10.55 -9.92
C HIS A 358 -58.31 10.03 -11.33
N ASN A 359 -58.83 10.74 -12.33
CA ASN A 359 -58.67 10.35 -13.73
C ASN A 359 -57.23 10.16 -14.22
N ARG A 360 -56.45 11.23 -14.23
CA ARG A 360 -55.06 11.17 -14.68
C ARG A 360 -54.40 9.85 -14.29
N LYS A 361 -54.20 8.98 -15.27
CA LYS A 361 -53.58 7.68 -15.01
C LYS A 361 -52.09 7.79 -14.71
N ILE A 362 -51.63 7.00 -13.74
CA ILE A 362 -50.24 6.99 -13.36
C ILE A 362 -49.52 5.87 -14.11
N LEU A 363 -48.97 6.21 -15.28
CA LEU A 363 -48.26 5.27 -16.12
C LEU A 363 -47.21 4.45 -15.39
N ASN A 364 -46.04 5.06 -15.15
CA ASN A 364 -44.95 4.38 -14.48
C ASN A 364 -45.06 4.45 -12.96
N ARG A 365 -44.85 3.30 -12.31
CA ARG A 365 -44.92 3.21 -10.86
C ARG A 365 -43.76 4.02 -10.28
N ALA A 366 -43.91 4.45 -9.03
CA ALA A 366 -42.86 5.23 -8.38
C ALA A 366 -43.03 5.29 -6.86
N ASP A 367 -42.57 4.24 -6.18
CA ASP A 367 -42.66 4.20 -4.72
C ASP A 367 -41.94 5.39 -4.10
N ASP A 368 -42.42 5.82 -2.93
CA ASP A 368 -41.82 6.94 -2.24
C ASP A 368 -40.40 6.61 -1.79
N SER A 369 -39.47 7.52 -2.05
CA SER A 369 -38.08 7.32 -1.68
C SER A 369 -37.84 7.56 -0.20
N VAL A 370 -37.21 6.59 0.45
CA VAL A 370 -36.89 6.69 1.87
C VAL A 370 -35.39 6.89 2.04
N ILE A 371 -35.01 7.76 2.96
CA ILE A 371 -33.60 8.05 3.20
C ILE A 371 -33.32 8.20 4.70
N ARG A 372 -32.15 7.74 5.11
CA ARG A 372 -31.72 7.82 6.51
C ARG A 372 -30.27 8.23 6.59
N PHE A 373 -29.96 9.18 7.46
CA PHE A 373 -28.59 9.66 7.60
C PHE A 373 -27.72 8.81 8.53
N VAL A 374 -26.42 8.85 8.28
CA VAL A 374 -25.46 8.11 9.09
C VAL A 374 -24.39 9.08 9.59
N ASP A 375 -23.45 8.56 10.37
CA ASP A 375 -22.38 9.39 10.94
C ASP A 375 -21.50 10.08 9.90
N GLY A 376 -20.83 9.29 9.09
CA GLY A 376 -19.94 9.82 8.07
C GLY A 376 -20.51 10.91 7.18
N LYS A 377 -21.70 10.66 6.65
CA LYS A 377 -22.36 11.64 5.79
C LYS A 377 -23.87 11.45 5.87
N ARG A 378 -24.52 11.45 4.70
CA ARG A 378 -25.97 11.28 4.65
C ARG A 378 -26.35 10.51 3.39
N ALA A 379 -26.58 9.21 3.53
CA ALA A 379 -26.94 8.37 2.40
C ALA A 379 -28.41 7.95 2.41
N VAL A 380 -28.91 7.53 1.25
CA VAL A 380 -30.30 7.08 1.11
C VAL A 380 -30.33 5.57 1.02
N ILE A 381 -31.51 5.03 0.75
CA ILE A 381 -31.67 3.58 0.64
C ILE A 381 -32.57 3.22 -0.54
N ARG A 382 -33.60 4.03 -0.77
CA ARG A 382 -34.53 3.79 -1.86
C ARG A 382 -34.42 4.83 -2.96
N ARG A 383 -33.86 4.41 -4.09
CA ARG A 383 -33.68 5.30 -5.24
C ARG A 383 -34.92 5.20 -6.13
N SER A 384 -35.74 6.25 -6.08
CA SER A 384 -36.98 6.32 -6.85
C SER A 384 -37.67 7.62 -6.49
N ARG A 385 -38.99 7.59 -6.42
CA ARG A 385 -39.76 8.77 -6.05
C ARG A 385 -39.38 10.00 -6.88
N GLY A 386 -38.60 10.90 -6.29
CA GLY A 386 -38.20 12.12 -6.97
C GLY A 386 -36.88 12.11 -7.71
N PHE A 387 -36.21 10.96 -7.76
CA PHE A 387 -34.93 10.87 -8.45
C PHE A 387 -35.08 10.39 -9.89
N VAL A 388 -35.43 9.12 -10.04
CA VAL A 388 -35.63 8.53 -11.35
C VAL A 388 -36.44 9.48 -12.24
N PRO A 389 -36.07 9.59 -13.53
CA PRO A 389 -34.96 8.90 -14.17
C PRO A 389 -33.69 9.75 -14.34
N LEU A 390 -33.10 10.16 -13.23
CA LEU A 390 -31.87 10.95 -13.29
C LEU A 390 -30.67 10.01 -13.24
N PRO A 391 -29.72 10.19 -14.17
CA PRO A 391 -28.51 9.37 -14.27
C PRO A 391 -27.38 9.60 -13.27
N ILE A 392 -26.41 8.70 -13.31
CA ILE A 392 -25.21 8.74 -12.49
C ILE A 392 -24.11 8.33 -13.47
N GLU A 393 -22.99 9.04 -13.44
CA GLU A 393 -21.89 8.77 -14.36
C GLU A 393 -21.08 7.49 -14.15
N ILE A 394 -20.85 6.79 -15.26
CA ILE A 394 -20.07 5.56 -15.29
C ILE A 394 -18.82 5.86 -16.10
N PRO A 395 -17.64 5.42 -15.61
CA PRO A 395 -16.39 5.68 -16.33
C PRO A 395 -16.26 4.97 -17.68
N PHE A 396 -17.31 4.24 -18.08
CA PHE A 396 -17.28 3.53 -19.35
C PHE A 396 -18.56 3.75 -20.15
N GLU A 397 -18.44 3.70 -21.47
CA GLU A 397 -19.58 3.90 -22.35
C GLU A 397 -20.01 2.58 -22.98
N TYR A 398 -21.25 2.19 -22.75
CA TYR A 398 -21.79 0.95 -23.30
C TYR A 398 -23.28 0.82 -23.01
N ASN A 399 -24.07 0.73 -24.07
CA ASN A 399 -25.52 0.60 -23.95
C ASN A 399 -25.83 -0.80 -23.43
N GLY A 400 -26.33 -0.89 -22.20
CA GLY A 400 -26.65 -2.19 -21.64
C GLY A 400 -27.64 -2.18 -20.50
N LEU A 401 -28.13 -3.37 -20.16
CA LEU A 401 -29.08 -3.53 -19.07
C LEU A 401 -28.46 -4.33 -17.94
N ALA A 402 -28.87 -4.05 -16.71
CA ALA A 402 -28.34 -4.76 -15.55
C ALA A 402 -29.46 -5.00 -14.55
N VAL A 403 -29.91 -6.25 -14.46
CA VAL A 403 -30.97 -6.59 -13.54
C VAL A 403 -30.59 -6.30 -12.09
N GLY A 404 -29.55 -6.98 -11.60
CA GLY A 404 -29.10 -6.77 -10.24
C GLY A 404 -29.62 -7.80 -9.25
N ALA A 405 -29.59 -7.43 -7.97
CA ALA A 405 -30.05 -8.33 -6.91
C ALA A 405 -31.49 -8.76 -7.16
N GLU A 406 -32.01 -9.61 -6.28
CA GLU A 406 -33.37 -10.10 -6.42
C GLU A 406 -34.30 -9.45 -5.39
N LEU A 407 -33.74 -9.08 -4.25
CA LEU A 407 -34.48 -8.47 -3.16
C LEU A 407 -34.22 -6.97 -3.10
N ASN A 409 -34.64 -4.95 -5.28
CA ASN A 409 -33.95 -4.71 -6.55
C ASN A 409 -34.20 -3.34 -7.18
N ALA A 410 -33.49 -3.09 -8.29
CA ALA A 410 -33.59 -1.85 -9.05
C ALA A 410 -32.72 -2.00 -10.30
N PHE A 411 -33.32 -2.45 -11.38
CA PHE A 411 -32.57 -2.65 -12.63
C PHE A 411 -32.02 -1.32 -13.14
N GLY A 412 -30.97 -1.41 -13.96
CA GLY A 412 -30.37 -0.21 -14.50
C GLY A 412 -29.93 -0.35 -15.95
N VAL A 413 -29.67 0.78 -16.59
CA VAL A 413 -29.24 0.80 -17.98
C VAL A 413 -28.34 2.02 -18.19
N ALA A 414 -27.24 1.83 -18.91
CA ALA A 414 -26.31 2.92 -19.15
C ALA A 414 -26.00 3.14 -20.63
N LYS A 415 -25.40 4.30 -20.92
CA LYS A 415 -25.05 4.67 -22.29
C LYS A 415 -24.14 5.90 -22.26
N ASN A 416 -23.14 5.92 -23.15
CA ASN A 416 -22.21 7.03 -23.24
C ASN A 416 -21.41 7.25 -21.96
N GLY A 417 -21.93 6.75 -20.85
CA GLY A 417 -21.23 6.90 -19.58
C GLY A 417 -22.13 7.32 -18.43
N LYS A 418 -23.36 6.81 -18.43
CA LYS A 418 -24.32 7.14 -17.38
C LYS A 418 -25.31 6.01 -17.15
N VAL A 419 -25.43 5.58 -15.89
CA VAL A 419 -26.34 4.50 -15.54
C VAL A 419 -27.70 5.06 -15.13
N TYR A 420 -28.76 4.32 -15.43
CA TYR A 420 -30.12 4.75 -15.12
C TYR A 420 -30.82 3.86 -14.10
N PRO A 421 -30.90 4.31 -12.84
CA PRO A 421 -31.57 3.53 -11.78
C PRO A 421 -33.09 3.66 -11.92
N SER A 422 -33.78 2.53 -11.95
CA SER A 422 -35.23 2.53 -12.10
C SER A 422 -35.93 2.78 -10.77
N GLN A 423 -37.27 2.79 -10.80
CA GLN A 423 -38.05 3.01 -9.60
C GLN A 423 -37.86 1.79 -8.71
N TYR A 424 -38.25 1.92 -7.45
CA TYR A 424 -38.12 0.82 -6.51
C TYR A 424 -38.97 -0.36 -6.97
N ILE A 425 -38.39 -1.21 -7.82
CA ILE A 425 -39.09 -2.38 -8.34
C ILE A 425 -39.34 -3.41 -7.24
N GLY A 426 -39.24 -2.96 -5.99
CA GLY A 426 -39.46 -3.84 -4.86
C GLY A 426 -38.70 -5.16 -4.92
N ASN A 427 -39.26 -6.16 -4.26
CA ASN A 427 -38.65 -7.50 -4.22
C ASN A 427 -39.14 -8.33 -5.39
N THR A 428 -38.22 -8.63 -6.31
CA THR A 428 -38.54 -9.40 -7.51
C THR A 428 -39.10 -10.79 -7.26
N GLY A 429 -39.49 -11.09 -6.02
CA GLY A 429 -40.02 -12.39 -5.69
C GLY A 429 -41.27 -12.79 -6.46
N LYS A 430 -42.43 -12.53 -5.89
CA LYS A 430 -43.70 -12.87 -6.51
C LYS A 430 -43.72 -12.54 -8.01
N VAL A 431 -44.39 -13.40 -8.78
CA VAL A 431 -44.49 -13.20 -10.22
C VAL A 431 -45.00 -11.80 -10.52
N GLU A 432 -45.96 -11.33 -9.71
CA GLU A 432 -46.51 -9.99 -9.88
C GLU A 432 -45.37 -9.01 -10.14
N VAL A 433 -44.34 -9.08 -9.30
CA VAL A 433 -43.18 -8.20 -9.42
C VAL A 433 -42.45 -8.41 -10.74
N LEU A 434 -42.02 -9.64 -10.99
CA LEU A 434 -41.29 -9.96 -12.22
C LEU A 434 -41.84 -9.22 -13.43
N GLU A 435 -43.11 -9.45 -13.75
CA GLU A 435 -43.73 -8.79 -14.90
C GLU A 435 -43.61 -7.27 -14.80
N PHE A 436 -43.65 -6.76 -13.58
CA PHE A 436 -43.55 -5.32 -13.39
C PHE A 436 -42.25 -4.78 -13.98
N ARG A 438 -40.34 -5.98 -16.35
CA ARG A 438 -40.38 -6.03 -17.81
C ARG A 438 -40.95 -4.73 -18.38
N GLU A 439 -42.07 -4.29 -17.84
CA GLU A 439 -42.71 -3.06 -18.28
C GLU A 439 -41.79 -1.86 -18.06
N ALA A 440 -41.21 -1.79 -16.88
CA ALA A 440 -40.30 -0.70 -16.54
C ALA A 440 -39.14 -0.63 -17.52
N ILE A 441 -38.50 -1.77 -17.75
CA ILE A 441 -37.38 -1.84 -18.68
C ILE A 441 -37.81 -1.38 -20.06
N ALA A 442 -38.99 -1.83 -20.49
CA ALA A 442 -39.52 -1.45 -21.79
C ALA A 442 -39.64 0.06 -21.89
N HIS A 443 -40.20 0.67 -20.85
CA HIS A 443 -40.37 2.12 -20.82
C HIS A 443 -39.00 2.79 -20.94
N PHE A 444 -38.10 2.46 -20.02
CA PHE A 444 -36.76 3.02 -20.03
C PHE A 444 -36.16 2.92 -21.43
N ARG A 445 -36.25 1.73 -22.02
CA ARG A 445 -35.72 1.50 -23.36
C ARG A 445 -36.36 2.39 -24.43
N LYS A 446 -37.48 3.03 -24.11
CA LYS A 446 -38.13 3.88 -25.08
C LYS A 446 -37.56 5.30 -25.07
N ILE A 447 -36.66 5.56 -24.13
CA ILE A 447 -36.01 6.85 -24.01
C ILE A 447 -34.52 6.64 -24.26
N LEU A 448 -34.18 5.46 -24.78
CA LEU A 448 -32.81 5.11 -25.07
C LEU A 448 -32.67 4.42 -26.42
N ARG A 449 -31.77 3.46 -26.51
CA ARG A 449 -31.52 2.72 -27.74
C ARG A 449 -31.99 1.27 -27.69
N VAL A 450 -32.47 0.78 -28.83
CA VAL A 450 -32.93 -0.59 -28.95
C VAL A 450 -31.73 -1.42 -29.37
N LYS A 451 -31.86 -2.75 -29.33
CA LYS A 451 -30.75 -3.62 -29.71
C LYS A 451 -29.49 -3.10 -29.01
N ASN A 452 -29.52 -3.06 -27.68
CA ASN A 452 -28.39 -2.57 -26.90
C ASN A 452 -27.07 -3.15 -27.39
N LEU A 453 -26.26 -2.28 -27.98
CA LEU A 453 -24.97 -2.67 -28.52
C LEU A 453 -24.08 -3.41 -27.52
N ASP A 454 -24.53 -3.52 -26.28
CA ASP A 454 -23.72 -4.20 -25.26
C ASP A 454 -24.44 -5.27 -24.43
N LEU A 455 -23.65 -6.07 -23.72
CA LEU A 455 -24.17 -7.17 -22.91
C LEU A 455 -25.04 -6.77 -21.71
N ILE A 456 -25.38 -7.77 -20.89
CA ILE A 456 -26.20 -7.56 -19.70
C ILE A 456 -25.40 -7.87 -18.43
N ILE A 457 -26.05 -7.71 -17.28
CA ILE A 457 -25.40 -7.98 -16.00
C ILE A 457 -26.42 -8.55 -15.01
N ALA A 458 -25.96 -9.44 -14.14
CA ALA A 458 -26.84 -10.06 -13.15
C ALA A 458 -26.02 -10.60 -11.98
N ASP A 459 -26.64 -10.62 -10.79
CA ASP A 459 -25.96 -11.12 -9.61
C ASP A 459 -25.52 -12.56 -9.85
N LEU A 460 -24.39 -12.95 -9.25
CA LEU A 460 -23.85 -14.29 -9.43
C LEU A 460 -24.68 -15.37 -8.75
N HIS A 461 -26.00 -15.34 -8.93
CA HIS A 461 -26.87 -16.34 -8.32
C HIS A 461 -27.81 -16.93 -9.38
N PRO A 462 -27.55 -18.18 -9.79
CA PRO A 462 -28.34 -18.91 -10.79
C PRO A 462 -29.75 -19.30 -10.35
N ALA A 463 -30.39 -18.48 -9.53
CA ALA A 463 -31.73 -18.81 -9.06
C ALA A 463 -32.61 -17.59 -8.81
N TYR A 464 -32.05 -16.39 -8.96
CA TYR A 464 -32.81 -15.17 -8.75
C TYR A 464 -33.81 -14.94 -9.88
N ASN A 465 -35.05 -14.62 -9.52
CA ASN A 465 -36.08 -14.36 -10.51
C ASN A 465 -35.58 -13.27 -11.44
N THR A 466 -34.49 -12.63 -11.03
CA THR A 466 -33.88 -11.56 -11.80
C THR A 466 -32.97 -12.18 -12.85
N THR A 467 -31.88 -12.80 -12.40
CA THR A 467 -30.93 -13.44 -13.31
C THR A 467 -31.75 -14.32 -14.25
N LYS A 468 -32.85 -14.86 -13.71
CA LYS A 468 -33.76 -15.70 -14.48
C LYS A 468 -34.06 -15.02 -15.81
N LEU A 469 -34.35 -13.72 -15.73
CA LEU A 469 -34.65 -12.94 -16.91
C LEU A 469 -33.38 -12.76 -17.74
N ALA A 470 -32.32 -12.31 -17.08
CA ALA A 470 -31.05 -12.09 -17.74
C ALA A 470 -30.79 -13.17 -18.79
N GLU A 472 -33.10 -15.69 -20.33
CA GLU A 472 -34.05 -15.66 -21.42
C GLU A 472 -33.86 -14.38 -22.24
N ALA A 474 -31.04 -12.69 -22.52
CA ALA A 474 -29.78 -12.83 -23.24
C ALA A 474 -30.03 -13.65 -24.49
N ASN A 475 -30.70 -14.79 -24.32
CA ASN A 475 -31.03 -15.68 -25.43
C ASN A 475 -31.89 -14.91 -26.43
N GLU A 476 -32.41 -13.77 -26.00
CA GLU A 476 -33.24 -12.94 -26.87
C GLU A 476 -32.43 -11.76 -27.40
N LEU A 477 -32.73 -11.35 -28.62
CA LEU A 477 -32.02 -10.23 -29.24
C LEU A 477 -30.56 -10.61 -29.41
N ASP A 478 -30.21 -11.81 -28.96
CA ASP A 478 -28.84 -12.32 -29.03
C ASP A 478 -27.84 -11.33 -28.43
N VAL A 479 -27.79 -11.30 -27.10
CA VAL A 479 -26.87 -10.41 -26.40
C VAL A 479 -26.07 -11.18 -25.36
N GLU A 480 -24.77 -10.95 -25.32
CA GLU A 480 -23.89 -11.63 -24.38
C GLU A 480 -24.36 -11.41 -22.95
N LEU A 481 -24.16 -12.41 -22.10
CA LEU A 481 -24.57 -12.33 -20.71
C LEU A 481 -23.34 -12.31 -19.80
N LEU A 482 -23.48 -11.70 -18.63
CA LEU A 482 -22.38 -11.60 -17.67
C LEU A 482 -22.87 -11.45 -16.23
N GLN A 483 -22.37 -12.31 -15.35
CA GLN A 483 -22.75 -12.26 -13.94
C GLN A 483 -21.59 -11.73 -13.11
N VAL A 484 -21.89 -11.29 -11.90
CA VAL A 484 -20.87 -10.77 -11.00
C VAL A 484 -21.28 -10.93 -9.55
N GLN A 485 -20.29 -11.12 -8.69
CA GLN A 485 -20.53 -11.28 -7.26
C GLN A 485 -21.45 -10.19 -6.73
N HIS A 486 -22.28 -10.55 -5.76
CA HIS A 486 -23.21 -9.59 -5.17
C HIS A 486 -22.47 -8.55 -4.36
N HIS A 487 -21.56 -9.00 -3.50
CA HIS A 487 -20.78 -8.10 -2.65
C HIS A 487 -19.82 -7.25 -3.46
N TYR A 488 -19.22 -7.83 -4.50
CA TYR A 488 -18.31 -7.09 -5.34
C TYR A 488 -19.07 -5.95 -6.01
N ALA A 489 -20.39 -5.98 -5.88
CA ALA A 489 -21.25 -4.95 -6.45
C ALA A 489 -21.40 -3.77 -5.49
N HIS A 490 -21.93 -4.05 -4.29
CA HIS A 490 -22.10 -3.00 -3.28
C HIS A 490 -20.82 -2.20 -3.12
N ILE A 491 -19.70 -2.91 -3.11
CA ILE A 491 -18.40 -2.28 -2.96
C ILE A 491 -18.07 -1.47 -4.22
N ALA A 492 -18.59 -1.92 -5.35
CA ALA A 492 -18.35 -1.26 -6.63
C ALA A 492 -19.26 -0.04 -6.76
N SER A 493 -20.47 -0.12 -6.21
CA SER A 493 -21.42 0.98 -6.27
C SER A 493 -20.84 2.25 -5.66
N VAL A 494 -19.74 2.10 -4.92
CA VAL A 494 -19.08 3.23 -4.27
C VAL A 494 -18.13 3.92 -5.25
N ALA A 496 -18.00 3.94 -8.08
CA ALA A 496 -18.70 4.30 -9.30
C ALA A 496 -19.36 5.67 -9.10
N GLU A 497 -19.86 5.89 -7.88
CA GLU A 497 -20.52 7.13 -7.52
C GLU A 497 -19.48 8.18 -7.13
N LYS A 498 -18.42 7.74 -6.46
CA LYS A 498 -17.35 8.62 -6.03
C LYS A 498 -16.33 8.78 -7.15
N ASN A 499 -16.62 8.16 -8.30
CA ASN A 499 -15.75 8.20 -9.47
C ASN A 499 -14.27 8.14 -9.10
N LEU A 500 -13.72 6.93 -9.10
CA LEU A 500 -12.31 6.73 -8.76
C LEU A 500 -11.80 5.39 -9.28
N ASP A 501 -10.64 4.97 -8.78
CA ASP A 501 -10.02 3.72 -9.21
C ASP A 501 -9.97 2.66 -8.11
N SER A 502 -9.61 1.43 -8.50
CA SER A 502 -9.51 0.31 -7.58
C SER A 502 -9.19 0.74 -6.14
N VAL A 503 -9.94 0.18 -5.19
CA VAL A 503 -9.74 0.49 -3.77
C VAL A 503 -10.35 -0.57 -2.87
N ILE A 504 -9.67 -0.87 -1.76
CA ILE A 504 -10.16 -1.86 -0.80
C ILE A 504 -11.51 -1.39 -0.26
N GLY A 505 -12.30 -2.33 0.24
CA GLY A 505 -13.59 -1.97 0.78
C GLY A 505 -14.21 -3.05 1.66
N ILE A 506 -15.11 -2.63 2.55
CA ILE A 506 -15.77 -3.55 3.46
C ILE A 506 -17.19 -3.85 3.00
N ALA A 507 -17.52 -5.13 2.89
CA ALA A 507 -18.86 -5.55 2.47
C ALA A 507 -19.56 -6.28 3.61
N LEU A 508 -20.73 -5.78 3.99
CA LEU A 508 -21.50 -6.38 5.08
C LEU A 508 -22.97 -6.52 4.70
N ASP A 509 -23.28 -7.54 3.89
CA ASP A 509 -24.66 -7.76 3.46
C ASP A 509 -25.30 -8.90 4.24
N GLY A 510 -26.63 -8.98 4.17
CA GLY A 510 -27.36 -10.01 4.88
C GLY A 510 -27.31 -11.39 4.24
N VAL A 511 -27.41 -11.44 2.91
CA VAL A 511 -27.36 -12.72 2.20
C VAL A 511 -26.88 -12.50 0.77
N GLY A 512 -25.58 -12.64 0.56
CA GLY A 512 -25.02 -12.46 -0.76
C GLY A 512 -24.61 -13.77 -1.42
N TYR A 513 -24.92 -13.89 -2.70
CA TYR A 513 -24.57 -15.10 -3.45
C TYR A 513 -23.08 -15.12 -3.77
N GLY A 514 -22.27 -15.09 -2.73
CA GLY A 514 -20.82 -15.10 -2.90
C GLY A 514 -20.36 -16.10 -3.95
N THR A 515 -19.13 -15.94 -4.41
CA THR A 515 -18.56 -16.83 -5.41
C THR A 515 -18.31 -18.21 -4.81
N ASP A 516 -18.76 -19.25 -5.51
CA ASP A 516 -18.62 -20.63 -5.07
C ASP A 516 -19.63 -21.00 -4.00
N GLY A 517 -20.91 -20.95 -4.37
CA GLY A 517 -21.95 -21.29 -3.41
C GLY A 517 -21.61 -20.97 -1.97
N ASN A 518 -21.08 -19.77 -1.74
CA ASN A 518 -20.73 -19.34 -0.39
C ASN A 518 -21.61 -18.18 0.01
N THR A 519 -22.49 -18.40 0.98
CA THR A 519 -23.37 -17.33 1.43
C THR A 519 -22.54 -16.28 2.15
N TRP A 520 -22.02 -15.32 1.39
CA TRP A 520 -21.20 -14.25 1.94
C TRP A 520 -22.07 -13.18 2.59
N GLY A 521 -21.43 -12.23 3.24
CA GLY A 521 -22.15 -11.15 3.91
C GLY A 521 -21.26 -10.46 4.92
N GLY A 522 -20.01 -10.86 4.98
CA GLY A 522 -19.06 -10.26 5.91
C GLY A 522 -17.63 -10.52 5.52
N GLU A 523 -17.05 -9.60 4.74
CA GLU A 523 -15.67 -9.72 4.29
C GLU A 523 -15.22 -8.49 3.53
N VAL A 524 -13.91 -8.20 3.59
CA VAL A 524 -13.35 -7.05 2.88
C VAL A 524 -12.72 -7.53 1.58
N LEU A 525 -12.84 -6.71 0.54
CA LEU A 525 -12.30 -7.09 -0.77
C LEU A 525 -11.36 -6.05 -1.38
N TYR A 526 -10.73 -6.43 -2.49
CA TYR A 526 -9.83 -5.54 -3.21
C TYR A 526 -10.32 -5.39 -4.64
N LEU A 527 -10.86 -4.21 -4.96
CA LEU A 527 -11.38 -3.94 -6.28
C LEU A 527 -10.31 -3.54 -7.29
N GLY A 528 -9.15 -4.20 -7.20
CA GLY A 528 -8.07 -3.90 -8.11
C GLY A 528 -8.45 -4.08 -9.56
N TYR A 529 -8.43 -2.97 -10.31
CA TYR A 529 -8.78 -2.97 -11.73
C TYR A 529 -8.41 -4.30 -12.41
N GLU A 530 -7.19 -4.75 -12.19
CA GLU A 530 -6.73 -6.00 -12.78
C GLU A 530 -6.69 -7.12 -11.75
N ASP A 531 -7.06 -8.32 -12.18
CA ASP A 531 -7.06 -9.49 -11.32
C ASP A 531 -7.57 -9.20 -9.91
N VAL A 532 -8.88 -9.00 -9.79
CA VAL A 532 -9.50 -8.73 -8.50
C VAL A 532 -9.48 -10.00 -7.67
N GLU A 533 -9.55 -9.86 -6.36
CA GLU A 533 -9.53 -11.02 -5.47
C GLU A 533 -9.99 -10.71 -4.05
N ARG A 534 -10.51 -11.75 -3.40
CA ARG A 534 -11.01 -11.63 -2.03
C ARG A 534 -9.85 -11.47 -1.05
N LEU A 535 -10.15 -10.96 0.15
CA LEU A 535 -9.13 -10.76 1.18
C LEU A 535 -9.59 -11.34 2.52
N ALA A 536 -9.99 -10.47 3.44
CA ALA A 536 -10.45 -10.90 4.76
C ALA A 536 -11.71 -11.74 4.64
N HIS A 537 -12.18 -12.27 5.76
CA HIS A 537 -13.38 -13.10 5.77
C HIS A 537 -13.80 -13.54 7.17
N ILE A 538 -14.91 -14.25 7.23
CA ILE A 538 -15.44 -14.76 8.50
C ILE A 538 -15.50 -16.29 8.44
N ASP A 539 -15.08 -16.93 9.52
CA ASP A 539 -15.10 -18.39 9.59
C ASP A 539 -16.52 -18.89 9.39
N TYR A 540 -16.84 -19.26 8.15
CA TYR A 540 -18.17 -19.75 7.81
C TYR A 540 -18.83 -20.52 8.94
N TYR A 541 -20.04 -20.12 9.29
CA TYR A 541 -20.79 -20.76 10.38
C TYR A 541 -21.92 -21.61 9.79
N PRO A 542 -22.18 -22.78 10.39
CA PRO A 542 -23.23 -23.69 9.94
C PRO A 542 -24.64 -23.23 10.34
N LEU A 543 -25.50 -23.02 9.35
CA LEU A 543 -26.87 -22.58 9.62
C LEU A 543 -27.88 -23.46 8.90
N PRO A 544 -28.78 -24.11 9.66
CA PRO A 544 -29.82 -24.98 9.09
C PRO A 544 -30.84 -24.19 8.27
N GLY A 545 -31.02 -24.60 7.01
CA GLY A 545 -31.96 -23.92 6.14
C GLY A 545 -31.44 -22.58 5.70
N GLY A 546 -30.80 -22.55 4.51
CA GLY A 546 -30.25 -21.32 3.99
C GLY A 546 -31.19 -20.14 4.19
N ASP A 547 -32.44 -20.29 3.76
CA ASP A 547 -33.43 -19.23 3.91
C ASP A 547 -34.00 -19.25 5.33
N LEU A 548 -34.37 -20.45 5.78
CA LEU A 548 -34.94 -20.64 7.10
C LEU A 548 -34.12 -19.93 8.18
N ALA A 549 -32.79 -20.03 8.06
CA ALA A 549 -31.90 -19.40 9.02
C ALA A 549 -32.21 -17.92 9.16
N SER A 550 -32.29 -17.22 8.05
CA SER A 550 -32.60 -15.80 8.04
C SER A 550 -33.93 -15.56 8.72
N TYR A 551 -34.96 -16.28 8.24
CA TYR A 551 -36.29 -16.18 8.81
C TYR A 551 -36.23 -16.36 10.32
N TYR A 552 -36.05 -17.61 10.75
CA TYR A 552 -35.98 -17.94 12.16
C TYR A 552 -34.54 -17.74 12.64
N PRO A 553 -34.31 -16.70 13.46
CA PRO A 553 -33.01 -16.33 14.02
C PRO A 553 -32.31 -17.43 14.81
N LEU A 554 -33.04 -18.06 15.71
CA LEU A 554 -32.46 -19.13 16.54
C LEU A 554 -31.82 -20.21 15.67
N ARG A 555 -32.29 -20.34 14.43
CA ARG A 555 -31.76 -21.34 13.52
C ARG A 555 -30.31 -21.01 13.18
N ALA A 556 -29.90 -19.77 13.42
CA ALA A 556 -28.55 -19.33 13.15
C ALA A 556 -27.76 -19.17 14.44
N LEU A 557 -28.42 -18.62 15.46
CA LEU A 557 -27.79 -18.41 16.77
C LEU A 557 -27.11 -19.69 17.22
N GLY A 559 -26.17 -22.33 15.05
CA GLY A 559 -25.11 -22.63 14.09
C GLY A 559 -23.80 -21.96 14.39
N ILE A 560 -23.85 -20.70 14.85
CA ILE A 560 -22.64 -19.96 15.17
C ILE A 560 -22.03 -20.35 16.52
N LEU A 561 -22.86 -20.82 17.43
CA LEU A 561 -22.37 -21.22 18.75
C LEU A 561 -21.71 -22.60 18.71
N SER A 562 -21.91 -23.31 17.62
CA SER A 562 -21.32 -24.64 17.47
C SER A 562 -19.84 -24.53 17.15
N LYS A 563 -19.45 -23.40 16.55
CA LYS A 563 -18.06 -23.15 16.20
C LYS A 563 -17.22 -22.82 17.42
N VAL A 564 -17.85 -22.84 18.58
CA VAL A 564 -17.16 -22.55 19.84
C VAL A 564 -17.64 -23.49 20.94
N TYR A 565 -18.77 -24.14 20.71
CA TYR A 565 -19.33 -25.06 21.67
C TYR A 565 -19.68 -26.41 21.04
N SER A 566 -19.64 -27.46 21.85
CA SER A 566 -19.94 -28.81 21.39
C SER A 566 -21.45 -28.99 21.18
N ILE A 567 -21.83 -30.16 20.67
CA ILE A 567 -23.23 -30.48 20.42
C ILE A 567 -24.09 -30.24 21.66
N ASP A 568 -23.83 -31.01 22.70
CA ASP A 568 -24.57 -30.89 23.96
C ASP A 568 -24.25 -29.57 24.64
N GLU A 569 -23.10 -29.00 24.29
CA GLU A 569 -22.66 -27.73 24.87
C GLU A 569 -23.60 -26.62 24.42
N LEU A 570 -23.90 -26.61 23.12
CA LEU A 570 -24.79 -25.61 22.54
C LEU A 570 -26.13 -25.61 23.27
N GLU A 571 -26.50 -26.76 23.82
CA GLU A 571 -27.75 -26.90 24.54
C GLU A 571 -27.76 -26.00 25.77
N GLY A 572 -26.72 -26.12 26.60
CA GLY A 572 -26.62 -25.31 27.80
C GLY A 572 -26.55 -23.82 27.54
N VAL A 573 -25.64 -23.41 26.67
CA VAL A 573 -25.48 -21.99 26.37
C VAL A 573 -26.82 -21.35 26.01
N ILE A 574 -27.59 -22.04 25.17
CA ILE A 574 -28.90 -21.55 24.76
C ILE A 574 -29.78 -21.30 25.98
N ASN A 575 -29.62 -22.13 27.00
CA ASN A 575 -30.39 -21.99 28.22
C ASN A 575 -30.19 -20.63 28.88
N ARG A 576 -29.21 -19.88 28.39
CA ARG A 576 -28.93 -18.54 28.92
C ARG A 576 -30.15 -17.67 28.66
N CYS A 577 -31.05 -18.16 27.82
CA CYS A 577 -32.28 -17.46 27.46
C CYS A 577 -33.32 -18.50 27.07
N CYS A 578 -34.50 -18.05 26.64
CA CYS A 578 -35.55 -18.98 26.25
C CYS A 578 -36.27 -18.57 24.96
N PRO A 579 -35.60 -18.75 23.81
CA PRO A 579 -36.19 -18.39 22.51
C PRO A 579 -36.76 -19.60 21.79
N LYS A 580 -37.13 -20.63 22.53
CA LYS A 580 -37.68 -21.82 21.90
C LYS A 580 -39.13 -21.55 21.51
N ALA A 581 -39.88 -20.91 22.41
CA ALA A 581 -41.28 -20.60 22.16
C ALA A 581 -41.49 -19.65 20.99
N VAL A 582 -40.42 -19.42 20.22
CA VAL A 582 -40.49 -18.54 19.06
C VAL A 582 -41.01 -19.30 17.85
N GLU A 583 -40.27 -20.33 17.46
CA GLU A 583 -40.64 -21.16 16.32
C GLU A 583 -41.83 -22.03 16.73
N SER A 584 -42.46 -21.67 17.84
CA SER A 584 -43.61 -22.42 18.35
C SER A 584 -44.90 -21.69 18.01
N LEU A 585 -44.78 -20.39 17.83
CA LEU A 585 -45.92 -19.55 17.52
C LEU A 585 -46.13 -19.49 16.01
N LYS A 586 -45.33 -20.27 15.28
CA LYS A 586 -45.43 -20.31 13.83
C LYS A 586 -45.03 -21.68 13.28
N TYR A 587 -44.69 -22.59 14.19
CA TYR A 587 -44.27 -23.94 13.81
C TYR A 587 -44.01 -24.73 15.09
N GLY A 588 -43.36 -25.88 14.97
CA GLY A 588 -43.06 -26.69 16.14
C GLY A 588 -41.90 -26.07 16.90
N LYS A 589 -41.84 -26.27 18.22
CA LYS A 589 -40.77 -25.69 19.02
C LYS A 589 -39.66 -26.65 19.40
N VAL A 590 -39.97 -27.56 20.31
CA VAL A 590 -38.99 -28.54 20.76
C VAL A 590 -38.36 -29.20 19.56
N GLU A 591 -39.20 -29.67 18.64
CA GLU A 591 -38.75 -30.33 17.44
C GLU A 591 -37.64 -29.53 16.75
N PHE A 592 -37.77 -28.21 16.70
CA PHE A 592 -36.74 -27.39 16.07
C PHE A 592 -35.41 -27.61 16.79
N ASN A 593 -35.44 -27.49 18.11
CA ASN A 593 -34.23 -27.68 18.91
C ASN A 593 -33.69 -29.08 18.62
N VAL A 594 -34.60 -30.00 18.30
CA VAL A 594 -34.23 -31.38 17.99
C VAL A 594 -33.45 -31.40 16.68
N VAL A 595 -33.69 -30.39 15.84
CA VAL A 595 -33.00 -30.28 14.56
C VAL A 595 -31.50 -30.17 14.81
N LEU A 596 -31.14 -29.97 16.07
CA LEU A 596 -29.74 -29.84 16.47
C LEU A 596 -28.93 -30.98 15.86
N ASN A 597 -29.56 -32.14 15.72
CA ASN A 597 -28.91 -33.31 15.14
C ASN A 597 -28.42 -32.93 13.74
N GLN A 598 -29.35 -32.42 12.93
CA GLN A 598 -29.04 -32.00 11.57
C GLN A 598 -27.84 -31.06 11.57
N LEU A 599 -27.73 -30.29 12.64
CA LEU A 599 -26.64 -29.33 12.79
C LEU A 599 -25.36 -30.00 13.31
N ALA A 600 -25.50 -30.78 14.37
CA ALA A 600 -24.37 -31.47 14.97
C ALA A 600 -23.71 -32.45 14.00
N LYS A 601 -24.52 -33.32 13.40
CA LYS A 601 -24.03 -34.31 12.46
C LYS A 601 -23.47 -33.66 11.19
N GLY A 602 -23.81 -32.40 10.99
CA GLY A 602 -23.33 -31.69 9.81
C GLY A 602 -23.93 -32.29 8.54
N ILE A 603 -25.07 -32.97 8.70
CA ILE A 603 -25.75 -33.59 7.58
C ILE A 603 -26.19 -32.54 6.58
N ASN A 604 -27.32 -31.90 6.86
CA ASN A 604 -27.86 -30.85 5.99
C ASN A 604 -27.44 -29.51 6.54
N THR A 605 -26.48 -28.86 5.87
CA THR A 605 -25.99 -27.56 6.30
C THR A 605 -25.35 -26.78 5.16
N ALA A 606 -25.66 -25.49 5.09
CA ALA A 606 -25.09 -24.62 4.07
C ALA A 606 -24.16 -23.66 4.80
N TYR A 607 -23.03 -23.31 4.19
CA TYR A 607 -22.09 -22.41 4.83
C TYR A 607 -22.29 -20.94 4.47
N ALA A 608 -22.34 -20.11 5.50
CA ALA A 608 -22.54 -18.67 5.34
C ALA A 608 -21.39 -17.86 5.93
N SER A 609 -21.55 -16.54 5.91
CA SER A 609 -20.55 -15.62 6.45
C SER A 609 -21.12 -14.21 6.46
N SER A 610 -22.45 -14.13 6.47
CA SER A 610 -23.15 -12.85 6.48
C SER A 610 -23.07 -12.14 7.82
N THR A 611 -22.68 -10.86 7.79
CA THR A 611 -22.58 -10.06 9.00
C THR A 611 -23.99 -9.87 9.56
N GLY A 612 -24.97 -9.79 8.67
CA GLY A 612 -26.34 -9.61 9.08
C GLY A 612 -26.77 -10.71 10.02
N ARG A 613 -26.47 -11.95 9.64
CA ARG A 613 -26.81 -13.11 10.45
C ARG A 613 -26.02 -13.08 11.76
N VAL A 614 -24.71 -12.88 11.64
CA VAL A 614 -23.84 -12.81 12.82
C VAL A 614 -24.50 -11.93 13.87
N LEU A 615 -24.66 -10.65 13.52
CA LEU A 615 -25.27 -9.67 14.40
C LEU A 615 -26.70 -10.09 14.74
N ASP A 616 -27.37 -10.73 13.79
CA ASP A 616 -28.74 -11.19 13.97
C ASP A 616 -28.83 -12.11 15.17
N ALA A 617 -27.95 -13.10 15.22
CA ALA A 617 -27.93 -14.06 16.33
C ALA A 617 -27.83 -13.31 17.66
N ILE A 618 -26.95 -12.32 17.70
CA ILE A 618 -26.75 -11.51 18.90
C ILE A 618 -28.08 -10.87 19.31
N ALA A 619 -28.95 -10.65 18.33
CA ALA A 619 -30.25 -10.04 18.58
C ALA A 619 -31.18 -11.02 19.30
N VAL A 620 -30.88 -12.32 19.18
CA VAL A 620 -31.68 -13.35 19.82
C VAL A 620 -30.95 -13.93 21.02
N LEU A 621 -29.63 -13.79 21.01
CA LEU A 621 -28.82 -14.28 22.13
C LEU A 621 -29.03 -13.30 23.28
N LEU A 622 -30.07 -12.49 23.15
CA LEU A 622 -30.41 -11.49 24.16
C LEU A 622 -31.93 -11.39 24.27
N ASN A 623 -32.40 -10.31 24.92
CA ASN A 623 -33.83 -10.09 25.11
C ASN A 623 -34.39 -9.19 24.02
N VAL A 624 -33.62 -9.03 22.94
CA VAL A 624 -34.02 -8.17 21.83
C VAL A 624 -35.20 -8.66 21.00
N ALA A 625 -34.93 -9.48 19.98
CA ALA A 625 -36.01 -9.97 19.12
C ALA A 625 -35.99 -11.47 18.86
N TYR A 626 -36.99 -11.93 18.12
CA TYR A 626 -37.11 -13.34 17.76
C TYR A 626 -37.29 -13.55 16.26
N ARG A 627 -38.37 -14.25 15.89
CA ARG A 627 -38.65 -14.55 14.49
C ARG A 627 -38.71 -13.32 13.60
N ARG A 628 -38.10 -13.42 12.42
CA ARG A 628 -38.07 -12.33 11.47
C ARG A 628 -39.48 -12.11 10.92
N HIS A 629 -39.88 -10.85 10.76
CA HIS A 629 -41.20 -10.54 10.25
C HIS A 629 -41.15 -9.90 8.86
N TYR A 630 -39.95 -9.50 8.45
CA TYR A 630 -39.76 -8.89 7.14
C TYR A 630 -38.28 -8.89 6.74
N GLU A 631 -37.84 -7.82 6.09
CA GLU A 631 -36.45 -7.72 5.66
C GLU A 631 -35.57 -6.99 6.67
N GLY A 632 -34.54 -7.68 7.15
CA GLY A 632 -33.64 -7.08 8.12
C GLY A 632 -34.34 -6.55 9.36
N GLU A 633 -34.93 -7.44 10.14
CA GLU A 633 -35.64 -7.04 11.34
C GLU A 633 -34.72 -6.99 12.56
N PRO A 634 -33.85 -8.00 12.73
CA PRO A 634 -32.93 -8.02 13.88
C PRO A 634 -31.89 -6.92 13.81
N ALA A 635 -31.08 -6.95 12.74
CA ALA A 635 -30.04 -5.96 12.53
C ALA A 635 -30.49 -4.58 12.98
N LYS A 637 -33.51 -3.91 14.81
CA LYS A 637 -33.99 -4.00 16.18
C LYS A 637 -32.83 -3.99 17.18
N LEU A 638 -31.75 -4.67 16.81
CA LEU A 638 -30.59 -4.74 17.68
C LEU A 638 -29.88 -3.40 17.78
N GLU A 639 -29.82 -2.67 16.67
CA GLU A 639 -29.18 -1.36 16.67
C GLU A 639 -29.88 -0.41 17.64
N SER A 640 -31.15 -0.12 17.36
CA SER A 640 -31.93 0.77 18.20
C SER A 640 -31.70 0.46 19.67
N PHE A 641 -31.92 -0.80 20.04
CA PHE A 641 -31.74 -1.25 21.42
C PHE A 641 -30.34 -0.89 21.93
N ALA A 642 -29.34 -1.08 21.08
CA ALA A 642 -27.95 -0.79 21.44
C ALA A 642 -27.72 0.67 21.80
N PHE A 643 -28.34 1.58 21.05
CA PHE A 643 -28.21 3.01 21.28
C PHE A 643 -28.29 3.38 22.76
N LYS A 644 -29.25 2.78 23.47
CA LYS A 644 -29.46 3.06 24.88
C LYS A 644 -28.27 2.71 25.77
N GLY A 645 -27.15 2.32 25.17
CA GLY A 645 -25.98 1.97 25.94
C GLY A 645 -25.02 3.14 26.12
N LYS A 646 -24.53 3.32 27.34
CA LYS A 646 -23.61 4.41 27.64
C LYS A 646 -22.16 3.92 27.72
N ASN A 647 -21.83 3.23 28.81
CA ASN A 647 -20.48 2.73 29.03
C ASN A 647 -20.09 1.72 27.93
N ASP A 648 -19.35 2.21 26.95
CA ASP A 648 -18.89 1.36 25.85
C ASP A 648 -17.92 0.29 26.33
N LEU A 649 -18.37 -0.95 26.36
CA LEU A 649 -17.53 -2.06 26.79
C LEU A 649 -16.45 -2.28 25.73
N LYS A 650 -15.42 -3.05 26.05
CA LYS A 650 -14.34 -3.28 25.10
C LYS A 650 -14.14 -4.73 24.68
N PHE A 651 -14.74 -5.08 23.54
CA PHE A 651 -14.61 -6.42 22.97
C PHE A 651 -13.57 -6.32 21.87
N GLU A 652 -13.17 -7.46 21.32
CA GLU A 652 -12.17 -7.46 20.27
C GLU A 652 -12.19 -8.73 19.43
N VAL A 653 -13.15 -8.81 18.51
CA VAL A 653 -13.27 -9.96 17.63
C VAL A 653 -11.92 -10.14 16.91
N PRO A 654 -11.28 -11.29 17.11
CA PRO A 654 -9.98 -11.62 16.51
C PRO A 654 -9.95 -11.60 14.99
N VAL A 655 -8.73 -11.57 14.45
CA VAL A 655 -8.51 -11.55 13.00
C VAL A 655 -7.18 -12.23 12.69
N GLU A 656 -7.24 -13.50 12.32
CA GLU A 656 -6.05 -14.27 12.00
C GLU A 656 -5.87 -14.39 10.50
N GLY A 657 -4.64 -14.20 10.03
CA GLY A 657 -4.36 -14.30 8.61
C GLY A 657 -5.41 -13.58 7.78
N GLU A 658 -6.33 -14.35 7.20
CA GLU A 658 -7.41 -13.78 6.39
C GLU A 658 -8.76 -14.31 6.83
N LEU A 659 -8.87 -14.62 8.12
CA LEU A 659 -10.12 -15.15 8.67
C LEU A 659 -10.43 -14.45 10.00
N ILE A 660 -11.71 -14.25 10.26
CA ILE A 660 -12.15 -13.60 11.48
C ILE A 660 -12.98 -14.55 12.34
N ARG A 661 -12.38 -14.99 13.45
CA ARG A 661 -13.07 -15.90 14.37
C ARG A 661 -14.18 -15.16 15.10
N VAL A 662 -15.05 -14.52 14.32
CA VAL A 662 -16.17 -13.76 14.85
C VAL A 662 -16.90 -14.55 15.94
N GLU A 663 -16.81 -15.87 15.88
CA GLU A 663 -17.48 -16.72 16.86
C GLU A 663 -16.98 -16.35 18.25
N GLU A 664 -15.66 -16.25 18.41
CA GLU A 664 -15.07 -15.90 19.70
C GLU A 664 -15.72 -14.67 20.30
N LEU A 665 -16.28 -13.83 19.43
CA LEU A 665 -16.95 -12.61 19.88
C LEU A 665 -18.07 -13.03 20.82
N PHE A 666 -18.95 -13.91 20.33
CA PHE A 666 -20.06 -14.42 21.12
C PHE A 666 -19.56 -14.86 22.49
N GLN A 667 -18.50 -15.68 22.49
CA GLN A 667 -17.90 -16.19 23.71
C GLN A 667 -17.84 -15.11 24.77
N SER A 668 -16.92 -14.15 24.59
CA SER A 668 -16.74 -13.06 25.52
C SER A 668 -18.05 -12.35 25.82
N ILE A 669 -18.90 -12.20 24.80
CA ILE A 669 -20.18 -11.52 24.96
C ILE A 669 -20.98 -12.13 26.12
N LEU A 670 -21.04 -13.45 26.16
CA LEU A 670 -21.76 -14.16 27.21
C LEU A 670 -21.09 -14.01 28.57
N GLU A 671 -19.76 -14.03 28.58
CA GLU A 671 -19.00 -13.90 29.82
C GLU A 671 -19.17 -12.55 30.49
N ALA A 672 -19.89 -11.64 29.83
CA ALA A 672 -20.11 -10.31 30.37
C ALA A 672 -21.55 -10.07 30.80
N ILE A 673 -22.45 -10.94 30.34
CA ILE A 673 -23.86 -10.83 30.67
C ILE A 673 -24.08 -10.78 32.18
N GLU A 674 -23.24 -11.48 32.93
CA GLU A 674 -23.35 -11.52 34.38
C GLU A 674 -22.62 -10.34 35.00
N GLY A 675 -23.20 -9.15 34.84
CA GLY A 675 -22.60 -7.94 35.39
C GLY A 675 -22.84 -6.73 34.52
N ALA A 676 -22.49 -6.85 33.25
CA ALA A 676 -22.68 -5.75 32.30
C ALA A 676 -24.15 -5.62 31.92
N SER A 677 -24.64 -4.38 31.89
CA SER A 677 -26.03 -4.12 31.56
C SER A 677 -26.39 -4.78 30.23
N PRO A 678 -27.69 -4.90 29.92
CA PRO A 678 -28.14 -5.52 28.68
C PRO A 678 -27.80 -4.70 27.43
N ALA A 679 -28.13 -3.41 27.46
CA ALA A 679 -27.87 -2.52 26.33
C ALA A 679 -26.38 -2.39 26.04
N ASP A 680 -25.59 -2.09 27.09
CA ASP A 680 -24.15 -1.92 26.93
C ASP A 680 -23.51 -3.06 26.14
N ILE A 681 -24.13 -4.24 26.16
CA ILE A 681 -23.61 -5.38 25.43
C ILE A 681 -23.86 -5.24 23.93
N ALA A 682 -25.10 -5.00 23.56
CA ALA A 682 -25.46 -4.84 22.15
C ALA A 682 -24.64 -3.69 21.57
N TYR A 683 -24.55 -2.60 22.33
CA TYR A 683 -23.82 -1.41 21.90
C TYR A 683 -22.32 -1.72 21.78
N SER A 684 -21.79 -2.44 22.76
CA SER A 684 -20.38 -2.80 22.77
C SER A 684 -20.01 -3.70 21.59
N ALA A 685 -20.68 -4.85 21.50
CA ALA A 685 -20.44 -5.80 20.43
C ALA A 685 -20.50 -5.12 19.07
N HIS A 686 -21.47 -4.22 18.90
CA HIS A 686 -21.64 -3.49 17.66
C HIS A 686 -20.32 -2.86 17.20
N LEU A 687 -19.79 -1.96 18.02
CA LEU A 687 -18.53 -1.29 17.70
C LEU A 687 -17.39 -2.29 17.56
N ALA A 688 -17.29 -3.20 18.53
CA ALA A 688 -16.26 -4.22 18.53
C ALA A 688 -16.19 -4.98 17.21
N LEU A 689 -17.31 -5.61 16.84
CA LEU A 689 -17.38 -6.37 15.61
C LEU A 689 -16.92 -5.52 14.42
N ALA A 690 -17.39 -4.28 14.39
CA ALA A 690 -17.06 -3.35 13.32
C ALA A 690 -15.61 -2.91 13.35
N ARG A 691 -15.16 -2.42 14.50
CA ARG A 691 -13.79 -1.94 14.65
C ARG A 691 -12.77 -2.92 14.10
N ALA A 692 -12.69 -4.10 14.70
CA ALA A 692 -11.75 -5.12 14.27
C ALA A 692 -12.04 -5.58 12.84
N PHE A 693 -13.26 -5.34 12.38
CA PHE A 693 -13.65 -5.73 11.04
C PHE A 693 -13.00 -4.77 10.04
N ALA A 694 -13.10 -3.48 10.34
CA ALA A 694 -12.53 -2.44 9.48
C ALA A 694 -11.00 -2.43 9.62
N HIS A 695 -10.52 -2.40 10.86
CA HIS A 695 -9.08 -2.39 11.11
C HIS A 695 -8.34 -3.27 10.11
N THR A 696 -8.95 -4.41 9.76
CA THR A 696 -8.34 -5.32 8.80
C THR A 696 -8.21 -4.62 7.46
N ALA A 697 -9.33 -4.10 6.95
CA ALA A 697 -9.33 -3.40 5.69
C ALA A 697 -8.15 -2.42 5.68
N VAL A 698 -7.96 -1.75 6.81
CA VAL A 698 -6.87 -0.79 6.97
C VAL A 698 -5.53 -1.45 6.65
N GLU A 699 -5.10 -2.33 7.56
CA GLU A 699 -3.82 -3.03 7.41
C GLU A 699 -3.61 -3.52 5.98
N ARG A 700 -4.62 -4.18 5.41
CA ARG A 700 -4.52 -4.68 4.05
C ARG A 700 -4.22 -3.59 3.04
N ALA A 701 -4.82 -2.42 3.25
CA ALA A 701 -4.62 -1.28 2.35
C ALA A 701 -3.14 -0.93 2.25
N ARG A 702 -2.45 -0.94 3.39
CA ARG A 702 -1.03 -0.62 3.44
C ARG A 702 -0.18 -1.71 2.78
N GLU A 703 -0.45 -2.97 3.15
CA GLU A 703 0.28 -4.10 2.59
C GLU A 703 -0.13 -4.36 1.14
N PHE A 704 -0.73 -3.35 0.51
CA PHE A 704 -1.17 -3.47 -0.88
C PHE A 704 -1.15 -2.14 -1.62
N GLY A 705 -0.64 -1.11 -0.95
CA GLY A 705 -0.55 0.20 -1.57
C GLY A 705 -1.84 0.82 -2.06
N VAL A 706 -2.81 0.98 -1.17
CA VAL A 706 -4.09 1.59 -1.51
C VAL A 706 -4.35 2.73 -0.55
N LYS A 707 -4.83 3.85 -1.07
CA LYS A 707 -5.08 5.03 -0.26
C LYS A 707 -6.39 5.02 0.50
N ASN A 708 -7.44 4.42 -0.05
CA ASN A 708 -8.73 4.42 0.61
C ASN A 708 -9.57 3.14 0.51
N VAL A 709 -10.55 3.03 1.41
CA VAL A 709 -11.46 1.89 1.47
C VAL A 709 -12.90 2.37 1.30
N ALA A 710 -13.85 1.45 1.25
CA ALA A 710 -15.25 1.83 1.07
C ALA A 710 -16.25 0.81 1.61
N LEU A 711 -17.06 1.26 2.57
CA LEU A 711 -18.09 0.41 3.18
C LEU A 711 -19.35 0.49 2.33
N SER A 712 -20.11 -0.61 2.28
CA SER A 712 -21.35 -0.64 1.51
C SER A 712 -22.05 -1.99 1.64
N GLY A 713 -23.29 -2.05 1.15
CA GLY A 713 -24.05 -3.29 1.22
C GLY A 713 -25.22 -3.21 2.19
N GLY A 714 -25.85 -4.35 2.42
CA GLY A 714 -26.99 -4.39 3.33
C GLY A 714 -26.68 -3.73 4.66
N VAL A 715 -26.10 -4.50 5.58
CA VAL A 715 -25.75 -3.98 6.90
C VAL A 715 -24.69 -2.89 6.75
N ALA A 716 -25.10 -1.75 6.20
CA ALA A 716 -24.21 -0.63 6.00
C ALA A 716 -24.82 0.64 6.59
N TYR A 717 -26.13 0.59 6.84
CA TYR A 717 -26.84 1.73 7.40
C TYR A 717 -26.70 1.78 8.91
N ASN A 718 -26.19 0.70 9.49
CA ASN A 718 -25.99 0.65 10.94
C ASN A 718 -25.11 1.81 11.38
N GLU A 719 -25.73 2.85 11.90
CA GLU A 719 -24.99 4.02 12.36
C GLU A 719 -23.87 3.66 13.32
N LEU A 720 -24.17 2.82 14.30
CA LEU A 720 -23.17 2.40 15.28
C LEU A 720 -21.93 1.85 14.60
N ILE A 721 -22.14 0.94 13.67
CA ILE A 721 -21.05 0.31 12.93
C ILE A 721 -20.39 1.28 11.95
N THR A 722 -21.19 1.85 11.04
CA THR A 722 -20.68 2.79 10.06
C THR A 722 -19.88 3.89 10.75
N LYS A 723 -20.26 4.22 11.98
CA LYS A 723 -19.57 5.24 12.75
C LYS A 723 -18.14 4.81 13.05
N ILE A 725 -16.38 1.91 11.95
CA ILE A 725 -15.73 1.54 10.71
C ILE A 725 -15.05 2.74 10.03
N ARG A 726 -15.86 3.61 9.43
CA ARG A 726 -15.34 4.78 8.75
C ARG A 726 -14.34 5.54 9.62
N LYS A 727 -14.63 5.64 10.92
CA LYS A 727 -13.75 6.34 11.84
C LYS A 727 -12.37 5.69 11.90
N VAL A 728 -12.33 4.36 11.96
CA VAL A 728 -11.07 3.63 12.02
C VAL A 728 -10.17 4.05 10.86
N VAL A 729 -10.79 4.33 9.72
CA VAL A 729 -10.06 4.73 8.53
C VAL A 729 -9.39 6.09 8.70
N GLU A 730 -9.46 6.65 9.90
CA GLU A 730 -8.85 7.95 10.16
C GLU A 730 -7.36 7.77 10.39
N ALA A 731 -6.97 6.53 10.70
CA ALA A 731 -5.57 6.20 10.91
C ALA A 731 -5.07 5.56 9.63
N ASN A 732 -5.46 6.14 8.50
CA ASN A 732 -5.05 5.65 7.20
C ASN A 732 -5.33 6.75 6.17
N GLY A 733 -6.08 6.42 5.13
CA GLY A 733 -6.39 7.41 4.12
C GLY A 733 -7.88 7.69 4.06
N LEU A 734 -8.26 8.87 3.59
CA LEU A 734 -9.66 9.25 3.48
C LEU A 734 -10.48 8.25 2.67
N ASN A 735 -11.48 7.65 3.29
CA ASN A 735 -12.33 6.68 2.62
C ASN A 735 -13.67 7.34 2.28
N PHE A 736 -14.57 6.56 1.69
CA PHE A 736 -15.88 7.07 1.31
C PHE A 736 -16.90 5.95 1.20
N HIS A 737 -18.14 6.25 1.56
CA HIS A 737 -19.20 5.25 1.48
C HIS A 737 -20.35 5.84 0.67
N VAL A 738 -20.96 5.00 -0.17
CA VAL A 738 -22.07 5.44 -1.01
C VAL A 738 -22.90 6.53 -0.34
N THR A 739 -23.18 7.60 -1.08
CA THR A 739 -23.95 8.73 -0.55
C THR A 739 -25.32 8.85 -1.21
N THR A 740 -26.11 9.81 -0.73
CA THR A 740 -27.45 10.04 -1.26
C THR A 740 -27.63 9.58 -2.71
N GLU A 741 -26.77 10.08 -3.59
CA GLU A 741 -26.83 9.72 -5.01
C GLU A 741 -27.23 8.27 -5.21
N VAL A 742 -26.36 7.37 -4.78
CA VAL A 742 -26.61 5.93 -4.89
C VAL A 742 -26.77 5.34 -3.49
N PRO A 743 -27.67 4.36 -3.33
CA PRO A 743 -27.86 3.76 -2.00
C PRO A 743 -26.96 2.55 -1.76
N ARG A 744 -26.35 2.49 -0.59
CA ARG A 744 -25.48 1.37 -0.23
C ARG A 744 -26.26 0.07 -0.24
N GLY A 745 -27.52 0.15 0.18
CA GLY A 745 -28.37 -1.03 0.21
C GLY A 745 -28.43 -1.75 -1.11
N ASP A 746 -29.11 -2.90 -1.10
CA ASP A 746 -29.26 -3.73 -2.30
C ASP A 746 -29.80 -2.94 -3.49
N ASN A 747 -30.88 -2.21 -3.27
CA ASN A 747 -31.53 -1.42 -4.32
C ASN A 747 -30.53 -0.81 -5.30
N GLY A 748 -29.48 -0.18 -4.77
CA GLY A 748 -28.49 0.43 -5.63
C GLY A 748 -27.34 -0.50 -6.00
N VAL A 749 -27.67 -1.74 -6.32
CA VAL A 749 -26.66 -2.72 -6.70
C VAL A 749 -26.37 -2.63 -8.19
N ASN A 750 -27.42 -2.40 -8.98
CA ASN A 750 -27.28 -2.31 -10.43
C ASN A 750 -26.20 -1.31 -10.82
N VAL A 751 -26.19 -0.16 -10.16
CA VAL A 751 -25.19 0.86 -10.46
C VAL A 751 -23.79 0.28 -10.28
N GLY A 752 -23.61 -0.49 -9.21
CA GLY A 752 -22.31 -1.09 -8.96
C GLY A 752 -21.99 -2.10 -10.04
N GLN A 753 -23.01 -2.80 -10.52
CA GLN A 753 -22.85 -3.81 -11.55
C GLN A 753 -22.45 -3.14 -12.88
N ALA A 754 -23.19 -2.10 -13.25
CA ALA A 754 -22.94 -1.37 -14.49
C ALA A 754 -21.48 -0.98 -14.64
N PHE A 755 -20.99 -0.20 -13.69
CA PHE A 755 -19.60 0.27 -13.71
C PHE A 755 -18.64 -0.89 -13.55
N LEU A 756 -19.15 -2.03 -13.11
CA LEU A 756 -18.35 -3.22 -12.89
C LEU A 756 -18.25 -4.03 -14.18
N GLY A 757 -19.36 -4.67 -14.54
CA GLY A 757 -19.39 -5.47 -15.77
C GLY A 757 -19.04 -4.63 -16.97
N GLY A 758 -19.63 -3.45 -17.06
CA GLY A 758 -19.36 -2.56 -18.18
C GLY A 758 -17.86 -2.41 -18.39
N LEU A 759 -17.11 -2.52 -17.30
CA LEU A 759 -15.66 -2.41 -17.33
C LEU A 759 -15.10 -3.65 -18.03
N TYR A 760 -15.73 -4.79 -17.77
CA TYR A 760 -15.31 -6.06 -18.38
C TYR A 760 -15.17 -5.87 -19.89
N LEU A 761 -16.20 -5.30 -20.50
CA LEU A 761 -16.19 -5.06 -21.94
C LEU A 761 -14.91 -4.33 -22.29
N GLU A 762 -14.62 -3.26 -21.55
CA GLU A 762 -13.42 -2.46 -21.76
C GLU A 762 -12.19 -3.35 -21.84
N GLY A 763 -12.25 -4.49 -21.15
CA GLY A 763 -11.13 -5.42 -21.17
C GLY A 763 -10.15 -5.18 -20.03
N TYR A 764 -10.49 -4.25 -19.14
CA TYR A 764 -9.64 -3.94 -18.01
C TYR A 764 -9.86 -4.93 -16.87
N LEU A 765 -10.76 -5.88 -17.10
CA LEU A 765 -11.07 -6.90 -16.09
C LEU A 765 -11.12 -8.26 -16.76
N THR A 766 -10.56 -9.27 -16.09
CA THR A 766 -10.55 -10.63 -16.63
C THR A 766 -11.96 -11.20 -16.71
N LYS A 767 -12.25 -11.88 -17.81
CA LYS A 767 -13.56 -12.48 -18.04
C LYS A 767 -14.02 -13.40 -16.92
N GLU A 768 -13.12 -13.76 -16.01
CA GLU A 768 -13.49 -14.67 -14.92
C GLU A 768 -13.15 -14.25 -13.50
N ASP A 769 -12.47 -13.12 -13.32
CA ASP A 769 -12.14 -12.66 -11.98
C ASP A 769 -13.36 -12.00 -11.32
N LEU A 770 -14.53 -12.33 -11.85
CA LEU A 770 -15.78 -11.81 -11.32
C LEU A 770 -16.61 -13.04 -10.96
N LEU A 772 -14.78 -16.18 -10.40
CA LEU A 772 -13.90 -16.89 -9.48
C LEU A 772 -12.62 -16.11 -9.25
N LYS B 2 -81.82 -70.64 27.01
CA LYS B 2 -80.49 -71.20 26.81
C LYS B 2 -79.83 -70.45 25.66
N ALA B 3 -79.05 -69.43 25.99
CA ALA B 3 -78.37 -68.64 24.99
C ALA B 3 -76.89 -68.43 25.30
N TYR B 4 -76.18 -67.83 24.35
CA TYR B 4 -74.76 -67.55 24.50
C TYR B 4 -74.54 -66.05 24.39
N HIS B 5 -73.29 -65.65 24.19
CA HIS B 5 -72.97 -64.23 24.07
C HIS B 5 -71.74 -64.03 23.18
N ILE B 6 -71.90 -64.34 21.90
CA ILE B 6 -70.81 -64.21 20.93
C ILE B 6 -70.38 -62.75 20.84
N HIS B 7 -69.29 -62.50 20.13
CA HIS B 7 -68.78 -61.14 19.97
C HIS B 7 -67.89 -61.00 18.74
N VAL B 8 -68.44 -60.37 17.70
CA VAL B 8 -67.70 -60.15 16.46
C VAL B 8 -67.22 -58.71 16.46
N GLN B 9 -66.03 -58.47 15.91
CA GLN B 9 -65.47 -57.12 15.87
C GLN B 9 -64.53 -56.93 14.69
N GLY B 10 -64.63 -55.78 14.03
CA GLY B 10 -63.76 -55.50 12.90
C GLY B 10 -64.52 -55.29 11.60
N ILE B 11 -64.45 -56.28 10.72
CA ILE B 11 -65.13 -56.22 9.42
C ILE B 11 -66.40 -57.07 9.50
N VAL B 12 -67.43 -56.52 10.12
CA VAL B 12 -68.69 -57.25 10.29
C VAL B 12 -69.92 -56.36 10.43
N GLN B 13 -69.76 -55.05 10.32
CA GLN B 13 -70.89 -54.15 10.48
C GLN B 13 -71.60 -53.67 9.22
N ALA B 14 -70.89 -52.99 8.34
CA ALA B 14 -71.48 -52.46 7.13
C ALA B 14 -71.83 -53.48 6.05
N VAL B 15 -71.03 -54.53 5.94
CA VAL B 15 -71.29 -55.56 4.94
C VAL B 15 -72.68 -56.15 5.22
N GLY B 16 -73.12 -57.04 4.35
CA GLY B 16 -74.42 -57.66 4.53
C GLY B 16 -74.36 -58.75 5.58
N PHE B 17 -74.10 -58.34 6.83
CA PHE B 17 -74.00 -59.28 7.93
C PHE B 17 -75.28 -59.27 8.76
N ARG B 18 -75.89 -58.09 8.89
CA ARG B 18 -77.12 -57.96 9.65
C ARG B 18 -78.15 -58.95 9.09
N PRO B 19 -78.36 -58.95 7.76
CA PRO B 19 -79.32 -59.86 7.15
C PRO B 19 -79.03 -61.31 7.52
N PHE B 20 -77.76 -61.67 7.42
CA PHE B 20 -77.33 -63.02 7.73
C PHE B 20 -77.81 -63.49 9.10
N VAL B 21 -77.29 -62.87 10.16
CA VAL B 21 -77.65 -63.25 11.52
C VAL B 21 -79.16 -63.38 11.72
N TYR B 22 -79.94 -62.74 10.87
CA TYR B 22 -81.40 -62.80 10.98
C TYR B 22 -81.95 -63.91 10.07
N ARG B 23 -81.33 -64.08 8.90
CA ARG B 23 -81.76 -65.12 7.98
C ARG B 23 -81.42 -66.48 8.58
N ILE B 24 -80.27 -66.53 9.26
CA ILE B 24 -79.80 -67.75 9.91
C ILE B 24 -80.63 -68.07 11.15
N ALA B 25 -81.10 -67.02 11.82
CA ALA B 25 -81.90 -67.18 13.03
C ALA B 25 -83.30 -67.71 12.75
N HIS B 26 -83.89 -67.27 11.65
CA HIS B 26 -85.24 -67.70 11.29
C HIS B 26 -85.23 -68.96 10.44
N GLU B 27 -84.07 -69.30 9.88
CA GLU B 27 -83.95 -70.50 9.06
C GLU B 27 -83.67 -71.69 9.96
N HIS B 28 -83.11 -71.41 11.14
CA HIS B 28 -82.81 -72.43 12.12
C HIS B 28 -83.82 -72.39 13.26
N ASN B 29 -84.91 -71.66 13.05
CA ASN B 29 -85.97 -71.52 14.05
C ASN B 29 -85.45 -71.02 15.39
N LEU B 30 -84.19 -70.59 15.43
CA LEU B 30 -83.59 -70.08 16.65
C LEU B 30 -83.53 -68.56 16.60
N ARG B 31 -84.42 -67.92 17.35
CA ARG B 31 -84.47 -66.46 17.39
C ARG B 31 -83.44 -65.89 18.36
N GLY B 32 -82.84 -64.78 17.98
CA GLY B 32 -81.85 -64.14 18.82
C GLY B 32 -82.03 -62.63 18.77
N TYR B 33 -80.92 -61.90 18.71
CA TYR B 33 -80.97 -60.45 18.65
C TYR B 33 -79.58 -59.86 18.40
N VAL B 34 -79.49 -58.94 17.47
CA VAL B 34 -78.23 -58.29 17.12
C VAL B 34 -78.28 -56.79 17.41
N LYS B 35 -77.36 -56.33 18.25
CA LYS B 35 -77.32 -54.91 18.60
C LYS B 35 -76.23 -54.21 17.79
N ASN B 36 -76.08 -52.91 18.02
CA ASN B 36 -75.09 -52.10 17.32
C ASN B 36 -74.61 -50.98 18.25
N LEU B 37 -73.30 -50.87 18.42
CA LEU B 37 -72.73 -49.84 19.29
C LEU B 37 -71.44 -49.27 18.70
N GLY B 38 -71.01 -49.83 17.57
CA GLY B 38 -69.80 -49.35 16.94
C GLY B 38 -68.95 -50.46 16.34
N ASP B 39 -67.66 -50.21 16.23
CA ASP B 39 -66.72 -51.19 15.67
C ASP B 39 -66.61 -52.39 16.59
N ALA B 40 -66.11 -52.16 17.79
CA ALA B 40 -65.95 -53.22 18.77
C ALA B 40 -67.25 -53.39 19.55
N GLY B 41 -68.36 -53.50 18.84
CA GLY B 41 -69.64 -53.66 19.49
C GLY B 41 -70.73 -54.20 18.58
N VAL B 42 -70.96 -55.51 18.63
CA VAL B 42 -71.98 -56.14 17.82
C VAL B 42 -72.12 -57.62 18.19
N GLU B 43 -72.65 -57.86 19.39
CA GLU B 43 -72.85 -59.22 19.87
C GLU B 43 -74.24 -59.69 19.47
N ILE B 44 -74.50 -60.98 19.64
CA ILE B 44 -75.79 -61.55 19.30
C ILE B 44 -76.22 -62.58 20.33
N VAL B 45 -77.32 -62.30 21.04
CA VAL B 45 -77.83 -63.21 22.05
C VAL B 45 -78.68 -64.30 21.41
N VAL B 46 -78.04 -65.40 21.05
CA VAL B 46 -78.73 -66.52 20.41
C VAL B 46 -79.51 -67.34 21.43
N GLU B 47 -80.76 -66.95 21.67
CA GLU B 47 -81.60 -67.65 22.63
C GLU B 47 -82.56 -68.60 21.93
N GLY B 48 -82.14 -69.85 21.76
CA GLY B 48 -82.97 -70.84 21.10
C GLY B 48 -82.68 -72.24 21.60
N ARG B 49 -83.18 -73.24 20.87
CA ARG B 49 -82.98 -74.64 21.24
C ARG B 49 -81.49 -74.98 21.10
N GLU B 50 -81.01 -75.88 21.96
CA GLU B 50 -79.60 -76.27 21.93
C GLU B 50 -79.11 -76.88 20.62
N GLU B 51 -80.03 -77.39 19.79
CA GLU B 51 -79.65 -77.98 18.52
C GLU B 51 -79.56 -76.95 17.39
N ASP B 52 -79.65 -75.68 17.75
CA ASP B 52 -79.57 -74.61 16.76
C ASP B 52 -78.48 -73.60 17.14
N ILE B 53 -78.21 -73.48 18.42
CA ILE B 53 -77.19 -72.56 18.91
C ILE B 53 -75.86 -72.93 18.28
N GLU B 54 -75.62 -74.23 18.14
CA GLU B 54 -74.39 -74.74 17.56
C GLU B 54 -74.37 -74.45 16.06
N ALA B 55 -75.42 -74.86 15.37
CA ALA B 55 -75.53 -74.64 13.94
C ALA B 55 -75.85 -73.17 13.67
N PHE B 56 -75.69 -72.36 14.71
CA PHE B 56 -75.96 -70.92 14.60
C PHE B 56 -74.65 -70.15 14.57
N ILE B 57 -73.69 -70.62 15.36
CA ILE B 57 -72.38 -69.97 15.44
C ILE B 57 -71.42 -70.53 14.40
N GLU B 58 -71.72 -71.72 13.89
CA GLU B 58 -70.89 -72.37 12.89
C GLU B 58 -71.14 -71.82 11.49
N ASP B 59 -72.38 -71.43 11.22
CA ASP B 59 -72.74 -70.88 9.91
C ASP B 59 -72.16 -69.49 9.67
N LEU B 60 -71.98 -68.73 10.74
CA LEU B 60 -71.45 -67.38 10.64
C LEU B 60 -70.07 -67.35 9.99
N TYR B 61 -69.36 -68.46 10.06
CA TYR B 61 -68.02 -68.56 9.48
C TYR B 61 -68.03 -68.64 7.96
N LYS B 62 -68.67 -69.68 7.43
CA LYS B 62 -68.73 -69.91 6.00
C LYS B 62 -69.73 -69.04 5.22
N LYS B 63 -71.02 -69.24 5.44
CA LYS B 63 -72.02 -68.48 4.71
C LYS B 63 -72.07 -66.98 4.98
N LYS B 64 -71.12 -66.45 5.73
CA LYS B 64 -71.11 -65.01 6.02
C LYS B 64 -70.89 -64.22 4.74
N PRO B 65 -71.33 -62.96 4.71
CA PRO B 65 -71.16 -62.13 3.51
C PRO B 65 -69.76 -62.27 2.91
N PRO B 66 -69.68 -62.50 1.59
CA PRO B 66 -68.39 -62.66 0.90
C PRO B 66 -67.48 -61.44 1.02
N LEU B 67 -67.85 -60.53 1.91
CA LEU B 67 -67.07 -59.32 2.11
C LEU B 67 -66.83 -59.06 3.60
N ALA B 68 -66.62 -60.13 4.36
CA ALA B 68 -66.39 -60.01 5.80
C ALA B 68 -65.94 -61.32 6.43
N ARG B 69 -64.93 -61.23 7.28
CA ARG B 69 -64.40 -62.41 7.98
C ARG B 69 -64.68 -62.24 9.47
N ILE B 70 -65.01 -63.34 10.14
CA ILE B 70 -65.28 -63.30 11.57
C ILE B 70 -63.94 -63.39 12.30
N ASP B 71 -63.36 -62.24 12.62
CA ASP B 71 -62.08 -62.18 13.29
C ASP B 71 -62.15 -62.50 14.78
N ARG B 72 -63.33 -62.39 15.37
CA ARG B 72 -63.50 -62.68 16.79
C ARG B 72 -64.84 -63.29 17.15
N ILE B 73 -64.81 -64.19 18.12
CA ILE B 73 -66.01 -64.88 18.62
C ILE B 73 -65.77 -65.40 20.03
N GLU B 74 -66.43 -64.79 21.01
CA GLU B 74 -66.29 -65.20 22.40
C GLU B 74 -67.65 -65.54 22.99
N LYS B 75 -67.79 -66.78 23.45
CA LYS B 75 -69.06 -67.22 24.03
C LYS B 75 -69.09 -67.06 25.54
N LYS B 76 -70.29 -66.91 26.08
CA LYS B 76 -70.49 -66.75 27.52
C LYS B 76 -71.84 -67.31 27.92
N GLU B 77 -72.22 -67.13 29.18
CA GLU B 77 -73.50 -67.64 29.65
C GLU B 77 -74.35 -66.58 30.34
N ILE B 78 -75.49 -66.24 29.72
CA ILE B 78 -76.40 -65.25 30.24
C ILE B 78 -77.84 -65.68 29.95
N PRO B 79 -78.73 -65.56 30.95
CA PRO B 79 -80.14 -65.95 30.80
C PRO B 79 -81.04 -64.82 30.28
N PRO B 80 -81.56 -64.97 29.05
CA PRO B 80 -82.43 -63.96 28.45
C PRO B 80 -83.73 -63.81 29.23
N GLN B 81 -83.92 -62.67 29.87
CA GLN B 81 -85.13 -62.42 30.65
C GLN B 81 -86.35 -62.53 29.74
N GLY B 82 -86.64 -61.46 29.01
CA GLY B 82 -87.77 -61.47 28.10
C GLY B 82 -87.57 -62.52 27.03
N PHE B 83 -88.04 -63.74 27.29
CA PHE B 83 -87.90 -64.84 26.35
C PHE B 83 -88.24 -64.39 24.93
N ASP B 84 -87.20 -64.14 24.15
CA ASP B 84 -87.36 -63.69 22.76
C ASP B 84 -88.21 -64.63 21.91
N ARG B 85 -89.31 -64.11 21.38
CA ARG B 85 -90.21 -64.89 20.53
C ARG B 85 -90.00 -64.45 19.09
N PHE B 86 -89.02 -63.58 18.88
CA PHE B 86 -88.70 -63.07 17.55
C PHE B 86 -87.23 -62.67 17.54
N TYR B 87 -86.83 -61.89 16.54
CA TYR B 87 -85.45 -61.44 16.43
C TYR B 87 -85.42 -59.93 16.20
N ILE B 88 -85.18 -59.19 17.28
CA ILE B 88 -85.13 -57.73 17.22
C ILE B 88 -83.71 -57.19 17.30
N GLU B 89 -83.32 -56.39 16.32
CA GLU B 89 -82.00 -55.79 16.30
C GLU B 89 -82.02 -54.53 17.15
N LYS B 90 -81.01 -53.68 16.98
CA LYS B 90 -80.94 -52.44 17.75
C LYS B 90 -79.95 -51.46 17.15
N SER B 91 -80.44 -50.31 16.69
CA SER B 91 -79.60 -49.29 16.10
C SER B 91 -78.58 -48.77 17.11
N ILE B 102 -63.30 -51.94 8.89
CA ILE B 102 -64.50 -51.44 8.24
C ILE B 102 -64.47 -51.77 6.75
N PRO B 103 -65.61 -52.17 6.19
CA PRO B 103 -65.68 -52.51 4.77
C PRO B 103 -65.46 -51.32 3.85
N PRO B 104 -64.64 -51.50 2.82
CA PRO B 104 -64.32 -50.47 1.84
C PRO B 104 -65.44 -50.31 0.82
N ASP B 105 -65.24 -49.43 -0.15
CA ASP B 105 -66.24 -49.18 -1.18
C ASP B 105 -66.18 -50.30 -2.23
N ILE B 106 -67.34 -50.86 -2.54
CA ILE B 106 -67.40 -51.94 -3.53
C ILE B 106 -68.35 -51.58 -4.67
N ALA B 107 -68.01 -52.02 -5.87
CA ALA B 107 -68.84 -51.75 -7.04
C ALA B 107 -70.12 -52.57 -6.94
N ILE B 108 -71.06 -52.30 -7.84
CA ILE B 108 -72.33 -53.02 -7.84
C ILE B 108 -72.14 -54.47 -8.28
N CYS B 109 -72.70 -55.39 -7.51
CA CYS B 109 -72.58 -56.82 -7.82
C CYS B 109 -73.45 -57.18 -9.01
N ASP B 110 -73.12 -58.28 -9.67
CA ASP B 110 -73.86 -58.75 -10.83
C ASP B 110 -75.37 -58.78 -10.57
N ASP B 111 -75.76 -59.28 -9.40
CA ASP B 111 -77.17 -59.36 -9.04
C ASP B 111 -77.89 -58.02 -9.09
N CYS B 112 -77.32 -57.00 -8.48
CA CYS B 112 -77.95 -55.68 -8.49
C CYS B 112 -77.85 -55.03 -9.86
N LEU B 113 -76.82 -55.40 -10.62
CA LEU B 113 -76.63 -54.88 -11.96
C LEU B 113 -77.90 -55.13 -12.76
N ARG B 114 -78.22 -56.41 -12.94
CA ARG B 114 -79.41 -56.82 -13.67
C ARG B 114 -80.66 -56.17 -13.10
N GLU B 115 -80.68 -56.01 -11.78
CA GLU B 115 -81.81 -55.43 -11.08
C GLU B 115 -82.18 -54.04 -11.62
N LEU B 116 -81.18 -53.28 -12.04
CA LEU B 116 -81.42 -51.94 -12.57
C LEU B 116 -81.45 -51.96 -14.09
N PHE B 117 -80.76 -52.93 -14.68
CA PHE B 117 -80.68 -53.06 -16.13
C PHE B 117 -81.82 -53.91 -16.68
N ASP B 118 -82.89 -54.05 -15.91
CA ASP B 118 -84.04 -54.84 -16.34
C ASP B 118 -85.37 -54.22 -15.93
N PRO B 119 -86.33 -54.14 -16.87
CA PRO B 119 -87.69 -53.59 -16.78
C PRO B 119 -88.59 -53.93 -15.58
N THR B 120 -88.39 -55.11 -15.00
CA THR B 120 -89.21 -55.61 -13.89
C THR B 120 -89.06 -54.99 -12.49
N ASN B 121 -87.85 -54.62 -12.11
CA ASN B 121 -87.59 -54.09 -10.78
C ASN B 121 -88.09 -52.67 -10.45
N LYS B 122 -88.34 -52.45 -9.16
CA LYS B 122 -88.79 -51.17 -8.64
C LYS B 122 -87.71 -50.12 -8.83
N ARG B 123 -86.48 -50.59 -9.03
CA ARG B 123 -85.34 -49.72 -9.23
C ARG B 123 -84.83 -49.82 -10.66
N TYR B 124 -85.76 -50.00 -11.60
CA TYR B 124 -85.43 -50.10 -13.00
C TYR B 124 -84.66 -48.85 -13.45
N TYR B 126 -82.43 -47.44 -12.10
CA TYR B 126 -82.13 -46.59 -10.96
C TYR B 126 -80.63 -46.47 -10.76
N PRO B 127 -80.06 -45.30 -11.05
CA PRO B 127 -78.64 -44.98 -10.94
C PRO B 127 -78.02 -45.31 -9.57
N PHE B 128 -78.58 -44.75 -8.52
CA PHE B 128 -78.04 -44.96 -7.18
C PHE B 128 -78.51 -46.27 -6.54
N ILE B 129 -78.37 -47.37 -7.26
CA ILE B 129 -78.78 -48.67 -6.74
C ILE B 129 -77.74 -49.13 -5.72
N VAL B 130 -78.15 -50.03 -4.82
CA VAL B 130 -77.24 -50.52 -3.80
C VAL B 130 -77.87 -51.60 -2.90
N CYS B 131 -77.16 -52.70 -2.73
CA CYS B 131 -77.64 -53.79 -1.90
C CYS B 131 -76.69 -53.89 -0.71
N THR B 132 -76.95 -54.85 0.18
CA THR B 132 -76.09 -55.01 1.36
C THR B 132 -74.84 -55.80 0.99
N ASN B 133 -74.69 -56.11 -0.29
CA ASN B 133 -73.53 -56.87 -0.78
C ASN B 133 -72.64 -56.05 -1.71
N CYS B 134 -72.84 -54.74 -1.73
CA CYS B 134 -72.03 -53.86 -2.58
C CYS B 134 -72.39 -52.40 -2.37
N GLY B 135 -71.91 -51.55 -3.27
CA GLY B 135 -72.19 -50.13 -3.17
C GLY B 135 -71.12 -49.37 -2.43
N PRO B 136 -71.31 -48.05 -2.23
CA PRO B 136 -70.34 -47.20 -1.53
C PRO B 136 -70.26 -47.52 -0.03
N ARG B 137 -69.17 -47.11 0.59
CA ARG B 137 -68.94 -47.35 2.01
C ARG B 137 -68.05 -46.27 2.60
N PHE B 138 -66.77 -46.60 2.77
CA PHE B 138 -65.78 -45.67 3.32
C PHE B 138 -66.06 -44.22 2.92
N THR B 139 -66.21 -44.00 1.62
CA THR B 139 -66.46 -42.66 1.09
C THR B 139 -67.59 -41.92 1.79
N ILE B 140 -68.69 -42.61 2.08
CA ILE B 140 -69.82 -41.97 2.74
C ILE B 140 -70.03 -42.37 4.19
N ILE B 141 -69.11 -43.18 4.73
CA ILE B 141 -69.21 -43.62 6.12
C ILE B 141 -68.73 -42.52 7.05
N GLU B 142 -69.67 -41.84 7.70
CA GLU B 142 -69.35 -40.75 8.62
C GLU B 142 -68.43 -41.24 9.75
N ASP B 143 -68.88 -42.25 10.47
CA ASP B 143 -68.10 -42.80 11.58
C ASP B 143 -68.91 -43.83 12.36
N LEU B 144 -68.28 -44.96 12.64
CA LEU B 144 -68.93 -46.02 13.40
C LEU B 144 -69.59 -45.40 14.62
N PRO B 145 -70.74 -45.94 15.05
CA PRO B 145 -71.46 -47.08 14.46
C PRO B 145 -71.94 -46.86 13.04
N TYR B 146 -71.82 -47.90 12.21
CA TYR B 146 -72.26 -47.83 10.82
C TYR B 146 -73.78 -47.81 10.83
N ASP B 147 -74.36 -46.63 10.63
CA ASP B 147 -75.80 -46.50 10.64
C ASP B 147 -76.27 -45.35 9.75
N ARG B 148 -77.51 -45.47 9.26
CA ARG B 148 -78.12 -44.46 8.40
C ARG B 148 -77.89 -43.07 8.97
N GLU B 149 -78.07 -42.94 10.28
CA GLU B 149 -77.91 -41.68 10.97
C GLU B 149 -76.44 -41.25 11.09
N ASN B 150 -75.54 -42.12 10.65
CA ASN B 150 -74.11 -41.82 10.69
C ASN B 150 -73.45 -42.07 9.35
N THR B 151 -74.07 -41.58 8.28
CA THR B 151 -73.55 -41.72 6.93
C THR B 151 -74.15 -40.64 6.04
N THR B 152 -73.57 -40.45 4.86
CA THR B 152 -74.05 -39.43 3.93
C THR B 152 -75.52 -39.62 3.60
N LYS B 154 -77.80 -39.90 5.83
CA LYS B 154 -78.53 -39.42 6.99
C LYS B 154 -79.57 -38.40 6.57
N GLU B 155 -79.22 -37.60 5.56
CA GLU B 155 -80.10 -36.55 5.06
C GLU B 155 -81.19 -37.15 4.18
N PHE B 156 -81.21 -38.48 4.07
CA PHE B 156 -82.19 -39.17 3.24
C PHE B 156 -83.14 -40.06 4.03
N PRO B 157 -84.34 -39.54 4.37
CA PRO B 157 -85.33 -40.32 5.11
C PRO B 157 -85.92 -41.41 4.22
N CYS B 159 -88.22 -44.33 2.49
CA CYS B 159 -89.63 -44.30 2.13
C CYS B 159 -90.21 -45.64 2.55
N ASP B 160 -91.45 -45.62 3.05
CA ASP B 160 -92.12 -46.84 3.51
C ASP B 160 -91.68 -48.09 2.77
N PHE B 161 -91.78 -48.07 1.44
CA PHE B 161 -91.40 -49.22 0.63
C PHE B 161 -90.02 -49.76 0.99
N CYS B 162 -89.03 -48.86 1.10
CA CYS B 162 -87.67 -49.28 1.44
C CYS B 162 -87.57 -49.90 2.83
N ARG B 163 -88.12 -49.22 3.83
CA ARG B 163 -88.08 -49.71 5.20
C ARG B 163 -88.79 -51.06 5.33
N SER B 164 -89.47 -51.46 4.26
CA SER B 164 -90.19 -52.73 4.25
C SER B 164 -89.23 -53.86 3.94
N GLU B 165 -88.34 -53.64 2.98
CA GLU B 165 -87.34 -54.63 2.59
C GLU B 165 -86.16 -54.53 3.55
N TYR B 166 -86.14 -53.44 4.32
CA TYR B 166 -85.09 -53.18 5.29
C TYR B 166 -85.29 -54.01 6.55
N GLU B 167 -86.56 -54.25 6.89
CA GLU B 167 -86.91 -55.03 8.07
C GLU B 167 -86.97 -56.52 7.79
N ASP B 168 -87.34 -56.88 6.56
CA ASP B 168 -87.44 -58.28 6.17
C ASP B 168 -86.07 -58.93 6.04
N PRO B 169 -85.88 -60.12 6.65
CA PRO B 169 -84.61 -60.85 6.60
C PRO B 169 -84.36 -61.52 5.25
N LEU B 170 -85.43 -61.93 4.58
CA LEU B 170 -85.31 -62.60 3.30
C LEU B 170 -84.84 -61.67 2.18
N ASN B 171 -85.17 -60.39 2.29
CA ASN B 171 -84.78 -59.42 1.28
C ASN B 171 -83.33 -59.00 1.49
N ARG B 172 -82.53 -59.08 0.43
CA ARG B 172 -81.12 -58.72 0.50
C ARG B 172 -80.88 -57.27 0.94
N ARG B 173 -81.82 -56.40 0.62
CA ARG B 173 -81.69 -54.98 0.99
C ARG B 173 -81.92 -54.77 2.48
N TYR B 174 -81.96 -55.87 3.23
CA TYR B 174 -82.18 -55.79 4.67
C TYR B 174 -81.02 -55.12 5.41
N HIS B 175 -81.35 -54.14 6.23
CA HIS B 175 -80.38 -53.38 7.00
C HIS B 175 -79.32 -52.68 6.16
N ALA B 176 -79.55 -52.60 4.86
CA ALA B 176 -78.64 -51.93 3.96
C ALA B 176 -78.79 -50.44 4.21
N GLU B 177 -77.94 -49.89 5.06
CA GLU B 177 -77.98 -48.47 5.42
C GLU B 177 -78.15 -47.53 4.23
N PRO B 178 -77.36 -47.72 3.16
CA PRO B 178 -77.47 -46.85 1.98
C PRO B 178 -78.60 -47.20 1.02
N THR B 179 -79.59 -47.94 1.53
CA THR B 179 -80.73 -48.35 0.69
C THR B 179 -81.55 -47.13 0.27
N ALA B 180 -81.91 -47.09 -1.01
CA ALA B 180 -82.69 -45.97 -1.54
C ALA B 180 -83.39 -46.33 -2.86
N CYS B 181 -84.17 -45.38 -3.37
CA CYS B 181 -84.89 -45.54 -4.62
C CYS B 181 -85.21 -44.14 -5.13
N PRO B 182 -85.65 -44.03 -6.40
CA PRO B 182 -85.98 -42.72 -6.96
C PRO B 182 -86.91 -41.84 -6.12
N VAL B 183 -87.59 -42.44 -5.16
CA VAL B 183 -88.53 -41.72 -4.30
C VAL B 183 -87.89 -41.00 -3.12
N CYS B 184 -87.06 -41.71 -2.36
CA CYS B 184 -86.42 -41.12 -1.19
C CYS B 184 -84.90 -41.06 -1.35
N GLY B 185 -84.39 -41.61 -2.44
CA GLY B 185 -82.96 -41.60 -2.68
C GLY B 185 -82.51 -40.35 -3.40
N PRO B 186 -81.19 -40.10 -3.45
CA PRO B 186 -80.63 -38.92 -4.11
C PRO B 186 -81.01 -38.86 -5.59
N SER B 187 -80.75 -37.72 -6.23
CA SER B 187 -81.10 -37.54 -7.63
C SER B 187 -80.04 -36.79 -8.43
N TYR B 188 -79.96 -37.11 -9.72
CA TYR B 188 -79.01 -36.48 -10.61
C TYR B 188 -79.49 -35.13 -11.13
N ARG B 189 -78.62 -34.44 -11.85
CA ARG B 189 -78.94 -33.14 -12.43
C ARG B 189 -77.91 -32.72 -13.46
N LEU B 190 -78.33 -31.91 -14.44
CA LEU B 190 -77.46 -31.45 -15.50
C LEU B 190 -77.25 -29.94 -15.43
N TYR B 191 -75.99 -29.52 -15.45
CA TYR B 191 -75.65 -28.10 -15.40
C TYR B 191 -74.75 -27.76 -16.58
N THR B 192 -74.36 -26.50 -16.68
CA THR B 192 -73.49 -26.04 -17.76
C THR B 192 -72.94 -24.67 -17.38
N SER B 193 -71.88 -24.67 -16.57
CA SER B 193 -71.29 -23.41 -16.12
C SER B 193 -72.44 -22.54 -15.64
N ASP B 194 -73.23 -23.11 -14.73
CA ASP B 194 -74.41 -22.48 -14.13
C ASP B 194 -75.66 -22.94 -14.87
N GLY B 195 -76.83 -22.67 -14.29
CA GLY B 195 -78.07 -23.09 -14.91
C GLY B 195 -78.14 -24.60 -14.84
N GLN B 196 -79.30 -25.19 -15.14
CA GLN B 196 -79.43 -26.63 -15.07
C GLN B 196 -80.75 -27.19 -15.57
N GLU B 197 -81.04 -28.42 -15.17
CA GLU B 197 -82.27 -29.11 -15.52
C GLU B 197 -82.84 -29.65 -14.20
N ILE B 198 -84.13 -29.96 -14.20
CA ILE B 198 -84.79 -30.42 -12.98
C ILE B 198 -85.09 -31.92 -12.92
N TYR B 199 -84.62 -32.54 -11.83
CA TYR B 199 -84.82 -33.96 -11.53
C TYR B 199 -84.23 -35.00 -12.49
N GLY B 200 -85.11 -35.86 -13.01
CA GLY B 200 -84.70 -36.96 -13.88
C GLY B 200 -84.31 -36.86 -15.34
N ASP B 201 -84.64 -35.75 -16.00
CA ASP B 201 -84.31 -35.60 -17.42
C ASP B 201 -82.83 -35.63 -17.80
N PRO B 202 -81.93 -35.16 -16.92
CA PRO B 202 -80.49 -35.15 -17.19
C PRO B 202 -79.79 -36.46 -17.54
N LEU B 203 -79.71 -37.38 -16.59
CA LEU B 203 -79.04 -38.65 -16.84
C LEU B 203 -79.07 -39.16 -18.27
N ARG B 204 -80.25 -39.50 -18.77
CA ARG B 204 -80.39 -40.00 -20.13
C ARG B 204 -79.69 -39.12 -21.16
N LYS B 205 -80.00 -37.84 -21.14
CA LYS B 205 -79.42 -36.88 -22.08
C LYS B 205 -77.93 -36.67 -21.80
N ALA B 206 -77.56 -36.73 -20.53
CA ALA B 206 -76.18 -36.53 -20.10
C ALA B 206 -75.19 -37.22 -21.05
N ALA B 207 -75.34 -38.53 -21.20
CA ALA B 207 -74.47 -39.30 -22.07
C ALA B 207 -74.64 -38.87 -23.53
N GLU B 208 -75.87 -38.55 -23.89
CA GLU B 208 -76.17 -38.12 -25.25
C GLU B 208 -75.25 -36.97 -25.65
N LEU B 209 -74.61 -36.35 -24.66
CA LEU B 209 -73.71 -35.24 -24.90
C LEU B 209 -72.24 -35.65 -24.89
N ILE B 210 -71.90 -36.58 -24.00
CA ILE B 210 -70.52 -37.06 -23.89
C ILE B 210 -70.03 -37.59 -25.23
N ASP B 211 -70.94 -38.17 -26.01
CA ASP B 211 -70.59 -38.70 -27.32
C ASP B 211 -70.72 -37.61 -28.37
N LYS B 212 -71.45 -36.55 -28.02
CA LYS B 212 -71.63 -35.42 -28.94
C LYS B 212 -70.28 -34.75 -29.13
N GLY B 213 -69.37 -35.02 -28.20
CA GLY B 213 -68.04 -34.44 -28.27
C GLY B 213 -67.70 -33.65 -27.02
N TYR B 214 -68.61 -32.80 -26.59
CA TYR B 214 -68.42 -31.98 -25.40
C TYR B 214 -67.99 -32.82 -24.20
N ILE B 215 -67.29 -32.19 -23.27
CA ILE B 215 -66.82 -32.88 -22.07
C ILE B 215 -67.77 -32.56 -20.92
N VAL B 216 -67.81 -33.43 -19.92
CA VAL B 216 -68.69 -33.23 -18.78
C VAL B 216 -68.18 -33.94 -17.52
N ALA B 217 -68.25 -33.25 -16.39
CA ALA B 217 -67.81 -33.81 -15.12
C ALA B 217 -68.88 -34.78 -14.61
N ILE B 218 -68.48 -35.65 -13.69
CA ILE B 218 -69.40 -36.64 -13.13
C ILE B 218 -69.14 -36.83 -11.63
N LYS B 219 -70.20 -36.76 -10.83
CA LYS B 219 -70.06 -36.92 -9.39
C LYS B 219 -69.83 -38.37 -8.99
N GLY B 220 -68.57 -38.78 -9.01
CA GLY B 220 -68.23 -40.14 -8.63
C GLY B 220 -68.76 -40.46 -7.26
N ILE B 221 -68.69 -41.72 -6.87
CA ILE B 221 -69.18 -42.15 -5.56
C ILE B 221 -68.22 -41.79 -4.43
N GLY B 222 -67.02 -41.35 -4.79
CA GLY B 222 -66.03 -40.98 -3.79
C GLY B 222 -65.04 -39.96 -4.34
N GLY B 223 -65.48 -39.19 -5.32
CA GLY B 223 -64.63 -38.19 -5.92
C GLY B 223 -65.03 -37.94 -7.36
N ILE B 224 -65.67 -36.81 -7.61
CA ILE B 224 -66.12 -36.48 -8.96
C ILE B 224 -64.95 -36.13 -9.87
N HIS B 225 -65.13 -36.38 -11.17
CA HIS B 225 -64.09 -36.10 -12.15
C HIS B 225 -64.65 -35.85 -13.55
N LEU B 226 -63.79 -35.37 -14.45
CA LEU B 226 -64.21 -35.08 -15.82
C LEU B 226 -64.55 -36.32 -16.63
N ALA B 227 -65.12 -36.09 -17.82
CA ALA B 227 -65.48 -37.17 -18.73
C ALA B 227 -65.53 -36.62 -20.15
N CYS B 228 -65.30 -37.50 -21.12
CA CYS B 228 -65.32 -37.10 -22.53
C CYS B 228 -65.19 -38.31 -23.44
N ASP B 229 -65.74 -38.22 -24.64
CA ASP B 229 -65.67 -39.31 -25.59
C ASP B 229 -64.20 -39.60 -25.90
N ALA B 230 -63.72 -40.76 -25.45
CA ALA B 230 -62.34 -41.15 -25.68
C ALA B 230 -62.06 -41.45 -27.15
N ALA B 231 -63.14 -41.64 -27.91
CA ALA B 231 -63.01 -41.94 -29.33
C ALA B 231 -62.83 -40.67 -30.17
N ASN B 232 -63.33 -39.55 -29.65
CA ASN B 232 -63.22 -38.28 -30.34
C ASN B 232 -61.86 -37.62 -30.08
N GLU B 233 -60.93 -37.83 -31.01
CA GLU B 233 -59.59 -37.27 -30.89
C GLU B 233 -59.62 -35.74 -30.80
N GLU B 234 -60.63 -35.14 -31.42
CA GLU B 234 -60.79 -33.70 -31.43
C GLU B 234 -61.06 -33.16 -30.02
N VAL B 235 -62.22 -33.51 -29.48
CA VAL B 235 -62.64 -33.06 -28.16
C VAL B 235 -61.70 -33.44 -27.03
N VAL B 236 -61.08 -34.62 -27.12
CA VAL B 236 -60.17 -35.07 -26.08
C VAL B 236 -58.92 -34.18 -26.04
N ALA B 237 -58.48 -33.77 -27.23
CA ALA B 237 -57.30 -32.90 -27.34
C ALA B 237 -57.58 -31.60 -26.60
N GLU B 238 -58.77 -31.05 -26.83
CA GLU B 238 -59.17 -29.81 -26.20
C GLU B 238 -59.10 -29.97 -24.68
N LEU B 239 -59.66 -31.07 -24.19
CA LEU B 239 -59.68 -31.36 -22.76
C LEU B 239 -58.29 -31.27 -22.16
N ARG B 240 -57.26 -31.47 -22.98
CA ARG B 240 -55.88 -31.41 -22.50
C ARG B 240 -55.37 -29.99 -22.27
N ARG B 241 -56.01 -29.01 -22.90
CA ARG B 241 -55.59 -27.62 -22.72
C ARG B 241 -56.27 -26.99 -21.51
N ARG B 242 -57.56 -27.25 -21.35
CA ARG B 242 -58.31 -26.71 -20.22
C ARG B 242 -57.83 -27.34 -18.92
N THR B 243 -56.83 -28.20 -19.02
CA THR B 243 -56.27 -28.88 -17.85
C THR B 243 -54.75 -28.70 -17.81
N PHE B 244 -54.20 -28.09 -18.85
CA PHE B 244 -52.76 -27.86 -18.93
C PHE B 244 -52.02 -29.18 -18.71
N ARG B 245 -52.50 -30.23 -19.37
CA ARG B 245 -51.92 -31.57 -19.28
C ARG B 245 -51.48 -31.98 -20.68
N PRO B 246 -50.16 -31.96 -20.94
CA PRO B 246 -49.56 -32.31 -22.22
C PRO B 246 -49.31 -33.78 -22.59
N GLN B 247 -49.35 -34.70 -21.64
CA GLN B 247 -49.07 -36.09 -22.00
C GLN B 247 -49.47 -37.20 -21.03
N LYS B 248 -49.75 -36.86 -19.77
CA LYS B 248 -50.12 -37.88 -18.80
C LYS B 248 -51.27 -38.76 -19.31
N PRO B 249 -51.05 -40.08 -19.38
CA PRO B 249 -52.04 -41.06 -19.84
C PRO B 249 -53.42 -40.90 -19.20
N PHE B 250 -54.43 -40.66 -20.02
CA PHE B 250 -55.79 -40.49 -19.54
C PHE B 250 -56.44 -41.84 -19.26
N ALA B 251 -57.23 -41.91 -18.19
CA ALA B 251 -57.91 -43.14 -17.82
C ALA B 251 -59.23 -43.27 -18.57
N ILE B 252 -59.31 -44.25 -19.46
CA ILE B 252 -60.52 -44.46 -20.24
C ILE B 252 -61.35 -45.60 -19.65
N ALA B 254 -64.07 -48.39 -20.63
CA ALA B 254 -64.76 -49.14 -21.68
C ALA B 254 -66.07 -49.75 -21.16
N LYS B 255 -66.90 -50.22 -22.08
CA LYS B 255 -68.18 -50.83 -21.74
C LYS B 255 -68.04 -52.16 -21.01
N ASP B 256 -67.86 -53.22 -21.77
CA ASP B 256 -67.69 -54.56 -21.21
C ASP B 256 -66.31 -55.08 -21.54
N ILE B 257 -65.89 -56.13 -20.83
CA ILE B 257 -64.57 -56.71 -21.05
C ILE B 257 -64.23 -56.74 -22.54
N GLU B 258 -65.27 -56.86 -23.37
CA GLU B 258 -65.08 -56.90 -24.82
C GLU B 258 -64.40 -55.63 -25.30
N THR B 259 -65.03 -54.49 -25.04
CA THR B 259 -64.49 -53.20 -25.45
C THR B 259 -63.00 -53.13 -25.10
N VAL B 260 -62.61 -53.83 -24.04
CA VAL B 260 -61.22 -53.86 -23.60
C VAL B 260 -60.38 -54.69 -24.56
N LYS B 261 -60.95 -55.78 -25.04
CA LYS B 261 -60.26 -56.67 -25.97
C LYS B 261 -59.79 -55.93 -27.21
N SER B 262 -60.74 -55.51 -28.04
CA SER B 262 -60.43 -54.79 -29.28
C SER B 262 -59.63 -53.51 -28.99
N PHE B 263 -59.55 -53.14 -27.72
CA PHE B 263 -58.83 -51.94 -27.30
C PHE B 263 -57.34 -52.22 -27.14
N ALA B 264 -57.01 -53.33 -26.51
CA ALA B 264 -55.62 -53.71 -26.28
C ALA B 264 -55.51 -55.15 -25.79
N TYR B 265 -54.27 -55.61 -25.61
CA TYR B 265 -54.01 -56.97 -25.14
C TYR B 265 -54.50 -57.12 -23.71
N VAL B 266 -55.23 -58.21 -23.44
CA VAL B 266 -55.75 -58.45 -22.11
C VAL B 266 -55.01 -59.58 -21.39
N SER B 267 -54.57 -59.31 -20.17
CA SER B 267 -53.86 -60.30 -19.38
C SER B 267 -54.87 -61.27 -18.76
N PRO B 268 -54.47 -62.53 -18.56
CA PRO B 268 -55.33 -63.58 -17.98
C PRO B 268 -55.88 -63.28 -16.58
N GLU B 269 -55.06 -63.46 -15.56
CA GLU B 269 -55.50 -63.18 -14.19
C GLU B 269 -55.86 -61.71 -14.05
N GLU B 270 -55.84 -61.00 -15.16
CA GLU B 270 -56.16 -59.58 -15.17
C GLU B 270 -57.66 -59.38 -15.35
N GLU B 271 -58.25 -60.20 -16.22
CA GLU B 271 -59.67 -60.12 -16.50
C GLU B 271 -60.41 -60.34 -15.19
N GLU B 272 -59.67 -60.88 -14.20
CA GLU B 272 -60.22 -61.12 -12.87
C GLU B 272 -60.00 -59.87 -12.04
N GLU B 273 -58.86 -59.22 -12.25
CA GLU B 273 -58.51 -58.00 -11.53
C GLU B 273 -59.36 -56.83 -12.00
N LEU B 274 -59.93 -56.95 -13.19
CA LEU B 274 -60.78 -55.90 -13.75
C LEU B 274 -62.20 -55.98 -13.21
N THR B 275 -62.82 -57.14 -13.39
CA THR B 275 -64.19 -57.35 -12.93
C THR B 275 -64.24 -57.41 -11.41
N SER B 276 -63.10 -57.16 -10.78
CA SER B 276 -63.01 -57.18 -9.32
C SER B 276 -64.06 -56.27 -8.71
N TYR B 277 -64.24 -56.36 -7.40
CA TYR B 277 -65.21 -55.55 -6.69
C TYR B 277 -64.76 -54.09 -6.58
N ARG B 278 -63.55 -53.81 -7.03
CA ARG B 278 -63.00 -52.47 -6.96
C ARG B 278 -62.90 -51.77 -8.31
N ARG B 279 -63.14 -52.51 -9.39
CA ARG B 279 -63.09 -51.97 -10.75
C ARG B 279 -62.05 -50.86 -10.90
N PRO B 280 -60.78 -51.15 -10.59
CA PRO B 280 -59.69 -50.18 -10.70
C PRO B 280 -59.24 -49.92 -12.14
N ILE B 281 -58.27 -49.01 -12.30
CA ILE B 281 -57.75 -48.67 -13.61
C ILE B 281 -56.49 -49.49 -13.89
N ILE B 282 -56.50 -50.24 -14.98
CA ILE B 282 -55.36 -51.06 -15.35
C ILE B 282 -54.57 -50.39 -16.47
N THR B 283 -53.51 -51.04 -16.94
CA THR B 283 -52.69 -50.50 -18.01
C THR B 283 -52.21 -51.62 -18.92
N LEU B 284 -52.94 -51.84 -20.00
CA LEU B 284 -52.61 -52.89 -20.96
C LEU B 284 -51.80 -52.39 -22.14
N ARG B 285 -51.45 -53.31 -23.04
CA ARG B 285 -50.68 -52.98 -24.22
C ARG B 285 -51.62 -52.72 -25.39
N LYS B 286 -51.74 -51.46 -25.80
CA LYS B 286 -52.61 -51.11 -26.91
C LYS B 286 -52.18 -51.93 -28.12
N LYS B 287 -53.14 -52.58 -28.77
CA LYS B 287 -52.84 -53.39 -29.95
C LYS B 287 -51.93 -52.62 -30.90
N GLU B 288 -51.05 -53.34 -31.60
CA GLU B 288 -50.13 -52.72 -32.54
C GLU B 288 -50.85 -51.62 -33.31
N PRO B 289 -51.84 -51.98 -34.15
CA PRO B 289 -52.54 -50.93 -34.90
C PRO B 289 -53.43 -50.16 -33.92
N PHE B 290 -52.93 -49.04 -33.41
CA PHE B 290 -53.67 -48.25 -32.45
C PHE B 290 -55.09 -47.89 -32.90
N PRO B 291 -56.10 -48.30 -32.09
CA PRO B 291 -57.50 -48.01 -32.40
C PRO B 291 -57.91 -46.63 -31.90
N LEU B 292 -58.01 -46.50 -30.57
CA LEU B 292 -58.39 -45.23 -29.96
C LEU B 292 -57.39 -44.13 -30.36
N PRO B 293 -57.85 -42.88 -30.36
CA PRO B 293 -57.00 -41.74 -30.71
C PRO B 293 -55.62 -41.81 -30.05
N GLU B 294 -54.59 -41.49 -30.81
CA GLU B 294 -53.22 -41.52 -30.31
C GLU B 294 -53.01 -40.39 -29.31
N ASN B 295 -54.08 -39.67 -28.99
CA ASN B 295 -54.02 -38.56 -28.05
C ASN B 295 -54.12 -39.03 -26.60
N LEU B 296 -55.09 -39.92 -26.34
CA LEU B 296 -55.29 -40.45 -24.99
C LEU B 296 -54.00 -40.62 -24.21
N ALA B 297 -52.92 -41.00 -24.91
CA ALA B 297 -51.63 -41.19 -24.25
C ALA B 297 -50.54 -41.53 -25.27
N PRO B 298 -49.70 -40.54 -25.61
CA PRO B 298 -48.60 -40.74 -26.56
C PRO B 298 -47.33 -41.25 -25.89
N GLY B 299 -46.42 -41.81 -26.69
CA GLY B 299 -45.17 -42.32 -26.16
C GLY B 299 -45.32 -43.31 -25.03
N LEU B 300 -46.50 -43.92 -24.93
CA LEU B 300 -46.79 -44.89 -23.87
C LEU B 300 -47.60 -46.05 -24.42
N HIS B 301 -46.92 -47.16 -24.68
CA HIS B 301 -47.58 -48.35 -25.20
C HIS B 301 -48.78 -48.74 -24.35
N THR B 302 -48.74 -48.37 -23.08
CA THR B 302 -49.81 -48.68 -22.14
C THR B 302 -50.95 -47.65 -22.16
N ILE B 303 -52.11 -48.08 -21.69
CA ILE B 303 -53.29 -47.22 -21.63
C ILE B 303 -54.11 -47.56 -20.38
N GLY B 304 -54.81 -46.56 -19.86
CA GLY B 304 -55.64 -46.79 -18.68
C GLY B 304 -56.96 -47.44 -19.05
N VAL B 305 -57.36 -48.44 -18.29
CA VAL B 305 -58.60 -49.15 -18.56
C VAL B 305 -59.52 -49.19 -17.34
N LEU B 307 -63.74 -50.03 -15.84
CA LEU B 307 -64.98 -50.78 -16.03
C LEU B 307 -66.05 -50.09 -15.20
N PRO B 308 -67.30 -50.10 -15.68
CA PRO B 308 -68.38 -49.45 -14.91
C PRO B 308 -68.40 -50.03 -13.49
N TYR B 309 -68.15 -49.18 -12.50
CA TYR B 309 -68.11 -49.64 -11.12
C TYR B 309 -69.24 -49.24 -10.20
N ALA B 310 -70.33 -48.72 -10.75
CA ALA B 310 -71.46 -48.31 -9.92
C ALA B 310 -72.72 -48.02 -10.72
N GLY B 311 -73.86 -48.19 -10.06
CA GLY B 311 -75.15 -47.97 -10.69
C GLY B 311 -75.20 -47.02 -11.87
N THR B 312 -74.96 -45.74 -11.61
CA THR B 312 -75.00 -44.72 -12.65
C THR B 312 -74.06 -44.98 -13.82
N HIS B 313 -72.90 -45.59 -13.53
CA HIS B 313 -71.92 -45.88 -14.57
C HIS B 313 -72.53 -46.69 -15.71
N TYR B 314 -73.10 -47.85 -15.38
CA TYR B 314 -73.72 -48.70 -16.39
C TYR B 314 -74.80 -47.96 -17.17
N ILE B 315 -75.79 -47.44 -16.45
CA ILE B 315 -76.89 -46.72 -17.08
C ILE B 315 -76.38 -45.66 -18.05
N LEU B 316 -75.37 -44.89 -17.63
CA LEU B 316 -74.81 -43.85 -18.47
C LEU B 316 -74.17 -44.49 -19.69
N PHE B 317 -73.55 -45.66 -19.49
CA PHE B 317 -72.89 -46.37 -20.57
C PHE B 317 -73.90 -46.97 -21.54
N HIS B 318 -75.05 -47.38 -21.03
CA HIS B 318 -76.09 -47.95 -21.88
C HIS B 318 -76.36 -46.99 -23.03
N TRP B 319 -76.30 -45.70 -22.71
CA TRP B 319 -76.53 -44.65 -23.70
C TRP B 319 -75.22 -44.26 -24.36
N SER B 320 -75.16 -43.04 -24.88
CA SER B 320 -73.96 -42.55 -25.54
C SER B 320 -73.38 -43.59 -26.49
N LYS B 321 -73.66 -43.44 -27.79
CA LYS B 321 -73.16 -44.37 -28.81
C LYS B 321 -71.77 -44.91 -28.51
N THR B 322 -70.75 -44.11 -28.79
CA THR B 322 -69.37 -44.53 -28.55
C THR B 322 -69.23 -45.06 -27.12
N PRO B 323 -68.65 -46.25 -26.96
CA PRO B 323 -68.46 -46.87 -25.64
C PRO B 323 -67.50 -46.15 -24.69
N VAL B 324 -66.21 -46.37 -24.88
CA VAL B 324 -65.19 -45.76 -24.03
C VAL B 324 -65.33 -44.27 -23.72
N TYR B 325 -65.13 -43.92 -22.47
CA TYR B 325 -65.20 -42.54 -22.00
C TYR B 325 -63.80 -42.13 -21.53
N VAL B 326 -63.73 -41.09 -20.71
CA VAL B 326 -62.45 -40.62 -20.18
C VAL B 326 -62.64 -40.08 -18.77
N THR B 328 -60.97 -38.67 -15.32
CA THR B 328 -59.78 -38.05 -14.75
C THR B 328 -60.12 -37.07 -13.64
N SER B 329 -59.45 -37.23 -12.50
CA SER B 329 -59.65 -36.39 -11.33
C SER B 329 -60.05 -34.96 -11.67
N ALA B 330 -61.31 -34.62 -11.38
CA ALA B 330 -61.82 -33.28 -11.64
C ALA B 330 -61.06 -32.26 -10.83
N ASN B 331 -59.99 -31.73 -11.42
CA ASN B 331 -59.17 -30.73 -10.75
C ASN B 331 -57.94 -30.37 -11.57
N TYR B 332 -57.51 -29.12 -11.48
CA TYR B 332 -56.34 -28.66 -12.21
C TYR B 332 -55.13 -29.50 -11.80
N PRO B 333 -54.08 -29.51 -12.64
CA PRO B 333 -52.88 -30.29 -12.34
C PRO B 333 -52.27 -29.95 -10.98
N GLY B 334 -52.63 -30.74 -9.96
CA GLY B 334 -52.11 -30.51 -8.63
C GLY B 334 -53.16 -30.68 -7.55
N PRO B 336 -56.45 -31.77 -5.45
CA PRO B 336 -57.09 -33.09 -5.32
C PRO B 336 -58.49 -33.09 -5.93
N VAL B 338 -62.29 -32.79 -6.72
CA VAL B 338 -63.29 -31.86 -6.22
C VAL B 338 -64.57 -32.62 -5.86
N LYS B 339 -64.97 -32.52 -4.60
CA LYS B 339 -66.16 -33.21 -4.11
C LYS B 339 -67.38 -32.31 -4.14
N ASP B 340 -67.46 -31.39 -3.18
CA ASP B 340 -68.58 -30.47 -3.06
C ASP B 340 -68.98 -29.85 -4.40
N ASN B 341 -70.28 -29.90 -4.68
CA ASN B 341 -70.84 -29.35 -5.92
C ASN B 341 -70.50 -27.87 -5.99
N GLU B 342 -70.29 -27.25 -4.83
CA GLU B 342 -69.95 -25.83 -4.74
C GLU B 342 -68.72 -25.54 -5.58
N ARG B 343 -67.56 -25.96 -5.08
CA ARG B 343 -66.29 -25.76 -5.77
C ARG B 343 -66.31 -26.30 -7.20
N ALA B 344 -67.20 -27.25 -7.45
CA ALA B 344 -67.32 -27.86 -8.77
C ALA B 344 -67.47 -26.80 -9.85
N PHE B 345 -68.35 -25.83 -9.63
CA PHE B 345 -68.58 -24.76 -10.60
C PHE B 345 -67.51 -23.68 -10.46
N GLU B 346 -67.10 -23.42 -9.23
CA GLU B 346 -66.11 -22.40 -8.94
C GLU B 346 -64.72 -22.71 -9.50
N GLU B 347 -64.46 -23.99 -9.75
CA GLU B 347 -63.16 -24.40 -10.28
C GLU B 347 -63.23 -24.90 -11.72
N LEU B 348 -64.30 -25.60 -12.07
CA LEU B 348 -64.44 -26.13 -13.43
C LEU B 348 -65.38 -25.31 -14.32
N LYS B 349 -65.55 -24.04 -13.99
CA LYS B 349 -66.43 -23.18 -14.79
C LYS B 349 -65.87 -23.04 -16.20
N ASP B 350 -64.58 -22.78 -16.30
CA ASP B 350 -63.91 -22.60 -17.58
C ASP B 350 -63.28 -23.90 -18.06
N VAL B 351 -63.38 -24.94 -17.24
CA VAL B 351 -62.81 -26.25 -17.56
C VAL B 351 -63.74 -27.13 -18.38
N ALA B 352 -64.63 -27.85 -17.69
CA ALA B 352 -65.58 -28.74 -18.36
C ALA B 352 -66.65 -27.98 -19.13
N ASP B 353 -67.60 -28.72 -19.69
CA ASP B 353 -68.69 -28.13 -20.46
C ASP B 353 -70.01 -28.26 -19.73
N TYR B 354 -70.25 -29.42 -19.14
CA TYR B 354 -71.49 -29.68 -18.42
C TYR B 354 -71.22 -30.20 -17.02
N PHE B 355 -72.27 -30.53 -16.29
CA PHE B 355 -72.15 -31.05 -14.93
C PHE B 355 -73.27 -32.02 -14.58
N LEU B 356 -72.89 -33.17 -14.06
CA LEU B 356 -73.86 -34.21 -13.67
C LEU B 356 -73.54 -34.59 -12.23
N LEU B 357 -74.16 -33.89 -11.28
CA LEU B 357 -73.93 -34.14 -9.86
C LEU B 357 -75.16 -34.69 -9.16
N HIS B 358 -75.02 -34.94 -7.85
CA HIS B 358 -76.12 -35.46 -7.04
C HIS B 358 -75.99 -35.06 -5.57
N ASN B 359 -76.99 -35.42 -4.78
CA ASN B 359 -77.02 -35.08 -3.36
C ASN B 359 -76.05 -35.84 -2.46
N ARG B 360 -75.68 -37.06 -2.84
CA ARG B 360 -74.76 -37.87 -2.05
C ARG B 360 -73.47 -37.11 -1.73
N LYS B 361 -73.40 -36.52 -0.54
CA LYS B 361 -72.23 -35.78 -0.14
C LYS B 361 -71.02 -36.68 0.11
N ILE B 362 -70.25 -36.91 -0.95
CA ILE B 362 -69.06 -37.74 -0.87
C ILE B 362 -68.09 -37.13 0.15
N LEU B 363 -68.15 -37.64 1.38
CA LEU B 363 -67.31 -37.16 2.47
C LEU B 363 -65.81 -37.37 2.23
N ASN B 364 -65.37 -38.61 2.38
CA ASN B 364 -63.96 -38.94 2.20
C ASN B 364 -63.57 -39.10 0.73
N ARG B 365 -62.54 -38.38 0.32
CA ARG B 365 -62.05 -38.43 -1.05
C ARG B 365 -61.68 -39.88 -1.37
N ALA B 366 -61.39 -40.16 -2.64
CA ALA B 366 -61.04 -41.51 -3.05
C ALA B 366 -60.76 -41.61 -4.54
N ASP B 367 -59.53 -41.32 -4.93
CA ASP B 367 -59.14 -41.39 -6.34
C ASP B 367 -59.26 -42.82 -6.86
N ASP B 368 -59.35 -42.97 -8.17
CA ASP B 368 -59.45 -44.28 -8.78
C ASP B 368 -58.12 -45.01 -8.75
N SER B 369 -58.03 -46.04 -7.90
CA SER B 369 -56.81 -46.82 -7.77
C SER B 369 -56.38 -47.42 -9.09
N VAL B 370 -55.25 -46.95 -9.61
CA VAL B 370 -54.71 -47.46 -10.86
C VAL B 370 -53.77 -48.61 -10.56
N ILE B 371 -53.66 -49.54 -11.51
CA ILE B 371 -52.81 -50.71 -11.34
C ILE B 371 -52.17 -51.13 -12.66
N ARG B 372 -50.91 -51.54 -12.59
CA ARG B 372 -50.17 -51.98 -13.77
C ARG B 372 -49.37 -53.24 -13.42
N PHE B 373 -49.43 -54.24 -14.30
CA PHE B 373 -48.72 -55.49 -14.05
C PHE B 373 -47.28 -55.48 -14.53
N VAL B 374 -46.45 -56.28 -13.87
CA VAL B 374 -45.05 -56.41 -14.22
C VAL B 374 -44.74 -57.89 -14.48
N ASP B 375 -43.51 -58.19 -14.88
CA ASP B 375 -43.13 -59.56 -15.17
C ASP B 375 -43.26 -60.54 -14.00
N GLY B 376 -42.60 -60.24 -12.90
CA GLY B 376 -42.64 -61.11 -11.74
C GLY B 376 -44.01 -61.54 -11.29
N LYS B 377 -44.92 -60.58 -11.13
CA LYS B 377 -46.28 -60.86 -10.70
C LYS B 377 -47.21 -59.75 -11.18
N ARG B 378 -48.21 -59.41 -10.38
CA ARG B 378 -49.13 -58.34 -10.76
C ARG B 378 -49.27 -57.37 -9.61
N ALA B 379 -48.38 -56.38 -9.55
CA ALA B 379 -48.40 -55.38 -8.49
C ALA B 379 -49.15 -54.13 -8.92
N VAL B 380 -49.63 -53.37 -7.94
CA VAL B 380 -50.36 -52.14 -8.21
C VAL B 380 -49.42 -50.95 -8.03
N ILE B 381 -49.93 -49.75 -8.32
CA ILE B 381 -49.13 -48.55 -8.20
C ILE B 381 -49.81 -47.55 -7.27
N ARG B 382 -51.13 -47.47 -7.35
CA ARG B 382 -51.89 -46.54 -6.52
C ARG B 382 -52.82 -47.26 -5.55
N ARG B 383 -52.64 -46.98 -4.26
CA ARG B 383 -53.47 -47.58 -3.22
C ARG B 383 -54.59 -46.63 -2.85
N SER B 384 -55.80 -46.99 -3.23
CA SER B 384 -56.99 -46.19 -2.96
C SER B 384 -58.21 -46.95 -3.48
N ARG B 385 -59.18 -46.23 -4.03
CA ARG B 385 -60.37 -46.84 -4.58
C ARG B 385 -61.02 -47.84 -3.61
N GLY B 386 -61.31 -49.04 -4.10
CA GLY B 386 -61.95 -50.04 -3.28
C GLY B 386 -61.13 -50.70 -2.20
N PHE B 387 -59.85 -50.35 -2.10
CA PHE B 387 -58.99 -50.93 -1.07
C PHE B 387 -59.20 -50.27 0.28
N VAL B 388 -58.71 -49.03 0.41
CA VAL B 388 -58.85 -48.29 1.66
C VAL B 388 -60.28 -48.40 2.18
N PRO B 389 -60.46 -48.60 3.49
CA PRO B 389 -59.41 -48.72 4.51
C PRO B 389 -59.08 -50.16 4.91
N LEU B 390 -58.47 -50.92 4.00
CA LEU B 390 -58.09 -52.29 4.30
C LEU B 390 -56.62 -52.33 4.71
N PRO B 391 -56.33 -52.84 5.91
CA PRO B 391 -54.98 -52.95 6.45
C PRO B 391 -54.06 -54.06 5.93
N ILE B 392 -52.79 -53.92 6.29
CA ILE B 392 -51.74 -54.88 5.95
C ILE B 392 -51.12 -55.20 7.31
N GLU B 393 -50.65 -56.43 7.49
CA GLU B 393 -50.09 -56.85 8.76
C GLU B 393 -48.64 -56.50 9.05
N ILE B 394 -48.45 -55.71 10.10
CA ILE B 394 -47.13 -55.29 10.55
C ILE B 394 -46.77 -56.18 11.74
N PRO B 395 -45.56 -56.75 11.74
CA PRO B 395 -45.13 -57.63 12.83
C PRO B 395 -44.97 -56.94 14.19
N PHE B 396 -45.27 -55.65 14.24
CA PHE B 396 -45.14 -54.90 15.48
C PHE B 396 -46.44 -54.21 15.87
N GLU B 397 -46.65 -54.06 17.17
CA GLU B 397 -47.86 -53.41 17.67
C GLU B 397 -47.52 -52.06 18.29
N TYR B 398 -48.19 -51.01 17.81
CA TYR B 398 -47.96 -49.67 18.32
C TYR B 398 -48.88 -48.66 17.63
N ASN B 399 -49.78 -48.07 18.40
CA ASN B 399 -50.71 -47.08 17.88
C ASN B 399 -49.93 -45.84 17.46
N GLY B 400 -49.67 -45.69 16.17
CA GLY B 400 -48.92 -44.54 15.71
C GLY B 400 -49.31 -44.01 14.35
N LEU B 401 -48.82 -42.81 14.04
CA LEU B 401 -49.09 -42.16 12.76
C LEU B 401 -47.81 -42.06 11.95
N ALA B 402 -47.95 -42.13 10.62
CA ALA B 402 -46.80 -42.05 9.73
C ALA B 402 -47.16 -41.25 8.49
N VAL B 403 -46.18 -40.54 7.95
CA VAL B 403 -46.42 -39.72 6.76
C VAL B 403 -45.76 -40.34 5.53
N GLY B 404 -44.43 -40.27 5.46
CA GLY B 404 -43.72 -40.83 4.33
C GLY B 404 -43.28 -39.81 3.29
N ALA B 405 -43.17 -40.25 2.05
CA ALA B 405 -42.75 -39.38 0.96
C ALA B 405 -43.69 -38.17 0.84
N GLU B 406 -43.23 -37.14 0.14
CA GLU B 406 -44.02 -35.93 -0.04
C GLU B 406 -44.79 -35.97 -1.35
N LEU B 407 -44.23 -36.67 -2.33
CA LEU B 407 -44.84 -36.79 -3.65
C LEU B 407 -45.61 -38.09 -3.79
N ASN B 409 -47.90 -39.11 -2.24
CA ASN B 409 -47.96 -39.59 -0.87
C ASN B 409 -49.23 -40.36 -0.52
N ALA B 410 -49.20 -40.99 0.66
CA ALA B 410 -50.33 -41.77 1.17
C ALA B 410 -50.02 -42.10 2.64
N PHE B 411 -50.49 -41.25 3.54
CA PHE B 411 -50.25 -41.46 4.97
C PHE B 411 -50.87 -42.76 5.46
N GLY B 412 -50.31 -43.29 6.54
CA GLY B 412 -50.82 -44.54 7.09
C GLY B 412 -50.78 -44.60 8.61
N VAL B 413 -51.78 -45.26 9.18
CA VAL B 413 -51.87 -45.41 10.63
C VAL B 413 -51.86 -46.90 10.98
N ALA B 414 -51.26 -47.24 12.11
CA ALA B 414 -51.18 -48.63 12.53
C ALA B 414 -51.49 -48.86 14.00
N LYS B 415 -51.92 -50.07 14.31
CA LYS B 415 -52.27 -50.46 15.67
C LYS B 415 -52.38 -51.98 15.77
N ASN B 416 -51.85 -52.54 16.85
CA ASN B 416 -51.91 -53.98 17.08
C ASN B 416 -51.13 -54.78 16.02
N GLY B 417 -50.74 -54.11 14.94
CA GLY B 417 -50.01 -54.77 13.89
C GLY B 417 -50.69 -54.74 12.54
N LYS B 418 -51.45 -53.68 12.27
CA LYS B 418 -52.16 -53.53 11.01
C LYS B 418 -52.12 -52.09 10.51
N VAL B 419 -51.24 -51.84 9.53
CA VAL B 419 -51.10 -50.50 8.96
C VAL B 419 -52.32 -50.16 8.11
N TYR B 420 -52.63 -48.88 8.00
CA TYR B 420 -53.78 -48.41 7.23
C TYR B 420 -53.43 -47.39 6.16
N PRO B 421 -53.35 -47.82 4.89
CA PRO B 421 -53.02 -46.92 3.79
C PRO B 421 -54.26 -46.10 3.41
N SER B 422 -54.14 -44.77 3.51
CA SER B 422 -55.26 -43.89 3.19
C SER B 422 -55.47 -43.74 1.69
N GLN B 423 -56.45 -42.93 1.30
CA GLN B 423 -56.73 -42.70 -0.11
C GLN B 423 -55.49 -42.07 -0.73
N TYR B 424 -55.53 -41.86 -2.04
CA TYR B 424 -54.39 -41.24 -2.71
C TYR B 424 -54.38 -39.74 -2.45
N ILE B 425 -53.74 -39.35 -1.35
CA ILE B 425 -53.65 -37.94 -0.99
C ILE B 425 -52.88 -37.16 -2.05
N GLY B 426 -52.37 -37.88 -3.05
CA GLY B 426 -51.63 -37.25 -4.13
C GLY B 426 -50.37 -36.53 -3.71
N ASN B 427 -50.01 -35.50 -4.46
CA ASN B 427 -48.82 -34.69 -4.18
C ASN B 427 -49.14 -33.63 -3.15
N THR B 428 -48.43 -33.67 -2.02
CA THR B 428 -48.64 -32.73 -0.92
C THR B 428 -47.94 -31.39 -1.07
N GLY B 429 -47.26 -31.19 -2.19
CA GLY B 429 -46.54 -29.94 -2.40
C GLY B 429 -47.40 -28.69 -2.37
N LYS B 430 -48.70 -28.85 -2.63
CA LYS B 430 -49.63 -27.73 -2.64
C LYS B 430 -50.41 -27.61 -1.34
N VAL B 431 -50.53 -26.38 -0.84
CA VAL B 431 -51.27 -26.12 0.40
C VAL B 431 -52.67 -26.71 0.31
N GLU B 432 -53.31 -26.54 -0.84
CA GLU B 432 -54.66 -27.06 -1.03
C GLU B 432 -54.66 -28.56 -0.72
N VAL B 433 -53.54 -29.22 -1.02
CA VAL B 433 -53.41 -30.66 -0.77
C VAL B 433 -53.11 -30.94 0.70
N LEU B 434 -52.07 -30.29 1.22
CA LEU B 434 -51.66 -30.49 2.61
C LEU B 434 -52.86 -30.49 3.55
N GLU B 435 -53.70 -29.46 3.43
CA GLU B 435 -54.88 -29.33 4.27
C GLU B 435 -55.73 -30.59 4.21
N PHE B 436 -55.69 -31.27 3.08
CA PHE B 436 -56.47 -32.50 2.90
C PHE B 436 -56.00 -33.60 3.85
N ARG B 438 -54.75 -33.65 6.71
CA ARG B 438 -55.28 -33.45 8.07
C ARG B 438 -56.70 -33.98 8.19
N GLU B 439 -57.53 -33.64 7.22
CA GLU B 439 -58.93 -34.07 7.20
C GLU B 439 -59.02 -35.58 7.16
N ALA B 440 -58.22 -36.20 6.30
CA ALA B 440 -58.20 -37.65 6.16
C ALA B 440 -57.71 -38.30 7.44
N ILE B 441 -56.66 -37.72 8.02
CA ILE B 441 -56.09 -38.24 9.26
C ILE B 441 -57.10 -38.10 10.40
N ALA B 442 -57.87 -37.02 10.35
CA ALA B 442 -58.89 -36.76 11.36
C ALA B 442 -59.95 -37.85 11.33
N HIS B 443 -60.46 -38.13 10.13
CA HIS B 443 -61.48 -39.16 9.96
C HIS B 443 -60.89 -40.53 10.28
N PHE B 444 -59.71 -40.81 9.72
CA PHE B 444 -59.03 -42.08 9.96
C PHE B 444 -58.96 -42.35 11.46
N ARG B 445 -58.91 -41.27 12.24
CA ARG B 445 -58.83 -41.40 13.69
C ARG B 445 -60.17 -41.71 14.35
N LYS B 446 -61.27 -41.27 13.75
CA LYS B 446 -62.58 -41.54 14.33
C LYS B 446 -62.92 -43.03 14.31
N ILE B 447 -61.94 -43.84 13.95
CA ILE B 447 -62.11 -45.29 13.92
C ILE B 447 -60.84 -45.90 14.51
N LEU B 448 -60.22 -45.17 15.44
CA LEU B 448 -59.00 -45.63 16.09
C LEU B 448 -58.93 -45.12 17.52
N ARG B 449 -57.73 -44.72 17.94
CA ARG B 449 -57.50 -44.24 19.30
C ARG B 449 -56.90 -42.84 19.35
N VAL B 450 -57.47 -41.99 20.20
CA VAL B 450 -56.98 -40.62 20.38
C VAL B 450 -55.77 -40.72 21.29
N LYS B 451 -54.89 -39.72 21.25
CA LYS B 451 -53.70 -39.74 22.09
C LYS B 451 -52.93 -41.02 21.81
N ASN B 452 -52.60 -41.25 20.53
CA ASN B 452 -51.88 -42.46 20.13
C ASN B 452 -50.78 -42.81 21.13
N LEU B 453 -50.83 -44.04 21.63
CA LEU B 453 -49.87 -44.53 22.60
C LEU B 453 -48.46 -44.69 22.03
N ASP B 454 -48.26 -44.33 20.77
CA ASP B 454 -46.94 -44.48 20.16
C ASP B 454 -46.46 -43.30 19.32
N LEU B 455 -45.18 -43.34 18.93
CA LEU B 455 -44.55 -42.28 18.16
C LEU B 455 -45.10 -42.04 16.75
N ILE B 456 -44.30 -41.38 15.92
CA ILE B 456 -44.67 -41.08 14.54
C ILE B 456 -43.55 -41.48 13.58
N ILE B 457 -43.68 -41.08 12.32
CA ILE B 457 -42.69 -41.37 11.30
C ILE B 457 -42.62 -40.24 10.28
N ALA B 458 -41.59 -40.24 9.45
CA ALA B 458 -41.42 -39.21 8.43
C ALA B 458 -40.14 -39.46 7.62
N ASP B 459 -40.22 -39.19 6.32
CA ASP B 459 -39.07 -39.39 5.44
C ASP B 459 -37.89 -38.59 5.98
N LEU B 460 -36.68 -39.10 5.78
CA LEU B 460 -35.48 -38.44 6.27
C LEU B 460 -35.17 -37.13 5.55
N HIS B 461 -36.20 -36.34 5.25
CA HIS B 461 -36.00 -35.07 4.56
C HIS B 461 -36.67 -33.94 5.35
N PRO B 462 -35.86 -33.08 5.98
CA PRO B 462 -36.32 -31.93 6.77
C PRO B 462 -36.99 -30.80 5.99
N ALA B 463 -37.43 -31.10 4.77
CA ALA B 463 -38.06 -30.06 3.95
C ALA B 463 -39.44 -30.45 3.42
N TYR B 464 -39.72 -31.75 3.37
CA TYR B 464 -41.02 -32.21 2.88
C TYR B 464 -42.17 -31.59 3.67
N ASN B 465 -43.19 -31.11 2.96
CA ASN B 465 -44.34 -30.52 3.62
C ASN B 465 -44.98 -31.58 4.51
N THR B 466 -44.68 -32.83 4.21
CA THR B 466 -45.19 -33.96 4.95
C THR B 466 -44.52 -33.99 6.32
N THR B 467 -43.20 -34.09 6.32
CA THR B 467 -42.42 -34.11 7.56
C THR B 467 -42.71 -32.80 8.29
N LYS B 468 -43.02 -31.77 7.51
CA LYS B 468 -43.34 -30.45 8.05
C LYS B 468 -44.48 -30.60 9.04
N LEU B 469 -45.39 -31.53 8.73
CA LEU B 469 -46.55 -31.79 9.58
C LEU B 469 -46.07 -32.48 10.85
N ALA B 470 -45.38 -33.61 10.69
CA ALA B 470 -44.86 -34.37 11.83
C ALA B 470 -44.20 -33.45 12.84
N GLU B 472 -44.81 -30.42 13.55
CA GLU B 472 -45.83 -29.72 14.31
C GLU B 472 -46.69 -30.71 15.08
N ALA B 474 -45.87 -33.42 16.15
CA ALA B 474 -45.05 -33.98 17.22
C ALA B 474 -45.14 -33.06 18.42
N ASN B 475 -44.88 -31.78 18.19
CA ASN B 475 -44.92 -30.78 19.26
C ASN B 475 -46.34 -30.71 19.81
N GLU B 476 -47.26 -31.43 19.18
CA GLU B 476 -48.64 -31.46 19.62
C GLU B 476 -48.95 -32.81 20.22
N LEU B 477 -49.66 -32.81 21.35
CA LEU B 477 -50.01 -34.04 22.02
C LEU B 477 -48.75 -34.69 22.60
N ASP B 478 -47.62 -34.02 22.40
CA ASP B 478 -46.33 -34.51 22.89
C ASP B 478 -46.08 -35.94 22.44
N VAL B 479 -45.86 -36.12 21.15
CA VAL B 479 -45.59 -37.46 20.60
C VAL B 479 -44.18 -37.51 20.02
N GLU B 480 -43.44 -38.55 20.37
CA GLU B 480 -42.07 -38.72 19.88
C GLU B 480 -42.04 -38.78 18.36
N LEU B 481 -41.18 -37.98 17.76
CA LEU B 481 -41.05 -37.95 16.31
C LEU B 481 -39.91 -38.86 15.85
N LEU B 482 -40.02 -39.37 14.63
CA LEU B 482 -39.01 -40.27 14.07
C LEU B 482 -38.83 -40.09 12.57
N GLN B 483 -37.59 -40.09 12.13
CA GLN B 483 -37.28 -39.94 10.70
C GLN B 483 -36.55 -41.17 10.20
N VAL B 484 -36.83 -41.56 8.95
CA VAL B 484 -36.20 -42.73 8.36
C VAL B 484 -35.97 -42.56 6.86
N GLN B 485 -34.80 -43.00 6.40
CA GLN B 485 -34.44 -42.92 4.99
C GLN B 485 -35.64 -43.25 4.11
N HIS B 486 -35.69 -42.65 2.93
CA HIS B 486 -36.78 -42.90 2.00
C HIS B 486 -36.67 -44.29 1.39
N HIS B 487 -35.46 -44.68 1.05
CA HIS B 487 -35.22 -45.98 0.45
C HIS B 487 -35.26 -47.10 1.47
N TYR B 488 -34.80 -46.82 2.68
CA TYR B 488 -34.82 -47.83 3.73
C TYR B 488 -36.26 -48.19 4.03
N ALA B 489 -37.17 -47.28 3.69
CA ALA B 489 -38.59 -47.51 3.90
C ALA B 489 -39.19 -48.26 2.71
N HIS B 490 -38.69 -47.97 1.51
CA HIS B 490 -39.17 -48.64 0.31
C HIS B 490 -38.86 -50.12 0.35
N ILE B 491 -37.58 -50.45 0.52
CA ILE B 491 -37.16 -51.84 0.59
C ILE B 491 -37.79 -52.50 1.81
N ALA B 492 -38.28 -51.69 2.73
CA ALA B 492 -38.91 -52.19 3.94
C ALA B 492 -40.38 -52.54 3.70
N SER B 493 -41.03 -51.77 2.83
CA SER B 493 -42.44 -51.99 2.51
C SER B 493 -42.65 -53.38 1.92
N VAL B 494 -41.58 -53.95 1.36
CA VAL B 494 -41.64 -55.28 0.76
C VAL B 494 -41.64 -56.37 1.83
N ALA B 496 -42.55 -55.98 4.78
CA ALA B 496 -43.63 -55.70 5.73
C ALA B 496 -44.91 -56.34 5.20
N GLU B 497 -44.94 -56.55 3.88
CA GLU B 497 -46.08 -57.17 3.22
C GLU B 497 -45.92 -58.68 3.20
N LYS B 498 -44.76 -59.15 2.75
CA LYS B 498 -44.46 -60.57 2.70
C LYS B 498 -44.11 -61.08 4.09
N ASN B 499 -44.42 -60.27 5.10
CA ASN B 499 -44.16 -60.59 6.50
C ASN B 499 -42.96 -61.50 6.70
N LEU B 500 -41.76 -60.96 6.54
CA LEU B 500 -40.52 -61.72 6.69
C LEU B 500 -39.48 -60.98 7.54
N ASP B 501 -38.30 -61.58 7.65
CA ASP B 501 -37.21 -60.99 8.43
C ASP B 501 -36.12 -60.36 7.57
N SER B 502 -35.17 -59.71 8.22
CA SER B 502 -34.06 -59.04 7.55
C SER B 502 -33.62 -59.72 6.25
N VAL B 503 -33.64 -58.96 5.16
CA VAL B 503 -33.25 -59.47 3.84
C VAL B 503 -32.64 -58.36 2.99
N ILE B 504 -31.99 -58.73 1.90
CA ILE B 504 -31.39 -57.75 1.00
C ILE B 504 -32.46 -57.23 0.05
N GLY B 505 -32.15 -56.14 -0.65
CA GLY B 505 -33.13 -55.58 -1.58
C GLY B 505 -32.55 -54.51 -2.49
N ILE B 506 -33.27 -54.22 -3.58
CA ILE B 506 -32.84 -53.22 -4.54
C ILE B 506 -33.80 -52.03 -4.54
N ALA B 507 -33.27 -50.85 -4.21
CA ALA B 507 -34.08 -49.63 -4.19
C ALA B 507 -33.77 -48.77 -5.41
N LEU B 508 -34.70 -48.72 -6.34
CA LEU B 508 -34.52 -47.94 -7.56
C LEU B 508 -35.56 -46.82 -7.63
N ASP B 509 -35.34 -45.75 -6.86
CA ASP B 509 -36.26 -44.62 -6.85
C ASP B 509 -35.77 -43.47 -7.71
N GLY B 510 -36.56 -42.41 -7.78
CA GLY B 510 -36.19 -41.26 -8.59
C GLY B 510 -35.58 -40.10 -7.83
N VAL B 511 -36.08 -39.83 -6.64
CA VAL B 511 -35.56 -38.74 -5.82
C VAL B 511 -35.78 -39.03 -4.34
N GLY B 512 -34.87 -39.79 -3.75
CA GLY B 512 -34.98 -40.13 -2.35
C GLY B 512 -34.08 -39.30 -1.46
N TYR B 513 -34.61 -38.87 -0.31
CA TYR B 513 -33.83 -38.06 0.63
C TYR B 513 -32.78 -38.92 1.31
N GLY B 514 -31.90 -39.51 0.50
CA GLY B 514 -30.84 -40.35 1.04
C GLY B 514 -30.18 -39.76 2.28
N THR B 515 -29.50 -40.61 3.04
CA THR B 515 -28.81 -40.17 4.25
C THR B 515 -27.62 -39.29 3.89
N ASP B 516 -27.42 -38.23 4.66
CA ASP B 516 -26.33 -37.28 4.45
C ASP B 516 -26.63 -36.33 3.30
N GLY B 517 -27.88 -35.89 3.20
CA GLY B 517 -28.25 -34.97 2.14
C GLY B 517 -28.06 -35.52 0.74
N ASN B 518 -27.36 -36.65 0.64
CA ASN B 518 -27.13 -37.27 -0.66
C ASN B 518 -28.48 -37.52 -1.34
N THR B 519 -28.50 -37.46 -2.66
CA THR B 519 -29.73 -37.69 -3.39
C THR B 519 -29.76 -39.13 -3.88
N TRP B 520 -30.11 -40.04 -2.98
CA TRP B 520 -30.17 -41.46 -3.29
C TRP B 520 -31.30 -41.77 -4.26
N GLY B 521 -31.27 -42.97 -4.83
CA GLY B 521 -32.29 -43.38 -5.78
C GLY B 521 -31.82 -44.50 -6.68
N GLY B 522 -30.86 -45.26 -6.20
CA GLY B 522 -30.33 -46.37 -6.98
C GLY B 522 -29.28 -47.11 -6.16
N GLU B 523 -29.73 -47.88 -5.18
CA GLU B 523 -28.81 -48.60 -4.32
C GLU B 523 -29.38 -49.92 -3.83
N VAL B 524 -28.49 -50.82 -3.45
CA VAL B 524 -28.88 -52.11 -2.90
C VAL B 524 -28.56 -51.96 -1.41
N LEU B 525 -29.50 -52.40 -0.58
CA LEU B 525 -29.34 -52.28 0.86
C LEU B 525 -29.52 -53.59 1.60
N TYR B 526 -29.51 -53.51 2.92
CA TYR B 526 -29.68 -54.68 3.78
C TYR B 526 -30.40 -54.25 5.05
N LEU B 527 -31.66 -54.64 5.17
CA LEU B 527 -32.47 -54.29 6.33
C LEU B 527 -32.37 -55.35 7.42
N GLY B 528 -31.26 -55.35 8.14
CA GLY B 528 -31.07 -56.32 9.20
C GLY B 528 -31.45 -55.78 10.56
N TYR B 529 -32.53 -56.33 11.13
CA TYR B 529 -33.02 -55.93 12.44
C TYR B 529 -31.97 -55.14 13.22
N GLU B 530 -30.89 -55.81 13.61
CA GLU B 530 -29.83 -55.17 14.38
C GLU B 530 -28.68 -54.73 13.47
N ASP B 531 -28.45 -53.42 13.43
CA ASP B 531 -27.38 -52.84 12.63
C ASP B 531 -27.65 -52.94 11.13
N VAL B 532 -28.31 -51.94 10.57
CA VAL B 532 -28.62 -51.90 9.15
C VAL B 532 -27.67 -50.92 8.47
N GLU B 533 -27.24 -51.23 7.25
CA GLU B 533 -26.32 -50.36 6.53
C GLU B 533 -26.42 -50.50 5.01
N ARG B 534 -25.83 -49.54 4.31
CA ARG B 534 -25.83 -49.52 2.84
C ARG B 534 -24.94 -50.63 2.29
N LEU B 535 -25.13 -50.97 1.03
CA LEU B 535 -24.32 -52.00 0.37
C LEU B 535 -23.67 -51.41 -0.88
N ALA B 536 -24.24 -51.67 -2.04
CA ALA B 536 -23.71 -51.15 -3.30
C ALA B 536 -24.31 -49.78 -3.57
N HIS B 537 -23.65 -49.00 -4.43
CA HIS B 537 -24.13 -47.67 -4.72
C HIS B 537 -23.68 -47.23 -6.11
N ILE B 538 -24.27 -46.15 -6.62
CA ILE B 538 -23.91 -45.62 -7.92
C ILE B 538 -23.02 -44.38 -7.74
N ASP B 539 -21.96 -44.31 -8.53
CA ASP B 539 -21.04 -43.18 -8.45
C ASP B 539 -21.81 -41.88 -8.66
N TYR B 540 -22.05 -41.16 -7.58
CA TYR B 540 -22.79 -39.90 -7.62
C TYR B 540 -22.41 -39.03 -8.82
N TYR B 541 -23.39 -38.29 -9.34
CA TYR B 541 -23.18 -37.42 -10.49
C TYR B 541 -23.67 -36.00 -10.20
N PRO B 542 -22.87 -35.00 -10.57
CA PRO B 542 -23.21 -33.58 -10.36
C PRO B 542 -24.30 -33.08 -11.30
N LEU B 543 -25.52 -32.95 -10.77
CA LEU B 543 -26.64 -32.47 -11.57
C LEU B 543 -26.99 -31.04 -11.21
N PRO B 544 -26.93 -30.13 -12.20
CA PRO B 544 -27.26 -28.72 -11.95
C PRO B 544 -28.73 -28.56 -11.62
N GLY B 545 -29.01 -27.80 -10.55
CA GLY B 545 -30.38 -27.60 -10.13
C GLY B 545 -30.95 -28.79 -9.41
N GLY B 546 -30.87 -28.78 -8.08
CA GLY B 546 -31.38 -29.88 -7.28
C GLY B 546 -32.65 -30.48 -7.85
N ASP B 547 -33.56 -29.62 -8.31
CA ASP B 547 -34.82 -30.06 -8.89
C ASP B 547 -34.78 -29.85 -10.40
N LEU B 548 -34.27 -28.70 -10.81
CA LEU B 548 -34.17 -28.34 -12.22
C LEU B 548 -33.71 -29.52 -13.07
N ALA B 549 -32.57 -30.11 -12.69
CA ALA B 549 -32.02 -31.25 -13.41
C ALA B 549 -33.11 -32.28 -13.66
N SER B 550 -34.00 -32.44 -12.68
CA SER B 550 -35.10 -33.39 -12.80
C SER B 550 -36.09 -32.87 -13.85
N TYR B 551 -36.72 -31.73 -13.56
CA TYR B 551 -37.68 -31.11 -14.47
C TYR B 551 -37.19 -31.17 -15.90
N TYR B 552 -35.95 -30.74 -16.11
CA TYR B 552 -35.36 -30.78 -17.43
C TYR B 552 -34.26 -31.83 -17.46
N PRO B 553 -34.49 -32.93 -18.18
CA PRO B 553 -33.57 -34.06 -18.31
C PRO B 553 -32.18 -33.70 -18.87
N LEU B 554 -32.14 -32.99 -19.98
CA LEU B 554 -30.87 -32.61 -20.59
C LEU B 554 -29.89 -32.12 -19.54
N ARG B 555 -30.41 -31.63 -18.41
CA ARG B 555 -29.56 -31.13 -17.34
C ARG B 555 -28.79 -32.28 -16.70
N ALA B 556 -29.42 -33.45 -16.62
CA ALA B 556 -28.79 -34.62 -16.03
C ALA B 556 -27.86 -35.28 -17.04
N LEU B 557 -28.34 -35.44 -18.27
CA LEU B 557 -27.55 -36.05 -19.33
C LEU B 557 -26.16 -35.44 -19.37
N GLY B 559 -24.85 -33.62 -16.53
CA GLY B 559 -24.28 -33.82 -15.21
C GLY B 559 -23.55 -35.14 -15.04
N ILE B 560 -24.04 -36.18 -15.69
CA ILE B 560 -23.43 -37.50 -15.59
C ILE B 560 -22.28 -37.70 -16.57
N LEU B 561 -22.46 -37.29 -17.81
CA LEU B 561 -21.41 -37.43 -18.82
C LEU B 561 -20.16 -36.68 -18.43
N SER B 562 -20.23 -35.91 -17.34
CA SER B 562 -19.09 -35.16 -16.86
C SER B 562 -18.11 -36.07 -16.14
N LYS B 563 -18.57 -37.27 -15.80
CA LYS B 563 -17.75 -38.26 -15.12
C LYS B 563 -17.03 -39.18 -16.10
N VAL B 564 -17.39 -39.07 -17.37
CA VAL B 564 -16.78 -39.88 -18.43
C VAL B 564 -16.08 -38.99 -19.45
N TYR B 565 -16.41 -37.71 -19.44
CA TYR B 565 -15.81 -36.77 -20.38
C TYR B 565 -15.41 -35.47 -19.67
N SER B 566 -14.61 -34.67 -20.36
CA SER B 566 -14.15 -33.40 -19.81
C SER B 566 -15.06 -32.25 -20.21
N ILE B 567 -14.78 -31.06 -19.70
CA ILE B 567 -15.56 -29.86 -19.99
C ILE B 567 -15.86 -29.75 -21.47
N ASP B 568 -14.82 -29.50 -22.26
CA ASP B 568 -14.97 -29.36 -23.71
C ASP B 568 -15.39 -30.68 -24.34
N GLU B 569 -15.11 -31.78 -23.65
CA GLU B 569 -15.48 -33.11 -24.16
C GLU B 569 -16.99 -33.26 -24.14
N LEU B 570 -17.59 -32.97 -22.99
CA LEU B 570 -19.04 -33.05 -22.82
C LEU B 570 -19.75 -32.27 -23.92
N GLU B 571 -19.00 -31.43 -24.61
CA GLU B 571 -19.54 -30.61 -25.69
C GLU B 571 -19.83 -31.47 -26.91
N GLY B 572 -18.78 -32.04 -27.49
CA GLY B 572 -18.93 -32.87 -28.66
C GLY B 572 -19.97 -33.97 -28.52
N VAL B 573 -20.02 -34.60 -27.34
CA VAL B 573 -20.97 -35.67 -27.10
C VAL B 573 -22.41 -35.16 -27.23
N ILE B 574 -22.67 -33.99 -26.67
CA ILE B 574 -24.00 -33.39 -26.74
C ILE B 574 -24.43 -33.22 -28.20
N ASN B 575 -23.45 -33.06 -29.08
CA ASN B 575 -23.73 -32.88 -30.50
C ASN B 575 -24.31 -34.15 -31.12
N ARG B 576 -24.26 -35.25 -30.39
CA ARG B 576 -24.81 -36.52 -30.86
C ARG B 576 -26.31 -36.34 -31.08
N CYS B 577 -26.85 -35.28 -30.49
CA CYS B 577 -28.26 -34.94 -30.58
C CYS B 577 -28.41 -33.43 -30.46
N CYS B 578 -29.58 -32.91 -30.78
CA CYS B 578 -29.81 -31.47 -30.70
C CYS B 578 -30.94 -31.09 -29.73
N PRO B 579 -30.71 -31.27 -28.42
CA PRO B 579 -31.71 -30.96 -27.40
C PRO B 579 -31.49 -29.59 -26.75
N LYS B 580 -30.63 -28.77 -27.34
CA LYS B 580 -30.37 -27.45 -26.78
C LYS B 580 -31.63 -26.59 -26.84
N ALA B 581 -32.31 -26.60 -27.98
CA ALA B 581 -33.52 -25.81 -28.16
C ALA B 581 -34.70 -26.41 -27.38
N VAL B 582 -34.38 -27.22 -26.39
CA VAL B 582 -35.41 -27.87 -25.58
C VAL B 582 -35.87 -26.99 -24.45
N GLU B 583 -34.92 -26.44 -23.71
CA GLU B 583 -35.22 -25.56 -22.60
C GLU B 583 -35.40 -24.16 -23.20
N SER B 584 -35.58 -24.13 -24.51
CA SER B 584 -35.78 -22.90 -25.26
C SER B 584 -37.26 -22.61 -25.40
N LEU B 585 -38.04 -23.69 -25.46
CA LEU B 585 -39.47 -23.59 -25.59
C LEU B 585 -40.11 -23.39 -24.23
N LYS B 586 -39.28 -23.03 -23.25
CA LYS B 586 -39.76 -22.82 -21.89
C LYS B 586 -38.80 -21.92 -21.11
N TYR B 587 -37.63 -21.66 -21.69
CA TYR B 587 -36.62 -20.83 -21.04
C TYR B 587 -35.53 -20.51 -22.07
N GLY B 588 -34.36 -20.10 -21.59
CA GLY B 588 -33.26 -19.79 -22.49
C GLY B 588 -32.59 -21.07 -22.93
N LYS B 589 -32.13 -21.11 -24.19
CA LYS B 589 -31.49 -22.30 -24.72
C LYS B 589 -29.96 -22.29 -24.69
N VAL B 590 -29.37 -21.57 -25.63
CA VAL B 590 -27.92 -21.49 -25.71
C VAL B 590 -27.39 -21.11 -24.34
N GLU B 591 -28.19 -20.35 -23.59
CA GLU B 591 -27.83 -19.93 -22.25
C GLU B 591 -27.89 -21.10 -21.28
N PHE B 592 -28.97 -21.89 -21.37
CA PHE B 592 -29.13 -23.04 -20.49
C PHE B 592 -27.94 -23.96 -20.63
N ASN B 593 -27.27 -23.89 -21.77
CA ASN B 593 -26.10 -24.72 -22.03
C ASN B 593 -24.88 -24.03 -21.44
N VAL B 594 -24.92 -22.70 -21.41
CA VAL B 594 -23.82 -21.91 -20.86
C VAL B 594 -23.68 -22.25 -19.38
N VAL B 595 -24.56 -23.13 -18.89
CA VAL B 595 -24.54 -23.56 -17.50
C VAL B 595 -23.47 -24.64 -17.34
N LEU B 596 -22.85 -25.00 -18.45
CA LEU B 596 -21.80 -26.02 -18.45
C LEU B 596 -20.66 -25.59 -17.53
N ASN B 597 -20.49 -24.28 -17.38
CA ASN B 597 -19.45 -23.74 -16.50
C ASN B 597 -19.79 -24.12 -15.07
N GLN B 598 -21.03 -23.84 -14.69
CA GLN B 598 -21.52 -24.14 -13.34
C GLN B 598 -21.35 -25.64 -13.07
N LEU B 599 -21.25 -26.41 -14.15
CA LEU B 599 -21.11 -27.86 -14.06
C LEU B 599 -19.64 -28.28 -14.09
N ALA B 600 -18.88 -27.72 -15.02
CA ALA B 600 -17.47 -28.03 -15.17
C ALA B 600 -16.63 -27.49 -14.02
N LYS B 601 -17.08 -26.37 -13.46
CA LYS B 601 -16.37 -25.74 -12.35
C LYS B 601 -16.68 -26.42 -11.02
N GLY B 602 -17.75 -27.20 -10.99
CA GLY B 602 -18.11 -27.89 -9.76
C GLY B 602 -18.47 -26.91 -8.67
N ILE B 603 -19.10 -25.80 -9.06
CA ILE B 603 -19.50 -24.76 -8.11
C ILE B 603 -20.88 -25.08 -7.54
N ASN B 604 -21.91 -24.62 -8.24
CA ASN B 604 -23.29 -24.85 -7.82
C ASN B 604 -23.72 -26.22 -8.33
N THR B 605 -23.59 -27.24 -7.48
CA THR B 605 -23.97 -28.59 -7.84
C THR B 605 -24.44 -29.41 -6.65
N ALA B 606 -25.20 -30.46 -6.93
CA ALA B 606 -25.70 -31.34 -5.88
C ALA B 606 -25.36 -32.76 -6.34
N TYR B 607 -25.26 -33.69 -5.39
CA TYR B 607 -24.94 -35.07 -5.74
C TYR B 607 -26.12 -36.02 -5.68
N ALA B 608 -26.40 -36.66 -6.81
CA ALA B 608 -27.50 -37.60 -6.94
C ALA B 608 -27.03 -39.02 -7.21
N SER B 609 -27.98 -39.93 -7.37
CA SER B 609 -27.69 -41.33 -7.64
C SER B 609 -28.97 -42.03 -8.08
N SER B 610 -29.97 -41.23 -8.44
CA SER B 610 -31.26 -41.75 -8.87
C SER B 610 -31.18 -42.63 -10.11
N THR B 611 -31.85 -43.78 -10.06
CA THR B 611 -31.86 -44.69 -11.20
C THR B 611 -32.72 -44.09 -12.30
N GLY B 612 -33.80 -43.43 -11.89
CA GLY B 612 -34.69 -42.80 -12.86
C GLY B 612 -33.98 -41.67 -13.57
N ARG B 613 -33.26 -40.86 -12.81
CA ARG B 613 -32.52 -39.74 -13.38
C ARG B 613 -31.66 -40.23 -14.54
N VAL B 614 -30.83 -41.24 -14.28
CA VAL B 614 -29.97 -41.81 -15.30
C VAL B 614 -30.80 -42.19 -16.53
N LEU B 615 -31.89 -42.90 -16.30
CA LEU B 615 -32.78 -43.33 -17.37
C LEU B 615 -33.15 -42.13 -18.24
N ASP B 616 -33.66 -41.09 -17.60
CA ASP B 616 -34.05 -39.87 -18.30
C ASP B 616 -33.02 -39.47 -19.33
N ALA B 617 -31.77 -39.34 -18.89
CA ALA B 617 -30.68 -38.97 -19.77
C ALA B 617 -30.61 -39.93 -20.96
N ILE B 618 -30.71 -41.23 -20.65
CA ILE B 618 -30.68 -42.26 -21.68
C ILE B 618 -31.78 -42.01 -22.70
N ALA B 619 -32.81 -41.31 -22.26
CA ALA B 619 -33.94 -41.00 -23.12
C ALA B 619 -33.66 -39.73 -23.94
N VAL B 620 -32.93 -38.79 -23.36
CA VAL B 620 -32.58 -37.55 -24.05
C VAL B 620 -31.41 -37.82 -24.99
N LEU B 621 -30.42 -38.54 -24.49
CA LEU B 621 -29.25 -38.89 -25.26
C LEU B 621 -29.69 -39.65 -26.50
N LEU B 622 -31.01 -39.84 -26.61
CA LEU B 622 -31.58 -40.56 -27.74
C LEU B 622 -32.63 -39.73 -28.48
N ASN B 623 -33.47 -40.39 -29.27
CA ASN B 623 -34.47 -39.71 -30.08
C ASN B 623 -35.49 -38.78 -29.42
N VAL B 624 -36.48 -39.32 -28.73
CA VAL B 624 -37.51 -38.47 -28.12
C VAL B 624 -37.61 -38.51 -26.60
N ALA B 625 -37.37 -37.37 -25.95
CA ALA B 625 -37.46 -37.28 -24.51
C ALA B 625 -36.66 -36.08 -24.08
N TYR B 626 -37.34 -34.94 -23.99
CA TYR B 626 -36.68 -33.70 -23.65
C TYR B 626 -37.24 -33.00 -22.42
N ARG B 627 -38.49 -33.27 -22.08
CA ARG B 627 -39.10 -32.59 -20.95
C ARG B 627 -39.98 -33.41 -20.03
N ARG B 628 -39.71 -33.26 -18.74
CA ARG B 628 -40.46 -33.92 -17.68
C ARG B 628 -41.67 -33.02 -17.47
N HIS B 629 -42.70 -33.25 -18.26
CA HIS B 629 -43.91 -32.45 -18.17
C HIS B 629 -44.71 -32.77 -16.91
N TYR B 630 -44.14 -33.62 -16.06
CA TYR B 630 -44.78 -34.00 -14.80
C TYR B 630 -43.89 -34.91 -13.97
N GLU B 631 -44.51 -35.72 -13.11
CA GLU B 631 -43.77 -36.64 -12.24
C GLU B 631 -43.46 -37.97 -12.91
N GLY B 632 -42.28 -38.07 -13.52
CA GLY B 632 -41.88 -39.29 -14.18
C GLY B 632 -42.41 -39.43 -15.59
N GLU B 633 -41.69 -38.87 -16.55
CA GLU B 633 -42.11 -38.93 -17.96
C GLU B 633 -41.17 -39.76 -18.82
N PRO B 634 -39.86 -39.50 -18.75
CA PRO B 634 -38.86 -40.22 -19.53
C PRO B 634 -38.69 -41.68 -19.13
N ALA B 635 -38.64 -41.94 -17.83
CA ALA B 635 -38.48 -43.30 -17.32
C ALA B 635 -39.52 -44.21 -17.99
N LYS B 637 -41.35 -43.11 -21.05
CA LYS B 637 -41.16 -42.89 -22.47
C LYS B 637 -40.05 -43.79 -22.99
N LEU B 638 -38.99 -43.93 -22.19
CA LEU B 638 -37.84 -44.75 -22.56
C LEU B 638 -38.20 -46.23 -22.53
N GLU B 639 -38.90 -46.66 -21.49
CA GLU B 639 -39.28 -48.07 -21.38
C GLU B 639 -40.21 -48.47 -22.52
N SER B 640 -41.26 -47.67 -22.73
CA SER B 640 -42.23 -47.94 -23.79
C SER B 640 -41.52 -48.11 -25.13
N PHE B 641 -40.69 -47.13 -25.48
CA PHE B 641 -39.94 -47.17 -26.73
C PHE B 641 -39.01 -48.37 -26.79
N ALA B 642 -38.40 -48.70 -25.66
CA ALA B 642 -37.47 -49.81 -25.57
C ALA B 642 -38.11 -51.15 -25.93
N PHE B 643 -39.32 -51.39 -25.43
CA PHE B 643 -40.04 -52.63 -25.70
C PHE B 643 -39.89 -53.12 -27.14
N LYS B 644 -39.92 -52.18 -28.08
CA LYS B 644 -39.81 -52.49 -29.50
C LYS B 644 -38.44 -53.02 -29.92
N GLY B 645 -37.49 -53.06 -28.98
CA GLY B 645 -36.16 -53.54 -29.30
C GLY B 645 -36.12 -55.03 -29.55
N LYS B 646 -35.71 -55.42 -30.76
CA LYS B 646 -35.64 -56.83 -31.13
C LYS B 646 -34.35 -57.47 -30.62
N ASN B 647 -33.26 -57.26 -31.35
CA ASN B 647 -31.97 -57.83 -30.97
C ASN B 647 -31.46 -57.26 -29.65
N ASP B 648 -31.42 -58.12 -28.63
CA ASP B 648 -30.96 -57.72 -27.31
C ASP B 648 -29.43 -57.66 -27.24
N LEU B 649 -28.86 -56.53 -27.66
CA LEU B 649 -27.42 -56.35 -27.62
C LEU B 649 -26.96 -56.56 -26.19
N LYS B 650 -25.68 -56.88 -26.01
CA LYS B 650 -25.15 -57.11 -24.67
C LYS B 650 -24.29 -55.97 -24.13
N PHE B 651 -24.84 -55.23 -23.18
CA PHE B 651 -24.14 -54.13 -22.53
C PHE B 651 -23.75 -54.61 -21.14
N GLU B 652 -22.74 -53.98 -20.54
CA GLU B 652 -22.30 -54.40 -19.22
C GLU B 652 -21.86 -53.23 -18.34
N VAL B 653 -22.69 -52.87 -17.38
CA VAL B 653 -22.37 -51.79 -16.45
C VAL B 653 -21.48 -52.36 -15.35
N PRO B 654 -20.21 -51.91 -15.30
CA PRO B 654 -19.24 -52.36 -14.30
C PRO B 654 -19.63 -52.13 -12.84
N VAL B 655 -19.02 -52.91 -11.96
CA VAL B 655 -19.28 -52.82 -10.52
C VAL B 655 -17.99 -53.08 -9.76
N GLU B 656 -17.35 -52.00 -9.31
CA GLU B 656 -16.11 -52.11 -8.56
C GLU B 656 -16.32 -51.81 -7.07
N GLY B 657 -15.73 -52.63 -6.22
CA GLY B 657 -15.87 -52.43 -4.79
C GLY B 657 -17.33 -52.33 -4.38
N GLU B 658 -17.68 -51.22 -3.73
CA GLU B 658 -19.05 -51.00 -3.28
C GLU B 658 -19.69 -49.86 -4.06
N LEU B 659 -19.31 -49.73 -5.32
CA LEU B 659 -19.85 -48.68 -6.19
C LEU B 659 -20.06 -49.21 -7.60
N ILE B 660 -20.96 -48.57 -8.34
CA ILE B 660 -21.26 -48.98 -9.70
C ILE B 660 -20.98 -47.85 -10.68
N ARG B 661 -20.00 -48.05 -11.55
CA ARG B 661 -19.65 -47.05 -12.54
C ARG B 661 -20.74 -46.97 -13.62
N VAL B 662 -21.93 -46.57 -13.18
CA VAL B 662 -23.08 -46.44 -14.06
C VAL B 662 -22.80 -45.46 -15.20
N GLU B 663 -21.80 -44.60 -15.01
CA GLU B 663 -21.45 -43.63 -16.03
C GLU B 663 -20.97 -44.34 -17.28
N GLU B 664 -19.91 -45.15 -17.14
CA GLU B 664 -19.36 -45.90 -18.26
C GLU B 664 -20.47 -46.46 -19.14
N LEU B 665 -21.61 -46.78 -18.53
CA LEU B 665 -22.75 -47.30 -19.26
C LEU B 665 -22.97 -46.42 -20.48
N PHE B 666 -23.30 -45.16 -20.23
CA PHE B 666 -23.53 -44.19 -21.28
C PHE B 666 -22.39 -44.26 -22.29
N GLN B 667 -21.17 -44.27 -21.78
CA GLN B 667 -19.97 -44.33 -22.61
C GLN B 667 -20.09 -45.42 -23.66
N SER B 668 -20.32 -46.64 -23.22
CA SER B 668 -20.45 -47.78 -24.12
C SER B 668 -21.66 -47.62 -25.06
N ILE B 669 -22.78 -47.17 -24.51
CA ILE B 669 -23.99 -46.97 -25.29
C ILE B 669 -23.71 -46.13 -26.54
N LEU B 670 -22.93 -45.06 -26.36
CA LEU B 670 -22.59 -44.16 -27.45
C LEU B 670 -21.83 -44.89 -28.56
N GLU B 671 -20.85 -45.69 -28.18
CA GLU B 671 -20.05 -46.44 -29.15
C GLU B 671 -20.87 -47.42 -29.98
N ALA B 672 -22.17 -47.49 -29.70
CA ALA B 672 -23.04 -48.40 -30.42
C ALA B 672 -24.00 -47.67 -31.36
N ILE B 673 -24.10 -46.35 -31.20
CA ILE B 673 -24.98 -45.54 -32.02
C ILE B 673 -24.73 -45.78 -33.51
N GLU B 674 -23.46 -46.01 -33.87
CA GLU B 674 -23.09 -46.24 -35.25
C GLU B 674 -23.29 -47.70 -35.64
N GLY B 675 -24.50 -48.04 -36.08
CA GLY B 675 -24.80 -49.40 -36.48
C GLY B 675 -25.99 -49.95 -35.72
N ALA B 676 -25.91 -49.95 -34.40
CA ALA B 676 -26.99 -50.46 -33.56
C ALA B 676 -28.20 -49.53 -33.63
N SER B 677 -29.34 -50.06 -34.06
CA SER B 677 -30.56 -49.29 -34.18
C SER B 677 -30.91 -48.63 -32.84
N PRO B 678 -31.88 -47.70 -32.84
CA PRO B 678 -32.29 -47.02 -31.61
C PRO B 678 -32.99 -47.94 -30.60
N ALA B 679 -34.16 -48.43 -30.97
CA ALA B 679 -34.93 -49.32 -30.11
C ALA B 679 -34.06 -50.33 -29.37
N ASP B 680 -33.21 -51.03 -30.12
CA ASP B 680 -32.32 -52.03 -29.55
C ASP B 680 -31.47 -51.47 -28.41
N ILE B 681 -31.07 -50.21 -28.53
CA ILE B 681 -30.25 -49.57 -27.50
C ILE B 681 -31.06 -49.36 -26.22
N ALA B 682 -32.20 -48.69 -26.35
CA ALA B 682 -33.05 -48.43 -25.20
C ALA B 682 -33.34 -49.74 -24.47
N TYR B 683 -33.71 -50.76 -25.24
CA TYR B 683 -34.00 -52.07 -24.69
C TYR B 683 -32.76 -52.71 -24.08
N SER B 684 -31.66 -52.74 -24.84
CA SER B 684 -30.42 -53.32 -24.37
C SER B 684 -29.95 -52.68 -23.06
N ALA B 685 -29.54 -51.42 -23.13
CA ALA B 685 -29.08 -50.70 -21.95
C ALA B 685 -30.02 -50.90 -20.78
N HIS B 686 -31.31 -50.96 -21.07
CA HIS B 686 -32.34 -51.15 -20.05
C HIS B 686 -32.02 -52.37 -19.20
N LEU B 687 -31.95 -53.54 -19.85
CA LEU B 687 -31.65 -54.79 -19.16
C LEU B 687 -30.27 -54.75 -18.53
N ALA B 688 -29.28 -54.39 -19.33
CA ALA B 688 -27.89 -54.30 -18.87
C ALA B 688 -27.78 -53.58 -17.54
N LEU B 689 -28.52 -52.49 -17.39
CA LEU B 689 -28.50 -51.71 -16.16
C LEU B 689 -29.14 -52.50 -15.03
N ALA B 690 -30.21 -53.22 -15.34
CA ALA B 690 -30.94 -54.02 -14.36
C ALA B 690 -30.17 -55.27 -13.94
N ARG B 691 -29.68 -56.02 -14.91
CA ARG B 691 -28.94 -57.25 -14.64
C ARG B 691 -27.75 -57.02 -13.71
N ALA B 692 -26.80 -56.21 -14.16
CA ALA B 692 -25.61 -55.92 -13.37
C ALA B 692 -25.96 -55.30 -12.02
N PHE B 693 -27.07 -54.59 -11.96
CA PHE B 693 -27.51 -53.97 -10.72
C PHE B 693 -27.94 -55.06 -9.75
N ALA B 694 -28.69 -56.03 -10.27
CA ALA B 694 -29.18 -57.14 -9.46
C ALA B 694 -28.04 -58.11 -9.14
N HIS B 695 -27.26 -58.46 -10.16
CA HIS B 695 -26.14 -59.38 -9.98
C HIS B 695 -25.33 -59.01 -8.74
N THR B 696 -25.34 -57.73 -8.40
CA THR B 696 -24.62 -57.25 -7.22
C THR B 696 -25.37 -57.67 -5.97
N ALA B 697 -26.66 -57.34 -5.92
CA ALA B 697 -27.49 -57.70 -4.78
C ALA B 697 -27.26 -59.17 -4.47
N VAL B 698 -26.98 -59.94 -5.51
CA VAL B 698 -26.73 -61.37 -5.37
C VAL B 698 -25.46 -61.62 -4.56
N GLU B 699 -24.36 -61.05 -5.03
CA GLU B 699 -23.06 -61.19 -4.38
C GLU B 699 -23.15 -60.94 -2.88
N ARG B 700 -23.88 -59.89 -2.49
CA ARG B 700 -24.04 -59.55 -1.09
C ARG B 700 -24.91 -60.55 -0.34
N ALA B 701 -25.85 -61.16 -1.05
CA ALA B 701 -26.75 -62.14 -0.45
C ALA B 701 -25.97 -63.31 0.12
N ARG B 702 -24.84 -63.63 -0.52
CA ARG B 702 -23.99 -64.73 -0.09
C ARG B 702 -22.87 -64.25 0.83
N GLU B 703 -22.14 -63.24 0.39
CA GLU B 703 -21.05 -62.68 1.18
C GLU B 703 -21.50 -62.35 2.61
N PHE B 704 -22.79 -62.06 2.75
CA PHE B 704 -23.36 -61.73 4.05
C PHE B 704 -24.34 -62.79 4.54
N GLY B 705 -24.52 -63.84 3.75
CA GLY B 705 -25.41 -64.92 4.12
C GLY B 705 -26.83 -64.49 4.44
N VAL B 706 -27.64 -64.27 3.41
CA VAL B 706 -29.03 -63.87 3.59
C VAL B 706 -29.92 -64.64 2.62
N LYS B 707 -31.15 -64.91 3.04
CA LYS B 707 -32.11 -65.67 2.24
C LYS B 707 -32.57 -65.04 0.93
N ASN B 708 -33.36 -63.97 1.00
CA ASN B 708 -33.86 -63.35 -0.22
C ASN B 708 -33.68 -61.85 -0.37
N VAL B 709 -33.84 -61.38 -1.61
CA VAL B 709 -33.72 -59.97 -1.95
C VAL B 709 -35.10 -59.47 -2.35
N ALA B 710 -35.23 -58.17 -2.59
CA ALA B 710 -36.53 -57.61 -2.96
C ALA B 710 -36.43 -56.26 -3.67
N LEU B 711 -37.00 -56.21 -4.87
CA LEU B 711 -37.00 -54.98 -5.67
C LEU B 711 -38.15 -54.11 -5.20
N SER B 712 -37.95 -52.80 -5.22
CA SER B 712 -38.99 -51.86 -4.79
C SER B 712 -38.55 -50.42 -5.00
N GLY B 713 -39.52 -49.54 -5.28
CA GLY B 713 -39.21 -48.14 -5.49
C GLY B 713 -39.92 -47.56 -6.70
N GLY B 714 -39.49 -46.37 -7.11
CA GLY B 714 -40.09 -45.71 -8.26
C GLY B 714 -39.89 -46.49 -9.53
N VAL B 715 -38.64 -46.71 -9.91
CA VAL B 715 -38.30 -47.45 -11.11
C VAL B 715 -38.54 -48.94 -10.86
N ALA B 716 -39.64 -49.23 -10.18
CA ALA B 716 -40.00 -50.60 -9.85
C ALA B 716 -40.92 -51.18 -10.93
N TYR B 717 -41.93 -50.40 -11.31
CA TYR B 717 -42.87 -50.85 -12.34
C TYR B 717 -42.19 -51.01 -13.69
N ASN B 718 -40.87 -50.80 -13.73
CA ASN B 718 -40.12 -50.96 -14.97
C ASN B 718 -39.95 -52.43 -15.28
N GLU B 719 -40.83 -52.95 -16.14
CA GLU B 719 -40.79 -54.36 -16.52
C GLU B 719 -39.44 -54.74 -17.10
N LEU B 720 -38.93 -53.94 -18.04
CA LEU B 720 -37.64 -54.23 -18.67
C LEU B 720 -36.56 -54.45 -17.62
N ILE B 721 -36.72 -53.81 -16.47
CA ILE B 721 -35.76 -53.92 -15.38
C ILE B 721 -36.17 -54.98 -14.37
N THR B 722 -37.48 -55.10 -14.14
CA THR B 722 -37.99 -56.10 -13.19
C THR B 722 -37.87 -57.49 -13.78
N LYS B 723 -37.96 -57.58 -15.11
CA LYS B 723 -37.86 -58.87 -15.79
C LYS B 723 -36.44 -59.41 -15.71
N ILE B 725 -33.74 -57.87 -13.27
CA ILE B 725 -33.38 -57.82 -11.86
C ILE B 725 -33.99 -58.98 -11.07
N ARG B 726 -35.19 -59.37 -11.44
CA ARG B 726 -35.88 -60.46 -10.76
C ARG B 726 -35.42 -61.82 -11.28
N LYS B 727 -35.37 -61.97 -12.60
CA LYS B 727 -34.94 -63.23 -13.21
C LYS B 727 -33.54 -63.63 -12.77
N VAL B 728 -32.67 -62.66 -12.55
CA VAL B 728 -31.31 -62.94 -12.13
C VAL B 728 -31.33 -63.63 -10.77
N VAL B 729 -32.25 -63.19 -9.91
CA VAL B 729 -32.36 -63.74 -8.57
C VAL B 729 -32.87 -65.19 -8.58
N GLU B 730 -32.85 -65.81 -9.75
CA GLU B 730 -33.30 -67.20 -9.87
C GLU B 730 -32.11 -68.11 -9.58
N ALA B 731 -30.91 -67.53 -9.63
CA ALA B 731 -29.69 -68.27 -9.36
C ALA B 731 -29.42 -68.18 -7.86
N ASN B 732 -30.37 -67.57 -7.14
CA ASN B 732 -30.26 -67.40 -5.70
C ASN B 732 -31.64 -67.64 -5.08
N GLY B 733 -31.78 -67.29 -3.80
CA GLY B 733 -33.05 -67.47 -3.13
C GLY B 733 -34.16 -66.73 -3.86
N LEU B 734 -35.41 -67.13 -3.60
CA LEU B 734 -36.56 -66.51 -4.25
C LEU B 734 -36.87 -65.13 -3.70
N ASN B 735 -36.80 -64.12 -4.56
CA ASN B 735 -37.08 -62.76 -4.14
C ASN B 735 -38.57 -62.48 -4.23
N PHE B 736 -38.97 -61.25 -3.89
CA PHE B 736 -40.36 -60.86 -3.94
C PHE B 736 -40.48 -59.34 -3.96
N HIS B 737 -41.25 -58.82 -4.92
CA HIS B 737 -41.45 -57.38 -5.03
C HIS B 737 -42.89 -57.06 -4.65
N VAL B 738 -43.05 -56.00 -3.87
CA VAL B 738 -44.37 -55.56 -3.42
C VAL B 738 -45.47 -55.84 -4.44
N THR B 739 -46.37 -56.76 -4.11
CA THR B 739 -47.46 -57.13 -5.01
C THR B 739 -48.66 -56.20 -4.90
N THR B 740 -49.79 -56.63 -5.42
CA THR B 740 -51.04 -55.87 -5.40
C THR B 740 -51.26 -55.13 -4.07
N GLU B 741 -51.28 -55.89 -2.97
CA GLU B 741 -51.50 -55.32 -1.65
C GLU B 741 -50.82 -53.95 -1.52
N VAL B 742 -49.53 -53.97 -1.23
CA VAL B 742 -48.75 -52.74 -1.09
C VAL B 742 -48.10 -52.41 -2.44
N PRO B 743 -48.04 -51.13 -2.80
CA PRO B 743 -47.43 -50.73 -4.08
C PRO B 743 -45.94 -50.42 -3.94
N ARG B 744 -45.17 -50.79 -4.97
CA ARG B 744 -43.73 -50.54 -4.97
C ARG B 744 -43.48 -49.05 -5.22
N GLY B 745 -44.56 -48.31 -5.40
CA GLY B 745 -44.44 -46.89 -5.65
C GLY B 745 -44.30 -46.07 -4.38
N ASP B 746 -44.11 -44.76 -4.55
CA ASP B 746 -43.95 -43.85 -3.42
C ASP B 746 -45.09 -43.92 -2.42
N ASN B 747 -46.32 -43.81 -2.90
CA ASN B 747 -47.50 -43.86 -2.03
C ASN B 747 -47.46 -45.01 -1.03
N GLY B 748 -46.84 -46.12 -1.43
CA GLY B 748 -46.76 -47.27 -0.54
C GLY B 748 -45.52 -47.28 0.31
N VAL B 749 -44.98 -46.10 0.58
CA VAL B 749 -43.78 -45.98 1.40
C VAL B 749 -44.16 -45.80 2.87
N ASN B 750 -45.42 -45.50 3.12
CA ASN B 750 -45.91 -45.28 4.48
C ASN B 750 -45.88 -46.58 5.29
N VAL B 751 -46.16 -47.70 4.63
CA VAL B 751 -46.17 -49.00 5.30
C VAL B 751 -44.74 -49.40 5.64
N GLY B 752 -43.86 -49.34 4.63
CA GLY B 752 -42.48 -49.70 4.84
C GLY B 752 -41.93 -48.99 6.06
N GLN B 753 -42.53 -47.85 6.40
CA GLN B 753 -42.11 -47.05 7.54
C GLN B 753 -42.67 -47.64 8.84
N ALA B 754 -43.98 -47.77 8.88
CA ALA B 754 -44.67 -48.30 10.05
C ALA B 754 -43.94 -49.49 10.67
N PHE B 755 -43.83 -50.58 9.91
CA PHE B 755 -43.16 -51.78 10.39
C PHE B 755 -41.67 -51.52 10.61
N LEU B 756 -41.20 -50.40 10.09
CA LEU B 756 -39.80 -50.01 10.20
C LEU B 756 -39.57 -49.17 11.45
N GLY B 757 -40.38 -48.13 11.60
CA GLY B 757 -40.26 -47.26 12.76
C GLY B 757 -40.74 -47.96 14.02
N GLY B 758 -41.95 -48.53 13.96
CA GLY B 758 -42.49 -49.24 15.10
C GLY B 758 -41.54 -50.34 15.53
N LEU B 759 -40.61 -50.68 14.65
CA LEU B 759 -39.62 -51.71 14.91
C LEU B 759 -38.56 -51.16 15.86
N TYR B 760 -38.23 -49.89 15.69
CA TYR B 760 -37.24 -49.23 16.54
C TYR B 760 -37.82 -49.07 17.94
N LEU B 761 -39.08 -48.69 18.02
CA LEU B 761 -39.76 -48.53 19.30
C LEU B 761 -39.59 -49.79 20.12
N GLU B 762 -39.60 -50.93 19.43
CA GLU B 762 -39.44 -52.23 20.07
C GLU B 762 -38.03 -52.37 20.64
N GLY B 763 -37.04 -51.87 19.90
CA GLY B 763 -35.67 -51.94 20.36
C GLY B 763 -34.81 -52.86 19.51
N TYR B 764 -35.43 -53.51 18.53
CA TYR B 764 -34.70 -54.41 17.65
C TYR B 764 -33.84 -53.63 16.67
N LEU B 765 -34.08 -52.33 16.58
CA LEU B 765 -33.32 -51.45 15.70
C LEU B 765 -32.65 -50.35 16.50
N THR B 766 -31.54 -49.82 16.00
CA THR B 766 -30.82 -48.77 16.69
C THR B 766 -31.37 -47.40 16.34
N LYS B 767 -31.56 -46.56 17.36
CA LYS B 767 -32.09 -45.22 17.18
C LYS B 767 -31.36 -44.38 16.13
N GLU B 768 -30.15 -44.78 15.78
CA GLU B 768 -29.37 -44.01 14.81
C GLU B 768 -28.86 -44.74 13.58
N ASP B 769 -29.40 -45.92 13.28
CA ASP B 769 -28.97 -46.65 12.09
C ASP B 769 -29.91 -46.41 10.92
N LEU B 770 -30.84 -45.48 11.12
CA LEU B 770 -31.80 -45.10 10.09
C LEU B 770 -31.41 -43.70 9.66
N LEU B 772 -28.24 -42.48 10.02
CA LEU B 772 -26.93 -42.60 9.38
C LEU B 772 -26.51 -44.06 9.31
N HIS C 5 4.97 57.51 4.28
CA HIS C 5 5.41 57.41 5.69
C HIS C 5 4.39 56.64 6.54
N ILE C 6 4.86 55.62 7.24
CA ILE C 6 4.01 54.80 8.09
C ILE C 6 4.59 54.73 9.50
N HIS C 7 3.91 55.35 10.46
CA HIS C 7 4.36 55.37 11.85
C HIS C 7 3.73 54.22 12.64
N VAL C 8 4.37 53.06 12.59
CA VAL C 8 3.90 51.87 13.30
C VAL C 8 4.79 51.62 14.50
N GLN C 9 4.22 51.04 15.56
CA GLN C 9 4.98 50.75 16.77
C GLN C 9 4.41 49.53 17.50
N GLY C 10 5.10 49.10 18.55
CA GLY C 10 4.64 47.95 19.31
C GLY C 10 5.66 46.82 19.40
N ILE C 11 5.24 45.63 18.99
CA ILE C 11 6.08 44.44 19.02
C ILE C 11 6.94 44.39 17.75
N VAL C 12 7.57 45.52 17.43
CA VAL C 12 8.40 45.60 16.23
C VAL C 12 9.90 45.57 16.48
N GLN C 13 10.43 46.62 17.12
CA GLN C 13 11.86 46.73 17.39
C GLN C 13 12.59 45.45 17.80
N ALA C 14 12.28 44.94 18.99
CA ALA C 14 12.94 43.73 19.50
C ALA C 14 13.16 42.64 18.46
N VAL C 15 12.07 42.06 17.97
CA VAL C 15 12.14 40.99 16.98
C VAL C 15 12.82 41.43 15.69
N GLY C 16 13.06 40.47 14.80
CA GLY C 16 13.68 40.78 13.53
C GLY C 16 12.68 41.36 12.56
N PHE C 17 12.27 42.60 12.81
CA PHE C 17 11.30 43.28 11.96
C PHE C 17 12.00 44.07 10.86
N ARG C 18 13.08 44.76 11.23
CA ARG C 18 13.83 45.55 10.26
C ARG C 18 14.11 44.72 9.01
N PRO C 19 14.66 43.52 9.18
CA PRO C 19 14.96 42.66 8.03
C PRO C 19 13.69 42.36 7.23
N PHE C 20 12.59 42.19 7.95
CA PHE C 20 11.30 41.89 7.31
C PHE C 20 10.80 43.06 6.47
N VAL C 21 10.74 44.25 7.06
CA VAL C 21 10.26 45.43 6.35
C VAL C 21 11.17 45.74 5.16
N TYR C 22 12.42 45.26 5.22
CA TYR C 22 13.37 45.49 4.15
C TYR C 22 13.03 44.62 2.95
N ARG C 23 12.65 43.37 3.21
CA ARG C 23 12.29 42.43 2.15
C ARG C 23 10.91 42.77 1.57
N ILE C 24 9.94 42.95 2.46
CA ILE C 24 8.58 43.27 2.06
C ILE C 24 8.57 44.49 1.14
N ALA C 25 9.49 45.42 1.38
CA ALA C 25 9.59 46.63 0.57
C ALA C 25 10.12 46.35 -0.82
N HIS C 26 11.26 45.69 -0.89
CA HIS C 26 11.88 45.37 -2.17
C HIS C 26 11.02 44.44 -3.02
N GLU C 27 10.30 43.54 -2.39
CA GLU C 27 9.44 42.62 -3.14
C GLU C 27 8.39 43.41 -3.91
N HIS C 28 8.06 44.59 -3.42
CA HIS C 28 7.09 45.46 -4.08
C HIS C 28 7.83 46.54 -4.85
N ASN C 29 9.12 46.32 -5.06
CA ASN C 29 9.98 47.26 -5.79
C ASN C 29 9.68 48.71 -5.43
N LEU C 30 9.14 48.93 -4.24
CA LEU C 30 8.83 50.27 -3.78
C LEU C 30 9.87 50.71 -2.76
N ARG C 31 11.05 51.08 -3.28
CA ARG C 31 12.15 51.52 -2.43
C ARG C 31 11.71 52.57 -1.42
N GLY C 32 12.53 52.79 -0.41
CA GLY C 32 12.22 53.76 0.62
C GLY C 32 13.28 53.78 1.70
N TYR C 33 12.84 53.69 2.95
CA TYR C 33 13.76 53.70 4.08
C TYR C 33 13.03 53.56 5.41
N VAL C 34 13.34 52.48 6.13
CA VAL C 34 12.73 52.22 7.43
C VAL C 34 13.57 52.80 8.55
N LYS C 35 12.91 53.48 9.48
CA LYS C 35 13.60 54.09 10.61
C LYS C 35 13.45 53.23 11.86
N ASN C 36 13.89 53.76 13.00
CA ASN C 36 13.79 53.05 14.26
C ASN C 36 14.42 53.87 15.39
N LEU C 37 13.66 54.12 16.44
CA LEU C 37 14.14 54.89 17.58
C LEU C 37 14.83 53.98 18.60
N GLY C 38 14.87 52.69 18.29
CA GLY C 38 15.51 51.74 19.19
C GLY C 38 14.52 51.01 20.09
N ASP C 39 13.53 51.73 20.59
CA ASP C 39 12.52 51.14 21.46
C ASP C 39 11.12 51.48 20.96
N ALA C 40 10.90 52.76 20.67
CA ALA C 40 9.62 53.23 20.17
C ALA C 40 9.85 54.31 19.13
N GLY C 41 9.72 53.96 17.87
CA GLY C 41 9.92 54.92 16.80
C GLY C 41 10.22 54.24 15.48
N VAL C 42 9.27 53.43 15.02
CA VAL C 42 9.44 52.72 13.76
C VAL C 42 8.64 53.38 12.65
N GLU C 43 9.34 53.79 11.59
CA GLU C 43 8.73 54.43 10.45
C GLU C 43 9.06 53.64 9.19
N ILE C 44 8.41 54.01 8.09
CA ILE C 44 8.63 53.33 6.82
C ILE C 44 8.41 54.31 5.67
N VAL C 45 9.47 55.00 5.26
CA VAL C 45 9.38 55.97 4.18
C VAL C 45 9.27 55.21 2.85
N VAL C 46 8.22 54.39 2.75
CA VAL C 46 7.97 53.61 1.55
C VAL C 46 7.61 54.52 0.38
N GLU C 47 8.55 54.70 -0.54
CA GLU C 47 8.34 55.55 -1.71
C GLU C 47 8.12 54.70 -2.95
N GLY C 48 7.14 55.11 -3.77
CA GLY C 48 6.84 54.37 -4.98
C GLY C 48 5.45 54.68 -5.50
N ARG C 49 4.85 53.74 -6.20
CA ARG C 49 3.51 53.92 -6.75
C ARG C 49 2.44 53.54 -5.72
N GLU C 50 1.21 53.40 -6.19
CA GLU C 50 0.09 53.05 -5.31
C GLU C 50 -0.16 51.55 -5.17
N GLU C 51 -0.05 50.80 -6.26
CA GLU C 51 -0.29 49.36 -6.19
C GLU C 51 0.61 48.66 -5.19
N ASP C 52 1.62 49.36 -4.69
CA ASP C 52 2.53 48.78 -3.71
C ASP C 52 2.31 49.36 -2.32
N ILE C 53 1.84 50.61 -2.27
CA ILE C 53 1.58 51.27 -1.00
C ILE C 53 0.53 50.48 -0.23
N GLU C 54 -0.24 49.67 -0.96
CA GLU C 54 -1.28 48.83 -0.36
C GLU C 54 -0.77 47.43 -0.08
N ALA C 55 -0.11 46.84 -1.08
CA ALA C 55 0.44 45.50 -0.95
C ALA C 55 1.39 45.47 0.24
N PHE C 56 2.16 46.55 0.38
CA PHE C 56 3.12 46.68 1.46
C PHE C 56 2.39 46.68 2.80
N ILE C 57 1.49 47.64 2.96
CA ILE C 57 0.70 47.79 4.18
C ILE C 57 -0.07 46.52 4.53
N GLU C 58 -0.26 45.65 3.55
CA GLU C 58 -1.00 44.41 3.76
C GLU C 58 -0.12 43.28 4.29
N ASP C 59 1.00 43.03 3.60
CA ASP C 59 1.92 41.97 4.00
C ASP C 59 2.60 42.30 5.33
N LEU C 60 2.41 43.53 5.80
CA LEU C 60 3.01 43.97 7.05
C LEU C 60 2.43 43.22 8.24
N TYR C 61 1.24 42.67 8.05
CA TYR C 61 0.55 41.91 9.10
C TYR C 61 0.78 40.40 8.99
N LYS C 62 0.30 39.84 7.88
CA LYS C 62 0.39 38.41 7.60
C LYS C 62 1.79 37.87 7.37
N LYS C 63 2.74 38.74 7.06
CA LYS C 63 4.09 38.29 6.78
C LYS C 63 5.13 38.79 7.79
N LYS C 64 4.67 39.61 8.72
CA LYS C 64 5.55 40.17 9.76
C LYS C 64 6.26 39.02 10.50
N PRO C 65 7.29 39.35 11.30
CA PRO C 65 7.98 38.28 12.03
C PRO C 65 7.01 37.43 12.86
N PRO C 66 7.24 36.11 12.89
CA PRO C 66 6.39 35.18 13.64
C PRO C 66 6.30 35.50 15.12
N LEU C 67 6.91 36.62 15.52
CA LEU C 67 6.89 37.05 16.90
C LEU C 67 6.47 38.50 17.01
N ALA C 68 5.38 38.86 16.32
CA ALA C 68 4.90 40.24 16.36
C ALA C 68 3.47 40.38 15.83
N ARG C 69 2.85 41.49 16.21
CA ARG C 69 1.48 41.80 15.81
C ARG C 69 1.37 43.31 15.63
N ILE C 70 0.94 43.74 14.46
CA ILE C 70 0.79 45.16 14.18
C ILE C 70 0.08 45.82 15.35
N ASP C 71 0.68 46.89 15.88
CA ASP C 71 0.10 47.57 17.04
C ASP C 71 -0.33 49.01 16.79
N ARG C 72 -0.05 49.53 15.60
CA ARG C 72 -0.41 50.91 15.27
C ARG C 72 -0.08 51.16 13.80
N ILE C 73 -1.06 51.68 13.04
CA ILE C 73 -0.82 51.94 11.64
C ILE C 73 -1.71 53.03 11.03
N GLU C 74 -1.15 53.79 10.10
CA GLU C 74 -1.87 54.85 9.42
C GLU C 74 -1.22 55.15 8.07
N LYS C 75 -1.99 54.98 7.00
CA LYS C 75 -1.50 55.22 5.65
C LYS C 75 -1.33 56.71 5.39
N LYS C 76 -0.36 57.06 4.56
CA LYS C 76 -0.09 58.45 4.23
C LYS C 76 0.14 58.61 2.73
N GLY C 82 10.96 62.84 -0.15
CA GLY C 82 10.97 62.55 -1.58
C GLY C 82 11.12 61.07 -1.86
N PHE C 83 11.36 60.74 -3.13
CA PHE C 83 11.51 59.35 -3.55
C PHE C 83 12.97 58.92 -3.41
N ASP C 84 13.31 57.76 -4.00
CA ASP C 84 14.66 57.25 -3.93
C ASP C 84 14.92 56.17 -4.98
N ARG C 85 15.96 55.38 -4.74
CA ARG C 85 16.33 54.31 -5.67
C ARG C 85 16.68 53.03 -4.91
N PHE C 86 17.02 53.18 -3.63
CA PHE C 86 17.39 52.03 -2.80
C PHE C 86 16.76 52.17 -1.42
N TYR C 87 16.01 51.16 -1.00
CA TYR C 87 15.37 51.17 0.32
C TYR C 87 16.42 50.80 1.35
N ILE C 88 16.58 51.64 2.37
CA ILE C 88 17.58 51.42 3.40
C ILE C 88 17.01 51.55 4.81
N GLU C 89 17.70 52.30 5.66
CA GLU C 89 17.28 52.52 7.03
C GLU C 89 18.26 53.50 7.69
N LYS C 90 18.27 53.53 9.02
CA LYS C 90 19.18 54.42 9.75
C LYS C 90 19.59 53.80 11.07
N SER C 91 20.60 52.92 11.02
CA SER C 91 21.10 52.25 12.22
C SER C 91 21.51 53.28 13.28
N ASP C 99 19.75 47.04 21.89
CA ASP C 99 18.98 46.34 22.91
C ASP C 99 18.49 45.00 22.39
N SER C 100 19.17 43.93 22.78
CA SER C 100 18.81 42.59 22.35
C SER C 100 18.20 41.75 23.48
N ILE C 101 17.37 40.79 23.11
CA ILE C 101 16.72 39.89 24.06
C ILE C 101 16.71 38.48 23.49
N ILE C 102 16.78 37.48 24.36
CA ILE C 102 16.79 36.09 23.92
C ILE C 102 15.45 35.67 23.35
N PRO C 103 15.45 35.10 22.13
CA PRO C 103 14.23 34.65 21.45
C PRO C 103 13.91 33.19 21.80
N PRO C 104 12.61 32.86 21.93
CA PRO C 104 12.22 31.49 22.27
C PRO C 104 12.22 30.56 21.05
N ASP C 105 12.46 29.28 21.31
CA ASP C 105 12.50 28.28 20.24
C ASP C 105 11.22 28.32 19.43
N ILE C 106 11.36 28.51 18.12
CA ILE C 106 10.21 28.57 17.23
C ILE C 106 10.10 27.33 16.35
N ALA C 107 8.88 26.89 16.09
CA ALA C 107 8.64 25.73 15.25
C ALA C 107 8.82 26.12 13.79
N ILE C 108 9.24 25.18 12.96
CA ILE C 108 9.45 25.44 11.55
C ILE C 108 8.33 26.28 10.96
N CYS C 109 8.69 27.23 10.09
CA CYS C 109 7.69 28.09 9.48
C CYS C 109 7.07 27.42 8.25
N ASP C 110 5.80 27.69 8.01
CA ASP C 110 5.09 27.12 6.88
C ASP C 110 5.92 27.13 5.60
N ASP C 111 6.51 28.28 5.29
CA ASP C 111 7.33 28.42 4.09
C ASP C 111 8.45 27.38 3.99
N CYS C 112 9.34 27.36 4.97
CA CYS C 112 10.44 26.40 4.95
C CYS C 112 9.94 24.98 4.80
N LEU C 113 8.69 24.75 5.21
CA LEU C 113 8.07 23.44 5.09
C LEU C 113 8.05 23.07 3.61
N ARG C 114 7.27 23.83 2.85
CA ARG C 114 7.12 23.64 1.41
C ARG C 114 8.48 23.35 0.77
N GLU C 115 9.48 24.09 1.19
CA GLU C 115 10.85 23.95 0.67
C GLU C 115 11.41 22.54 0.84
N LEU C 116 11.62 22.12 2.08
CA LEU C 116 12.17 20.80 2.36
C LEU C 116 11.28 19.71 1.78
N PHE C 117 9.97 19.88 1.92
CA PHE C 117 9.01 18.91 1.42
C PHE C 117 8.81 19.03 -0.08
N ASP C 118 9.78 19.60 -0.77
CA ASP C 118 9.68 19.75 -2.22
C ASP C 118 11.00 19.65 -2.97
N PRO C 119 10.98 19.02 -4.16
CA PRO C 119 12.07 18.76 -5.10
C PRO C 119 13.08 19.86 -5.44
N THR C 120 12.57 21.04 -5.76
CA THR C 120 13.39 22.18 -6.17
C THR C 120 14.49 22.70 -5.26
N ASN C 121 14.25 22.73 -3.96
CA ASN C 121 15.23 23.27 -3.01
C ASN C 121 16.47 22.43 -2.67
N LYS C 122 17.58 23.14 -2.51
CA LYS C 122 18.88 22.56 -2.16
C LYS C 122 18.72 21.75 -0.87
N ARG C 123 17.76 22.16 -0.05
CA ARG C 123 17.49 21.51 1.23
C ARG C 123 16.35 20.50 1.09
N TYR C 124 16.25 19.90 -0.10
CA TYR C 124 15.20 18.91 -0.36
C TYR C 124 15.20 17.85 0.74
N TYR C 126 15.55 18.17 3.77
CA TYR C 126 16.61 18.41 4.75
C TYR C 126 15.99 18.71 6.11
N PRO C 127 16.27 17.83 7.09
CA PRO C 127 15.77 17.93 8.48
C PRO C 127 16.05 19.26 9.18
N PHE C 128 17.32 19.55 9.44
CA PHE C 128 17.67 20.77 10.13
C PHE C 128 17.47 22.03 9.28
N ILE C 129 16.26 22.21 8.79
CA ILE C 129 15.94 23.39 7.97
C ILE C 129 15.50 24.52 8.90
N VAL C 130 15.60 25.76 8.42
CA VAL C 130 15.22 26.90 9.24
C VAL C 130 15.42 28.23 8.53
N CYS C 131 14.66 29.24 8.96
CA CYS C 131 14.77 30.58 8.38
C CYS C 131 14.99 31.55 9.53
N THR C 132 15.02 32.84 9.23
CA THR C 132 15.23 33.84 10.26
C THR C 132 13.96 34.03 11.09
N ASN C 133 13.01 33.11 10.92
CA ASN C 133 11.75 33.18 11.64
C ASN C 133 11.32 31.84 12.21
N CYS C 134 12.27 30.94 12.42
CA CYS C 134 11.96 29.62 12.99
C CYS C 134 13.23 28.91 13.45
N GLY C 135 13.12 27.59 13.58
CA GLY C 135 14.26 26.80 14.01
C GLY C 135 14.51 26.90 15.50
N PRO C 136 15.56 26.23 16.01
CA PRO C 136 15.90 26.25 17.44
C PRO C 136 16.42 27.61 17.90
N ARG C 137 16.18 27.92 19.17
CA ARG C 137 16.62 29.17 19.75
C ARG C 137 17.20 28.96 21.14
N PHE C 138 16.41 29.26 22.16
CA PHE C 138 16.83 29.09 23.55
C PHE C 138 17.53 27.77 23.79
N THR C 139 16.92 26.69 23.31
CA THR C 139 17.46 25.35 23.47
C THR C 139 18.92 25.21 23.05
N ILE C 140 19.44 26.21 22.35
CA ILE C 140 20.82 26.15 21.88
C ILE C 140 21.58 27.47 21.94
N ILE C 141 20.95 28.50 22.52
CA ILE C 141 21.60 29.80 22.65
C ILE C 141 22.70 29.74 23.70
N GLU C 142 23.94 29.53 23.26
CA GLU C 142 25.06 29.45 24.19
C GLU C 142 25.03 30.58 25.20
N ASP C 143 24.87 31.81 24.70
CA ASP C 143 24.83 32.98 25.58
C ASP C 143 24.87 34.27 24.78
N LEU C 144 24.20 35.30 25.27
CA LEU C 144 24.18 36.59 24.61
C LEU C 144 25.61 37.13 24.60
N PRO C 145 25.99 37.84 23.53
CA PRO C 145 25.20 38.15 22.34
C PRO C 145 24.74 36.93 21.54
N TYR C 146 23.68 37.12 20.76
CA TYR C 146 23.14 36.05 19.92
C TYR C 146 23.97 35.99 18.65
N ASP C 147 24.82 34.97 18.55
CA ASP C 147 25.68 34.84 17.38
C ASP C 147 26.00 33.37 17.08
N ARG C 148 26.24 33.08 15.81
CA ARG C 148 26.56 31.74 15.34
C ARG C 148 27.64 31.12 16.23
N GLU C 149 28.80 31.76 16.27
CA GLU C 149 29.92 31.28 17.07
C GLU C 149 29.60 31.21 18.56
N ASN C 150 28.41 31.67 18.93
CA ASN C 150 27.99 31.65 20.33
C ASN C 150 26.69 30.87 20.51
N THR C 151 26.67 29.66 19.96
CA THR C 151 25.50 28.78 20.06
C THR C 151 25.92 27.35 19.74
N THR C 152 25.03 26.41 19.99
CA THR C 152 25.33 25.00 19.73
C THR C 152 25.77 24.77 18.29
N LYS C 154 27.82 26.22 16.73
CA LYS C 154 29.16 26.76 16.59
C LYS C 154 30.08 25.70 15.98
N GLU C 155 29.89 24.45 16.40
CA GLU C 155 30.71 23.35 15.92
C GLU C 155 30.38 23.03 14.46
N PHE C 156 29.75 23.98 13.77
CA PHE C 156 29.37 23.80 12.38
C PHE C 156 29.79 24.95 11.47
N PRO C 157 30.88 24.77 10.72
CA PRO C 157 31.36 25.81 9.80
C PRO C 157 30.42 25.95 8.61
N CYS C 159 29.06 26.22 5.17
CA CYS C 159 29.58 25.93 3.84
C CYS C 159 29.50 27.23 3.04
N ASP C 160 30.46 27.44 2.16
CA ASP C 160 30.52 28.64 1.33
C ASP C 160 29.17 29.05 0.76
N PHE C 161 28.33 28.07 0.43
CA PHE C 161 27.02 28.34 -0.13
C PHE C 161 26.08 29.04 0.87
N CYS C 162 25.83 28.39 1.99
CA CYS C 162 24.95 28.96 3.02
C CYS C 162 25.26 30.42 3.32
N ARG C 163 26.54 30.74 3.46
CA ARG C 163 26.95 32.11 3.75
C ARG C 163 26.42 33.07 2.70
N SER C 164 26.46 32.65 1.44
CA SER C 164 25.98 33.48 0.34
C SER C 164 24.63 34.09 0.71
N GLU C 165 23.72 33.24 1.19
CA GLU C 165 22.40 33.70 1.60
C GLU C 165 22.52 34.44 2.93
N TYR C 166 23.29 33.86 3.85
CA TYR C 166 23.51 34.44 5.17
C TYR C 166 23.83 35.93 5.04
N GLU C 167 24.68 36.26 4.08
CA GLU C 167 25.09 37.65 3.86
C GLU C 167 23.99 38.46 3.18
N ASP C 168 23.48 37.95 2.07
CA ASP C 168 22.43 38.64 1.32
C ASP C 168 21.31 39.13 2.25
N PRO C 169 20.96 40.44 2.15
CA PRO C 169 19.91 41.04 2.97
C PRO C 169 18.50 40.68 2.52
N LEU C 170 18.35 40.38 1.24
CA LEU C 170 17.04 40.02 0.68
C LEU C 170 16.59 38.64 1.11
N ASN C 171 17.39 37.62 0.80
CA ASN C 171 17.04 36.25 1.16
C ASN C 171 16.65 36.16 2.64
N ARG C 172 15.69 35.30 2.93
CA ARG C 172 15.20 35.11 4.29
C ARG C 172 16.27 34.59 5.25
N ARG C 173 17.19 33.78 4.73
CA ARG C 173 18.25 33.21 5.55
C ARG C 173 19.31 34.26 5.92
N TYR C 174 18.86 35.48 6.21
CA TYR C 174 19.79 36.56 6.57
C TYR C 174 20.11 36.55 8.06
N HIS C 175 21.37 36.30 8.37
CA HIS C 175 21.85 36.26 9.75
C HIS C 175 21.14 35.25 10.63
N ALA C 176 20.63 34.19 10.01
CA ALA C 176 19.95 33.14 10.76
C ALA C 176 21.03 32.19 11.27
N GLU C 177 21.74 32.61 12.29
CA GLU C 177 22.83 31.82 12.87
C GLU C 177 22.63 30.31 12.77
N PRO C 178 21.42 29.81 13.06
CA PRO C 178 21.17 28.37 12.98
C PRO C 178 20.88 27.85 11.57
N THR C 179 21.50 28.46 10.57
CA THR C 179 21.29 28.05 9.18
C THR C 179 22.29 26.96 8.78
N ALA C 180 21.96 26.22 7.73
CA ALA C 180 22.82 25.14 7.25
C ALA C 180 22.25 24.43 6.04
N CYS C 181 22.85 23.29 5.70
CA CYS C 181 22.42 22.46 4.58
C CYS C 181 22.94 21.06 4.84
N PRO C 182 22.52 20.07 4.03
CA PRO C 182 22.98 18.69 4.23
C PRO C 182 24.50 18.52 4.21
N VAL C 183 25.23 19.58 3.92
CA VAL C 183 26.69 19.51 3.85
C VAL C 183 27.41 19.93 5.12
N CYS C 184 27.09 21.12 5.64
CA CYS C 184 27.74 21.61 6.86
C CYS C 184 26.89 21.35 8.09
N GLY C 185 25.59 21.11 7.88
CA GLY C 185 24.70 20.86 8.99
C GLY C 185 24.88 19.48 9.59
N PRO C 186 24.36 19.25 10.81
CA PRO C 186 24.48 17.96 11.50
C PRO C 186 23.88 16.82 10.68
N SER C 187 23.90 15.61 11.23
CA SER C 187 23.38 14.45 10.52
C SER C 187 22.76 13.41 11.44
N TYR C 188 21.65 12.84 11.00
CA TYR C 188 20.93 11.81 11.75
C TYR C 188 21.57 10.43 11.60
N ARG C 189 21.38 9.60 12.61
CA ARG C 189 21.91 8.24 12.60
C ARG C 189 20.94 7.26 13.25
N LEU C 190 21.09 5.98 12.91
CA LEU C 190 20.22 4.93 13.45
C LEU C 190 20.97 4.01 14.39
N TYR C 191 20.55 3.99 15.65
CA TYR C 191 21.18 3.14 16.65
C TYR C 191 20.15 2.16 17.21
N THR C 192 20.63 1.07 17.79
CA THR C 192 19.75 0.06 18.37
C THR C 192 20.43 -0.50 19.62
N SER C 193 20.38 0.26 20.71
CA SER C 193 21.01 -0.15 21.96
C SER C 193 22.52 -0.07 21.78
N ASP C 194 22.94 -0.26 20.53
CA ASP C 194 24.34 -0.25 20.07
C ASP C 194 24.36 -0.47 18.56
N GLY C 195 25.53 -0.32 17.95
CA GLY C 195 25.64 -0.48 16.51
C GLY C 195 24.87 0.64 15.84
N GLN C 196 25.02 0.80 14.53
CA GLN C 196 24.31 1.86 13.83
C GLN C 196 24.52 1.87 12.31
N GLU C 197 23.97 2.89 11.67
CA GLU C 197 24.09 3.08 10.23
C GLU C 197 24.71 4.47 10.04
N ILE C 198 25.25 4.71 8.86
CA ILE C 198 25.92 5.98 8.58
C ILE C 198 25.16 6.99 7.73
N TYR C 199 25.23 8.25 8.15
CA TYR C 199 24.60 9.37 7.47
C TYR C 199 23.06 9.32 7.35
N GLY C 200 22.56 9.55 6.14
CA GLY C 200 21.13 9.62 5.89
C GLY C 200 20.24 8.41 5.70
N ASP C 201 20.80 7.22 5.50
CA ASP C 201 19.93 6.05 5.33
C ASP C 201 18.94 5.86 6.48
N PRO C 202 19.35 6.22 7.72
CA PRO C 202 18.48 6.07 8.89
C PRO C 202 17.16 6.86 8.84
N LEU C 203 17.25 8.18 8.83
CA LEU C 203 16.06 9.01 8.81
C LEU C 203 14.86 8.40 8.10
N ARG C 204 15.00 8.10 6.82
CA ARG C 204 13.91 7.52 6.04
C ARG C 204 13.39 6.22 6.66
N LYS C 205 14.30 5.27 6.87
CA LYS C 205 13.95 3.97 7.41
C LYS C 205 13.42 3.96 8.84
N ALA C 206 13.98 4.80 9.70
CA ALA C 206 13.58 4.89 11.10
C ALA C 206 12.05 4.84 11.29
N ALA C 207 11.33 5.59 10.47
CA ALA C 207 9.88 5.63 10.57
C ALA C 207 9.28 4.28 10.17
N GLU C 208 9.91 3.63 9.20
CA GLU C 208 9.45 2.33 8.71
C GLU C 208 9.37 1.33 9.86
N LEU C 209 10.03 1.66 10.97
CA LEU C 209 10.04 0.80 12.15
C LEU C 209 9.04 1.27 13.20
N ILE C 210 8.91 2.58 13.35
CA ILE C 210 8.00 3.16 14.33
C ILE C 210 6.58 2.61 14.11
N ASP C 211 6.22 2.39 12.86
CA ASP C 211 4.92 1.85 12.51
C ASP C 211 4.99 0.33 12.53
N LYS C 212 6.21 -0.19 12.43
CA LYS C 212 6.45 -1.62 12.43
C LYS C 212 6.05 -2.17 13.79
N GLY C 213 6.32 -1.39 14.84
CA GLY C 213 5.99 -1.79 16.19
C GLY C 213 6.95 -1.23 17.21
N TYR C 214 8.20 -1.69 17.17
CA TYR C 214 9.23 -1.24 18.10
C TYR C 214 9.19 0.27 18.29
N ILE C 215 9.72 0.73 19.42
CA ILE C 215 9.76 2.16 19.73
C ILE C 215 11.15 2.69 19.41
N VAL C 216 11.33 4.01 19.55
CA VAL C 216 12.62 4.63 19.26
C VAL C 216 12.70 6.06 19.80
N ALA C 217 13.83 6.38 20.43
CA ALA C 217 14.04 7.71 20.99
C ALA C 217 14.53 8.65 19.87
N ILE C 218 13.88 9.80 19.77
CA ILE C 218 14.24 10.78 18.74
C ILE C 218 14.81 12.04 19.35
N LYS C 219 16.01 12.43 18.92
CA LYS C 219 16.68 13.61 19.45
C LYS C 219 15.99 14.90 19.01
N GLY C 220 15.05 15.37 19.84
CA GLY C 220 14.35 16.59 19.53
C GLY C 220 15.25 17.79 19.70
N ILE C 221 14.76 18.96 19.28
CA ILE C 221 15.53 20.21 19.39
C ILE C 221 15.57 20.74 20.82
N GLY C 222 14.70 20.21 21.67
CA GLY C 222 14.65 20.65 23.06
C GLY C 222 14.86 19.51 24.03
N GLY C 223 15.28 18.36 23.50
CA GLY C 223 15.50 17.19 24.34
C GLY C 223 14.90 15.95 23.72
N ILE C 224 15.72 14.95 23.46
CA ILE C 224 15.25 13.71 22.86
C ILE C 224 14.20 13.01 23.73
N HIS C 225 13.28 12.31 23.09
CA HIS C 225 12.21 11.60 23.78
C HIS C 225 11.77 10.37 23.00
N LEU C 226 11.22 9.39 23.71
CA LEU C 226 10.76 8.15 23.08
C LEU C 226 9.55 8.35 22.18
N ALA C 227 9.59 7.66 21.03
CA ALA C 227 8.51 7.73 20.05
C ALA C 227 7.99 6.31 19.79
N CYS C 228 6.75 6.22 19.32
CA CYS C 228 6.15 4.93 19.03
C CYS C 228 4.77 5.11 18.40
N ASP C 229 4.48 4.31 17.37
CA ASP C 229 3.19 4.39 16.69
C ASP C 229 2.08 4.22 17.74
N ALA C 230 1.30 5.27 17.92
CA ALA C 230 0.21 5.25 18.89
C ALA C 230 -0.97 4.42 18.39
N ALA C 231 -1.02 4.18 17.09
CA ALA C 231 -2.10 3.41 16.49
C ALA C 231 -1.90 1.91 16.67
N ASN C 232 -0.91 1.54 17.47
CA ASN C 232 -0.62 0.13 17.73
C ASN C 232 -0.81 -0.19 19.21
N GLU C 233 -2.06 -0.44 19.60
CA GLU C 233 -2.40 -0.74 20.99
C GLU C 233 -1.38 -1.67 21.63
N GLU C 234 -0.81 -2.56 20.82
CA GLU C 234 0.18 -3.51 21.31
C GLU C 234 1.41 -2.83 21.88
N VAL C 235 2.32 -2.43 21.00
CA VAL C 235 3.55 -1.78 21.40
C VAL C 235 3.37 -0.58 22.34
N VAL C 236 2.31 0.19 22.14
CA VAL C 236 2.06 1.34 22.99
C VAL C 236 1.92 0.92 24.45
N ALA C 237 1.37 -0.28 24.66
CA ALA C 237 1.20 -0.81 26.00
C ALA C 237 2.53 -1.37 26.47
N GLU C 238 3.24 -2.02 25.54
CA GLU C 238 4.55 -2.60 25.83
C GLU C 238 5.45 -1.55 26.47
N LEU C 239 5.54 -0.40 25.81
CA LEU C 239 6.36 0.70 26.30
C LEU C 239 6.01 1.09 27.72
N ARG C 240 4.72 1.26 28.00
CA ARG C 240 4.27 1.64 29.33
C ARG C 240 4.91 0.84 30.46
N ARG C 241 5.32 -0.39 30.16
CA ARG C 241 5.95 -1.23 31.17
C ARG C 241 7.42 -0.89 31.33
N ARG C 242 8.13 -0.77 30.21
CA ARG C 242 9.55 -0.44 30.24
C ARG C 242 9.77 0.89 30.95
N THR C 243 8.80 1.79 30.82
CA THR C 243 8.88 3.10 31.44
C THR C 243 8.20 3.09 32.81
N PHE C 244 7.67 1.93 33.20
CA PHE C 244 7.00 1.79 34.49
C PHE C 244 5.97 2.90 34.68
N ARG C 245 5.20 3.16 33.62
CA ARG C 245 4.18 4.19 33.61
C ARG C 245 2.83 3.51 33.40
N PRO C 246 2.01 3.43 34.46
CA PRO C 246 0.68 2.81 34.43
C PRO C 246 -0.53 3.58 33.91
N GLN C 247 -0.54 4.91 34.00
CA GLN C 247 -1.73 5.62 33.53
C GLN C 247 -1.59 7.08 33.09
N LYS C 248 -0.46 7.70 33.40
CA LYS C 248 -0.28 9.12 33.02
C LYS C 248 -0.50 9.33 31.53
N PRO C 249 -1.30 10.36 31.17
CA PRO C 249 -1.62 10.71 29.78
C PRO C 249 -0.41 10.81 28.87
N PHE C 250 -0.40 10.03 27.80
CA PHE C 250 0.70 10.06 26.84
C PHE C 250 0.45 11.08 25.74
N ALA C 251 1.52 11.64 25.20
CA ALA C 251 1.42 12.63 24.14
C ALA C 251 1.41 11.94 22.79
N ILE C 252 0.58 12.44 21.88
CA ILE C 252 0.46 11.86 20.54
C ILE C 252 0.64 12.95 19.48
N ALA C 254 -0.16 14.13 15.75
CA ALA C 254 -1.04 13.94 14.60
C ALA C 254 -0.47 14.62 13.35
N LYS C 255 -0.49 13.89 12.22
CA LYS C 255 0.02 14.39 10.96
C LYS C 255 -0.26 15.86 10.75
N ASP C 256 -1.44 16.14 10.21
CA ASP C 256 -1.86 17.52 9.95
C ASP C 256 -3.02 17.86 10.86
N ILE C 257 -3.07 19.12 11.29
CA ILE C 257 -4.13 19.58 12.17
C ILE C 257 -5.44 18.85 11.87
N GLU C 258 -5.76 18.74 10.59
CA GLU C 258 -6.99 18.07 10.16
C GLU C 258 -7.17 16.76 10.92
N THR C 259 -6.21 15.85 10.77
CA THR C 259 -6.27 14.56 11.45
C THR C 259 -6.78 14.75 12.87
N VAL C 260 -6.17 15.69 13.60
CA VAL C 260 -6.57 15.98 14.97
C VAL C 260 -8.09 15.98 15.10
N LYS C 261 -8.75 16.45 14.05
CA LYS C 261 -10.21 16.51 14.03
C LYS C 261 -10.83 15.13 14.22
N SER C 262 -10.65 14.27 13.22
CA SER C 262 -11.20 12.92 13.27
C SER C 262 -10.75 12.19 14.53
N PHE C 263 -9.61 12.60 15.06
CA PHE C 263 -9.07 11.99 16.28
C PHE C 263 -9.89 12.39 17.49
N ALA C 264 -10.38 13.63 17.48
CA ALA C 264 -11.17 14.12 18.60
C ALA C 264 -11.68 15.54 18.39
N TYR C 265 -12.27 16.13 19.44
CA TYR C 265 -12.82 17.48 19.39
C TYR C 265 -11.82 18.62 19.46
N VAL C 266 -11.69 19.37 18.37
CA VAL C 266 -10.77 20.49 18.32
C VAL C 266 -11.48 21.84 18.34
N SER C 267 -11.39 22.53 19.48
CA SER C 267 -12.01 23.83 19.63
C SER C 267 -11.44 24.78 18.58
N PRO C 268 -12.20 25.83 18.23
CA PRO C 268 -11.80 26.83 17.23
C PRO C 268 -10.48 27.55 17.49
N GLU C 269 -10.44 28.40 18.51
CA GLU C 269 -9.21 29.13 18.84
C GLU C 269 -8.12 28.13 19.22
N GLU C 270 -8.52 26.87 19.37
CA GLU C 270 -7.60 25.79 19.72
C GLU C 270 -6.67 25.51 18.56
N GLU C 271 -7.25 25.43 17.36
CA GLU C 271 -6.50 25.17 16.15
C GLU C 271 -5.48 26.30 15.98
N GLU C 272 -5.68 27.37 16.74
CA GLU C 272 -4.78 28.52 16.71
C GLU C 272 -3.61 28.24 17.63
N GLU C 273 -3.89 28.17 18.93
CA GLU C 273 -2.87 27.90 19.93
C GLU C 273 -2.14 26.59 19.63
N LEU C 274 -2.67 25.83 18.69
CA LEU C 274 -2.08 24.56 18.31
C LEU C 274 -1.08 24.72 17.17
N THR C 275 -1.46 25.50 16.16
CA THR C 275 -0.60 25.74 15.01
C THR C 275 0.37 26.88 15.29
N SER C 276 0.32 27.41 16.52
CA SER C 276 1.20 28.50 16.92
C SER C 276 2.65 28.14 16.67
N TYR C 277 3.51 29.14 16.64
CA TYR C 277 4.94 28.94 16.41
C TYR C 277 5.58 28.10 17.52
N ARG C 278 4.80 27.81 18.56
CA ARG C 278 5.32 27.03 19.68
C ARG C 278 4.93 25.56 19.64
N ARG C 279 3.94 25.22 18.81
CA ARG C 279 3.48 23.84 18.66
C ARG C 279 3.40 23.09 19.99
N PRO C 280 2.57 23.58 20.93
CA PRO C 280 2.41 22.96 22.25
C PRO C 280 1.57 21.68 22.22
N ILE C 281 1.60 20.94 23.32
CA ILE C 281 0.83 19.69 23.43
C ILE C 281 -0.53 19.99 24.05
N ILE C 282 -1.51 20.24 23.19
CA ILE C 282 -2.87 20.53 23.66
C ILE C 282 -3.54 19.25 24.14
N THR C 283 -4.62 19.40 24.90
CA THR C 283 -5.36 18.26 25.43
C THR C 283 -6.83 18.45 25.11
N LEU C 284 -7.26 17.90 23.98
CA LEU C 284 -8.64 18.03 23.56
C LEU C 284 -9.43 16.78 23.97
N ARG C 285 -10.76 16.85 23.82
CA ARG C 285 -11.63 15.74 24.20
C ARG C 285 -11.69 14.65 23.12
N LYS C 286 -11.19 13.46 23.45
CA LYS C 286 -11.22 12.36 22.49
C LYS C 286 -12.66 12.10 22.07
N LYS C 287 -12.85 11.74 20.80
CA LYS C 287 -14.19 11.48 20.29
C LYS C 287 -14.86 10.37 21.11
N GLU C 288 -16.18 10.46 21.25
CA GLU C 288 -16.93 9.45 22.01
C GLU C 288 -16.53 8.05 21.54
N PRO C 289 -16.69 7.76 20.24
CA PRO C 289 -16.32 6.43 19.74
C PRO C 289 -14.79 6.32 19.72
N PHE C 290 -14.19 6.16 20.90
CA PHE C 290 -12.74 6.06 21.02
C PHE C 290 -12.09 5.28 19.88
N PRO C 291 -11.30 5.97 19.04
CA PRO C 291 -10.62 5.30 17.93
C PRO C 291 -9.25 4.77 18.34
N LEU C 292 -8.30 5.68 18.53
CA LEU C 292 -6.95 5.30 18.95
C LEU C 292 -7.04 4.34 20.13
N PRO C 293 -6.07 3.42 20.23
CA PRO C 293 -6.05 2.44 21.33
C PRO C 293 -6.35 3.08 22.68
N GLU C 294 -6.91 2.30 23.58
CA GLU C 294 -7.25 2.79 24.91
C GLU C 294 -6.02 2.78 25.82
N ASN C 295 -4.92 2.22 25.32
CA ASN C 295 -3.69 2.16 26.08
C ASN C 295 -3.05 3.54 26.25
N LEU C 296 -3.27 4.41 25.27
CA LEU C 296 -2.71 5.76 25.31
C LEU C 296 -2.99 6.49 26.62
N ALA C 297 -4.27 6.78 26.88
CA ALA C 297 -4.64 7.48 28.11
C ALA C 297 -6.07 7.16 28.54
N PRO C 298 -6.24 6.22 29.47
CA PRO C 298 -7.56 5.83 29.97
C PRO C 298 -8.04 6.72 31.13
N GLY C 299 -9.30 6.56 31.50
CA GLY C 299 -9.87 7.34 32.59
C GLY C 299 -9.77 8.84 32.39
N LEU C 300 -9.70 9.27 31.14
CA LEU C 300 -9.60 10.69 30.82
C LEU C 300 -10.31 11.01 29.50
N HIS C 301 -11.21 11.98 29.55
CA HIS C 301 -11.97 12.38 28.37
C HIS C 301 -11.08 13.14 27.38
N THR C 302 -9.89 13.52 27.83
CA THR C 302 -8.95 14.27 27.00
C THR C 302 -7.77 13.43 26.53
N ILE C 303 -6.99 14.01 25.62
CA ILE C 303 -5.81 13.35 25.08
C ILE C 303 -4.77 14.39 24.69
N GLY C 304 -3.50 14.03 24.82
CA GLY C 304 -2.43 14.94 24.48
C GLY C 304 -2.18 14.94 22.98
N VAL C 305 -2.21 16.13 22.38
CA VAL C 305 -1.99 16.25 20.95
C VAL C 305 -0.76 17.09 20.62
N LEU C 307 1.43 18.61 17.31
CA LEU C 307 1.54 18.88 15.88
C LEU C 307 3.03 18.93 15.54
N PRO C 308 3.42 18.43 14.36
CA PRO C 308 4.83 18.46 13.99
C PRO C 308 5.35 19.88 14.12
N TYR C 309 6.57 20.04 14.64
CA TYR C 309 7.12 21.37 14.83
C TYR C 309 8.52 21.64 14.27
N ALA C 310 9.29 20.60 14.03
CA ALA C 310 10.65 20.80 13.51
C ALA C 310 10.90 20.03 12.21
N GLY C 311 11.96 20.41 11.52
CA GLY C 311 12.33 19.77 10.28
C GLY C 311 12.10 18.27 10.19
N THR C 312 12.78 17.51 11.04
CA THR C 312 12.66 16.05 11.05
C THR C 312 11.23 15.58 11.35
N HIS C 313 10.52 16.33 12.17
CA HIS C 313 9.15 15.98 12.53
C HIS C 313 8.31 15.65 11.30
N TYR C 314 8.30 16.55 10.33
CA TYR C 314 7.54 16.35 9.10
C TYR C 314 8.10 15.21 8.27
N ILE C 315 9.41 15.29 7.97
CA ILE C 315 10.08 14.27 7.18
C ILE C 315 9.81 12.87 7.69
N LEU C 316 9.95 12.68 9.00
CA LEU C 316 9.72 11.37 9.61
C LEU C 316 8.24 11.03 9.50
N PHE C 317 7.43 12.06 9.34
CA PHE C 317 5.98 11.90 9.23
C PHE C 317 5.57 11.50 7.81
N HIS C 318 6.27 12.03 6.82
CA HIS C 318 5.96 11.71 5.43
C HIS C 318 5.79 10.20 5.31
N TRP C 319 6.71 9.46 5.92
CA TRP C 319 6.67 8.01 5.89
C TRP C 319 5.96 7.48 7.12
N SER C 320 6.33 6.28 7.57
CA SER C 320 5.70 5.67 8.73
C SER C 320 4.19 5.60 8.58
N LYS C 321 3.73 5.65 7.33
CA LYS C 321 2.30 5.59 7.01
C LYS C 321 1.46 6.22 8.11
N THR C 322 1.07 5.40 9.09
CA THR C 322 0.26 5.84 10.21
C THR C 322 0.75 7.19 10.75
N PRO C 323 -0.17 8.12 10.95
CA PRO C 323 0.20 9.44 11.47
C PRO C 323 0.58 9.43 12.95
N VAL C 324 -0.42 9.50 13.81
CA VAL C 324 -0.21 9.53 15.26
C VAL C 324 1.04 8.82 15.78
N TYR C 325 1.79 9.53 16.61
CA TYR C 325 3.01 9.02 17.23
C TYR C 325 2.84 9.15 18.74
N VAL C 326 3.97 9.13 19.46
CA VAL C 326 3.94 9.24 20.92
C VAL C 326 5.24 9.88 21.41
N THR C 328 7.12 11.30 24.47
CA THR C 328 7.18 11.39 25.93
C THR C 328 8.64 11.46 26.39
N SER C 329 8.92 12.43 27.26
CA SER C 329 10.26 12.65 27.80
C SER C 329 11.06 11.35 27.96
N ALA C 330 12.09 11.21 27.14
CA ALA C 330 12.95 10.02 27.18
C ALA C 330 13.72 9.95 28.50
N ASN C 331 13.02 9.58 29.56
CA ASN C 331 13.64 9.48 30.88
C ASN C 331 12.75 8.71 31.85
N TYR C 332 13.36 7.85 32.65
CA TYR C 332 12.62 7.06 33.63
C TYR C 332 11.75 8.00 34.46
N PRO C 333 10.67 7.47 35.07
CA PRO C 333 9.77 8.29 35.89
C PRO C 333 10.50 9.04 37.01
N GLY C 334 10.62 10.35 36.83
CA GLY C 334 11.28 11.17 37.82
C GLY C 334 12.43 11.99 37.25
N PRO C 336 14.67 14.04 34.48
CA PRO C 336 14.34 14.99 33.41
C PRO C 336 14.80 14.46 32.05
N VAL C 338 16.62 13.52 28.62
CA VAL C 338 18.01 13.14 28.40
C VAL C 338 18.59 13.95 27.23
N LYS C 339 19.61 14.74 27.52
CA LYS C 339 20.25 15.57 26.51
C LYS C 339 21.33 14.82 25.75
N ASP C 340 22.57 14.96 26.21
CA ASP C 340 23.71 14.32 25.57
C ASP C 340 23.39 12.92 25.06
N ASN C 341 23.84 12.64 23.84
CA ASN C 341 23.63 11.34 23.21
C ASN C 341 24.21 10.25 24.10
N GLU C 342 25.10 10.65 25.00
CA GLU C 342 25.75 9.73 25.92
C GLU C 342 24.71 9.07 26.82
N ARG C 343 24.01 9.91 27.60
CA ARG C 343 22.98 9.45 28.51
C ARG C 343 21.86 8.74 27.78
N ALA C 344 21.84 8.88 26.46
CA ALA C 344 20.81 8.26 25.63
C ALA C 344 21.00 6.75 25.50
N PHE C 345 22.16 6.26 25.96
CA PHE C 345 22.46 4.85 25.89
C PHE C 345 22.51 4.22 27.29
N GLU C 346 23.08 4.98 28.23
CA GLU C 346 23.23 4.51 29.60
C GLU C 346 21.93 4.55 30.39
N GLU C 347 20.90 5.13 29.81
CA GLU C 347 19.60 5.24 30.49
C GLU C 347 18.47 4.54 29.76
N LEU C 348 18.62 4.36 28.44
CA LEU C 348 17.59 3.70 27.65
C LEU C 348 18.06 2.45 26.93
N LYS C 349 19.07 1.78 27.48
CA LYS C 349 19.58 0.57 26.86
C LYS C 349 18.49 -0.51 26.82
N ASP C 350 17.52 -0.39 27.71
CA ASP C 350 16.42 -1.34 27.80
C ASP C 350 15.07 -0.65 27.61
N VAL C 351 15.06 0.67 27.75
CA VAL C 351 13.84 1.46 27.61
C VAL C 351 13.36 1.58 26.17
N ALA C 352 14.25 2.00 25.28
CA ALA C 352 13.91 2.18 23.87
C ALA C 352 14.42 1.03 23.01
N ASP C 353 13.92 0.96 21.78
CA ASP C 353 14.33 -0.10 20.85
C ASP C 353 15.30 0.42 19.81
N TYR C 354 15.25 1.72 19.55
CA TYR C 354 16.13 2.34 18.57
C TYR C 354 16.49 3.77 18.96
N PHE C 355 17.60 4.27 18.46
CA PHE C 355 18.06 5.62 18.75
C PHE C 355 18.34 6.42 17.49
N LEU C 356 17.68 7.57 17.38
CA LEU C 356 17.84 8.45 16.23
C LEU C 356 18.28 9.81 16.76
N LEU C 357 19.59 10.03 16.81
CA LEU C 357 20.15 11.28 17.31
C LEU C 357 20.98 12.03 16.28
N HIS C 358 21.38 13.25 16.63
CA HIS C 358 22.18 14.09 15.75
C HIS C 358 23.32 14.77 16.50
N ASN C 359 24.03 15.65 15.81
CA ASN C 359 25.19 16.36 16.36
C ASN C 359 24.88 17.62 17.18
N ARG C 360 23.83 18.34 16.80
CA ARG C 360 23.46 19.56 17.51
C ARG C 360 23.21 19.31 18.99
N LYS C 361 24.24 19.54 19.80
CA LYS C 361 24.16 19.34 21.24
C LYS C 361 23.11 20.23 21.90
N ILE C 362 21.89 19.71 22.01
CA ILE C 362 20.80 20.44 22.64
C ILE C 362 21.21 20.84 24.06
N LEU C 363 21.76 22.04 24.17
CA LEU C 363 22.23 22.56 25.45
C LEU C 363 21.15 22.60 26.54
N ASN C 364 20.50 23.75 26.69
CA ASN C 364 19.46 23.91 27.70
C ASN C 364 18.23 23.07 27.42
N ARG C 365 17.91 22.19 28.37
CA ARG C 365 16.75 21.32 28.25
C ARG C 365 15.52 22.17 27.95
N ALA C 366 14.49 21.56 27.36
CA ALA C 366 13.27 22.29 27.02
C ALA C 366 12.07 21.37 26.88
N ASP C 367 11.57 20.86 28.00
CA ASP C 367 10.40 19.99 27.98
C ASP C 367 9.28 20.62 27.18
N ASP C 368 8.56 19.80 26.41
CA ASP C 368 7.45 20.27 25.60
C ASP C 368 6.31 20.76 26.48
N SER C 369 5.88 22.00 26.24
CA SER C 369 4.79 22.58 27.03
C SER C 369 3.44 21.99 26.66
N VAL C 370 2.61 21.80 27.68
CA VAL C 370 1.28 21.25 27.47
C VAL C 370 0.24 22.29 27.90
N ILE C 371 -0.70 22.57 27.01
CA ILE C 371 -1.74 23.56 27.29
C ILE C 371 -3.14 22.94 27.17
N ARG C 372 -3.96 23.16 28.19
CA ARG C 372 -5.32 22.65 28.26
C ARG C 372 -6.29 23.82 28.38
N PHE C 373 -7.43 23.72 27.71
CA PHE C 373 -8.43 24.79 27.76
C PHE C 373 -9.51 24.57 28.80
N VAL C 374 -10.06 25.66 29.31
CA VAL C 374 -11.14 25.60 30.29
C VAL C 374 -12.25 26.55 29.87
N ASP C 375 -13.35 26.55 30.60
CA ASP C 375 -14.49 27.40 30.28
C ASP C 375 -14.18 28.90 30.21
N GLY C 376 -13.87 29.48 31.37
CA GLY C 376 -13.58 30.91 31.42
C GLY C 376 -12.67 31.45 30.33
N LYS C 377 -11.62 30.70 30.02
CA LYS C 377 -10.67 31.10 28.99
C LYS C 377 -9.78 29.91 28.63
N ARG C 378 -8.69 30.16 27.92
CA ARG C 378 -7.80 29.09 27.53
C ARG C 378 -6.40 29.34 28.11
N ALA C 379 -6.05 28.59 29.14
CA ALA C 379 -4.75 28.75 29.78
C ALA C 379 -3.88 27.51 29.58
N VAL C 380 -2.60 27.64 29.97
CA VAL C 380 -1.66 26.53 29.84
C VAL C 380 -1.35 25.97 31.22
N ILE C 381 -0.67 24.83 31.25
CA ILE C 381 -0.32 24.19 32.51
C ILE C 381 1.19 24.08 32.65
N ARG C 382 1.88 23.96 31.52
CA ARG C 382 3.33 23.82 31.53
C ARG C 382 4.01 24.94 30.75
N ARG C 383 4.70 25.82 31.48
CA ARG C 383 5.41 26.95 30.89
C ARG C 383 6.82 26.50 30.50
N SER C 384 7.05 26.36 29.21
CA SER C 384 8.34 25.93 28.68
C SER C 384 8.19 25.84 27.17
N ARG C 385 8.83 24.84 26.57
CA ARG C 385 8.74 24.63 25.14
C ARG C 385 8.86 25.93 24.34
N GLY C 386 7.78 26.30 23.65
CA GLY C 386 7.78 27.50 22.84
C GLY C 386 7.59 28.83 23.55
N PHE C 387 8.06 28.94 24.79
CA PHE C 387 7.91 30.18 25.53
C PHE C 387 9.24 30.68 26.08
N VAL C 388 9.81 29.92 27.01
CA VAL C 388 11.08 30.28 27.62
C VAL C 388 12.11 30.59 26.53
N PRO C 389 12.93 31.64 26.73
CA PRO C 389 12.92 32.53 27.90
C PRO C 389 12.21 33.87 27.67
N LEU C 390 10.88 33.83 27.63
CA LEU C 390 10.10 35.05 27.45
C LEU C 390 9.62 35.54 28.81
N PRO C 391 9.69 36.86 29.05
CA PRO C 391 9.28 37.49 30.31
C PRO C 391 7.79 37.68 30.57
N ILE C 392 7.50 38.10 31.80
CA ILE C 392 6.15 38.39 32.27
C ILE C 392 6.39 39.53 33.26
N GLU C 393 5.87 40.71 32.96
CA GLU C 393 6.07 41.87 33.82
C GLU C 393 5.55 41.81 35.25
N ILE C 394 6.22 42.56 36.12
CA ILE C 394 5.88 42.66 37.53
C ILE C 394 5.99 44.14 37.88
N PRO C 395 5.02 44.69 38.62
CA PRO C 395 5.04 46.10 39.00
C PRO C 395 6.19 46.52 39.92
N PHE C 396 7.15 45.62 40.13
CA PHE C 396 8.28 45.92 40.99
C PHE C 396 9.60 45.55 40.32
N GLU C 397 10.50 46.53 40.23
CA GLU C 397 11.80 46.31 39.60
C GLU C 397 12.82 45.89 40.64
N TYR C 398 13.28 44.65 40.55
CA TYR C 398 14.27 44.13 41.48
C TYR C 398 14.85 42.81 40.98
N ASN C 399 16.17 42.68 41.06
CA ASN C 399 16.85 41.48 40.63
C ASN C 399 16.71 40.42 41.71
N GLY C 400 15.87 39.42 41.47
CA GLY C 400 15.68 38.38 42.46
C GLY C 400 15.34 37.00 41.92
N LEU C 401 15.77 35.98 42.66
CA LEU C 401 15.52 34.59 42.28
C LEU C 401 14.43 34.01 43.16
N ALA C 402 13.71 33.02 42.64
CA ALA C 402 12.65 32.37 43.38
C ALA C 402 12.46 30.94 42.90
N VAL C 403 12.58 29.98 43.80
CA VAL C 403 12.44 28.58 43.44
C VAL C 403 10.97 28.22 43.20
N GLY C 404 10.13 28.47 44.19
CA GLY C 404 8.71 28.17 44.05
C GLY C 404 8.27 26.90 44.76
N ALA C 405 7.59 26.03 44.02
CA ALA C 405 7.10 24.77 44.58
C ALA C 405 8.16 23.68 44.43
N GLU C 406 7.90 22.52 45.03
CA GLU C 406 8.83 21.40 44.96
C GLU C 406 8.44 20.43 43.85
N LEU C 407 7.13 20.19 43.71
CA LEU C 407 6.61 19.28 42.71
C LEU C 407 6.20 20.02 41.45
N ASN C 409 7.93 22.02 39.32
CA ASN C 409 8.39 23.39 39.53
C ASN C 409 9.03 24.06 38.31
N ALA C 410 9.37 25.33 38.49
CA ALA C 410 10.01 26.15 37.46
C ALA C 410 10.50 27.44 38.12
N PHE C 411 11.78 27.50 38.40
CA PHE C 411 12.36 28.68 39.06
C PHE C 411 12.29 29.90 38.16
N GLY C 412 12.39 31.08 38.77
CA GLY C 412 12.33 32.31 38.00
C GLY C 412 13.27 33.39 38.52
N VAL C 413 13.59 34.33 37.65
CA VAL C 413 14.48 35.44 38.00
C VAL C 413 13.97 36.72 37.34
N ALA C 414 13.63 37.71 38.16
CA ALA C 414 13.12 38.97 37.64
C ALA C 414 14.11 40.12 37.72
N LYS C 415 13.80 41.19 36.98
CA LYS C 415 14.64 42.37 36.93
C LYS C 415 13.97 43.47 36.11
N ASN C 416 14.13 44.72 36.55
CA ASN C 416 13.55 45.87 35.87
C ASN C 416 12.02 45.77 35.78
N GLY C 417 11.48 44.64 36.21
CA GLY C 417 10.03 44.47 36.17
C GLY C 417 9.56 43.36 35.24
N LYS C 418 10.27 42.24 35.25
CA LYS C 418 9.92 41.11 34.40
C LYS C 418 10.53 39.81 34.91
N VAL C 419 9.71 38.94 35.47
CA VAL C 419 10.17 37.66 36.00
C VAL C 419 10.28 36.64 34.86
N TYR C 420 11.41 35.95 34.81
CA TYR C 420 11.64 34.95 33.77
C TYR C 420 11.48 33.51 34.25
N PRO C 421 10.36 32.86 33.88
CA PRO C 421 10.11 31.48 34.30
C PRO C 421 10.94 30.52 33.44
N SER C 422 11.69 29.64 34.07
CA SER C 422 12.53 28.69 33.35
C SER C 422 11.71 27.60 32.67
N GLN C 423 12.40 26.66 32.03
CA GLN C 423 11.72 25.57 31.34
C GLN C 423 10.99 24.74 32.40
N TYR C 424 10.63 23.51 32.03
CA TYR C 424 9.93 22.64 32.96
C TYR C 424 10.94 21.82 33.75
N ILE C 425 11.53 22.42 34.78
CA ILE C 425 12.51 21.74 35.61
C ILE C 425 11.90 20.50 36.26
N GLY C 426 10.60 20.31 36.05
CA GLY C 426 9.90 19.17 36.59
C GLY C 426 9.87 19.11 38.11
N ASN C 427 9.71 17.89 38.64
CA ASN C 427 9.65 17.66 40.08
C ASN C 427 11.06 17.72 40.68
N THR C 428 11.26 18.64 41.61
CA THR C 428 12.56 18.84 42.25
C THR C 428 12.93 17.78 43.28
N GLY C 429 12.09 16.76 43.45
CA GLY C 429 12.36 15.72 44.42
C GLY C 429 13.63 14.93 44.18
N LYS C 430 13.72 14.31 43.01
CA LYS C 430 14.89 13.50 42.65
C LYS C 430 16.16 14.33 42.54
N VAL C 431 17.22 13.88 43.22
CA VAL C 431 18.49 14.58 43.19
C VAL C 431 18.89 14.89 41.75
N GLU C 432 18.81 13.89 40.88
CA GLU C 432 19.16 14.08 39.48
C GLU C 432 18.54 15.38 38.99
N VAL C 433 17.28 15.61 39.36
CA VAL C 433 16.58 16.82 38.96
C VAL C 433 17.13 18.05 39.67
N LEU C 434 17.21 17.99 41.00
CA LEU C 434 17.71 19.10 41.79
C LEU C 434 18.91 19.77 41.15
N GLU C 435 19.96 19.00 40.89
CA GLU C 435 21.16 19.54 40.28
C GLU C 435 20.87 20.20 38.94
N PHE C 436 19.85 19.72 38.26
CA PHE C 436 19.48 20.29 36.97
C PHE C 436 19.04 21.74 37.10
N ARG C 438 19.99 24.02 39.16
CA ARG C 438 21.14 24.91 39.31
C ARG C 438 21.70 25.27 37.93
N GLU C 439 22.01 24.24 37.15
CA GLU C 439 22.55 24.43 35.80
C GLU C 439 21.74 25.47 35.03
N ALA C 440 20.43 25.37 35.14
CA ALA C 440 19.53 26.30 34.46
C ALA C 440 19.65 27.70 35.05
N ILE C 441 19.73 27.76 36.38
CA ILE C 441 19.85 29.04 37.08
C ILE C 441 21.14 29.75 36.65
N ALA C 442 22.19 28.97 36.40
CA ALA C 442 23.47 29.51 35.98
C ALA C 442 23.33 30.13 34.59
N HIS C 443 22.70 29.40 33.69
CA HIS C 443 22.50 29.87 32.33
C HIS C 443 21.59 31.09 32.33
N PHE C 444 20.46 30.98 33.01
CA PHE C 444 19.51 32.09 33.12
C PHE C 444 20.23 33.34 33.60
N ARG C 445 21.22 33.14 34.46
CA ARG C 445 21.99 34.25 35.01
C ARG C 445 22.97 34.87 34.01
N LYS C 446 23.43 34.09 33.05
CA LYS C 446 24.37 34.60 32.06
C LYS C 446 23.69 35.58 31.10
N ILE C 447 22.38 35.69 31.20
CA ILE C 447 21.60 36.61 30.37
C ILE C 447 21.23 37.81 31.23
N LEU C 448 21.29 37.61 32.55
CA LEU C 448 20.95 38.65 33.50
C LEU C 448 22.17 39.07 34.31
N ARG C 449 21.92 39.83 35.38
CA ARG C 449 23.00 40.33 36.24
C ARG C 449 23.37 39.36 37.35
N VAL C 450 24.61 39.46 37.82
CA VAL C 450 25.11 38.63 38.91
C VAL C 450 24.99 39.46 40.19
N LYS C 451 25.36 38.87 41.32
CA LYS C 451 25.28 39.58 42.59
C LYS C 451 23.91 40.28 42.64
N ASN C 452 22.87 39.54 42.30
CA ASN C 452 21.52 40.10 42.29
C ASN C 452 21.33 41.14 43.37
N LEU C 453 21.03 42.36 42.94
CA LEU C 453 20.84 43.49 43.85
C LEU C 453 19.77 43.25 44.91
N ASP C 454 19.06 42.13 44.81
CA ASP C 454 18.00 41.84 45.78
C ASP C 454 18.04 40.46 46.41
N LEU C 455 16.90 40.04 46.97
CA LEU C 455 16.77 38.76 47.66
C LEU C 455 16.10 37.64 46.86
N ILE C 456 16.06 36.45 47.47
CA ILE C 456 15.46 35.27 46.83
C ILE C 456 14.05 35.04 47.37
N ILE C 457 13.38 34.01 46.85
CA ILE C 457 12.02 33.68 47.27
C ILE C 457 11.84 32.16 47.25
N ALA C 458 11.18 31.63 48.28
CA ALA C 458 10.94 30.19 48.37
C ALA C 458 9.60 29.92 49.03
N ASP C 459 9.04 28.73 48.79
CA ASP C 459 7.76 28.35 49.37
C ASP C 459 7.92 28.29 50.89
N LEU C 460 6.85 28.61 51.61
CA LEU C 460 6.88 28.61 53.07
C LEU C 460 7.09 27.22 53.67
N HIS C 461 7.41 26.24 52.83
CA HIS C 461 7.64 24.87 53.31
C HIS C 461 9.11 24.67 53.63
N PRO C 462 9.44 24.59 54.94
CA PRO C 462 10.81 24.40 55.43
C PRO C 462 11.43 23.02 55.15
N ALA C 463 10.86 22.28 54.21
CA ALA C 463 11.39 20.96 53.89
C ALA C 463 11.50 20.68 52.39
N TYR C 464 11.03 21.60 51.57
CA TYR C 464 11.10 21.43 50.13
C TYR C 464 12.53 21.27 49.65
N ASN C 465 12.73 20.56 48.55
CA ASN C 465 14.06 20.37 47.99
C ASN C 465 14.48 21.65 47.28
N THR C 466 13.49 22.50 47.02
CA THR C 466 13.70 23.78 46.36
C THR C 466 14.08 24.81 47.42
N THR C 467 13.24 24.94 48.44
CA THR C 467 13.49 25.89 49.52
C THR C 467 14.76 25.44 50.22
N LYS C 468 15.20 24.23 49.90
CA LYS C 468 16.42 23.67 50.47
C LYS C 468 17.60 24.47 49.94
N LEU C 469 17.57 24.77 48.65
CA LEU C 469 18.61 25.55 48.00
C LEU C 469 18.52 26.99 48.45
N ALA C 470 17.28 27.46 48.62
CA ALA C 470 17.03 28.84 49.04
C ALA C 470 17.83 29.17 50.30
N GLU C 472 20.83 27.45 51.46
CA GLU C 472 22.27 27.44 51.19
C GLU C 472 22.62 28.57 50.24
N ALA C 474 20.97 31.42 49.98
CA ALA C 474 20.83 32.66 50.73
C ALA C 474 22.06 32.82 51.61
N ASN C 475 22.79 31.73 51.80
CA ASN C 475 24.01 31.73 52.60
C ASN C 475 25.17 32.24 51.76
N GLU C 476 25.16 31.89 50.47
CA GLU C 476 26.20 32.31 49.55
C GLU C 476 25.82 33.64 48.92
N LEU C 477 26.83 34.41 48.53
CA LEU C 477 26.60 35.72 47.92
C LEU C 477 25.87 36.61 48.92
N ASP C 478 25.74 36.12 50.15
CA ASP C 478 25.06 36.84 51.22
C ASP C 478 23.76 37.48 50.73
N VAL C 479 22.89 36.66 50.14
CA VAL C 479 21.62 37.13 49.63
C VAL C 479 20.50 36.81 50.62
N GLU C 480 19.77 37.83 51.06
CA GLU C 480 18.68 37.65 52.00
C GLU C 480 17.64 36.68 51.45
N LEU C 481 17.09 35.85 52.33
CA LEU C 481 16.08 34.88 51.92
C LEU C 481 14.68 35.39 52.26
N LEU C 482 13.67 34.85 51.58
CA LEU C 482 12.29 35.26 51.80
C LEU C 482 11.29 34.16 51.44
N GLN C 483 10.72 33.53 52.46
CA GLN C 483 9.73 32.47 52.24
C GLN C 483 8.34 33.09 52.15
N VAL C 484 7.44 32.40 51.45
CA VAL C 484 6.08 32.88 51.28
C VAL C 484 5.08 31.74 51.18
N GLN C 485 3.86 31.99 51.64
CA GLN C 485 2.78 31.01 51.61
C GLN C 485 2.57 30.50 50.18
N HIS C 486 2.50 29.18 50.03
CA HIS C 486 2.30 28.58 48.72
C HIS C 486 1.07 29.16 48.04
N HIS C 487 -0.10 28.95 48.65
CA HIS C 487 -1.35 29.45 48.10
C HIS C 487 -1.36 30.96 47.97
N TYR C 488 -0.80 31.65 48.96
CA TYR C 488 -0.75 33.11 48.91
C TYR C 488 -0.01 33.50 47.64
N ALA C 489 0.80 32.58 47.11
CA ALA C 489 1.56 32.83 45.89
C ALA C 489 0.71 32.50 44.68
N HIS C 490 0.12 31.31 44.66
CA HIS C 490 -0.74 30.90 43.55
C HIS C 490 -1.70 32.02 43.16
N ILE C 491 -2.48 32.48 44.14
CA ILE C 491 -3.43 33.55 43.89
C ILE C 491 -2.71 34.78 43.36
N ALA C 492 -1.52 35.04 43.90
CA ALA C 492 -0.72 36.18 43.47
C ALA C 492 -0.28 36.04 42.02
N SER C 493 0.05 34.81 41.62
CA SER C 493 0.48 34.55 40.25
C SER C 493 -0.52 35.10 39.24
N VAL C 494 -1.74 35.34 39.71
CA VAL C 494 -2.80 35.87 38.85
C VAL C 494 -2.70 37.40 38.74
N ALA C 496 -0.46 39.17 39.21
CA ALA C 496 0.86 39.55 38.70
C ALA C 496 0.84 39.47 37.18
N GLU C 497 -0.02 38.58 36.67
CA GLU C 497 -0.17 38.39 35.23
C GLU C 497 -1.14 39.40 34.65
N LYS C 498 -2.21 39.67 35.41
CA LYS C 498 -3.22 40.62 34.99
C LYS C 498 -2.91 42.00 35.57
N ASN C 499 -1.71 42.13 36.13
CA ASN C 499 -1.25 43.37 36.74
C ASN C 499 -2.36 44.14 37.45
N LEU C 500 -2.72 43.68 38.64
CA LEU C 500 -3.78 44.33 39.40
C LEU C 500 -3.43 44.39 40.89
N ASP C 501 -4.19 45.19 41.64
CA ASP C 501 -3.96 45.35 43.06
C ASP C 501 -4.71 44.33 43.90
N SER C 502 -5.03 44.72 45.13
CA SER C 502 -5.75 43.89 46.08
C SER C 502 -7.02 43.28 45.52
N VAL C 503 -7.11 41.95 45.57
CA VAL C 503 -8.27 41.22 45.07
C VAL C 503 -8.37 39.85 45.74
N ILE C 504 -9.58 39.45 46.12
CA ILE C 504 -9.80 38.16 46.74
C ILE C 504 -9.45 37.07 45.74
N GLY C 505 -9.31 35.83 46.20
CA GLY C 505 -8.99 34.74 45.31
C GLY C 505 -9.14 33.36 45.93
N ILE C 506 -9.75 32.45 45.18
CA ILE C 506 -9.97 31.09 45.65
C ILE C 506 -8.73 30.23 45.37
N ALA C 507 -8.16 29.66 46.43
CA ALA C 507 -6.98 28.80 46.30
C ALA C 507 -7.40 27.35 46.37
N LEU C 508 -7.30 26.65 45.25
CA LEU C 508 -7.66 25.24 45.19
C LEU C 508 -6.47 24.39 44.75
N ASP C 509 -5.79 23.78 45.71
CA ASP C 509 -4.63 22.95 45.42
C ASP C 509 -4.72 21.59 46.09
N GLY C 510 -3.76 20.72 45.78
CA GLY C 510 -3.76 19.38 46.34
C GLY C 510 -2.94 19.22 47.61
N VAL C 511 -1.78 19.86 47.67
CA VAL C 511 -0.91 19.79 48.84
C VAL C 511 -0.14 21.08 49.02
N GLY C 512 -0.78 22.07 49.62
CA GLY C 512 -0.13 23.36 49.83
C GLY C 512 0.35 23.55 51.26
N TYR C 513 1.62 23.87 51.42
CA TYR C 513 2.20 24.08 52.74
C TYR C 513 1.77 25.43 53.29
N GLY C 514 0.49 25.53 53.65
CA GLY C 514 -0.03 26.77 54.20
C GLY C 514 0.71 27.25 55.43
N THR C 515 0.18 28.29 56.06
CA THR C 515 0.81 28.84 57.25
C THR C 515 0.45 28.00 58.48
N ASP C 516 1.40 27.88 59.40
CA ASP C 516 1.23 27.10 60.63
C ASP C 516 1.23 25.61 60.36
N GLY C 517 2.09 25.18 59.44
CA GLY C 517 2.18 23.77 59.11
C GLY C 517 0.84 23.13 58.79
N ASN C 518 -0.17 23.95 58.56
CA ASN C 518 -1.50 23.44 58.22
C ASN C 518 -1.53 23.11 56.74
N THR C 519 -1.86 21.87 56.42
CA THR C 519 -1.93 21.45 55.02
C THR C 519 -3.07 22.21 54.35
N TRP C 520 -2.73 23.35 53.76
CA TRP C 520 -3.73 24.18 53.08
C TRP C 520 -3.94 23.71 51.65
N GLY C 521 -5.12 23.99 51.12
CA GLY C 521 -5.46 23.59 49.76
C GLY C 521 -6.89 23.92 49.42
N GLY C 522 -7.66 24.27 50.44
CA GLY C 522 -9.05 24.62 50.23
C GLY C 522 -9.46 25.84 51.04
N GLU C 523 -9.26 27.01 50.47
CA GLU C 523 -9.62 28.26 51.14
C GLU C 523 -9.44 29.48 50.25
N VAL C 524 -10.26 30.49 50.48
CA VAL C 524 -10.19 31.73 49.73
C VAL C 524 -9.26 32.66 50.51
N LEU C 525 -8.84 33.75 49.88
CA LEU C 525 -7.92 34.68 50.53
C LEU C 525 -8.14 36.12 50.06
N TYR C 526 -7.44 37.04 50.71
CA TYR C 526 -7.54 38.46 50.36
C TYR C 526 -6.15 39.06 50.19
N LEU C 527 -5.63 39.00 48.97
CA LEU C 527 -4.31 39.53 48.67
C LEU C 527 -4.27 41.05 48.68
N GLY C 528 -4.50 41.64 49.85
CA GLY C 528 -4.51 43.08 49.97
C GLY C 528 -3.13 43.65 50.25
N TYR C 529 -2.63 44.46 49.32
CA TYR C 529 -1.32 45.09 49.46
C TYR C 529 -0.91 45.24 50.91
N GLU C 530 -1.71 45.97 51.69
CA GLU C 530 -1.41 46.19 53.09
C GLU C 530 -2.14 45.18 53.98
N ASP C 531 -1.38 44.54 54.86
CA ASP C 531 -1.93 43.55 55.77
C ASP C 531 -2.83 42.54 55.09
N VAL C 532 -2.26 41.41 54.68
CA VAL C 532 -3.02 40.35 54.02
C VAL C 532 -3.46 39.34 55.07
N GLU C 533 -4.54 38.62 54.80
CA GLU C 533 -5.05 37.63 55.75
C GLU C 533 -6.00 36.61 55.12
N ARG C 534 -6.20 35.49 55.80
CA ARG C 534 -7.09 34.43 55.33
C ARG C 534 -8.54 34.87 55.45
N LEU C 535 -9.42 34.21 54.69
CA LEU C 535 -10.85 34.52 54.73
C LEU C 535 -11.66 33.27 55.10
N ALA C 536 -11.87 32.39 54.12
CA ALA C 536 -12.63 31.16 54.35
C ALA C 536 -11.67 29.99 54.48
N HIS C 537 -12.23 28.79 54.67
CA HIS C 537 -11.40 27.60 54.80
C HIS C 537 -12.25 26.32 54.77
N ILE C 538 -11.62 25.19 55.04
CA ILE C 538 -12.29 23.90 55.05
C ILE C 538 -11.96 23.11 56.32
N ASP C 539 -12.99 22.71 57.06
CA ASP C 539 -12.77 21.96 58.30
C ASP C 539 -11.75 20.84 58.06
N TYR C 540 -10.52 21.09 58.49
CA TYR C 540 -9.44 20.12 58.33
C TYR C 540 -9.89 18.69 58.61
N TYR C 541 -9.43 17.76 57.79
CA TYR C 541 -9.77 16.35 57.94
C TYR C 541 -8.54 15.52 58.32
N PRO C 542 -8.71 14.58 59.26
CA PRO C 542 -7.63 13.70 59.71
C PRO C 542 -7.25 12.63 58.70
N LEU C 543 -6.13 12.84 58.01
CA LEU C 543 -5.67 11.88 57.00
C LEU C 543 -4.56 11.00 57.56
N PRO C 544 -4.75 9.68 57.55
CA PRO C 544 -3.75 8.73 58.05
C PRO C 544 -2.50 8.71 57.18
N GLY C 545 -1.66 9.73 57.31
CA GLY C 545 -0.45 9.81 56.51
C GLY C 545 -0.45 11.03 55.62
N GLY C 546 0.63 11.80 55.68
CA GLY C 546 0.74 13.00 54.86
C GLY C 546 0.68 12.69 53.37
N ASP C 547 1.66 11.92 52.90
CA ASP C 547 1.73 11.55 51.49
C ASP C 547 0.85 10.33 51.25
N LEU C 548 0.82 9.43 52.23
CA LEU C 548 0.04 8.20 52.15
C LEU C 548 -1.42 8.49 51.79
N ALA C 549 -1.96 9.58 52.34
CA ALA C 549 -3.34 9.96 52.09
C ALA C 549 -3.54 10.26 50.61
N SER C 550 -2.56 10.94 50.01
CA SER C 550 -2.62 11.28 48.60
C SER C 550 -2.23 10.08 47.75
N TYR C 551 -1.20 9.35 48.21
CA TYR C 551 -0.74 8.16 47.52
C TYR C 551 -1.89 7.16 47.42
N TYR C 552 -2.68 7.06 48.48
CA TYR C 552 -3.83 6.16 48.47
C TYR C 552 -5.07 6.94 48.89
N PRO C 553 -5.99 7.15 47.94
CA PRO C 553 -7.25 7.88 48.14
C PRO C 553 -8.16 7.31 49.22
N LEU C 554 -8.26 6.00 49.31
CA LEU C 554 -9.10 5.37 50.32
C LEU C 554 -8.75 5.88 51.70
N ARG C 555 -7.49 6.25 51.89
CA ARG C 555 -7.03 6.75 53.18
C ARG C 555 -7.72 8.08 53.49
N ALA C 556 -7.73 8.98 52.51
CA ALA C 556 -8.35 10.29 52.67
C ALA C 556 -9.85 10.15 52.86
N LEU C 557 -10.45 9.19 52.18
CA LEU C 557 -11.88 8.97 52.26
C LEU C 557 -12.27 8.72 53.72
N GLY C 559 -10.52 9.49 56.19
CA GLY C 559 -10.10 10.66 56.95
C GLY C 559 -11.13 11.76 57.00
N ILE C 560 -11.95 11.88 55.97
CA ILE C 560 -12.98 12.90 55.92
C ILE C 560 -14.32 12.46 56.53
N LEU C 561 -14.70 11.21 56.26
CA LEU C 561 -15.95 10.69 56.79
C LEU C 561 -15.94 10.64 58.31
N SER C 562 -14.74 10.67 58.89
CA SER C 562 -14.60 10.64 60.34
C SER C 562 -15.24 11.87 60.97
N LYS C 563 -15.39 12.92 60.17
CA LYS C 563 -15.98 14.16 60.62
C LYS C 563 -17.52 14.09 60.62
N VAL C 564 -18.04 12.91 60.34
CA VAL C 564 -19.49 12.69 60.30
C VAL C 564 -19.85 11.39 61.01
N TYR C 565 -19.33 10.27 60.49
CA TYR C 565 -19.60 8.98 61.08
C TYR C 565 -18.57 8.62 62.14
N SER C 566 -19.04 8.14 63.29
CA SER C 566 -18.16 7.77 64.38
C SER C 566 -17.19 6.68 63.97
N ILE C 567 -16.30 6.32 64.89
CA ILE C 567 -15.30 5.29 64.64
C ILE C 567 -15.90 4.09 63.91
N ASP C 568 -16.73 3.32 64.62
CA ASP C 568 -17.36 2.16 64.04
C ASP C 568 -18.30 2.53 62.89
N GLU C 569 -18.98 3.66 63.04
CA GLU C 569 -19.90 4.12 62.01
C GLU C 569 -19.19 4.13 60.66
N LEU C 570 -17.92 4.56 60.68
CA LEU C 570 -17.11 4.62 59.47
C LEU C 570 -17.03 3.24 58.81
N GLU C 571 -16.60 2.25 59.57
CA GLU C 571 -16.48 0.89 59.07
C GLU C 571 -17.70 0.50 58.25
N GLY C 572 -18.84 1.12 58.55
CA GLY C 572 -20.05 0.83 57.82
C GLY C 572 -20.20 1.59 56.52
N VAL C 573 -19.93 2.89 56.56
CA VAL C 573 -20.04 3.72 55.37
C VAL C 573 -19.12 3.20 54.26
N ILE C 574 -17.96 2.68 54.65
CA ILE C 574 -17.00 2.15 53.70
C ILE C 574 -17.60 0.98 52.93
N ASN C 575 -18.47 0.22 53.59
CA ASN C 575 -19.13 -0.92 52.97
C ASN C 575 -20.00 -0.52 51.79
N ARG C 576 -20.06 0.79 51.53
CA ARG C 576 -20.84 1.30 50.41
C ARG C 576 -20.07 1.00 49.12
N CYS C 577 -18.91 0.39 49.28
CA CYS C 577 -18.05 0.01 48.15
C CYS C 577 -16.97 -0.93 48.67
N CYS C 578 -16.19 -1.52 47.76
CA CYS C 578 -15.14 -2.45 48.16
C CYS C 578 -13.75 -2.03 47.68
N PRO C 579 -13.17 -1.00 48.30
CA PRO C 579 -11.84 -0.51 47.93
C PRO C 579 -10.73 -1.04 48.83
N LYS C 580 -11.04 -2.07 49.62
CA LYS C 580 -10.03 -2.62 50.51
C LYS C 580 -8.91 -3.28 49.71
N ALA C 581 -9.30 -4.13 48.76
CA ALA C 581 -8.33 -4.83 47.92
C ALA C 581 -7.55 -3.89 47.01
N VAL C 582 -7.67 -2.59 47.26
CA VAL C 582 -6.97 -1.58 46.46
C VAL C 582 -5.52 -1.46 46.93
N GLU C 583 -5.35 -1.22 48.23
CA GLU C 583 -4.03 -1.09 48.81
C GLU C 583 -3.55 -2.50 49.18
N SER C 584 -4.22 -3.50 48.62
CA SER C 584 -3.89 -4.89 48.87
C SER C 584 -2.96 -5.44 47.81
N LEU C 585 -3.01 -4.80 46.65
CA LEU C 585 -2.21 -5.19 45.51
C LEU C 585 -0.86 -4.46 45.50
N LYS C 586 -0.34 -4.19 46.68
CA LYS C 586 0.95 -3.49 46.80
C LYS C 586 1.39 -3.41 48.25
N TYR C 587 0.43 -3.34 49.16
CA TYR C 587 0.70 -3.25 50.58
C TYR C 587 -0.39 -4.06 51.27
N GLY C 588 -0.43 -4.05 52.60
CA GLY C 588 -1.47 -4.78 53.29
C GLY C 588 -2.81 -4.14 52.99
N LYS C 589 -3.90 -4.86 53.25
CA LYS C 589 -5.23 -4.31 52.98
C LYS C 589 -6.09 -4.30 54.23
N VAL C 590 -6.51 -5.49 54.66
CA VAL C 590 -7.33 -5.62 55.85
C VAL C 590 -6.68 -4.80 56.95
N GLU C 591 -5.35 -4.90 57.03
CA GLU C 591 -4.59 -4.16 58.03
C GLU C 591 -4.77 -2.66 57.88
N PHE C 592 -4.83 -2.18 56.64
CA PHE C 592 -5.02 -0.75 56.42
C PHE C 592 -6.27 -0.29 57.13
N ASN C 593 -7.34 -1.08 57.03
CA ASN C 593 -8.59 -0.75 57.69
C ASN C 593 -8.36 -0.79 59.19
N VAL C 594 -7.55 -1.75 59.63
CA VAL C 594 -7.24 -1.89 61.05
C VAL C 594 -6.52 -0.62 61.54
N VAL C 595 -5.98 0.14 60.59
CA VAL C 595 -5.29 1.38 60.92
C VAL C 595 -6.31 2.40 61.39
N LEU C 596 -7.59 2.03 61.32
CA LEU C 596 -8.67 2.91 61.73
C LEU C 596 -8.42 3.39 63.15
N ASN C 597 -7.78 2.56 63.97
CA ASN C 597 -7.46 2.91 65.34
C ASN C 597 -6.66 4.21 65.32
N GLN C 598 -5.56 4.19 64.56
CA GLN C 598 -4.69 5.36 64.43
C GLN C 598 -5.51 6.57 64.01
N LEU C 599 -6.58 6.30 63.27
CA LEU C 599 -7.47 7.36 62.78
C LEU C 599 -8.46 7.79 63.84
N ALA C 600 -9.14 6.82 64.46
CA ALA C 600 -10.13 7.10 65.49
C ALA C 600 -9.52 7.77 66.71
N LYS C 601 -8.49 7.14 67.26
CA LYS C 601 -7.82 7.67 68.45
C LYS C 601 -7.17 9.03 68.18
N GLY C 602 -7.19 9.45 66.92
CA GLY C 602 -6.60 10.73 66.57
C GLY C 602 -5.16 10.81 67.06
N ILE C 603 -4.47 9.68 67.03
CA ILE C 603 -3.09 9.59 67.47
C ILE C 603 -2.17 10.18 66.41
N ASN C 604 -1.83 9.36 65.43
CA ASN C 604 -0.96 9.77 64.33
C ASN C 604 -1.83 10.29 63.19
N THR C 605 -1.96 11.60 63.10
CA THR C 605 -2.78 12.22 62.04
C THR C 605 -2.39 13.66 61.78
N ALA C 606 -2.11 13.97 60.52
CA ALA C 606 -1.76 15.33 60.12
C ALA C 606 -3.07 16.03 59.78
N TYR C 607 -3.09 17.35 59.81
CA TYR C 607 -4.31 18.09 59.50
C TYR C 607 -4.28 18.78 58.15
N ALA C 608 -5.07 18.25 57.22
CA ALA C 608 -5.17 18.79 55.87
C ALA C 608 -6.44 19.59 55.65
N SER C 609 -6.62 20.08 54.43
CA SER C 609 -7.78 20.87 54.05
C SER C 609 -7.82 21.04 52.54
N SER C 610 -6.81 20.48 51.88
CA SER C 610 -6.68 20.58 50.43
C SER C 610 -7.94 20.12 49.68
N THR C 611 -8.50 21.03 48.87
CA THR C 611 -9.68 20.71 48.10
C THR C 611 -9.37 19.52 47.19
N GLY C 612 -8.08 19.36 46.86
CA GLY C 612 -7.67 18.27 46.02
C GLY C 612 -7.94 16.94 46.69
N ARG C 613 -7.59 16.85 47.97
CA ARG C 613 -7.81 15.63 48.74
C ARG C 613 -9.29 15.27 48.71
N VAL C 614 -10.14 16.26 48.97
CA VAL C 614 -11.58 16.06 48.98
C VAL C 614 -12.00 15.35 47.69
N LEU C 615 -11.40 15.78 46.58
CA LEU C 615 -11.70 15.18 45.28
C LEU C 615 -11.32 13.70 45.27
N ASP C 616 -10.06 13.43 45.57
CA ASP C 616 -9.55 12.06 45.60
C ASP C 616 -10.51 11.15 46.37
N ALA C 617 -11.16 11.72 47.39
CA ALA C 617 -12.10 10.97 48.20
C ALA C 617 -13.36 10.69 47.40
N ILE C 618 -13.97 11.75 46.86
CA ILE C 618 -15.18 11.62 46.07
C ILE C 618 -14.90 10.81 44.81
N ALA C 619 -13.64 10.44 44.61
CA ALA C 619 -13.24 9.65 43.46
C ALA C 619 -13.19 8.18 43.84
N VAL C 620 -13.13 7.91 45.13
CA VAL C 620 -13.09 6.56 45.66
C VAL C 620 -14.41 6.23 46.34
N LEU C 621 -15.16 7.28 46.70
CA LEU C 621 -16.46 7.08 47.32
C LEU C 621 -17.37 6.68 46.17
N LEU C 622 -16.76 6.37 45.04
CA LEU C 622 -17.47 5.98 43.83
C LEU C 622 -16.87 4.76 43.13
N ASN C 623 -17.11 4.66 41.83
CA ASN C 623 -16.66 3.54 41.00
C ASN C 623 -15.29 3.51 40.33
N VAL C 624 -14.80 4.67 39.90
CA VAL C 624 -13.52 4.71 39.19
C VAL C 624 -12.22 4.62 39.99
N ALA C 625 -11.50 5.74 40.06
CA ALA C 625 -10.23 5.83 40.77
C ALA C 625 -10.26 5.35 42.21
N TYR C 626 -9.44 4.35 42.49
CA TYR C 626 -9.35 3.77 43.82
C TYR C 626 -7.92 3.88 44.36
N ARG C 627 -6.99 4.21 43.48
CA ARG C 627 -5.59 4.33 43.85
C ARG C 627 -4.85 5.32 42.96
N ARG C 628 -3.91 6.06 43.56
CA ARG C 628 -3.13 7.04 42.81
C ARG C 628 -1.93 6.35 42.16
N HIS C 629 -1.51 6.85 41.00
CA HIS C 629 -0.38 6.28 40.28
C HIS C 629 0.61 7.36 39.87
N TYR C 630 0.29 8.61 40.18
CA TYR C 630 1.14 9.74 39.85
C TYR C 630 0.62 11.02 40.49
N GLU C 631 0.95 12.15 39.88
CA GLU C 631 0.52 13.45 40.39
C GLU C 631 -0.96 13.73 40.12
N GLY C 632 -1.78 13.64 41.17
CA GLY C 632 -3.20 13.88 41.02
C GLY C 632 -3.85 13.02 39.96
N GLU C 633 -4.13 11.76 40.29
CA GLU C 633 -4.75 10.84 39.36
C GLU C 633 -6.27 10.89 39.41
N PRO C 634 -6.85 10.80 40.62
CA PRO C 634 -8.30 10.85 40.78
C PRO C 634 -8.92 12.22 40.46
N ALA C 635 -8.29 13.28 40.93
CA ALA C 635 -8.80 14.63 40.69
C ALA C 635 -9.15 14.79 39.21
N LYS C 637 -9.46 11.82 36.99
CA LYS C 637 -10.35 10.71 36.67
C LYS C 637 -11.79 11.08 36.99
N LEU C 638 -12.00 11.66 38.18
CA LEU C 638 -13.33 12.05 38.60
C LEU C 638 -13.96 13.02 37.60
N GLU C 639 -13.25 14.10 37.29
CA GLU C 639 -13.75 15.08 36.34
C GLU C 639 -14.30 14.41 35.09
N SER C 640 -13.42 13.76 34.34
CA SER C 640 -13.81 13.08 33.12
C SER C 640 -15.13 12.34 33.33
N PHE C 641 -15.17 11.48 34.34
CA PHE C 641 -16.37 10.71 34.64
C PHE C 641 -17.56 11.63 34.91
N ALA C 642 -17.32 12.71 35.66
CA ALA C 642 -18.36 13.66 36.01
C ALA C 642 -19.05 14.26 34.79
N PHE C 643 -18.27 14.54 33.75
CA PHE C 643 -18.80 15.12 32.51
C PHE C 643 -20.01 14.37 31.97
N LYS C 644 -19.92 13.04 31.96
CA LYS C 644 -20.98 12.18 31.45
C LYS C 644 -22.34 12.41 32.11
N GLY C 645 -22.38 13.28 33.10
CA GLY C 645 -23.63 13.57 33.79
C GLY C 645 -24.39 14.74 33.20
N LYS C 646 -25.64 14.52 32.83
CA LYS C 646 -26.46 15.57 32.25
C LYS C 646 -27.35 16.24 33.28
N ASN C 647 -28.16 15.44 33.98
CA ASN C 647 -29.06 15.95 35.00
C ASN C 647 -28.30 16.56 36.18
N ASP C 648 -27.98 17.84 36.08
CA ASP C 648 -27.27 18.55 37.13
C ASP C 648 -28.05 18.52 38.44
N LEU C 649 -27.67 17.62 39.34
CA LEU C 649 -28.33 17.52 40.63
C LEU C 649 -28.08 18.81 41.41
N LYS C 650 -28.57 18.87 42.65
CA LYS C 650 -28.42 20.07 43.44
C LYS C 650 -28.04 19.84 44.90
N PHE C 651 -26.76 20.01 45.22
CA PHE C 651 -26.27 19.86 46.59
C PHE C 651 -25.99 21.25 47.11
N GLU C 652 -25.38 21.35 48.27
CA GLU C 652 -25.08 22.66 48.85
C GLU C 652 -24.24 22.58 50.12
N VAL C 653 -22.93 22.37 49.93
CA VAL C 653 -22.01 22.31 51.05
C VAL C 653 -22.12 23.62 51.84
N PRO C 654 -22.52 23.52 53.12
CA PRO C 654 -22.68 24.67 54.01
C PRO C 654 -21.43 25.52 54.20
N VAL C 655 -21.64 26.78 54.57
CA VAL C 655 -20.56 27.73 54.81
C VAL C 655 -20.94 28.66 55.95
N GLU C 656 -20.43 28.38 57.14
CA GLU C 656 -20.72 29.19 58.32
C GLU C 656 -19.46 29.85 58.86
N GLY C 657 -19.59 31.11 59.27
CA GLY C 657 -18.44 31.83 59.80
C GLY C 657 -17.34 31.98 58.77
N GLU C 658 -16.34 31.12 58.86
CA GLU C 658 -15.22 31.15 57.92
C GLU C 658 -14.72 29.73 57.66
N LEU C 659 -15.56 28.76 57.92
CA LEU C 659 -15.21 27.35 57.72
C LEU C 659 -16.27 26.66 56.87
N ILE C 660 -15.81 25.85 55.92
CA ILE C 660 -16.72 25.13 55.03
C ILE C 660 -16.83 23.67 55.45
N ARG C 661 -18.04 23.25 55.82
CA ARG C 661 -18.28 21.88 56.22
C ARG C 661 -18.36 20.98 55.00
N VAL C 662 -17.23 20.86 54.30
CA VAL C 662 -17.13 20.04 53.11
C VAL C 662 -17.45 18.57 53.41
N GLU C 663 -17.40 18.21 54.69
CA GLU C 663 -17.68 16.84 55.09
C GLU C 663 -19.17 16.55 54.91
N GLU C 664 -20.01 17.48 55.36
CA GLU C 664 -21.46 17.33 55.25
C GLU C 664 -21.87 17.08 53.80
N LEU C 665 -21.00 17.44 52.87
CA LEU C 665 -21.27 17.24 51.45
C LEU C 665 -21.21 15.74 51.18
N PHE C 666 -20.12 15.11 51.59
CA PHE C 666 -19.94 13.68 51.43
C PHE C 666 -21.15 12.93 51.96
N GLN C 667 -21.66 13.42 53.09
CA GLN C 667 -22.81 12.81 53.75
C GLN C 667 -24.01 12.75 52.79
N SER C 668 -24.48 13.92 52.37
CA SER C 668 -25.61 14.01 51.45
C SER C 668 -25.36 13.22 50.16
N ILE C 669 -24.11 13.19 49.72
CA ILE C 669 -23.74 12.46 48.51
C ILE C 669 -24.22 11.02 48.56
N LEU C 670 -24.05 10.39 49.71
CA LEU C 670 -24.47 9.00 49.90
C LEU C 670 -25.98 8.85 49.94
N GLU C 671 -26.66 9.84 50.52
CA GLU C 671 -28.11 9.82 50.62
C GLU C 671 -28.82 9.78 49.27
N ALA C 672 -28.05 9.97 48.21
CA ALA C 672 -28.62 9.97 46.86
C ALA C 672 -28.23 8.73 46.07
N ILE C 673 -27.18 8.06 46.51
CA ILE C 673 -26.70 6.85 45.83
C ILE C 673 -27.83 5.87 45.57
N GLU C 674 -28.89 5.95 46.38
CA GLU C 674 -30.03 5.06 46.25
C GLU C 674 -31.10 5.69 45.35
N GLY C 675 -30.80 5.77 44.06
CA GLY C 675 -31.74 6.35 43.12
C GLY C 675 -31.04 7.20 42.07
N ALA C 676 -30.25 8.16 42.53
CA ALA C 676 -29.52 9.06 41.64
C ALA C 676 -28.43 8.29 40.89
N SER C 677 -28.40 8.45 39.57
CA SER C 677 -27.41 7.77 38.75
C SER C 677 -26.00 8.03 39.27
N PRO C 678 -25.03 7.21 38.85
CA PRO C 678 -23.64 7.38 39.31
C PRO C 678 -22.97 8.62 38.76
N ALA C 679 -23.04 8.81 37.44
CA ALA C 679 -22.44 9.96 36.79
C ALA C 679 -22.98 11.29 37.34
N ASP C 680 -24.29 11.46 37.29
CA ASP C 680 -24.91 12.69 37.78
C ASP C 680 -24.44 13.06 39.18
N ILE C 681 -24.09 12.06 39.98
CA ILE C 681 -23.61 12.31 41.33
C ILE C 681 -22.25 12.99 41.33
N ALA C 682 -21.33 12.46 40.52
CA ALA C 682 -19.99 13.03 40.42
C ALA C 682 -20.08 14.45 39.89
N TYR C 683 -20.84 14.61 38.80
CA TYR C 683 -21.03 15.91 38.17
C TYR C 683 -21.68 16.90 39.13
N SER C 684 -22.76 16.47 39.77
CA SER C 684 -23.49 17.31 40.71
C SER C 684 -22.56 17.91 41.76
N ALA C 685 -21.90 17.04 42.53
CA ALA C 685 -20.97 17.48 43.57
C ALA C 685 -20.00 18.52 43.04
N HIS C 686 -19.39 18.23 41.90
CA HIS C 686 -18.44 19.14 41.27
C HIS C 686 -18.98 20.57 41.26
N LEU C 687 -20.18 20.74 40.73
CA LEU C 687 -20.81 22.04 40.65
C LEU C 687 -21.12 22.59 42.04
N ALA C 688 -21.94 21.84 42.78
CA ALA C 688 -22.33 22.22 44.13
C ALA C 688 -21.15 22.72 44.95
N LEU C 689 -20.10 21.92 45.04
CA LEU C 689 -18.92 22.28 45.78
C LEU C 689 -18.39 23.64 45.33
N ALA C 690 -18.02 23.72 44.05
CA ALA C 690 -17.50 24.95 43.46
C ALA C 690 -18.40 26.15 43.68
N ARG C 691 -19.70 25.95 43.51
CA ARG C 691 -20.67 27.02 43.68
C ARG C 691 -20.57 27.70 45.04
N ALA C 692 -20.89 26.95 46.09
CA ALA C 692 -20.84 27.48 47.45
C ALA C 692 -19.43 27.92 47.83
N PHE C 693 -18.45 27.52 47.04
CA PHE C 693 -17.06 27.88 47.30
C PHE C 693 -16.84 29.32 46.83
N ALA C 694 -17.27 29.61 45.60
CA ALA C 694 -17.14 30.94 45.03
C ALA C 694 -18.06 31.92 45.74
N HIS C 695 -19.31 31.52 45.94
CA HIS C 695 -20.28 32.38 46.62
C HIS C 695 -19.69 33.00 47.88
N THR C 696 -18.64 32.37 48.40
CA THR C 696 -17.97 32.86 49.61
C THR C 696 -17.18 34.10 49.25
N ALA C 697 -16.21 33.95 48.36
CA ALA C 697 -15.38 35.06 47.93
C ALA C 697 -16.31 36.22 47.58
N VAL C 698 -17.35 35.92 46.81
CA VAL C 698 -18.33 36.91 46.39
C VAL C 698 -18.86 37.67 47.60
N GLU C 699 -19.58 36.96 48.47
CA GLU C 699 -20.16 37.56 49.67
C GLU C 699 -19.14 38.40 50.43
N ARG C 700 -17.99 37.81 50.73
CA ARG C 700 -16.95 38.51 51.46
C ARG C 700 -16.46 39.75 50.73
N ALA C 701 -16.24 39.62 49.42
CA ALA C 701 -15.78 40.74 48.61
C ALA C 701 -16.66 41.97 48.82
N ARG C 702 -17.93 41.72 49.11
CA ARG C 702 -18.89 42.80 49.33
C ARG C 702 -18.75 43.42 50.71
N GLU C 703 -18.69 42.57 51.74
CA GLU C 703 -18.54 43.04 53.11
C GLU C 703 -17.23 43.79 53.31
N PHE C 704 -16.26 43.52 52.44
CA PHE C 704 -14.96 44.17 52.52
C PHE C 704 -14.74 45.18 51.39
N GLY C 705 -15.52 45.03 50.32
CA GLY C 705 -15.40 45.95 49.19
C GLY C 705 -14.28 45.71 48.21
N VAL C 706 -14.19 44.49 47.70
CA VAL C 706 -13.16 44.14 46.72
C VAL C 706 -13.85 43.90 45.38
N LYS C 707 -13.47 44.66 44.38
CA LYS C 707 -14.06 44.55 43.05
C LYS C 707 -13.82 43.21 42.35
N ASN C 708 -12.62 42.67 42.46
CA ASN C 708 -12.33 41.41 41.77
C ASN C 708 -11.76 40.26 42.61
N VAL C 709 -11.87 39.06 42.05
CA VAL C 709 -11.38 37.83 42.68
C VAL C 709 -10.58 37.03 41.66
N ALA C 710 -9.94 35.95 42.10
CA ALA C 710 -9.13 35.14 41.20
C ALA C 710 -8.90 33.71 41.69
N LEU C 711 -9.30 32.74 40.85
CA LEU C 711 -9.14 31.34 41.17
C LEU C 711 -7.70 30.94 40.81
N SER C 712 -7.19 29.89 41.44
CA SER C 712 -5.84 29.42 41.17
C SER C 712 -5.53 28.11 41.89
N GLY C 713 -4.55 27.37 41.38
CA GLY C 713 -4.18 26.11 41.99
C GLY C 713 -4.21 24.94 41.03
N GLY C 714 -3.72 23.79 41.47
CA GLY C 714 -3.70 22.61 40.63
C GLY C 714 -5.09 22.18 40.21
N VAL C 715 -6.03 22.23 41.16
CA VAL C 715 -7.41 21.85 40.87
C VAL C 715 -8.17 23.05 40.31
N ALA C 716 -7.48 23.83 39.48
CA ALA C 716 -8.08 25.00 38.86
C ALA C 716 -8.34 24.74 37.39
N TYR C 717 -7.95 23.56 36.93
CA TYR C 717 -8.15 23.19 35.53
C TYR C 717 -9.46 22.45 35.34
N ASN C 718 -10.02 21.93 36.43
CA ASN C 718 -11.29 21.22 36.37
C ASN C 718 -12.34 22.12 35.72
N GLU C 719 -12.54 21.95 34.42
CA GLU C 719 -13.51 22.75 33.69
C GLU C 719 -14.86 22.81 34.40
N LEU C 720 -15.24 21.72 35.08
CA LEU C 720 -16.51 21.68 35.79
C LEU C 720 -16.55 22.73 36.89
N ILE C 721 -15.53 22.72 37.73
CA ILE C 721 -15.45 23.65 38.85
C ILE C 721 -15.12 25.07 38.37
N THR C 722 -14.15 25.17 37.47
CA THR C 722 -13.74 26.47 36.94
C THR C 722 -14.93 27.18 36.30
N LYS C 723 -15.69 26.44 35.50
CA LYS C 723 -16.86 27.00 34.83
C LYS C 723 -17.83 27.61 35.83
N ILE C 725 -17.34 28.00 39.44
CA ILE C 725 -16.60 28.94 40.29
C ILE C 725 -16.48 30.31 39.64
N ARG C 726 -16.25 30.32 38.33
CA ARG C 726 -16.10 31.57 37.59
C ARG C 726 -17.45 32.25 37.35
N LYS C 727 -18.36 31.55 36.70
CA LYS C 727 -19.68 32.09 36.40
C LYS C 727 -20.33 32.68 37.65
N VAL C 728 -19.95 32.17 38.81
CA VAL C 728 -20.51 32.65 40.08
C VAL C 728 -20.17 34.13 40.28
N VAL C 729 -18.95 34.49 39.91
CA VAL C 729 -18.49 35.87 40.05
C VAL C 729 -19.20 36.80 39.07
N GLU C 730 -20.37 36.38 38.61
CA GLU C 730 -21.16 37.19 37.68
C GLU C 730 -22.02 38.15 38.50
N ALA C 731 -22.38 37.72 39.71
CA ALA C 731 -23.18 38.53 40.60
C ALA C 731 -22.24 39.40 41.41
N ASN C 732 -21.12 39.77 40.79
CA ASN C 732 -20.12 40.60 41.43
C ASN C 732 -19.27 41.25 40.35
N GLY C 733 -18.03 41.61 40.68
CA GLY C 733 -17.16 42.22 39.70
C GLY C 733 -16.40 41.18 38.91
N LEU C 734 -16.15 41.47 37.64
CA LEU C 734 -15.44 40.54 36.76
C LEU C 734 -14.12 40.06 37.35
N ASN C 735 -13.93 38.74 37.38
CA ASN C 735 -12.69 38.17 37.91
C ASN C 735 -11.77 37.75 36.77
N PHE C 736 -10.58 37.27 37.12
CA PHE C 736 -9.61 36.82 36.14
C PHE C 736 -8.98 35.51 36.59
N HIS C 737 -8.77 34.60 35.65
CA HIS C 737 -8.16 33.30 35.95
C HIS C 737 -6.90 33.16 35.12
N VAL C 738 -5.80 32.79 35.77
CA VAL C 738 -4.51 32.61 35.10
C VAL C 738 -4.70 32.11 33.66
N THR C 739 -4.37 32.96 32.70
CA THR C 739 -4.51 32.60 31.29
C THR C 739 -3.28 31.88 30.75
N THR C 740 -3.20 31.76 29.42
CA THR C 740 -2.09 31.09 28.76
C THR C 740 -0.72 31.61 29.20
N GLU C 741 -0.64 32.90 29.50
CA GLU C 741 0.62 33.52 29.94
C GLU C 741 1.24 32.75 31.11
N VAL C 742 0.58 32.81 32.26
CA VAL C 742 1.07 32.11 33.44
C VAL C 742 0.20 30.88 33.69
N PRO C 743 0.82 29.77 34.11
CA PRO C 743 0.02 28.56 34.37
C PRO C 743 -0.50 28.50 35.81
N ARG C 744 -1.81 28.53 35.96
CA ARG C 744 -2.44 28.49 37.27
C ARG C 744 -1.94 27.27 38.04
N GLY C 745 -1.33 26.34 37.32
CA GLY C 745 -0.81 25.14 37.95
C GLY C 745 0.38 25.43 38.83
N ASP C 746 0.92 24.38 39.44
CA ASP C 746 2.08 24.51 40.32
C ASP C 746 3.32 25.02 39.61
N ASN C 747 3.62 24.46 38.45
CA ASN C 747 4.79 24.85 37.66
C ASN C 747 4.95 26.36 37.56
N GLY C 748 3.83 27.08 37.61
CA GLY C 748 3.88 28.52 37.51
C GLY C 748 3.57 29.27 38.80
N VAL C 749 4.26 28.90 39.87
CA VAL C 749 4.04 29.56 41.16
C VAL C 749 5.09 30.64 41.37
N ASN C 750 6.30 30.38 40.87
CA ASN C 750 7.40 31.33 41.00
C ASN C 750 7.00 32.73 40.58
N VAL C 751 6.24 32.83 39.50
CA VAL C 751 5.78 34.13 39.01
C VAL C 751 5.06 34.88 40.12
N GLY C 752 4.13 34.18 40.79
CA GLY C 752 3.40 34.80 41.87
C GLY C 752 4.35 35.26 42.96
N GLN C 753 5.17 34.32 43.44
CA GLN C 753 6.13 34.62 44.49
C GLN C 753 6.92 35.88 44.17
N ALA C 754 7.40 35.96 42.94
CA ALA C 754 8.18 37.11 42.49
C ALA C 754 7.45 38.43 42.78
N PHE C 755 6.28 38.60 42.19
CA PHE C 755 5.46 39.80 42.39
C PHE C 755 5.16 39.99 43.88
N LEU C 756 5.09 38.87 44.60
CA LEU C 756 4.79 38.89 46.02
C LEU C 756 5.96 39.40 46.85
N GLY C 757 7.08 38.67 46.81
CA GLY C 757 8.25 39.07 47.55
C GLY C 757 8.78 40.42 47.12
N GLY C 758 8.84 40.63 45.80
CA GLY C 758 9.31 41.90 45.28
C GLY C 758 8.38 43.03 45.68
N LEU C 759 7.26 42.66 46.29
CA LEU C 759 6.28 43.63 46.76
C LEU C 759 6.61 44.03 48.19
N TYR C 760 6.96 43.05 49.01
CA TYR C 760 7.31 43.30 50.41
C TYR C 760 8.56 44.18 50.46
N LEU C 761 9.50 43.91 49.57
CA LEU C 761 10.73 44.69 49.50
C LEU C 761 10.37 46.17 49.39
N GLU C 762 9.56 46.49 48.40
CA GLU C 762 9.11 47.86 48.16
C GLU C 762 8.62 48.49 49.47
N GLY C 763 8.13 47.64 50.37
CA GLY C 763 7.63 48.13 51.64
C GLY C 763 6.12 48.27 51.67
N TYR C 764 5.44 47.58 50.77
CA TYR C 764 3.99 47.64 50.71
C TYR C 764 3.37 46.45 51.42
N LEU C 765 4.19 45.43 51.70
CA LEU C 765 3.73 44.23 52.38
C LEU C 765 4.50 44.07 53.69
N THR C 766 3.81 43.66 54.75
CA THR C 766 4.44 43.49 56.05
C THR C 766 5.38 42.30 56.04
N LYS C 767 6.51 42.45 56.72
CA LYS C 767 7.53 41.41 56.80
C LYS C 767 7.00 40.06 57.29
N GLU C 768 5.99 40.08 58.16
CA GLU C 768 5.46 38.85 58.71
C GLU C 768 4.11 38.35 58.19
N ASP C 769 3.33 39.21 57.55
CA ASP C 769 2.04 38.78 57.02
C ASP C 769 2.23 37.98 55.74
N LEU C 770 3.28 37.16 55.72
CA LEU C 770 3.58 36.29 54.59
C LEU C 770 3.89 34.93 55.18
N LEU C 772 2.62 34.24 58.42
CA LEU C 772 1.41 33.95 59.19
C LEU C 772 0.27 34.86 58.75
N LYS D 2 57.40 -28.45 10.61
CA LYS D 2 56.83 -29.17 9.48
C LYS D 2 55.86 -28.26 8.74
N ALA D 3 56.06 -28.10 7.44
CA ALA D 3 55.20 -27.25 6.63
C ALA D 3 54.79 -27.92 5.32
N TYR D 4 54.80 -27.13 4.25
CA TYR D 4 54.43 -27.61 2.93
C TYR D 4 54.87 -26.58 1.89
N HIS D 5 56.03 -26.81 1.29
CA HIS D 5 56.58 -25.90 0.30
C HIS D 5 55.70 -25.80 -0.94
N ILE D 6 54.74 -24.89 -0.91
CA ILE D 6 53.81 -24.68 -2.02
C ILE D 6 54.51 -23.95 -3.16
N HIS D 7 54.41 -24.48 -4.37
CA HIS D 7 55.04 -23.87 -5.53
C HIS D 7 54.05 -23.72 -6.67
N VAL D 8 53.50 -22.52 -6.81
CA VAL D 8 52.52 -22.23 -7.87
C VAL D 8 53.15 -21.36 -8.95
N GLN D 9 52.70 -21.54 -10.19
CA GLN D 9 53.21 -20.77 -11.32
C GLN D 9 52.27 -20.84 -12.53
N GLY D 10 52.06 -19.71 -13.18
CA GLY D 10 51.19 -19.68 -14.34
C GLY D 10 50.20 -18.54 -14.40
N ILE D 11 50.09 -17.78 -13.31
CA ILE D 11 49.16 -16.65 -13.23
C ILE D 11 49.32 -15.91 -11.90
N VAL D 12 49.56 -16.69 -10.85
CA VAL D 12 49.72 -16.20 -9.50
C VAL D 12 50.43 -14.86 -9.28
N GLN D 13 51.65 -14.73 -9.80
CA GLN D 13 52.47 -13.53 -9.63
C GLN D 13 51.84 -12.15 -9.83
N ALA D 14 51.70 -11.73 -11.09
CA ALA D 14 51.15 -10.41 -11.41
C ALA D 14 49.92 -10.06 -10.59
N VAL D 15 48.91 -10.92 -10.65
CA VAL D 15 47.66 -10.73 -9.93
C VAL D 15 47.94 -10.46 -8.44
N GLY D 16 46.95 -9.90 -7.75
CA GLY D 16 47.10 -9.62 -6.33
C GLY D 16 47.02 -10.91 -5.54
N PHE D 17 48.04 -11.74 -5.65
CA PHE D 17 48.08 -13.01 -4.96
C PHE D 17 48.67 -12.86 -3.57
N ARG D 18 49.62 -11.95 -3.42
CA ARG D 18 50.25 -11.72 -2.13
C ARG D 18 49.18 -11.27 -1.14
N PRO D 19 48.37 -10.26 -1.50
CA PRO D 19 47.31 -9.78 -0.61
C PRO D 19 46.30 -10.88 -0.31
N PHE D 20 46.19 -11.84 -1.23
CA PHE D 20 45.27 -12.96 -1.06
C PHE D 20 45.89 -14.13 -0.31
N VAL D 21 47.22 -14.22 -0.34
CA VAL D 21 47.93 -15.30 0.35
C VAL D 21 48.25 -14.90 1.79
N TYR D 22 48.45 -13.61 2.02
CA TYR D 22 48.77 -13.12 3.36
C TYR D 22 47.58 -13.32 4.29
N ARG D 23 46.39 -12.99 3.79
CA ARG D 23 45.16 -13.13 4.57
C ARG D 23 44.78 -14.59 4.74
N ILE D 24 44.64 -15.29 3.61
CA ILE D 24 44.27 -16.70 3.61
C ILE D 24 45.10 -17.49 4.61
N ALA D 25 46.23 -16.92 5.01
CA ALA D 25 47.13 -17.56 5.96
C ALA D 25 46.68 -17.33 7.40
N HIS D 26 46.53 -16.06 7.77
CA HIS D 26 46.11 -15.69 9.11
C HIS D 26 44.69 -16.15 9.45
N GLU D 27 43.95 -16.60 8.44
CA GLU D 27 42.59 -17.07 8.69
C GLU D 27 42.66 -18.36 9.50
N HIS D 28 43.49 -19.29 9.03
CA HIS D 28 43.67 -20.58 9.70
C HIS D 28 44.79 -20.44 10.74
N ASN D 29 45.20 -19.20 10.98
CA ASN D 29 46.27 -18.91 11.94
C ASN D 29 47.51 -19.75 11.67
N LEU D 30 47.56 -20.37 10.50
CA LEU D 30 48.70 -21.19 10.11
C LEU D 30 49.87 -20.29 9.73
N ARG D 31 50.97 -20.41 10.46
CA ARG D 31 52.15 -19.60 10.20
C ARG D 31 52.78 -19.90 8.84
N GLY D 32 53.86 -19.19 8.54
CA GLY D 32 54.55 -19.38 7.28
C GLY D 32 54.80 -18.05 6.60
N TYR D 33 55.01 -18.07 5.29
CA TYR D 33 55.25 -16.85 4.55
C TYR D 33 55.30 -17.09 3.04
N VAL D 34 54.72 -16.17 2.28
CA VAL D 34 54.69 -16.27 0.82
C VAL D 34 55.97 -15.67 0.25
N LYS D 35 56.36 -16.12 -0.95
CA LYS D 35 57.58 -15.62 -1.58
C LYS D 35 57.35 -15.42 -3.07
N ASN D 36 57.87 -14.31 -3.59
CA ASN D 36 57.72 -13.99 -5.01
C ASN D 36 59.08 -13.82 -5.69
N LEU D 37 59.67 -14.93 -6.11
CA LEU D 37 60.96 -14.92 -6.78
C LEU D 37 60.95 -13.96 -7.97
N GLY D 38 60.03 -14.20 -8.91
CA GLY D 38 59.93 -13.35 -10.07
C GLY D 38 58.57 -13.42 -10.73
N ASP D 39 58.55 -13.55 -12.05
CA ASP D 39 57.31 -13.64 -12.80
C ASP D 39 56.71 -15.03 -12.78
N ALA D 40 57.56 -16.04 -12.55
CA ALA D 40 57.11 -17.42 -12.50
C ALA D 40 57.89 -18.21 -11.46
N GLY D 41 57.65 -17.89 -10.18
CA GLY D 41 58.34 -18.57 -9.11
C GLY D 41 57.89 -18.11 -7.73
N VAL D 42 56.62 -18.35 -7.41
CA VAL D 42 56.08 -17.95 -6.12
C VAL D 42 55.87 -19.14 -5.21
N GLU D 43 56.44 -19.07 -4.01
CA GLU D 43 56.33 -20.14 -3.03
C GLU D 43 55.43 -19.71 -1.88
N ILE D 44 54.91 -20.70 -1.15
CA ILE D 44 54.02 -20.42 -0.02
C ILE D 44 54.32 -21.39 1.13
N VAL D 45 55.33 -21.08 1.93
CA VAL D 45 55.70 -21.91 3.06
C VAL D 45 54.58 -21.94 4.09
N VAL D 46 53.83 -23.03 4.13
CA VAL D 46 52.72 -23.17 5.07
C VAL D 46 53.14 -24.00 6.27
N GLU D 47 53.77 -23.35 7.24
CA GLU D 47 54.24 -24.02 8.46
C GLU D 47 53.21 -23.89 9.58
N GLY D 48 53.43 -24.65 10.65
CA GLY D 48 52.52 -24.62 11.78
C GLY D 48 51.99 -25.99 12.13
N ARG D 49 50.75 -26.05 12.63
CA ARG D 49 50.15 -27.33 12.98
C ARG D 49 49.80 -28.13 11.73
N GLU D 50 48.82 -29.02 11.84
CA GLU D 50 48.43 -29.84 10.69
C GLU D 50 46.96 -29.71 10.29
N GLU D 51 46.17 -29.06 11.14
CA GLU D 51 44.75 -28.89 10.84
C GLU D 51 44.51 -27.75 9.85
N ASP D 52 45.50 -26.88 9.70
CA ASP D 52 45.39 -25.76 8.79
C ASP D 52 46.40 -25.87 7.65
N ILE D 53 47.29 -26.85 7.75
CA ILE D 53 48.30 -27.07 6.72
C ILE D 53 47.67 -27.84 5.56
N GLU D 54 46.34 -27.93 5.59
CA GLU D 54 45.60 -28.63 4.55
C GLU D 54 44.34 -27.83 4.19
N ALA D 55 43.80 -27.13 5.17
CA ALA D 55 42.60 -26.32 4.97
C ALA D 55 42.91 -25.21 3.98
N PHE D 56 44.01 -24.49 4.22
CA PHE D 56 44.45 -23.40 3.35
C PHE D 56 44.60 -23.87 1.92
N ILE D 57 44.95 -25.14 1.75
CA ILE D 57 45.14 -25.72 0.43
C ILE D 57 43.90 -25.65 -0.45
N GLU D 58 42.82 -26.24 0.01
CA GLU D 58 41.56 -26.26 -0.73
C GLU D 58 40.92 -24.87 -0.83
N ASP D 59 41.53 -23.89 -0.17
CA ASP D 59 41.01 -22.53 -0.18
C ASP D 59 41.60 -21.71 -1.31
N LEU D 60 42.78 -22.12 -1.78
CA LEU D 60 43.48 -21.42 -2.85
C LEU D 60 42.86 -21.72 -4.22
N TYR D 61 42.25 -22.90 -4.34
CA TYR D 61 41.62 -23.32 -5.59
C TYR D 61 40.27 -22.68 -5.87
N LYS D 62 39.60 -22.23 -4.82
CA LYS D 62 38.28 -21.63 -4.97
C LYS D 62 38.23 -20.14 -4.67
N LYS D 63 38.80 -19.75 -3.54
CA LYS D 63 38.80 -18.36 -3.11
C LYS D 63 39.92 -17.53 -3.72
N LYS D 64 40.60 -18.12 -4.70
CA LYS D 64 41.70 -17.44 -5.38
C LYS D 64 41.24 -16.08 -5.91
N PRO D 65 42.19 -15.17 -6.20
CA PRO D 65 41.82 -13.85 -6.72
C PRO D 65 41.00 -13.95 -7.99
N PRO D 66 40.44 -12.82 -8.45
CA PRO D 66 39.62 -12.82 -9.67
C PRO D 66 40.34 -13.40 -10.89
N LEU D 67 41.36 -12.69 -11.36
CA LEU D 67 42.13 -13.13 -12.51
C LEU D 67 43.25 -14.07 -12.10
N ALA D 68 42.91 -15.33 -11.82
CA ALA D 68 43.92 -16.30 -11.41
C ALA D 68 43.44 -17.73 -11.53
N ARG D 69 44.27 -18.58 -12.13
CA ARG D 69 43.95 -19.99 -12.31
C ARG D 69 45.11 -20.82 -11.78
N ILE D 70 44.95 -21.36 -10.58
CA ILE D 70 45.99 -22.19 -9.97
C ILE D 70 46.46 -23.21 -10.99
N ASP D 71 47.72 -23.62 -10.89
CA ASP D 71 48.26 -24.59 -11.84
C ASP D 71 49.49 -25.33 -11.31
N ARG D 72 49.98 -24.93 -10.14
CA ARG D 72 51.15 -25.58 -9.56
C ARG D 72 51.15 -25.64 -8.04
N ILE D 73 51.45 -26.82 -7.51
CA ILE D 73 51.51 -27.05 -6.06
C ILE D 73 52.35 -28.30 -5.77
N GLU D 74 53.56 -28.07 -5.26
CA GLU D 74 54.47 -29.16 -4.94
C GLU D 74 54.91 -29.06 -3.47
N LYS D 75 54.02 -29.47 -2.57
CA LYS D 75 54.29 -29.43 -1.14
C LYS D 75 55.53 -30.24 -0.77
N LYS D 76 56.54 -29.57 -0.22
CA LYS D 76 57.77 -30.23 0.19
C LYS D 76 57.84 -30.21 1.71
N GLU D 77 59.00 -30.55 2.25
CA GLU D 77 59.18 -30.57 3.71
C GLU D 77 60.56 -30.08 4.13
N ILE D 78 60.65 -28.80 4.48
CA ILE D 78 61.89 -28.19 4.91
C ILE D 78 61.69 -27.49 6.25
N PRO D 79 62.62 -27.67 7.19
CA PRO D 79 62.52 -27.05 8.52
C PRO D 79 63.16 -25.66 8.62
N PRO D 80 62.33 -24.61 8.70
CA PRO D 80 62.84 -23.24 8.81
C PRO D 80 63.68 -23.09 10.08
N GLN D 81 64.87 -22.53 9.95
CA GLN D 81 65.76 -22.36 11.09
C GLN D 81 65.16 -21.44 12.15
N GLY D 82 64.03 -20.83 11.83
CA GLY D 82 63.36 -19.95 12.76
C GLY D 82 61.88 -20.29 12.84
N PHE D 83 61.45 -20.78 14.00
CA PHE D 83 60.04 -21.16 14.19
C PHE D 83 59.11 -20.02 13.79
N ASP D 84 58.46 -20.17 12.64
CA ASP D 84 57.54 -19.15 12.15
C ASP D 84 56.43 -18.84 13.15
N ARG D 85 56.17 -17.56 13.33
CA ARG D 85 55.13 -17.09 14.23
C ARG D 85 54.35 -16.01 13.49
N PHE D 86 54.99 -15.40 12.51
CA PHE D 86 54.39 -14.35 11.70
C PHE D 86 54.46 -14.75 10.23
N TYR D 87 53.58 -14.19 9.42
CA TYR D 87 53.55 -14.50 7.98
C TYR D 87 54.07 -13.29 7.21
N ILE D 88 55.01 -13.53 6.30
CA ILE D 88 55.59 -12.43 5.52
C ILE D 88 55.85 -12.79 4.05
N GLU D 89 56.47 -11.85 3.33
CA GLU D 89 56.80 -12.03 1.92
C GLU D 89 58.26 -11.65 1.71
N LYS D 90 58.63 -11.33 0.47
CA LYS D 90 59.99 -10.94 0.16
C LYS D 90 60.05 -9.97 -1.03
N SER D 91 61.03 -9.07 -0.99
CA SER D 91 61.20 -8.08 -2.05
C SER D 91 62.64 -7.59 -2.10
N ASP D 99 57.37 -5.22 -11.90
CA ASP D 99 56.75 -5.69 -13.13
C ASP D 99 55.24 -5.47 -13.10
N SER D 100 54.85 -4.24 -12.77
CA SER D 100 53.44 -3.89 -12.69
C SER D 100 52.79 -3.87 -14.08
N ILE D 101 51.58 -4.43 -14.17
CA ILE D 101 50.85 -4.49 -15.43
C ILE D 101 49.44 -3.94 -15.25
N ILE D 102 48.97 -3.16 -16.23
CA ILE D 102 47.64 -2.56 -16.19
C ILE D 102 46.54 -3.62 -16.23
N PRO D 103 45.75 -3.74 -15.14
CA PRO D 103 44.65 -4.69 -15.04
C PRO D 103 43.39 -4.16 -15.72
N PRO D 104 42.51 -5.06 -16.19
CA PRO D 104 41.27 -4.63 -16.84
C PRO D 104 40.18 -4.21 -15.86
N ASP D 105 38.99 -3.94 -16.40
CA ASP D 105 37.85 -3.53 -15.59
C ASP D 105 37.07 -4.75 -15.13
N ILE D 106 37.15 -5.05 -13.83
CA ILE D 106 36.45 -6.20 -13.27
C ILE D 106 35.17 -5.77 -12.55
N ALA D 107 34.09 -6.49 -12.82
CA ALA D 107 32.81 -6.21 -12.18
C ALA D 107 32.91 -6.56 -10.71
N ILE D 108 32.12 -5.89 -9.88
CA ILE D 108 32.13 -6.14 -8.43
C ILE D 108 32.22 -7.63 -8.12
N CYS D 109 32.93 -7.96 -7.05
CA CYS D 109 33.09 -9.35 -6.64
C CYS D 109 31.90 -9.75 -5.78
N ASP D 110 31.60 -11.04 -5.76
CA ASP D 110 30.48 -11.56 -4.98
C ASP D 110 30.45 -10.99 -3.56
N ASP D 111 31.58 -11.07 -2.86
CA ASP D 111 31.67 -10.57 -1.50
C ASP D 111 31.26 -9.11 -1.35
N CYS D 112 31.92 -8.22 -2.08
CA CYS D 112 31.59 -6.80 -2.00
C CYS D 112 30.11 -6.56 -2.23
N LEU D 113 29.51 -7.37 -3.11
CA LEU D 113 28.08 -7.27 -3.39
C LEU D 113 27.33 -7.34 -2.07
N ARG D 114 27.55 -8.42 -1.34
CA ARG D 114 26.91 -8.64 -0.05
C ARG D 114 27.21 -7.50 0.91
N GLU D 115 28.45 -7.04 0.91
CA GLU D 115 28.89 -5.97 1.79
C GLU D 115 27.96 -4.75 1.72
N LEU D 116 27.59 -4.35 0.51
CA LEU D 116 26.72 -3.20 0.32
C LEU D 116 25.25 -3.62 0.39
N PHE D 117 24.92 -4.68 -0.34
CA PHE D 117 23.55 -5.18 -0.39
C PHE D 117 23.04 -5.56 1.01
N ASP D 118 23.93 -5.54 2.00
CA ASP D 118 23.55 -5.88 3.36
C ASP D 118 23.81 -4.74 4.36
N PRO D 119 22.84 -4.50 5.27
CA PRO D 119 22.79 -3.49 6.32
C PRO D 119 24.00 -3.22 7.22
N THR D 120 24.53 -4.27 7.84
CA THR D 120 25.66 -4.17 8.77
C THR D 120 26.89 -3.33 8.41
N ASN D 121 27.10 -3.09 7.13
CA ASN D 121 28.28 -2.35 6.68
C ASN D 121 28.23 -0.82 6.66
N LYS D 122 29.40 -0.24 6.42
CA LYS D 122 29.59 1.20 6.33
C LYS D 122 29.24 1.67 4.92
N ARG D 123 29.42 0.76 3.96
CA ARG D 123 29.14 1.05 2.56
C ARG D 123 27.78 0.49 2.15
N TYR D 124 26.87 0.44 3.11
CA TYR D 124 25.51 -0.06 2.85
C TYR D 124 24.91 0.67 1.66
N TYR D 126 26.24 1.40 -1.04
CA TYR D 126 27.20 2.36 -1.60
C TYR D 126 27.55 1.96 -3.03
N PRO D 127 27.09 2.76 -4.00
CA PRO D 127 27.32 2.55 -5.44
C PRO D 127 28.79 2.37 -5.84
N PHE D 128 29.70 3.08 -5.18
CA PHE D 128 31.11 2.98 -5.51
C PHE D 128 31.92 2.12 -4.55
N ILE D 129 31.46 0.90 -4.30
CA ILE D 129 32.15 0.00 -3.40
C ILE D 129 33.08 -0.89 -4.23
N VAL D 130 34.17 -1.35 -3.62
CA VAL D 130 35.13 -2.20 -4.33
C VAL D 130 36.31 -2.61 -3.47
N CYS D 131 36.64 -3.90 -3.50
CA CYS D 131 37.77 -4.43 -2.75
C CYS D 131 39.00 -4.36 -3.66
N THR D 132 40.10 -4.95 -3.22
CA THR D 132 41.31 -4.94 -4.03
C THR D 132 41.31 -6.10 -5.03
N ASN D 133 40.16 -6.74 -5.18
CA ASN D 133 40.03 -7.87 -6.10
C ASN D 133 38.97 -7.65 -7.16
N CYS D 134 38.65 -6.39 -7.45
CA CYS D 134 37.65 -6.07 -8.47
C CYS D 134 37.46 -4.57 -8.61
N GLY D 135 36.37 -4.18 -9.27
CA GLY D 135 36.09 -2.77 -9.46
C GLY D 135 36.69 -2.22 -10.74
N PRO D 136 36.56 -0.89 -10.97
CA PRO D 136 37.10 -0.24 -12.17
C PRO D 136 38.62 -0.20 -12.19
N ARG D 137 39.20 -0.21 -13.38
CA ARG D 137 40.64 -0.17 -13.55
C ARG D 137 41.02 0.65 -14.78
N PHE D 138 41.14 -0.02 -15.92
CA PHE D 138 41.50 0.63 -17.17
C PHE D 138 40.73 1.93 -17.39
N THR D 139 39.42 1.87 -17.17
CA THR D 139 38.56 3.04 -17.34
C THR D 139 38.84 4.17 -16.38
N ILE D 140 39.87 4.02 -15.54
CA ILE D 140 40.20 5.06 -14.58
C ILE D 140 41.67 5.17 -14.23
N ILE D 141 42.50 4.33 -14.85
CA ILE D 141 43.93 4.36 -14.60
C ILE D 141 44.58 5.50 -15.39
N GLU D 142 45.03 6.53 -14.67
CA GLU D 142 45.67 7.68 -15.30
C GLU D 142 46.91 7.26 -16.08
N ASP D 143 47.78 6.49 -15.44
CA ASP D 143 49.00 6.03 -16.08
C ASP D 143 49.95 5.40 -15.06
N LEU D 144 50.63 4.33 -15.47
CA LEU D 144 51.58 3.67 -14.60
C LEU D 144 52.64 4.69 -14.19
N PRO D 145 53.16 4.58 -12.95
CA PRO D 145 52.82 3.58 -11.93
C PRO D 145 51.37 3.61 -11.48
N TYR D 146 50.72 2.45 -11.51
CA TYR D 146 49.33 2.33 -11.08
C TYR D 146 49.26 2.72 -9.61
N ASP D 147 48.84 3.95 -9.35
CA ASP D 147 48.76 4.45 -7.99
C ASP D 147 47.55 5.35 -7.76
N ARG D 148 47.21 5.56 -6.50
CA ARG D 148 46.08 6.41 -6.11
C ARG D 148 46.25 7.81 -6.69
N GLU D 149 47.37 8.44 -6.38
CA GLU D 149 47.67 9.78 -6.85
C GLU D 149 47.88 9.84 -8.36
N ASN D 150 47.77 8.70 -9.02
CA ASN D 150 47.94 8.62 -10.48
C ASN D 150 46.77 7.90 -11.13
N THR D 151 45.57 8.18 -10.64
CA THR D 151 44.36 7.57 -11.17
C THR D 151 43.19 8.55 -10.99
N THR D 152 42.05 8.24 -11.58
CA THR D 152 40.88 9.10 -11.49
C THR D 152 40.58 9.49 -10.04
N LYS D 154 42.34 10.38 -7.90
CA LYS D 154 43.44 11.23 -7.43
C LYS D 154 42.88 12.49 -6.79
N GLU D 155 41.65 12.81 -7.16
CA GLU D 155 40.95 13.98 -6.64
C GLU D 155 40.19 13.69 -5.35
N PHE D 156 40.00 12.41 -5.07
CA PHE D 156 39.27 11.99 -3.86
C PHE D 156 40.20 11.57 -2.72
N PRO D 157 40.42 12.47 -1.76
CA PRO D 157 41.28 12.17 -0.61
C PRO D 157 40.60 11.15 0.31
N CYS D 159 39.37 9.11 3.54
CA CYS D 159 38.99 9.50 4.90
C CYS D 159 39.75 8.59 5.84
N ASP D 160 39.96 9.06 7.07
CA ASP D 160 40.71 8.28 8.06
C ASP D 160 40.32 6.81 8.10
N PHE D 161 39.02 6.54 8.15
CA PHE D 161 38.53 5.15 8.19
C PHE D 161 39.09 4.31 7.05
N CYS D 162 38.84 4.75 5.82
CA CYS D 162 39.31 4.02 4.64
C CYS D 162 40.80 3.73 4.69
N ARG D 163 41.62 4.76 4.85
CA ARG D 163 43.06 4.59 4.90
C ARG D 163 43.45 3.48 5.87
N SER D 164 42.59 3.25 6.87
CA SER D 164 42.85 2.21 7.86
C SER D 164 42.82 0.84 7.17
N GLU D 165 41.83 0.63 6.31
CA GLU D 165 41.70 -0.63 5.58
C GLU D 165 42.72 -0.65 4.45
N TYR D 166 43.09 0.55 3.98
CA TYR D 166 44.07 0.70 2.91
C TYR D 166 45.45 0.27 3.39
N GLU D 167 45.74 0.51 4.66
CA GLU D 167 47.03 0.17 5.24
C GLU D 167 47.07 -1.27 5.75
N ASP D 168 46.03 -1.66 6.48
CA ASP D 168 45.96 -3.02 7.02
C ASP D 168 46.07 -4.08 5.92
N PRO D 169 46.99 -5.05 6.11
CA PRO D 169 47.21 -6.12 5.14
C PRO D 169 46.12 -7.20 5.16
N LEU D 170 45.59 -7.48 6.34
CA LEU D 170 44.56 -8.50 6.49
C LEU D 170 43.24 -8.08 5.86
N ASN D 171 43.02 -6.77 5.72
CA ASN D 171 41.79 -6.28 5.13
C ASN D 171 41.86 -6.36 3.60
N ARG D 172 40.80 -6.88 3.00
CA ARG D 172 40.73 -7.04 1.55
C ARG D 172 41.00 -5.74 0.79
N ARG D 173 40.55 -4.62 1.35
CA ARG D 173 40.75 -3.33 0.72
C ARG D 173 42.18 -2.82 0.88
N TYR D 174 43.16 -3.72 0.85
CA TYR D 174 44.55 -3.34 1.01
C TYR D 174 45.15 -2.80 -0.29
N HIS D 175 45.71 -1.60 -0.20
CA HIS D 175 46.32 -0.92 -1.34
C HIS D 175 45.40 -0.77 -2.54
N ALA D 176 44.12 -1.08 -2.35
CA ALA D 176 43.15 -0.95 -3.43
C ALA D 176 42.96 0.54 -3.68
N GLU D 177 43.79 1.09 -4.57
CA GLU D 177 43.74 2.51 -4.90
C GLU D 177 42.33 3.08 -5.09
N PRO D 178 41.46 2.37 -5.82
CA PRO D 178 40.09 2.85 -6.04
C PRO D 178 39.13 2.58 -4.89
N THR D 179 39.55 2.87 -3.65
CA THR D 179 38.71 2.64 -2.49
C THR D 179 38.07 3.94 -2.01
N ALA D 180 37.00 3.83 -1.23
CA ALA D 180 36.29 5.00 -0.72
C ALA D 180 35.11 4.63 0.17
N CYS D 181 34.20 5.58 0.34
CA CYS D 181 32.99 5.40 1.13
C CYS D 181 32.10 6.60 0.87
N PRO D 182 30.85 6.57 1.37
CA PRO D 182 29.94 7.68 1.15
C PRO D 182 30.44 9.04 1.62
N VAL D 183 31.51 9.04 2.42
CA VAL D 183 32.06 10.28 2.96
C VAL D 183 33.12 10.94 2.07
N CYS D 184 34.10 10.16 1.62
CA CYS D 184 35.16 10.70 0.77
C CYS D 184 35.05 10.21 -0.66
N GLY D 185 34.07 9.35 -0.92
CA GLY D 185 33.88 8.82 -2.26
C GLY D 185 32.96 9.68 -3.10
N PRO D 186 32.95 9.46 -4.43
CA PRO D 186 32.10 10.23 -5.35
C PRO D 186 30.62 10.13 -4.99
N SER D 187 29.81 11.04 -5.52
CA SER D 187 28.39 11.05 -5.22
C SER D 187 27.51 11.23 -6.46
N TYR D 188 26.51 10.36 -6.58
CA TYR D 188 25.58 10.40 -7.69
C TYR D 188 24.66 11.63 -7.64
N ARG D 189 23.97 11.87 -8.74
CA ARG D 189 23.04 13.00 -8.84
C ARG D 189 21.99 12.77 -9.91
N LEU D 190 20.85 13.43 -9.77
CA LEU D 190 19.75 13.30 -10.71
C LEU D 190 19.41 14.62 -11.39
N TYR D 191 19.51 14.65 -12.71
CA TYR D 191 19.21 15.86 -13.48
C TYR D 191 18.10 15.57 -14.49
N THR D 192 17.52 16.62 -15.05
CA THR D 192 16.45 16.47 -16.04
C THR D 192 16.67 17.53 -17.12
N SER D 193 17.58 17.25 -18.04
CA SER D 193 17.91 18.19 -19.11
C SER D 193 18.08 19.54 -18.43
N ASP D 194 18.74 19.51 -17.28
CA ASP D 194 19.02 20.66 -16.42
C ASP D 194 18.10 20.63 -15.20
N GLY D 195 18.65 21.00 -14.04
CA GLY D 195 17.87 20.98 -12.82
C GLY D 195 18.20 19.70 -12.08
N GLN D 196 18.22 19.75 -10.75
CA GLN D 196 18.53 18.55 -9.97
C GLN D 196 18.31 18.71 -8.47
N GLU D 197 19.10 17.97 -7.70
CA GLU D 197 19.05 18.01 -6.25
C GLU D 197 20.49 17.88 -5.75
N ILE D 198 20.65 17.47 -4.51
CA ILE D 198 21.96 17.32 -3.91
C ILE D 198 22.16 15.97 -3.28
N TYR D 199 23.41 15.59 -3.08
CA TYR D 199 23.77 14.31 -2.48
C TYR D 199 23.34 13.15 -3.38
N GLY D 200 23.53 11.93 -2.90
CA GLY D 200 23.16 10.76 -3.68
C GLY D 200 21.77 10.23 -3.40
N ASP D 201 20.92 11.06 -2.80
CA ASP D 201 19.55 10.66 -2.47
C ASP D 201 18.72 10.20 -3.67
N PRO D 202 18.95 10.79 -4.87
CA PRO D 202 18.19 10.42 -6.07
C PRO D 202 18.31 8.98 -6.58
N LEU D 203 19.49 8.38 -6.49
CA LEU D 203 19.67 7.01 -6.98
C LEU D 203 18.43 6.15 -6.89
N ARG D 204 17.73 6.23 -5.76
CA ARG D 204 16.52 5.46 -5.56
C ARG D 204 15.43 5.96 -6.51
N LYS D 205 15.04 7.21 -6.31
CA LYS D 205 14.02 7.84 -7.14
C LYS D 205 14.32 7.66 -8.62
N ALA D 206 15.59 7.82 -9.00
CA ALA D 206 16.00 7.67 -10.38
C ALA D 206 15.45 6.35 -10.93
N ALA D 207 15.76 5.26 -10.27
CA ALA D 207 15.30 3.94 -10.68
C ALA D 207 13.77 3.93 -10.69
N GLU D 208 13.17 4.57 -9.68
CA GLU D 208 11.72 4.63 -9.59
C GLU D 208 11.12 5.26 -10.84
N LEU D 209 11.93 5.99 -11.60
CA LEU D 209 11.46 6.63 -12.81
C LEU D 209 11.73 5.76 -14.03
N ILE D 210 12.82 4.99 -13.97
CA ILE D 210 13.19 4.11 -15.08
C ILE D 210 12.09 3.09 -15.35
N ASP D 211 11.37 2.68 -14.30
CA ASP D 211 10.29 1.72 -14.46
C ASP D 211 8.99 2.49 -14.71
N LYS D 212 8.96 3.73 -14.25
CA LYS D 212 7.81 4.59 -14.43
C LYS D 212 7.54 4.74 -15.91
N GLY D 213 8.61 4.71 -16.70
CA GLY D 213 8.49 4.83 -18.14
C GLY D 213 9.61 5.66 -18.74
N TYR D 214 9.86 6.82 -18.15
CA TYR D 214 10.90 7.73 -18.62
C TYR D 214 12.23 7.03 -18.78
N ILE D 215 13.11 7.59 -19.61
CA ILE D 215 14.43 7.03 -19.85
C ILE D 215 15.48 7.97 -19.26
N VAL D 216 16.55 7.40 -18.72
CA VAL D 216 17.61 8.21 -18.12
C VAL D 216 19.00 7.69 -18.49
N ALA D 217 19.95 8.60 -18.56
CA ALA D 217 21.33 8.25 -18.88
C ALA D 217 22.08 7.89 -17.61
N ILE D 218 22.77 6.76 -17.63
CA ILE D 218 23.52 6.30 -16.47
C ILE D 218 25.02 6.40 -16.71
N LYS D 219 25.76 6.83 -15.70
CA LYS D 219 27.20 6.97 -15.82
C LYS D 219 27.95 5.70 -15.45
N GLY D 220 28.03 4.77 -16.38
CA GLY D 220 28.72 3.52 -16.14
C GLY D 220 30.15 3.78 -15.70
N ILE D 221 30.90 2.70 -15.49
CA ILE D 221 32.30 2.80 -15.08
C ILE D 221 33.22 3.27 -16.21
N GLY D 222 32.84 2.96 -17.45
CA GLY D 222 33.65 3.36 -18.58
C GLY D 222 32.79 3.82 -19.75
N GLY D 223 32.13 4.97 -19.59
CA GLY D 223 31.28 5.49 -20.63
C GLY D 223 29.82 5.35 -20.25
N ILE D 224 29.15 6.48 -20.07
CA ILE D 224 27.74 6.49 -19.68
C ILE D 224 26.84 6.15 -20.86
N HIS D 225 25.65 5.63 -20.57
CA HIS D 225 24.71 5.26 -21.62
C HIS D 225 23.26 5.36 -21.15
N LEU D 226 22.33 5.41 -22.10
CA LEU D 226 20.91 5.50 -21.77
C LEU D 226 20.34 4.24 -21.16
N ALA D 227 19.45 4.42 -20.19
CA ALA D 227 18.79 3.33 -19.50
C ALA D 227 17.28 3.47 -19.67
N CYS D 228 16.58 2.34 -19.64
CA CYS D 228 15.13 2.34 -19.79
C CYS D 228 14.56 0.98 -19.42
N ASP D 229 13.24 0.92 -19.24
CA ASP D 229 12.58 -0.33 -18.90
C ASP D 229 12.24 -1.07 -20.17
N ALA D 230 12.83 -2.25 -20.35
CA ALA D 230 12.60 -3.06 -21.54
C ALA D 230 11.17 -3.62 -21.56
N ALA D 231 10.62 -3.86 -20.38
CA ALA D 231 9.27 -4.40 -20.28
C ALA D 231 8.22 -3.42 -20.79
N ASN D 232 8.50 -2.13 -20.68
CA ASN D 232 7.58 -1.09 -21.14
C ASN D 232 7.74 -0.87 -22.64
N GLU D 233 7.16 -1.75 -23.44
CA GLU D 233 7.23 -1.65 -24.89
C GLU D 233 6.90 -0.25 -25.37
N GLU D 234 6.11 0.46 -24.58
CA GLU D 234 5.69 1.81 -24.92
C GLU D 234 6.87 2.77 -25.07
N VAL D 235 7.56 3.02 -23.96
CA VAL D 235 8.70 3.93 -23.95
C VAL D 235 9.93 3.40 -24.68
N VAL D 236 10.06 2.08 -24.77
CA VAL D 236 11.21 1.48 -25.44
C VAL D 236 11.16 1.79 -26.94
N ALA D 237 9.95 1.91 -27.48
CA ALA D 237 9.77 2.22 -28.89
C ALA D 237 10.05 3.70 -29.11
N GLU D 238 9.51 4.53 -28.21
CA GLU D 238 9.70 5.97 -28.29
C GLU D 238 11.18 6.31 -28.31
N LEU D 239 11.96 5.58 -27.51
CA LEU D 239 13.39 5.79 -27.43
C LEU D 239 14.05 5.60 -28.79
N ARG D 240 13.65 4.54 -29.50
CA ARG D 240 14.23 4.26 -30.81
C ARG D 240 14.08 5.41 -31.80
N ARG D 241 13.22 6.36 -31.50
CA ARG D 241 13.02 7.51 -32.38
C ARG D 241 13.88 8.69 -31.96
N ARG D 242 13.97 8.92 -30.65
CA ARG D 242 14.78 10.02 -30.13
C ARG D 242 16.26 9.76 -30.40
N THR D 243 16.56 8.53 -30.82
CA THR D 243 17.94 8.15 -31.12
C THR D 243 18.12 7.85 -32.60
N PHE D 244 17.02 7.71 -33.32
CA PHE D 244 17.06 7.42 -34.76
C PHE D 244 17.69 6.06 -35.00
N ARG D 245 17.13 5.04 -34.38
CA ARG D 245 17.60 3.66 -34.50
C ARG D 245 16.38 2.77 -34.70
N PRO D 246 16.22 2.23 -35.92
CA PRO D 246 15.09 1.35 -36.29
C PRO D 246 15.13 -0.13 -35.94
N GLN D 247 16.28 -0.79 -36.01
CA GLN D 247 16.28 -2.22 -35.71
C GLN D 247 17.48 -2.82 -34.99
N LYS D 248 18.60 -2.11 -34.93
CA LYS D 248 19.79 -2.64 -34.25
C LYS D 248 19.44 -3.27 -32.89
N PRO D 249 19.84 -4.54 -32.69
CA PRO D 249 19.60 -5.28 -31.45
C PRO D 249 19.94 -4.49 -30.19
N PHE D 250 18.91 -4.22 -29.39
CA PHE D 250 19.07 -3.47 -28.14
C PHE D 250 19.64 -4.38 -27.05
N ALA D 251 20.27 -3.78 -26.04
CA ALA D 251 20.85 -4.55 -24.95
C ALA D 251 19.96 -4.46 -23.70
N ILE D 252 19.73 -5.61 -23.07
CA ILE D 252 18.89 -5.68 -21.88
C ILE D 252 19.70 -6.17 -20.69
N ALA D 254 19.42 -8.08 -17.12
CA ALA D 254 18.61 -8.91 -16.25
C ALA D 254 19.07 -8.81 -14.79
N LYS D 255 18.14 -9.00 -13.87
CA LYS D 255 18.42 -8.90 -12.43
C LYS D 255 19.37 -9.99 -11.95
N ASP D 256 18.87 -11.22 -11.96
CA ASP D 256 19.65 -12.37 -11.53
C ASP D 256 19.66 -13.42 -12.63
N ILE D 257 20.65 -14.30 -12.59
CA ILE D 257 20.77 -15.34 -13.60
C ILE D 257 19.45 -16.09 -13.80
N GLU D 258 18.60 -16.07 -12.76
CA GLU D 258 17.31 -16.74 -12.83
C GLU D 258 16.40 -16.06 -13.85
N THR D 259 16.64 -14.77 -14.09
CA THR D 259 15.84 -14.03 -15.05
C THR D 259 16.30 -14.32 -16.47
N VAL D 260 17.60 -14.59 -16.62
CA VAL D 260 18.17 -14.89 -17.93
C VAL D 260 17.38 -16.02 -18.60
N LYS D 261 16.74 -16.85 -17.79
CA LYS D 261 15.95 -17.97 -18.29
C LYS D 261 14.57 -17.51 -18.76
N SER D 262 13.76 -17.04 -17.83
CA SER D 262 12.41 -16.57 -18.15
C SER D 262 12.41 -15.63 -19.35
N PHE D 263 13.56 -15.04 -19.64
CA PHE D 263 13.71 -14.12 -20.76
C PHE D 263 14.23 -14.82 -22.01
N ALA D 264 15.00 -15.89 -21.80
CA ALA D 264 15.57 -16.65 -22.90
C ALA D 264 16.29 -17.91 -22.40
N TYR D 265 16.78 -18.71 -23.34
CA TYR D 265 17.50 -19.94 -23.00
C TYR D 265 18.84 -19.60 -22.38
N VAL D 266 19.55 -20.61 -21.89
CA VAL D 266 20.84 -20.40 -21.27
C VAL D 266 21.78 -21.59 -21.44
N SER D 267 22.91 -21.34 -22.11
CA SER D 267 23.90 -22.40 -22.34
C SER D 267 24.72 -22.61 -21.07
N PRO D 268 25.28 -23.82 -20.89
CA PRO D 268 26.09 -24.18 -19.73
C PRO D 268 27.32 -23.32 -19.48
N GLU D 269 28.35 -23.47 -20.32
CA GLU D 269 29.57 -22.67 -20.16
C GLU D 269 29.27 -21.21 -20.46
N GLU D 270 28.00 -20.92 -20.69
CA GLU D 270 27.56 -19.56 -20.97
C GLU D 270 27.22 -18.83 -19.69
N GLU D 271 26.47 -19.53 -18.83
CA GLU D 271 26.06 -18.96 -17.55
C GLU D 271 27.32 -18.60 -16.77
N GLU D 272 28.39 -19.33 -17.06
CA GLU D 272 29.69 -19.10 -16.43
C GLU D 272 30.33 -17.90 -17.11
N GLU D 273 29.95 -17.67 -18.36
CA GLU D 273 30.47 -16.55 -19.14
C GLU D 273 29.78 -15.24 -18.77
N LEU D 274 28.56 -15.36 -18.22
CA LEU D 274 27.79 -14.19 -17.82
C LEU D 274 28.27 -13.64 -16.49
N THR D 275 28.27 -14.50 -15.46
CA THR D 275 28.70 -14.10 -14.13
C THR D 275 30.20 -13.88 -14.10
N SER D 276 30.80 -13.73 -15.28
CA SER D 276 32.24 -13.51 -15.39
C SER D 276 32.60 -12.12 -14.90
N TYR D 277 33.85 -11.96 -14.49
CA TYR D 277 34.35 -10.68 -13.98
C TYR D 277 34.21 -9.58 -15.02
N ARG D 278 33.75 -9.94 -16.21
CA ARG D 278 33.60 -8.97 -17.29
C ARG D 278 32.16 -8.59 -17.59
N ARG D 279 31.21 -9.35 -17.06
CA ARG D 279 29.79 -9.08 -17.25
C ARG D 279 29.46 -8.60 -18.67
N PRO D 280 29.79 -9.42 -19.68
CA PRO D 280 29.54 -9.08 -21.08
C PRO D 280 28.08 -9.25 -21.50
N ILE D 281 27.74 -8.72 -22.67
CA ILE D 281 26.38 -8.81 -23.19
C ILE D 281 26.26 -10.01 -24.12
N ILE D 282 26.09 -11.20 -23.54
CA ILE D 282 25.96 -12.41 -24.33
C ILE D 282 24.60 -12.43 -25.02
N THR D 283 24.51 -13.15 -26.14
CA THR D 283 23.26 -13.25 -26.88
C THR D 283 22.77 -14.70 -26.90
N LEU D 284 21.49 -14.87 -26.58
CA LEU D 284 20.88 -16.19 -26.52
C LEU D 284 19.72 -16.37 -27.47
N ARG D 285 18.80 -17.25 -27.10
CA ARG D 285 17.62 -17.53 -27.89
C ARG D 285 16.38 -17.24 -27.06
N LYS D 286 15.75 -16.10 -27.30
CA LYS D 286 14.54 -15.74 -26.56
C LYS D 286 13.57 -16.91 -26.64
N LYS D 287 12.90 -17.22 -25.53
CA LYS D 287 11.95 -18.32 -25.49
C LYS D 287 10.93 -18.18 -26.62
N GLU D 288 10.31 -19.29 -26.99
CA GLU D 288 9.33 -19.29 -28.07
C GLU D 288 8.26 -18.21 -27.79
N PRO D 289 7.51 -18.34 -26.69
CA PRO D 289 6.49 -17.33 -26.40
C PRO D 289 7.21 -16.06 -25.95
N PHE D 290 7.49 -15.17 -26.89
CA PHE D 290 8.21 -13.94 -26.58
C PHE D 290 7.65 -13.18 -25.37
N PRO D 291 8.48 -13.05 -24.31
CA PRO D 291 8.08 -12.35 -23.08
C PRO D 291 8.30 -10.84 -23.20
N LEU D 292 9.55 -10.46 -23.40
CA LEU D 292 9.91 -9.05 -23.53
C LEU D 292 9.36 -8.49 -24.85
N PRO D 293 9.01 -7.19 -24.86
CA PRO D 293 8.48 -6.54 -26.06
C PRO D 293 9.26 -6.90 -27.31
N GLU D 294 8.61 -6.78 -28.46
CA GLU D 294 9.25 -7.08 -29.73
C GLU D 294 10.11 -5.92 -30.21
N ASN D 295 9.95 -4.77 -29.55
CA ASN D 295 10.72 -3.57 -29.91
C ASN D 295 12.19 -3.73 -29.56
N LEU D 296 12.49 -4.54 -28.55
CA LEU D 296 13.86 -4.76 -28.11
C LEU D 296 14.76 -5.32 -29.21
N ALA D 297 14.17 -6.06 -30.14
CA ALA D 297 14.95 -6.64 -31.24
C ALA D 297 14.06 -7.42 -32.20
N PRO D 298 13.66 -6.79 -33.32
CA PRO D 298 12.81 -7.42 -34.33
C PRO D 298 13.62 -8.17 -35.38
N GLY D 299 13.02 -9.21 -35.96
CA GLY D 299 13.69 -9.99 -36.98
C GLY D 299 14.98 -10.65 -36.51
N LEU D 300 15.03 -10.98 -35.22
CA LEU D 300 16.21 -11.62 -34.64
C LEU D 300 15.83 -12.50 -33.45
N HIS D 301 16.05 -13.81 -33.61
CA HIS D 301 15.74 -14.77 -32.55
C HIS D 301 16.59 -14.52 -31.31
N THR D 302 17.76 -13.92 -31.51
CA THR D 302 18.68 -13.64 -30.42
C THR D 302 18.46 -12.27 -29.78
N ILE D 303 18.86 -12.15 -28.52
CA ILE D 303 18.73 -10.91 -27.77
C ILE D 303 19.93 -10.72 -26.85
N GLY D 304 20.40 -9.48 -26.74
CA GLY D 304 21.54 -9.21 -25.88
C GLY D 304 21.16 -9.37 -24.41
N VAL D 305 22.11 -9.82 -23.61
CA VAL D 305 21.87 -10.02 -22.18
C VAL D 305 23.01 -9.48 -21.33
N LEU D 307 24.41 -8.48 -17.41
CA LEU D 307 24.28 -8.76 -15.99
C LEU D 307 24.86 -7.57 -15.24
N PRO D 308 24.27 -7.21 -14.09
CA PRO D 308 24.78 -6.08 -13.31
C PRO D 308 26.27 -6.29 -13.06
N TYR D 309 27.06 -5.22 -13.12
CA TYR D 309 28.50 -5.34 -12.94
C TYR D 309 29.15 -4.40 -11.93
N ALA D 310 28.47 -3.32 -11.55
CA ALA D 310 29.04 -2.38 -10.59
C ALA D 310 28.06 -1.95 -9.53
N GLY D 311 28.61 -1.52 -8.39
CA GLY D 311 27.80 -1.09 -7.26
C GLY D 311 26.45 -0.49 -7.61
N THR D 312 26.46 0.53 -8.46
CA THR D 312 25.24 1.21 -8.87
C THR D 312 24.26 0.29 -9.59
N HIS D 313 24.78 -0.57 -10.47
CA HIS D 313 23.94 -1.49 -11.21
C HIS D 313 23.08 -2.36 -10.30
N TYR D 314 23.73 -3.05 -9.36
CA TYR D 314 23.03 -3.92 -8.42
C TYR D 314 22.02 -3.13 -7.58
N ILE D 315 22.46 -2.02 -7.02
CA ILE D 315 21.61 -1.18 -6.19
C ILE D 315 20.45 -0.57 -6.98
N LEU D 316 20.73 -0.12 -8.19
CA LEU D 316 19.71 0.48 -9.05
C LEU D 316 18.65 -0.58 -9.35
N PHE D 317 19.08 -1.83 -9.39
CA PHE D 317 18.19 -2.95 -9.67
C PHE D 317 17.24 -3.22 -8.51
N HIS D 318 17.71 -2.99 -7.29
CA HIS D 318 16.89 -3.20 -6.11
C HIS D 318 15.49 -2.65 -6.39
N TRP D 319 15.40 -1.33 -6.50
CA TRP D 319 14.14 -0.67 -6.77
C TRP D 319 13.67 -0.99 -8.18
N SER D 320 13.11 0.01 -8.85
CA SER D 320 12.60 -0.19 -10.21
C SER D 320 11.99 -1.57 -10.35
N LYS D 321 10.72 -1.69 -9.93
CA LYS D 321 9.99 -2.96 -10.01
C LYS D 321 10.59 -3.89 -11.04
N THR D 322 10.16 -3.72 -12.29
CA THR D 322 10.65 -4.51 -13.41
C THR D 322 12.17 -4.63 -13.40
N PRO D 323 12.68 -5.85 -13.49
CA PRO D 323 14.12 -6.08 -13.48
C PRO D 323 14.84 -5.62 -14.76
N VAL D 324 14.62 -6.32 -15.86
CA VAL D 324 15.24 -6.01 -17.14
C VAL D 324 15.23 -4.55 -17.55
N TYR D 325 16.43 -3.99 -17.71
CA TYR D 325 16.61 -2.61 -18.14
C TYR D 325 17.05 -2.64 -19.60
N VAL D 326 17.55 -1.51 -20.09
CA VAL D 326 18.01 -1.40 -21.47
C VAL D 326 19.24 -0.49 -21.52
N THR D 328 22.25 0.99 -23.53
CA THR D 328 22.84 1.29 -24.84
C THR D 328 23.66 2.56 -24.85
N SER D 329 24.85 2.44 -25.44
CA SER D 329 25.80 3.55 -25.56
C SER D 329 25.11 4.89 -25.79
N ALA D 330 25.12 5.73 -24.76
CA ALA D 330 24.51 7.06 -24.84
C ALA D 330 25.25 7.88 -25.88
N ASN D 331 24.75 7.87 -27.11
CA ASN D 331 25.37 8.63 -28.19
C ASN D 331 24.62 8.43 -29.50
N TYR D 332 24.40 9.54 -30.22
CA TYR D 332 23.72 9.48 -31.50
C TYR D 332 24.39 8.43 -32.39
N PRO D 333 23.67 7.93 -33.40
CA PRO D 333 24.23 6.93 -34.31
C PRO D 333 25.53 7.36 -34.96
N GLY D 334 26.65 6.89 -34.41
CA GLY D 334 27.95 7.24 -34.95
C GLY D 334 28.92 7.69 -33.88
N PRO D 336 30.82 8.17 -30.37
CA PRO D 336 31.16 7.21 -29.31
C PRO D 336 30.54 7.63 -27.98
N VAL D 338 29.49 9.05 -24.40
CA VAL D 338 29.67 10.40 -23.88
C VAL D 338 30.16 10.34 -22.44
N LYS D 339 31.45 10.61 -22.25
CA LYS D 339 32.05 10.57 -20.91
C LYS D 339 31.70 11.81 -20.09
N ASP D 340 32.55 12.82 -20.16
CA ASP D 340 32.34 14.05 -19.40
C ASP D 340 30.87 14.41 -19.22
N ASN D 341 30.53 14.83 -18.01
CA ASN D 341 29.17 15.21 -17.68
C ASN D 341 28.77 16.43 -18.52
N GLU D 342 29.76 17.24 -18.87
CA GLU D 342 29.55 18.43 -19.68
C GLU D 342 28.87 18.06 -20.99
N ARG D 343 29.46 17.11 -21.70
CA ARG D 343 28.94 16.65 -22.98
C ARG D 343 27.64 15.87 -22.81
N ALA D 344 27.45 15.29 -21.63
CA ALA D 344 26.25 14.51 -21.35
C ALA D 344 24.99 15.36 -21.45
N PHE D 345 25.17 16.66 -21.65
CA PHE D 345 24.04 17.58 -21.77
C PHE D 345 23.93 18.13 -23.18
N GLU D 346 25.02 18.71 -23.68
CA GLU D 346 25.04 19.29 -25.00
C GLU D 346 24.83 18.28 -26.12
N GLU D 347 24.42 17.07 -25.75
CA GLU D 347 24.19 16.03 -26.74
C GLU D 347 22.92 15.23 -26.50
N LEU D 348 22.63 14.91 -25.23
CA LEU D 348 21.44 14.14 -24.91
C LEU D 348 20.32 14.97 -24.29
N LYS D 349 20.37 16.28 -24.49
CA LYS D 349 19.33 17.15 -23.94
C LYS D 349 17.96 16.78 -24.51
N ASP D 350 17.92 16.53 -25.81
CA ASP D 350 16.69 16.18 -26.49
C ASP D 350 16.57 14.67 -26.68
N VAL D 351 17.48 13.92 -26.06
CA VAL D 351 17.50 12.47 -26.16
C VAL D 351 16.86 11.77 -24.96
N ALA D 352 17.46 11.93 -23.78
CA ALA D 352 16.95 11.30 -22.57
C ALA D 352 16.00 12.21 -21.80
N ASP D 353 15.48 11.70 -20.68
CA ASP D 353 14.56 12.46 -19.85
C ASP D 353 15.22 12.88 -18.54
N TYR D 354 16.11 12.02 -18.03
CA TYR D 354 16.80 12.30 -16.78
C TYR D 354 18.28 11.93 -16.87
N PHE D 355 19.07 12.40 -15.91
CA PHE D 355 20.50 12.14 -15.88
C PHE D 355 20.94 11.56 -14.54
N LEU D 356 21.94 10.68 -14.60
CA LEU D 356 22.48 10.05 -13.40
C LEU D 356 23.99 9.93 -13.59
N LEU D 357 24.71 10.94 -13.14
CA LEU D 357 26.17 10.97 -13.27
C LEU D 357 26.89 11.03 -11.93
N HIS D 358 28.20 10.84 -11.97
CA HIS D 358 29.03 10.88 -10.78
C HIS D 358 30.31 11.70 -10.97
N ASN D 359 30.83 12.24 -9.88
CA ASN D 359 32.02 13.08 -9.90
C ASN D 359 33.29 12.44 -10.49
N ARG D 360 33.37 11.11 -10.44
CA ARG D 360 34.54 10.40 -10.96
C ARG D 360 34.62 10.49 -12.49
N LYS D 361 35.67 11.14 -12.99
CA LYS D 361 35.87 11.29 -14.43
C LYS D 361 36.37 10.01 -15.08
N ILE D 362 35.59 9.50 -16.03
CA ILE D 362 35.96 8.31 -16.76
C ILE D 362 36.88 8.68 -17.92
N LEU D 363 38.19 8.64 -17.66
CA LEU D 363 39.20 8.99 -18.65
C LEU D 363 39.14 8.14 -19.92
N ASN D 364 39.35 6.84 -19.77
CA ASN D 364 39.34 5.92 -20.90
C ASN D 364 37.96 5.32 -21.17
N ARG D 365 37.49 5.49 -22.39
CA ARG D 365 36.19 4.97 -22.79
C ARG D 365 36.28 3.46 -22.89
N ALA D 366 35.13 2.78 -22.86
CA ALA D 366 35.13 1.32 -22.95
C ALA D 366 33.72 0.76 -23.14
N ASP D 367 33.32 0.59 -24.40
CA ASP D 367 32.00 0.05 -24.70
C ASP D 367 31.83 -1.33 -24.07
N ASP D 368 30.58 -1.70 -23.79
CA ASP D 368 30.28 -2.99 -23.19
C ASP D 368 30.52 -4.11 -24.21
N SER D 369 31.55 -4.91 -23.97
CA SER D 369 31.87 -6.01 -24.87
C SER D 369 30.75 -7.03 -24.95
N VAL D 370 30.34 -7.34 -26.17
CA VAL D 370 29.28 -8.31 -26.41
C VAL D 370 29.90 -9.60 -26.96
N ILE D 371 29.35 -10.73 -26.56
CA ILE D 371 29.86 -12.03 -27.00
C ILE D 371 28.72 -12.98 -27.37
N ARG D 372 28.86 -13.65 -28.50
CA ARG D 372 27.87 -14.60 -28.97
C ARG D 372 28.52 -15.95 -29.25
N PHE D 373 27.85 -17.03 -28.88
CA PHE D 373 28.40 -18.36 -29.08
C PHE D 373 27.94 -19.02 -30.38
N VAL D 374 28.89 -19.65 -31.06
CA VAL D 374 28.61 -20.36 -32.31
C VAL D 374 28.72 -21.85 -32.04
N ASP D 375 28.58 -22.66 -33.08
CA ASP D 375 28.64 -24.11 -32.94
C ASP D 375 29.99 -24.66 -32.50
N GLY D 376 31.02 -24.40 -33.29
CA GLY D 376 32.36 -24.89 -32.97
C GLY D 376 32.77 -24.68 -31.54
N LYS D 377 32.75 -23.42 -31.10
CA LYS D 377 33.13 -23.07 -29.73
C LYS D 377 32.31 -21.89 -29.24
N ARG D 378 32.98 -20.97 -28.55
CA ARG D 378 32.29 -19.80 -28.02
C ARG D 378 33.15 -18.55 -28.25
N ALA D 379 33.04 -17.96 -29.43
CA ALA D 379 33.81 -16.77 -29.77
C ALA D 379 33.13 -15.47 -29.36
N VAL D 380 33.85 -14.37 -29.49
CA VAL D 380 33.32 -13.05 -29.14
C VAL D 380 33.38 -12.14 -30.36
N ILE D 381 32.66 -11.03 -30.30
CA ILE D 381 32.64 -10.08 -31.41
C ILE D 381 33.20 -8.74 -30.98
N ARG D 382 32.89 -8.32 -29.76
CA ARG D 382 33.36 -7.03 -29.26
C ARG D 382 34.44 -7.21 -28.18
N ARG D 383 35.69 -6.94 -28.58
CA ARG D 383 36.82 -7.06 -27.66
C ARG D 383 37.06 -5.71 -27.00
N SER D 384 36.71 -5.62 -25.72
CA SER D 384 36.87 -4.39 -24.94
C SER D 384 36.25 -4.64 -23.57
N ARG D 385 35.51 -3.65 -23.08
CA ARG D 385 34.85 -3.78 -21.79
C ARG D 385 35.78 -4.29 -20.70
N GLY D 386 35.57 -5.54 -20.27
CA GLY D 386 36.38 -6.11 -19.21
C GLY D 386 37.69 -6.77 -19.60
N PHE D 387 38.05 -6.71 -20.88
CA PHE D 387 39.30 -7.33 -21.32
C PHE D 387 40.45 -6.34 -21.30
N VAL D 388 40.39 -5.34 -22.18
CA VAL D 388 41.43 -4.31 -22.27
C VAL D 388 41.81 -3.85 -20.86
N PRO D 389 43.12 -3.67 -20.61
CA PRO D 389 44.22 -3.89 -21.54
C PRO D 389 44.96 -5.22 -21.36
N LEU D 390 44.34 -6.32 -21.78
CA LEU D 390 44.96 -7.62 -21.68
C LEU D 390 45.49 -8.04 -23.05
N PRO D 391 46.81 -8.26 -23.16
CA PRO D 391 47.48 -8.65 -24.41
C PRO D 391 47.33 -10.09 -24.88
N ILE D 392 47.38 -10.22 -26.21
CA ILE D 392 47.30 -11.50 -26.90
C ILE D 392 48.71 -11.67 -27.47
N GLU D 393 49.22 -12.89 -27.46
CA GLU D 393 50.57 -13.16 -27.93
C GLU D 393 50.77 -13.31 -29.44
N ILE D 394 51.82 -12.67 -29.93
CA ILE D 394 52.19 -12.71 -31.34
C ILE D 394 53.53 -13.43 -31.41
N PRO D 395 53.73 -14.31 -32.40
CA PRO D 395 54.98 -15.05 -32.53
C PRO D 395 56.21 -14.19 -32.83
N PHE D 396 56.01 -12.90 -33.03
CA PHE D 396 57.13 -12.01 -33.33
C PHE D 396 57.20 -10.84 -32.35
N GLU D 397 58.41 -10.40 -32.04
CA GLU D 397 58.62 -9.30 -31.12
C GLU D 397 58.94 -8.03 -31.89
N TYR D 398 58.19 -6.97 -31.59
CA TYR D 398 58.40 -5.68 -32.25
C TYR D 398 57.42 -4.64 -31.71
N ASN D 399 57.92 -3.44 -31.48
CA ASN D 399 57.10 -2.35 -30.97
C ASN D 399 56.44 -1.65 -32.15
N GLY D 400 55.19 -2.01 -32.45
CA GLY D 400 54.51 -1.40 -33.56
C GLY D 400 53.04 -1.10 -33.33
N LEU D 401 52.48 -0.29 -34.23
CA LEU D 401 51.08 0.10 -34.16
C LEU D 401 50.37 -0.31 -35.44
N ALA D 402 49.14 -0.79 -35.31
CA ALA D 402 48.35 -1.20 -36.46
C ALA D 402 46.91 -0.72 -36.32
N VAL D 403 46.39 -0.10 -37.38
CA VAL D 403 45.03 0.41 -37.36
C VAL D 403 44.02 -0.69 -37.63
N GLY D 404 43.82 -1.02 -38.90
CA GLY D 404 42.88 -2.06 -39.26
C GLY D 404 41.72 -1.59 -40.12
N ALA D 405 40.58 -2.26 -39.99
CA ALA D 405 39.39 -1.90 -40.75
C ALA D 405 38.90 -0.51 -40.38
N GLU D 406 37.97 0.03 -41.16
CA GLU D 406 37.43 1.36 -40.91
C GLU D 406 36.14 1.28 -40.11
N LEU D 407 35.36 0.23 -40.35
CA LEU D 407 34.09 0.01 -39.68
C LEU D 407 34.23 -0.96 -38.53
N ASN D 409 36.09 -0.78 -35.82
CA ASN D 409 37.54 -0.92 -35.68
C ASN D 409 38.05 -1.03 -34.25
N ALA D 410 39.35 -1.29 -34.13
CA ALA D 410 40.04 -1.42 -32.85
C ALA D 410 41.54 -1.47 -33.14
N PHE D 411 42.24 -0.36 -32.89
CA PHE D 411 43.66 -0.30 -33.14
C PHE D 411 44.44 -1.17 -32.14
N GLY D 412 45.67 -1.51 -32.50
CA GLY D 412 46.48 -2.34 -31.63
C GLY D 412 47.95 -1.97 -31.64
N VAL D 413 48.66 -2.37 -30.60
CA VAL D 413 50.08 -2.09 -30.46
C VAL D 413 50.77 -3.34 -29.91
N ALA D 414 51.83 -3.79 -30.59
CA ALA D 414 52.55 -4.99 -30.16
C ALA D 414 53.97 -4.70 -29.66
N LYS D 415 54.47 -5.61 -28.83
CA LYS D 415 55.81 -5.49 -28.27
C LYS D 415 56.21 -6.81 -27.60
N ASN D 416 57.46 -7.21 -27.79
CA ASN D 416 57.97 -8.45 -27.19
C ASN D 416 57.21 -9.69 -27.65
N GLY D 417 56.15 -9.48 -28.44
CA GLY D 417 55.36 -10.60 -28.92
C GLY D 417 53.96 -10.65 -28.35
N LYS D 418 53.38 -9.49 -28.10
CA LYS D 418 52.03 -9.42 -27.54
C LYS D 418 51.32 -8.13 -27.97
N VAL D 419 50.36 -8.26 -28.88
CA VAL D 419 49.60 -7.12 -29.38
C VAL D 419 48.52 -6.73 -28.38
N TYR D 420 48.20 -5.44 -28.31
CA TYR D 420 47.19 -4.94 -27.39
C TYR D 420 45.93 -4.46 -28.09
N PRO D 421 44.80 -5.16 -27.86
CA PRO D 421 43.52 -4.77 -28.47
C PRO D 421 42.92 -3.59 -27.71
N SER D 422 42.60 -2.52 -28.44
CA SER D 422 42.03 -1.33 -27.81
C SER D 422 40.52 -1.46 -27.61
N GLN D 423 39.97 -0.57 -26.79
CA GLN D 423 38.54 -0.58 -26.52
C GLN D 423 37.83 -0.48 -27.86
N TYR D 424 36.55 -0.81 -27.88
CA TYR D 424 35.78 -0.74 -29.11
C TYR D 424 35.68 0.70 -29.60
N ILE D 425 36.69 1.12 -30.36
CA ILE D 425 36.74 2.48 -30.89
C ILE D 425 35.64 2.70 -31.92
N GLY D 426 34.64 1.82 -31.91
CA GLY D 426 33.53 1.92 -32.84
C GLY D 426 33.92 2.04 -34.30
N ASN D 427 33.07 2.73 -35.06
CA ASN D 427 33.30 2.94 -36.50
C ASN D 427 34.07 4.24 -36.72
N THR D 428 35.28 4.13 -37.26
CA THR D 428 36.14 5.28 -37.50
C THR D 428 35.59 6.29 -38.50
N GLY D 429 34.43 6.01 -39.09
CA GLY D 429 33.86 6.90 -40.06
C GLY D 429 33.79 8.36 -39.64
N LYS D 430 32.81 8.70 -38.82
CA LYS D 430 32.63 10.07 -38.34
C LYS D 430 33.92 10.69 -37.82
N VAL D 431 34.07 11.99 -37.99
CA VAL D 431 35.25 12.70 -37.51
C VAL D 431 35.34 12.59 -36.00
N GLU D 432 34.25 12.89 -35.31
CA GLU D 432 34.22 12.81 -33.86
C GLU D 432 34.93 11.54 -33.41
N VAL D 433 34.68 10.44 -34.13
CA VAL D 433 35.30 9.16 -33.83
C VAL D 433 36.80 9.17 -34.11
N LEU D 434 37.17 9.60 -35.31
CA LEU D 434 38.57 9.63 -35.71
C LEU D 434 39.47 10.23 -34.62
N GLU D 435 39.09 11.40 -34.11
CA GLU D 435 39.87 12.05 -33.08
C GLU D 435 39.92 11.21 -31.80
N PHE D 436 38.95 10.33 -31.64
CA PHE D 436 38.92 9.49 -30.45
C PHE D 436 40.04 8.47 -30.47
N ARG D 438 43.20 8.72 -31.75
CA ARG D 438 44.45 9.34 -31.31
C ARG D 438 44.57 9.33 -29.79
N GLU D 439 43.56 9.88 -29.12
CA GLU D 439 43.53 9.93 -27.66
C GLU D 439 43.75 8.55 -27.07
N ALA D 440 43.19 7.53 -27.72
CA ALA D 440 43.31 6.16 -27.26
C ALA D 440 44.73 5.64 -27.49
N ILE D 441 45.31 6.01 -28.64
CA ILE D 441 46.67 5.58 -28.96
C ILE D 441 47.68 6.33 -28.10
N ALA D 442 47.36 7.58 -27.78
CA ALA D 442 48.23 8.39 -26.95
C ALA D 442 48.28 7.83 -25.53
N HIS D 443 47.22 7.14 -25.14
CA HIS D 443 47.14 6.55 -23.81
C HIS D 443 47.88 5.23 -23.80
N PHE D 444 47.56 4.35 -24.75
CA PHE D 444 48.22 3.06 -24.85
C PHE D 444 49.73 3.24 -24.87
N ARG D 445 50.18 4.40 -25.36
CA ARG D 445 51.60 4.69 -25.43
C ARG D 445 52.22 5.09 -24.10
N LYS D 446 51.39 5.40 -23.11
CA LYS D 446 51.92 5.78 -21.80
C LYS D 446 52.22 4.56 -20.94
N ILE D 447 51.93 3.37 -21.47
CA ILE D 447 52.19 2.12 -20.77
C ILE D 447 53.03 1.25 -21.71
N LEU D 448 53.69 1.90 -22.66
CA LEU D 448 54.53 1.21 -23.63
C LEU D 448 55.79 2.00 -23.95
N ARG D 449 56.25 1.88 -25.18
CA ARG D 449 57.47 2.57 -25.62
C ARG D 449 57.20 3.67 -26.64
N VAL D 450 57.84 4.83 -26.43
CA VAL D 450 57.71 5.96 -27.33
C VAL D 450 58.67 5.71 -28.49
N LYS D 451 58.46 6.39 -29.62
CA LYS D 451 59.33 6.20 -30.78
C LYS D 451 59.43 4.71 -31.04
N ASN D 452 58.28 4.05 -31.17
CA ASN D 452 58.24 2.61 -31.41
C ASN D 452 59.35 2.16 -32.35
N LEU D 453 60.13 1.19 -31.90
CA LEU D 453 61.25 0.67 -32.66
C LEU D 453 60.84 0.02 -33.99
N ASP D 454 59.55 0.00 -34.28
CA ASP D 454 59.08 -0.62 -35.52
C ASP D 454 58.10 0.21 -36.35
N LEU D 455 57.55 -0.41 -37.39
CA LEU D 455 56.62 0.24 -38.31
C LEU D 455 55.13 0.15 -37.93
N ILE D 456 54.29 0.64 -38.85
CA ILE D 456 52.84 0.65 -38.65
C ILE D 456 52.17 -0.31 -39.64
N ILE D 457 50.86 -0.51 -39.47
CA ILE D 457 50.09 -1.37 -40.36
C ILE D 457 48.71 -0.77 -40.61
N ALA D 458 48.13 -1.09 -41.76
CA ALA D 458 46.81 -0.58 -42.12
C ALA D 458 46.17 -1.45 -43.19
N ASP D 459 44.84 -1.52 -43.18
CA ASP D 459 44.11 -2.32 -44.16
C ASP D 459 44.54 -1.90 -45.56
N LEU D 460 44.46 -2.83 -46.51
CA LEU D 460 44.87 -2.56 -47.87
C LEU D 460 43.91 -1.65 -48.64
N HIS D 461 43.27 -0.72 -47.92
CA HIS D 461 42.32 0.19 -48.55
C HIS D 461 42.83 1.64 -48.43
N PRO D 462 43.33 2.20 -49.53
CA PRO D 462 43.85 3.57 -49.60
C PRO D 462 42.81 4.68 -49.44
N ALA D 463 41.73 4.42 -48.71
CA ALA D 463 40.70 5.43 -48.52
C ALA D 463 40.02 5.38 -47.15
N TYR D 464 40.51 4.52 -46.27
CA TYR D 464 39.94 4.42 -44.93
C TYR D 464 40.38 5.57 -44.04
N ASN D 465 39.47 6.07 -43.21
CA ASN D 465 39.80 7.16 -42.29
C ASN D 465 40.85 6.67 -41.32
N THR D 466 41.10 5.36 -41.35
CA THR D 466 42.08 4.72 -40.50
C THR D 466 43.46 4.87 -41.14
N THR D 467 43.62 4.26 -42.31
CA THR D 467 44.88 4.34 -43.04
C THR D 467 45.19 5.81 -43.26
N LYS D 468 44.13 6.61 -43.29
CA LYS D 468 44.25 8.06 -43.47
C LYS D 468 45.21 8.58 -42.41
N LEU D 469 45.07 8.08 -41.19
CA LEU D 469 45.92 8.46 -40.08
C LEU D 469 47.25 7.72 -40.17
N ALA D 470 47.19 6.50 -40.69
CA ALA D 470 48.38 5.67 -40.84
C ALA D 470 49.44 6.40 -41.66
N GLU D 472 49.64 9.88 -42.40
CA GLU D 472 50.10 11.08 -41.75
C GLU D 472 50.94 10.72 -40.52
N ALA D 474 52.59 7.91 -40.14
CA ALA D 474 53.83 7.32 -40.64
C ALA D 474 54.80 8.44 -40.99
N ASN D 475 54.27 9.48 -41.62
CA ASN D 475 55.06 10.63 -42.01
C ASN D 475 55.54 11.37 -40.76
N GLU D 476 55.18 10.83 -39.60
CA GLU D 476 55.58 11.42 -38.33
C GLU D 476 56.48 10.47 -37.58
N LEU D 477 57.51 11.01 -36.92
CA LEU D 477 58.46 10.20 -36.17
C LEU D 477 59.25 9.33 -37.14
N ASP D 478 59.00 9.53 -38.44
CA ASP D 478 59.67 8.78 -39.49
C ASP D 478 59.54 7.28 -39.28
N VAL D 479 58.31 6.78 -39.31
CA VAL D 479 58.05 5.36 -39.12
C VAL D 479 57.49 4.75 -40.40
N GLU D 480 58.10 3.66 -40.84
CA GLU D 480 57.68 2.98 -42.06
C GLU D 480 56.22 2.54 -41.96
N LEU D 481 55.52 2.56 -43.09
CA LEU D 481 54.12 2.16 -43.12
C LEU D 481 53.95 0.87 -43.93
N LEU D 482 52.97 0.08 -43.55
CA LEU D 482 52.71 -1.20 -44.22
C LEU D 482 51.21 -1.45 -44.45
N GLN D 483 50.87 -1.90 -45.65
CA GLN D 483 49.47 -2.19 -45.98
C GLN D 483 49.29 -3.70 -46.15
N VAL D 484 48.19 -4.22 -45.62
CA VAL D 484 47.90 -5.65 -45.71
C VAL D 484 46.44 -5.92 -46.05
N GLN D 485 46.21 -6.91 -46.89
CA GLN D 485 44.86 -7.30 -47.29
C GLN D 485 43.94 -7.37 -46.07
N HIS D 486 42.66 -7.13 -46.29
CA HIS D 486 41.68 -7.18 -45.21
C HIS D 486 41.40 -8.62 -44.79
N HIS D 487 41.30 -9.50 -45.79
CA HIS D 487 41.03 -10.90 -45.53
C HIS D 487 42.25 -11.65 -45.03
N TYR D 488 43.42 -11.30 -45.57
CA TYR D 488 44.65 -11.95 -45.11
C TYR D 488 44.88 -11.59 -43.65
N ALA D 489 44.06 -10.68 -43.14
CA ALA D 489 44.15 -10.25 -41.76
C ALA D 489 43.29 -11.15 -40.87
N HIS D 490 42.02 -11.26 -41.21
CA HIS D 490 41.10 -12.11 -40.44
C HIS D 490 41.59 -13.54 -40.44
N ILE D 491 41.87 -14.07 -41.62
CA ILE D 491 42.35 -15.43 -41.76
C ILE D 491 43.64 -15.61 -40.97
N ALA D 492 44.37 -14.51 -40.77
CA ALA D 492 45.62 -14.54 -40.04
C ALA D 492 45.39 -14.39 -38.54
N SER D 493 44.35 -13.63 -38.18
CA SER D 493 44.03 -13.40 -36.78
C SER D 493 43.78 -14.72 -36.04
N VAL D 494 43.33 -15.72 -36.79
CA VAL D 494 43.05 -17.03 -36.21
C VAL D 494 44.33 -17.74 -35.80
N ALA D 496 47.27 -16.35 -35.48
CA ALA D 496 48.01 -15.48 -34.56
C ALA D 496 47.49 -15.71 -33.16
N GLU D 497 46.22 -16.11 -33.07
CA GLU D 497 45.57 -16.38 -31.79
C GLU D 497 45.88 -17.80 -31.34
N LYS D 498 45.64 -18.76 -32.21
CA LYS D 498 45.90 -20.16 -31.92
C LYS D 498 47.41 -20.38 -31.82
N ASN D 499 48.16 -19.34 -32.15
CA ASN D 499 49.61 -19.36 -32.11
C ASN D 499 50.20 -20.52 -32.91
N LEU D 500 49.83 -20.62 -34.18
CA LEU D 500 50.32 -21.68 -35.05
C LEU D 500 51.01 -21.12 -36.29
N ASP D 501 51.18 -21.97 -37.28
CA ASP D 501 51.84 -21.56 -38.52
C ASP D 501 50.91 -21.57 -39.72
N SER D 502 51.50 -21.43 -40.91
CA SER D 502 50.77 -21.41 -42.17
C SER D 502 49.68 -22.46 -42.27
N VAL D 503 48.47 -22.02 -42.60
CA VAL D 503 47.33 -22.91 -42.75
C VAL D 503 46.26 -22.29 -43.65
N ILE D 504 45.70 -23.08 -44.55
CA ILE D 504 44.66 -22.61 -45.44
C ILE D 504 43.47 -22.15 -44.61
N GLY D 505 42.50 -21.51 -45.25
CA GLY D 505 41.34 -21.04 -44.51
C GLY D 505 40.31 -20.34 -45.38
N ILE D 506 39.11 -20.15 -44.81
CA ILE D 506 38.02 -19.50 -45.52
C ILE D 506 37.80 -18.09 -44.97
N ALA D 507 37.66 -17.13 -45.88
CA ALA D 507 37.44 -15.74 -45.50
C ALA D 507 36.00 -15.34 -45.83
N LEU D 508 35.22 -15.06 -44.79
CA LEU D 508 33.82 -14.66 -44.97
C LEU D 508 33.56 -13.29 -44.37
N ASP D 509 33.84 -12.24 -45.13
CA ASP D 509 33.62 -10.88 -44.65
C ASP D 509 32.58 -10.14 -45.49
N GLY D 510 32.33 -8.88 -45.13
CA GLY D 510 31.34 -8.08 -45.84
C GLY D 510 31.87 -7.33 -47.04
N VAL D 511 32.77 -6.38 -46.81
CA VAL D 511 33.35 -5.59 -47.89
C VAL D 511 34.83 -5.36 -47.64
N GLY D 512 35.64 -6.37 -47.93
CA GLY D 512 37.07 -6.26 -47.73
C GLY D 512 37.79 -5.63 -48.91
N TYR D 513 38.77 -4.79 -48.62
CA TYR D 513 39.54 -4.12 -49.66
C TYR D 513 40.48 -5.11 -50.35
N GLY D 514 39.88 -6.13 -50.97
CA GLY D 514 40.67 -7.13 -51.66
C GLY D 514 41.78 -6.55 -52.51
N THR D 515 42.83 -7.34 -52.74
CA THR D 515 43.95 -6.89 -53.55
C THR D 515 43.50 -6.59 -54.98
N ASP D 516 44.02 -5.51 -55.54
CA ASP D 516 43.68 -5.09 -56.91
C ASP D 516 42.32 -4.41 -56.96
N GLY D 517 42.06 -3.54 -55.98
CA GLY D 517 40.80 -2.82 -55.95
C GLY D 517 39.58 -3.72 -56.10
N ASN D 518 39.77 -5.02 -55.87
CA ASN D 518 38.66 -5.96 -55.97
C ASN D 518 37.89 -5.95 -54.66
N THR D 519 36.58 -6.18 -54.74
CA THR D 519 35.77 -6.21 -53.54
C THR D 519 35.61 -7.65 -53.08
N TRP D 520 36.61 -8.14 -52.34
CA TRP D 520 36.60 -9.49 -51.84
C TRP D 520 35.58 -9.67 -50.71
N GLY D 521 35.45 -10.90 -50.22
CA GLY D 521 34.51 -11.18 -49.16
C GLY D 521 33.99 -12.59 -49.25
N GLY D 522 34.47 -13.32 -50.25
CA GLY D 522 34.06 -14.70 -50.44
C GLY D 522 35.18 -15.46 -51.11
N GLU D 523 36.33 -15.55 -50.45
CA GLU D 523 37.48 -16.23 -51.01
C GLU D 523 38.11 -17.19 -50.01
N VAL D 524 38.92 -18.10 -50.52
CA VAL D 524 39.66 -19.03 -49.69
C VAL D 524 41.11 -18.69 -50.03
N LEU D 525 41.91 -18.45 -49.01
CA LEU D 525 43.29 -18.07 -49.23
C LEU D 525 44.29 -19.01 -48.55
N TYR D 526 45.57 -18.66 -48.67
CA TYR D 526 46.64 -19.44 -48.07
C TYR D 526 47.53 -18.51 -47.25
N LEU D 527 47.93 -18.98 -46.06
CA LEU D 527 48.76 -18.19 -45.18
C LEU D 527 50.16 -18.77 -45.05
N GLY D 528 50.74 -19.16 -46.19
CA GLY D 528 52.07 -19.73 -46.18
C GLY D 528 53.16 -18.69 -45.99
N TYR D 529 53.95 -18.87 -44.94
CA TYR D 529 55.05 -17.96 -44.62
C TYR D 529 55.71 -17.38 -45.87
N GLU D 530 56.17 -18.26 -46.75
CA GLU D 530 56.83 -17.84 -47.97
C GLU D 530 55.89 -17.93 -49.18
N ASP D 531 55.69 -16.80 -49.85
CA ASP D 531 54.83 -16.73 -51.02
C ASP D 531 53.37 -17.08 -50.70
N VAL D 532 52.60 -16.05 -50.33
CA VAL D 532 51.19 -16.23 -50.02
C VAL D 532 50.35 -15.90 -51.24
N GLU D 533 49.35 -16.73 -51.54
CA GLU D 533 48.51 -16.51 -52.70
C GLU D 533 47.05 -16.92 -52.48
N ARG D 534 46.16 -16.39 -53.31
CA ARG D 534 44.74 -16.69 -53.24
C ARG D 534 44.46 -18.06 -53.84
N LEU D 535 43.33 -18.66 -53.48
CA LEU D 535 42.95 -19.96 -54.01
C LEU D 535 41.65 -19.84 -54.81
N ALA D 536 40.53 -20.23 -54.21
CA ALA D 536 39.24 -20.14 -54.89
C ALA D 536 38.45 -18.98 -54.31
N HIS D 537 37.31 -18.68 -54.92
CA HIS D 537 36.46 -17.59 -54.44
C HIS D 537 35.10 -17.59 -55.13
N ILE D 538 34.41 -16.46 -55.07
CA ILE D 538 33.10 -16.32 -55.69
C ILE D 538 33.19 -15.43 -56.93
N ASP D 539 32.39 -15.73 -57.94
CA ASP D 539 32.40 -14.96 -59.18
C ASP D 539 31.86 -13.56 -58.93
N TYR D 540 32.72 -12.58 -59.12
CA TYR D 540 32.37 -11.18 -58.92
C TYR D 540 31.05 -10.82 -59.60
N TYR D 541 30.21 -10.06 -58.89
CA TYR D 541 28.93 -9.63 -59.41
C TYR D 541 28.85 -8.11 -59.50
N PRO D 542 28.27 -7.60 -60.60
CA PRO D 542 28.12 -6.15 -60.82
C PRO D 542 27.03 -5.53 -59.94
N LEU D 543 27.45 -4.81 -58.90
CA LEU D 543 26.51 -4.18 -57.99
C LEU D 543 26.45 -2.66 -58.23
N PRO D 544 25.24 -2.12 -58.41
CA PRO D 544 25.06 -0.68 -58.64
C PRO D 544 25.43 0.15 -57.40
N GLY D 545 26.64 0.70 -57.42
CA GLY D 545 27.10 1.50 -56.29
C GLY D 545 27.91 0.68 -55.32
N GLY D 546 29.11 1.17 -54.99
CA GLY D 546 29.98 0.46 -54.07
C GLY D 546 29.37 0.32 -52.69
N ASP D 547 28.78 1.39 -52.19
CA ASP D 547 28.15 1.39 -50.88
C ASP D 547 26.64 1.23 -51.03
N LEU D 548 26.10 1.85 -52.07
CA LEU D 548 24.67 1.79 -52.36
C LEU D 548 24.15 0.36 -52.40
N ALA D 549 24.95 -0.53 -52.99
CA ALA D 549 24.57 -1.94 -53.10
C ALA D 549 24.40 -2.55 -51.72
N SER D 550 25.07 -1.97 -50.73
CA SER D 550 24.98 -2.46 -49.36
C SER D 550 23.82 -1.77 -48.65
N TYR D 551 23.75 -0.45 -48.80
CA TYR D 551 22.69 0.34 -48.18
C TYR D 551 21.34 -0.21 -48.63
N TYR D 552 21.20 -0.40 -49.93
CA TYR D 552 19.95 -0.94 -50.47
C TYR D 552 20.24 -2.35 -50.98
N PRO D 553 19.80 -3.38 -50.22
CA PRO D 553 20.00 -4.78 -50.56
C PRO D 553 19.42 -5.19 -51.91
N LEU D 554 18.43 -4.46 -52.39
CA LEU D 554 17.81 -4.76 -53.67
C LEU D 554 18.80 -4.57 -54.81
N ARG D 555 19.79 -3.71 -54.59
CA ARG D 555 20.80 -3.45 -55.61
C ARG D 555 21.73 -4.65 -55.73
N ALA D 556 22.06 -5.26 -54.61
CA ALA D 556 22.93 -6.43 -54.59
C ALA D 556 22.18 -7.68 -55.04
N LEU D 557 20.86 -7.63 -54.96
CA LEU D 557 20.01 -8.75 -55.36
C LEU D 557 19.98 -8.85 -56.87
N GLY D 559 22.28 -7.31 -58.83
CA GLY D 559 23.66 -7.42 -59.27
C GLY D 559 24.14 -8.84 -59.47
N ILE D 560 23.59 -9.77 -58.70
CA ILE D 560 23.99 -11.17 -58.81
C ILE D 560 23.13 -11.97 -59.78
N LEU D 561 21.87 -11.55 -59.96
CA LEU D 561 20.96 -12.24 -60.87
C LEU D 561 21.31 -11.95 -62.32
N SER D 562 22.12 -10.92 -62.55
CA SER D 562 22.52 -10.55 -63.90
C SER D 562 23.56 -11.54 -64.44
N LYS D 563 24.11 -12.34 -63.53
CA LYS D 563 25.12 -13.34 -63.90
C LYS D 563 24.44 -14.65 -64.26
N VAL D 564 23.12 -14.65 -64.23
CA VAL D 564 22.33 -15.84 -64.54
C VAL D 564 21.30 -15.56 -65.62
N TYR D 565 20.77 -14.34 -65.61
CA TYR D 565 19.76 -13.95 -66.58
C TYR D 565 20.24 -12.76 -67.40
N SER D 566 19.41 -12.34 -68.35
CA SER D 566 19.75 -11.21 -69.22
C SER D 566 19.11 -9.92 -68.70
N ILE D 567 19.37 -8.83 -69.41
CA ILE D 567 18.84 -7.52 -69.06
C ILE D 567 17.34 -7.59 -68.75
N ASP D 568 16.60 -8.23 -69.65
CA ASP D 568 15.16 -8.37 -69.49
C ASP D 568 14.82 -9.58 -68.61
N GLU D 569 15.61 -10.64 -68.74
CA GLU D 569 15.40 -11.84 -67.95
C GLU D 569 15.55 -11.52 -66.47
N LEU D 570 16.17 -10.37 -66.19
CA LEU D 570 16.39 -9.91 -64.83
C LEU D 570 15.17 -9.18 -64.30
N GLU D 571 14.52 -8.41 -65.16
CA GLU D 571 13.33 -7.66 -64.80
C GLU D 571 12.20 -8.58 -64.37
N GLY D 572 12.15 -9.77 -64.98
CA GLY D 572 11.11 -10.72 -64.66
C GLY D 572 11.37 -11.49 -63.37
N VAL D 573 12.62 -11.88 -63.15
CA VAL D 573 12.99 -12.63 -61.96
C VAL D 573 12.67 -11.84 -60.69
N ILE D 574 12.62 -10.51 -60.83
CA ILE D 574 12.32 -9.64 -59.70
C ILE D 574 10.84 -9.75 -59.33
N ASN D 575 9.99 -9.98 -60.33
CA ASN D 575 8.56 -10.11 -60.11
C ASN D 575 8.24 -11.23 -59.13
N ARG D 576 9.25 -12.00 -58.75
CA ARG D 576 9.07 -13.10 -57.81
C ARG D 576 8.82 -12.49 -56.42
N CYS D 577 8.86 -11.17 -56.37
CA CYS D 577 8.63 -10.42 -55.14
C CYS D 577 8.43 -8.94 -55.50
N CYS D 578 7.79 -8.19 -54.61
CA CYS D 578 7.54 -6.77 -54.87
C CYS D 578 8.27 -5.85 -53.89
N PRO D 579 9.60 -5.77 -54.00
CA PRO D 579 10.39 -4.91 -53.12
C PRO D 579 10.73 -3.57 -53.75
N LYS D 580 10.30 -3.34 -54.98
CA LYS D 580 10.61 -2.08 -55.64
C LYS D 580 10.22 -0.91 -54.75
N ALA D 581 9.19 -1.10 -53.92
CA ALA D 581 8.70 -0.06 -53.02
C ALA D 581 9.57 0.11 -51.78
N VAL D 582 10.73 -0.52 -51.76
CA VAL D 582 11.64 -0.43 -50.63
C VAL D 582 12.39 0.88 -50.65
N GLU D 583 13.12 1.11 -51.74
CA GLU D 583 13.87 2.32 -51.92
C GLU D 583 12.89 3.44 -52.27
N SER D 584 11.61 3.16 -52.10
CA SER D 584 10.55 4.13 -52.40
C SER D 584 10.24 4.96 -51.17
N LEU D 585 10.47 4.36 -50.01
CA LEU D 585 10.21 5.01 -48.74
C LEU D 585 11.49 5.68 -48.23
N LYS D 586 12.38 5.99 -49.15
CA LYS D 586 13.64 6.62 -48.78
C LYS D 586 14.36 7.20 -50.01
N TYR D 587 13.73 7.07 -51.17
CA TYR D 587 14.29 7.57 -52.41
C TYR D 587 13.32 7.19 -53.54
N GLY D 588 13.75 7.35 -54.79
CA GLY D 588 12.89 6.99 -55.90
C GLY D 588 12.83 5.49 -56.05
N LYS D 589 11.68 4.95 -56.47
CA LYS D 589 11.55 3.51 -56.61
C LYS D 589 11.59 3.00 -58.04
N VAL D 590 10.56 3.29 -58.80
CA VAL D 590 10.48 2.86 -60.19
C VAL D 590 11.75 3.30 -60.91
N GLU D 591 12.28 4.44 -60.48
CA GLU D 591 13.50 4.98 -61.07
C GLU D 591 14.72 4.15 -60.69
N PHE D 592 14.75 3.63 -59.47
CA PHE D 592 15.89 2.81 -59.05
C PHE D 592 16.02 1.60 -59.97
N ASN D 593 14.89 1.05 -60.37
CA ASN D 593 14.89 -0.10 -61.27
C ASN D 593 15.40 0.35 -62.63
N VAL D 594 15.08 1.60 -62.99
CA VAL D 594 15.51 2.17 -64.26
C VAL D 594 17.03 2.19 -64.30
N VAL D 595 17.65 2.02 -63.14
CA VAL D 595 19.11 2.01 -63.05
C VAL D 595 19.63 0.69 -63.62
N LEU D 596 18.70 -0.22 -63.92
CA LEU D 596 19.05 -1.51 -64.48
C LEU D 596 19.93 -1.33 -65.70
N ASN D 597 19.70 -0.26 -66.45
CA ASN D 597 20.50 0.03 -67.64
C ASN D 597 21.95 0.19 -67.20
N GLN D 598 22.14 0.97 -66.15
CA GLN D 598 23.48 1.20 -65.59
C GLN D 598 24.13 -0.13 -65.23
N LEU D 599 23.30 -1.09 -64.87
CA LEU D 599 23.77 -2.42 -64.48
C LEU D 599 23.91 -3.34 -65.69
N ALA D 600 23.03 -3.16 -66.68
CA ALA D 600 23.05 -3.99 -67.87
C ALA D 600 24.12 -3.53 -68.87
N LYS D 601 24.27 -2.22 -68.99
CA LYS D 601 25.24 -1.65 -69.92
C LYS D 601 26.67 -1.74 -69.39
N GLY D 602 26.81 -2.25 -68.16
CA GLY D 602 28.13 -2.37 -67.57
C GLY D 602 28.78 -1.01 -67.41
N ILE D 603 27.97 0.04 -67.57
CA ILE D 603 28.44 1.42 -67.44
C ILE D 603 29.05 1.65 -66.07
N ASN D 604 28.22 2.06 -65.13
CA ASN D 604 28.65 2.32 -63.76
C ASN D 604 28.46 1.05 -62.95
N THR D 605 29.54 0.33 -62.70
CA THR D 605 29.48 -0.91 -61.93
C THR D 605 30.81 -1.26 -61.28
N ALA D 606 30.75 -1.83 -60.08
CA ALA D 606 31.95 -2.25 -59.36
C ALA D 606 31.89 -3.77 -59.30
N TYR D 607 33.01 -4.41 -58.98
CA TYR D 607 33.03 -5.86 -58.91
C TYR D 607 33.28 -6.40 -57.50
N ALA D 608 32.22 -6.93 -56.90
CA ALA D 608 32.27 -7.48 -55.56
C ALA D 608 31.98 -8.98 -55.53
N SER D 609 32.49 -9.66 -54.51
CA SER D 609 32.31 -11.09 -54.34
C SER D 609 32.13 -11.40 -52.86
N SER D 610 31.45 -10.49 -52.16
CA SER D 610 31.21 -10.64 -50.72
C SER D 610 30.18 -11.72 -50.39
N THR D 611 30.56 -12.61 -49.49
CA THR D 611 29.65 -13.68 -49.06
C THR D 611 28.46 -13.05 -48.37
N GLY D 612 28.71 -11.98 -47.62
CA GLY D 612 27.64 -11.29 -46.92
C GLY D 612 26.68 -10.66 -47.90
N ARG D 613 27.23 -10.09 -48.96
CA ARG D 613 26.41 -9.44 -49.99
C ARG D 613 25.42 -10.46 -50.57
N VAL D 614 25.92 -11.64 -50.89
CA VAL D 614 25.08 -12.70 -51.44
C VAL D 614 23.91 -12.96 -50.50
N LEU D 615 24.20 -12.99 -49.20
CA LEU D 615 23.18 -13.23 -48.19
C LEU D 615 22.05 -12.21 -48.33
N ASP D 616 22.41 -10.94 -48.33
CA ASP D 616 21.43 -9.86 -48.46
C ASP D 616 20.50 -10.12 -49.63
N ALA D 617 21.08 -10.49 -50.77
CA ALA D 617 20.30 -10.77 -51.97
C ALA D 617 19.34 -11.92 -51.69
N ILE D 618 19.81 -12.92 -50.96
CA ILE D 618 19.00 -14.08 -50.62
C ILE D 618 17.95 -13.68 -49.59
N ALA D 619 18.26 -12.64 -48.83
CA ALA D 619 17.34 -12.16 -47.81
C ALA D 619 16.27 -11.25 -48.42
N VAL D 620 16.57 -10.68 -49.58
CA VAL D 620 15.62 -9.81 -50.25
C VAL D 620 14.95 -10.54 -51.40
N LEU D 621 15.54 -11.66 -51.80
CA LEU D 621 14.97 -12.47 -52.86
C LEU D 621 13.74 -13.12 -52.23
N LEU D 622 13.71 -13.05 -50.89
CA LEU D 622 12.64 -13.59 -50.09
C LEU D 622 11.87 -12.42 -49.47
N ASN D 623 11.08 -12.73 -48.43
CA ASN D 623 10.23 -11.74 -47.77
C ASN D 623 10.80 -10.78 -46.73
N VAL D 624 11.69 -11.25 -45.87
CA VAL D 624 12.21 -10.42 -44.79
C VAL D 624 13.11 -9.21 -45.07
N ALA D 625 14.17 -9.36 -45.85
CA ALA D 625 15.04 -8.22 -46.08
C ALA D 625 14.65 -7.31 -47.24
N TYR D 626 14.72 -6.00 -46.97
CA TYR D 626 14.37 -4.99 -47.95
C TYR D 626 15.37 -3.83 -47.99
N ARG D 627 15.87 -3.43 -46.83
CA ARG D 627 16.84 -2.34 -46.75
C ARG D 627 17.69 -2.40 -45.48
N ARG D 628 18.92 -1.91 -45.59
CA ARG D 628 19.85 -1.89 -44.47
C ARG D 628 19.56 -0.66 -43.62
N HIS D 629 19.47 -0.84 -42.31
CA HIS D 629 19.21 0.28 -41.40
C HIS D 629 20.42 0.50 -40.50
N TYR D 630 21.42 -0.35 -40.64
CA TYR D 630 22.65 -0.26 -39.87
C TYR D 630 23.74 -1.14 -40.47
N GLU D 631 24.70 -1.55 -39.65
CA GLU D 631 25.79 -2.40 -40.14
C GLU D 631 25.37 -3.85 -40.28
N GLY D 632 25.24 -4.30 -41.53
CA GLY D 632 24.84 -5.67 -41.78
C GLY D 632 23.57 -6.08 -41.08
N GLU D 633 22.43 -5.84 -41.73
CA GLU D 633 21.13 -6.19 -41.15
C GLU D 633 20.56 -7.47 -41.74
N PRO D 634 20.60 -7.61 -43.08
CA PRO D 634 20.08 -8.81 -43.74
C PRO D 634 20.89 -10.08 -43.47
N ALA D 635 22.21 -9.97 -43.52
CA ALA D 635 23.08 -11.12 -43.26
C ALA D 635 22.65 -11.82 -41.98
N LYS D 637 19.28 -10.99 -40.26
CA LYS D 637 17.85 -11.21 -40.39
C LYS D 637 17.59 -12.52 -41.13
N LEU D 638 18.33 -12.73 -42.21
CA LEU D 638 18.19 -13.94 -43.02
C LEU D 638 18.46 -15.19 -42.20
N GLU D 639 19.49 -15.14 -41.35
CA GLU D 639 19.82 -16.28 -40.51
C GLU D 639 18.73 -16.54 -39.48
N SER D 640 18.42 -15.52 -38.68
CA SER D 640 17.40 -15.65 -37.66
C SER D 640 16.16 -16.36 -38.20
N PHE D 641 15.78 -16.01 -39.42
CA PHE D 641 14.62 -16.62 -40.07
C PHE D 641 14.93 -18.03 -40.53
N ALA D 642 16.07 -18.18 -41.20
CA ALA D 642 16.50 -19.47 -41.72
C ALA D 642 16.49 -20.58 -40.68
N PHE D 643 16.81 -20.23 -39.44
CA PHE D 643 16.84 -21.19 -38.35
C PHE D 643 15.59 -22.06 -38.26
N LYS D 644 14.44 -21.44 -38.50
CA LYS D 644 13.15 -22.14 -38.44
C LYS D 644 12.99 -23.24 -39.48
N GLY D 645 14.10 -23.68 -40.07
CA GLY D 645 14.04 -24.73 -41.07
C GLY D 645 14.16 -26.12 -40.48
N LYS D 646 13.13 -26.94 -40.66
CA LYS D 646 13.13 -28.30 -40.14
C LYS D 646 13.69 -29.30 -41.15
N ASN D 647 13.27 -29.16 -42.40
CA ASN D 647 13.72 -30.06 -43.46
C ASN D 647 14.91 -29.48 -44.23
N ASP D 648 16.10 -29.99 -43.94
CA ASP D 648 17.32 -29.53 -44.59
C ASP D 648 17.34 -29.94 -46.07
N LEU D 649 16.80 -29.09 -46.93
CA LEU D 649 16.78 -29.37 -48.36
C LEU D 649 18.22 -29.49 -48.84
N LYS D 650 18.40 -29.92 -50.09
CA LYS D 650 19.74 -30.09 -50.63
C LYS D 650 20.06 -29.25 -51.86
N PHE D 651 20.95 -28.28 -51.69
CA PHE D 651 21.39 -27.43 -52.80
C PHE D 651 22.84 -27.80 -53.09
N GLU D 652 23.42 -27.22 -54.13
CA GLU D 652 24.80 -27.54 -54.47
C GLU D 652 25.47 -26.44 -55.28
N VAL D 653 26.08 -25.48 -54.58
CA VAL D 653 26.78 -24.39 -55.24
C VAL D 653 28.11 -24.92 -55.75
N PRO D 654 28.25 -25.01 -57.09
CA PRO D 654 29.46 -25.52 -57.74
C PRO D 654 30.75 -24.76 -57.42
N VAL D 655 31.88 -25.42 -57.63
CA VAL D 655 33.19 -24.83 -57.38
C VAL D 655 34.18 -25.33 -58.43
N GLU D 656 34.00 -24.90 -59.67
CA GLU D 656 34.87 -25.30 -60.76
C GLU D 656 36.15 -24.47 -60.77
N GLY D 657 37.27 -25.13 -61.06
CA GLY D 657 38.54 -24.43 -61.10
C GLY D 657 38.85 -23.77 -59.78
N GLU D 658 38.81 -22.43 -59.77
CA GLU D 658 39.07 -21.67 -58.56
C GLU D 658 38.02 -20.56 -58.42
N LEU D 659 36.87 -20.76 -59.06
CA LEU D 659 35.79 -19.79 -59.01
C LEU D 659 34.47 -20.47 -58.67
N ILE D 660 33.79 -19.93 -57.66
CA ILE D 660 32.52 -20.48 -57.21
C ILE D 660 31.36 -19.74 -57.88
N ARG D 661 30.57 -20.47 -58.66
CA ARG D 661 29.42 -19.88 -59.34
C ARG D 661 28.25 -19.73 -58.38
N VAL D 662 28.47 -18.97 -57.32
CA VAL D 662 27.46 -18.72 -56.31
C VAL D 662 26.15 -18.27 -56.94
N GLU D 663 26.21 -17.82 -58.19
CA GLU D 663 24.99 -17.38 -58.88
C GLU D 663 24.04 -18.54 -59.05
N GLU D 664 24.58 -19.70 -59.42
CA GLU D 664 23.77 -20.89 -59.62
C GLU D 664 23.01 -21.25 -58.35
N LEU D 665 23.40 -20.64 -57.24
CA LEU D 665 22.73 -20.88 -55.96
C LEU D 665 21.34 -20.26 -56.05
N PHE D 666 21.30 -19.01 -56.51
CA PHE D 666 20.05 -18.28 -56.66
C PHE D 666 19.16 -18.99 -57.67
N GLN D 667 19.78 -19.57 -58.69
CA GLN D 667 19.05 -20.28 -59.75
C GLN D 667 18.17 -21.35 -59.14
N SER D 668 18.77 -22.19 -58.29
CA SER D 668 18.06 -23.26 -57.62
C SER D 668 17.07 -22.75 -56.58
N ILE D 669 17.48 -21.78 -55.79
CA ILE D 669 16.63 -21.20 -54.76
C ILE D 669 15.28 -20.78 -55.34
N LEU D 670 15.30 -20.29 -56.58
CA LEU D 670 14.08 -19.84 -57.26
C LEU D 670 13.28 -21.01 -57.81
N GLU D 671 13.98 -22.02 -58.34
CA GLU D 671 13.33 -23.19 -58.90
C GLU D 671 12.55 -23.99 -57.88
N ALA D 672 12.84 -23.78 -56.60
CA ALA D 672 12.16 -24.51 -55.53
C ALA D 672 11.08 -23.67 -54.86
N ILE D 673 11.08 -22.38 -55.14
CA ILE D 673 10.10 -21.46 -54.55
C ILE D 673 8.68 -22.01 -54.67
N GLU D 674 8.42 -22.73 -55.76
CA GLU D 674 7.10 -23.30 -56.00
C GLU D 674 6.97 -24.66 -55.32
N GLY D 675 6.38 -24.67 -54.14
CA GLY D 675 6.20 -25.92 -53.41
C GLY D 675 6.89 -25.89 -52.05
N ALA D 676 8.22 -25.76 -52.08
CA ALA D 676 9.00 -25.71 -50.86
C ALA D 676 8.60 -24.51 -50.01
N SER D 677 8.90 -24.57 -48.71
CA SER D 677 8.58 -23.48 -47.79
C SER D 677 9.70 -22.46 -47.75
N PRO D 678 9.45 -21.28 -47.15
CA PRO D 678 10.45 -20.24 -47.05
C PRO D 678 11.62 -20.59 -46.14
N ALA D 679 11.31 -20.92 -44.89
CA ALA D 679 12.32 -21.28 -43.89
C ALA D 679 13.28 -22.34 -44.41
N ASP D 680 12.72 -23.43 -44.93
CA ASP D 680 13.53 -24.53 -45.45
C ASP D 680 14.38 -24.10 -46.65
N ILE D 681 13.90 -23.09 -47.39
CA ILE D 681 14.64 -22.60 -48.55
C ILE D 681 15.82 -21.74 -48.12
N ALA D 682 15.54 -20.77 -47.25
CA ALA D 682 16.61 -19.91 -46.76
C ALA D 682 17.63 -20.80 -46.07
N TYR D 683 17.14 -21.59 -45.12
CA TYR D 683 17.97 -22.53 -44.36
C TYR D 683 18.84 -23.41 -45.24
N SER D 684 18.22 -24.09 -46.20
CA SER D 684 18.94 -24.98 -47.10
C SER D 684 20.16 -24.30 -47.72
N ALA D 685 19.96 -23.09 -48.24
CA ALA D 685 21.04 -22.35 -48.87
C ALA D 685 22.23 -22.15 -47.93
N HIS D 686 21.93 -21.85 -46.66
CA HIS D 686 22.99 -21.65 -45.67
C HIS D 686 23.97 -22.80 -45.66
N LEU D 687 23.51 -23.96 -45.19
CA LEU D 687 24.34 -25.16 -45.12
C LEU D 687 24.93 -25.47 -46.49
N ALA D 688 24.11 -25.34 -47.53
CA ALA D 688 24.54 -25.61 -48.89
C ALA D 688 25.76 -24.79 -49.28
N LEU D 689 25.63 -23.48 -49.23
CA LEU D 689 26.72 -22.57 -49.57
C LEU D 689 27.92 -22.83 -48.66
N ALA D 690 27.66 -22.86 -47.35
CA ALA D 690 28.69 -23.09 -46.36
C ALA D 690 29.43 -24.40 -46.55
N ARG D 691 28.74 -25.39 -47.10
CA ARG D 691 29.32 -26.71 -47.33
C ARG D 691 30.27 -26.72 -48.52
N ALA D 692 29.82 -26.19 -49.65
CA ALA D 692 30.62 -26.14 -50.86
C ALA D 692 31.73 -25.10 -50.77
N PHE D 693 31.64 -24.23 -49.76
CA PHE D 693 32.65 -23.20 -49.58
C PHE D 693 33.82 -23.80 -48.79
N ALA D 694 33.50 -24.67 -47.85
CA ALA D 694 34.51 -25.32 -47.03
C ALA D 694 35.11 -26.51 -47.76
N HIS D 695 34.29 -27.20 -48.56
CA HIS D 695 34.76 -28.36 -49.32
C HIS D 695 35.97 -27.98 -50.18
N THR D 696 36.13 -26.69 -50.45
CA THR D 696 37.25 -26.21 -51.24
C THR D 696 38.50 -26.19 -50.36
N ALA D 697 38.37 -25.66 -49.15
CA ALA D 697 39.48 -25.59 -48.22
C ALA D 697 39.97 -27.01 -47.96
N VAL D 698 39.03 -27.95 -47.96
CA VAL D 698 39.34 -29.35 -47.73
C VAL D 698 40.19 -29.91 -48.87
N GLU D 699 39.70 -29.77 -50.09
CA GLU D 699 40.39 -30.25 -51.28
C GLU D 699 41.75 -29.58 -51.47
N ARG D 700 41.80 -28.28 -51.18
CA ARG D 700 43.04 -27.53 -51.32
C ARG D 700 44.04 -27.86 -50.21
N ALA D 701 43.54 -28.21 -49.04
CA ALA D 701 44.39 -28.56 -47.92
C ALA D 701 45.14 -29.86 -48.18
N ARG D 702 44.62 -30.65 -49.12
CA ARG D 702 45.24 -31.92 -49.47
C ARG D 702 46.19 -31.78 -50.66
N GLU D 703 45.70 -31.20 -51.75
CA GLU D 703 46.50 -30.98 -52.95
C GLU D 703 47.77 -30.21 -52.63
N PHE D 704 47.67 -29.26 -51.71
CA PHE D 704 48.81 -28.43 -51.32
C PHE D 704 49.42 -28.89 -50.01
N GLY D 705 48.91 -29.99 -49.46
CA GLY D 705 49.44 -30.51 -48.21
C GLY D 705 49.41 -29.60 -47.01
N VAL D 706 48.22 -29.14 -46.63
CA VAL D 706 48.05 -28.28 -45.47
C VAL D 706 47.15 -28.99 -44.48
N LYS D 707 47.65 -29.18 -43.26
CA LYS D 707 46.89 -29.88 -42.23
C LYS D 707 45.55 -29.23 -41.87
N ASN D 708 45.57 -28.00 -41.36
CA ASN D 708 44.33 -27.36 -40.97
C ASN D 708 43.90 -26.11 -41.74
N VAL D 709 42.65 -25.72 -41.51
CA VAL D 709 42.04 -24.55 -42.13
C VAL D 709 41.40 -23.68 -41.05
N ALA D 710 41.33 -22.37 -41.29
CA ALA D 710 40.76 -21.47 -40.30
C ALA D 710 39.71 -20.53 -40.90
N LEU D 711 38.54 -20.48 -40.28
CA LEU D 711 37.47 -19.60 -40.73
C LEU D 711 37.61 -18.28 -39.99
N SER D 712 37.07 -17.21 -40.57
CA SER D 712 37.15 -15.89 -39.93
C SER D 712 36.46 -14.82 -40.78
N GLY D 713 36.12 -13.70 -40.15
CA GLY D 713 35.47 -12.62 -40.85
C GLY D 713 34.13 -12.24 -40.26
N GLY D 714 33.37 -11.42 -40.99
CA GLY D 714 32.06 -11.01 -40.52
C GLY D 714 31.05 -12.13 -40.55
N VAL D 715 30.86 -12.72 -41.73
CA VAL D 715 29.92 -13.82 -41.89
C VAL D 715 30.49 -15.09 -41.26
N ALA D 716 31.24 -14.90 -40.18
CA ALA D 716 31.85 -16.03 -39.47
C ALA D 716 31.05 -16.32 -38.21
N TYR D 717 30.17 -15.39 -37.85
CA TYR D 717 29.35 -15.54 -36.66
C TYR D 717 28.07 -16.31 -36.98
N ASN D 718 27.74 -16.42 -38.26
CA ASN D 718 26.55 -17.16 -38.67
C ASN D 718 26.65 -18.61 -38.23
N GLU D 719 25.98 -18.95 -37.14
CA GLU D 719 26.01 -20.31 -36.62
C GLU D 719 25.51 -21.33 -37.65
N LEU D 720 24.62 -20.91 -38.54
CA LEU D 720 24.09 -21.81 -39.55
C LEU D 720 25.17 -22.25 -40.52
N ILE D 721 26.14 -21.36 -40.74
CA ILE D 721 27.24 -21.63 -41.65
C ILE D 721 28.50 -22.08 -40.90
N THR D 722 28.72 -21.48 -39.73
CA THR D 722 29.89 -21.83 -38.91
C THR D 722 29.78 -23.27 -38.43
N LYS D 723 28.55 -23.77 -38.36
CA LYS D 723 28.30 -25.14 -37.92
C LYS D 723 28.56 -26.14 -39.05
N ILE D 725 30.35 -25.35 -42.18
CA ILE D 725 31.73 -25.17 -42.61
C ILE D 725 32.71 -25.84 -41.65
N ARG D 726 32.45 -25.70 -40.35
CA ARG D 726 33.32 -26.29 -39.35
C ARG D 726 33.24 -27.81 -39.35
N LYS D 727 32.08 -28.34 -39.76
CA LYS D 727 31.87 -29.78 -39.80
C LYS D 727 32.32 -30.38 -41.13
N VAL D 728 32.57 -29.53 -42.12
CA VAL D 728 33.01 -30.00 -43.42
C VAL D 728 34.47 -30.43 -43.35
N VAL D 729 35.16 -29.96 -42.32
CA VAL D 729 36.57 -30.26 -42.14
C VAL D 729 36.78 -31.47 -41.23
N GLU D 730 35.69 -32.12 -40.84
CA GLU D 730 35.77 -33.30 -40.00
C GLU D 730 36.36 -34.44 -40.83
N ALA D 731 36.36 -34.25 -42.14
CA ALA D 731 36.90 -35.25 -43.06
C ALA D 731 38.35 -34.89 -43.35
N ASN D 732 38.92 -34.06 -42.47
CA ASN D 732 40.30 -33.63 -42.62
C ASN D 732 40.87 -33.39 -41.22
N GLY D 733 41.93 -32.59 -41.13
CA GLY D 733 42.52 -32.30 -39.83
C GLY D 733 41.61 -31.43 -38.99
N LEU D 734 42.13 -30.93 -37.88
CA LEU D 734 41.35 -30.09 -36.97
C LEU D 734 41.47 -28.60 -37.30
N ASN D 735 40.34 -27.96 -37.53
CA ASN D 735 40.33 -26.53 -37.84
C ASN D 735 40.12 -25.72 -36.57
N PHE D 736 40.43 -24.43 -36.64
CA PHE D 736 40.28 -23.54 -35.51
C PHE D 736 39.50 -22.31 -35.95
N HIS D 737 38.72 -21.75 -35.03
CA HIS D 737 37.93 -20.57 -35.32
C HIS D 737 38.09 -19.59 -34.16
N VAL D 738 38.83 -18.51 -34.39
CA VAL D 738 39.09 -17.49 -33.39
C VAL D 738 38.13 -17.60 -32.19
N THR D 739 38.68 -17.95 -31.03
CA THR D 739 37.89 -18.10 -29.81
C THR D 739 37.53 -16.76 -29.18
N THR D 740 37.08 -16.80 -27.93
CA THR D 740 36.70 -15.61 -27.18
C THR D 740 37.79 -14.53 -27.16
N GLU D 741 39.05 -14.96 -27.11
CA GLU D 741 40.18 -14.04 -27.07
C GLU D 741 40.10 -13.02 -28.20
N VAL D 742 40.36 -13.47 -29.42
CA VAL D 742 40.30 -12.60 -30.60
C VAL D 742 38.99 -12.83 -31.33
N PRO D 743 38.32 -11.75 -31.76
CA PRO D 743 37.05 -11.91 -32.48
C PRO D 743 37.23 -12.12 -33.98
N ARG D 744 36.34 -12.92 -34.57
CA ARG D 744 36.39 -13.20 -36.00
C ARG D 744 36.02 -11.96 -36.79
N GLY D 745 35.25 -11.08 -36.16
CA GLY D 745 34.82 -9.86 -36.81
C GLY D 745 35.94 -8.87 -37.06
N ASP D 746 35.58 -7.70 -37.57
CA ASP D 746 36.55 -6.65 -37.87
C ASP D 746 37.32 -6.17 -36.65
N ASN D 747 36.58 -5.86 -35.58
CA ASN D 747 37.16 -5.37 -34.34
C ASN D 747 38.48 -6.06 -33.99
N GLY D 748 38.57 -7.36 -34.27
CA GLY D 748 39.77 -8.10 -33.97
C GLY D 748 40.65 -8.35 -35.18
N VAL D 749 40.70 -7.39 -36.09
CA VAL D 749 41.52 -7.53 -37.29
C VAL D 749 42.94 -7.05 -37.02
N ASN D 750 43.08 -6.13 -36.07
CA ASN D 750 44.38 -5.58 -35.71
C ASN D 750 45.37 -6.69 -35.34
N VAL D 751 44.87 -7.75 -34.73
CA VAL D 751 45.72 -8.87 -34.33
C VAL D 751 46.24 -9.58 -35.58
N GLY D 752 45.36 -9.79 -36.54
CA GLY D 752 45.75 -10.45 -37.77
C GLY D 752 46.78 -9.63 -38.50
N GLN D 753 46.70 -8.31 -38.34
CA GLN D 753 47.63 -7.38 -38.99
C GLN D 753 48.97 -7.39 -38.26
N ALA D 754 48.92 -7.19 -36.95
CA ALA D 754 50.11 -7.15 -36.11
C ALA D 754 51.03 -8.36 -36.36
N PHE D 755 50.49 -9.55 -36.14
CA PHE D 755 51.26 -10.78 -36.33
C PHE D 755 51.69 -10.93 -37.79
N LEU D 756 51.06 -10.17 -38.67
CA LEU D 756 51.35 -10.22 -40.10
C LEU D 756 52.46 -9.23 -40.42
N GLY D 757 52.38 -8.04 -39.84
CA GLY D 757 53.39 -7.03 -40.08
C GLY D 757 54.72 -7.40 -39.43
N GLY D 758 54.67 -7.74 -38.15
CA GLY D 758 55.87 -8.14 -37.44
C GLY D 758 56.44 -9.42 -38.02
N LEU D 759 55.77 -9.94 -39.04
CA LEU D 759 56.18 -11.15 -39.72
C LEU D 759 57.12 -10.79 -40.86
N TYR D 760 56.59 -10.02 -41.81
CA TYR D 760 57.38 -9.58 -42.96
C TYR D 760 58.63 -8.84 -42.48
N LEU D 761 58.52 -8.22 -41.32
CA LEU D 761 59.64 -7.49 -40.73
C LEU D 761 60.74 -8.49 -40.40
N GLU D 762 60.32 -9.70 -40.02
CA GLU D 762 61.25 -10.77 -39.69
C GLU D 762 61.93 -11.31 -40.94
N GLY D 763 61.34 -11.02 -42.10
CA GLY D 763 61.90 -11.47 -43.35
C GLY D 763 61.35 -12.83 -43.78
N TYR D 764 60.24 -13.24 -43.19
CA TYR D 764 59.63 -14.52 -43.53
C TYR D 764 58.53 -14.34 -44.57
N LEU D 765 58.01 -13.12 -44.67
CA LEU D 765 56.97 -12.80 -45.63
C LEU D 765 57.48 -11.77 -46.62
N THR D 766 57.25 -12.03 -47.91
CA THR D 766 57.71 -11.12 -48.95
C THR D 766 57.05 -9.75 -48.82
N LYS D 767 57.81 -8.70 -49.12
CA LYS D 767 57.33 -7.33 -49.04
C LYS D 767 56.09 -7.05 -49.87
N GLU D 768 55.99 -7.67 -51.04
CA GLU D 768 54.84 -7.43 -51.91
C GLU D 768 53.79 -8.52 -52.04
N ASP D 769 53.84 -9.53 -51.18
CA ASP D 769 52.83 -10.60 -51.24
C ASP D 769 51.66 -10.28 -50.32
N LEU D 770 51.73 -9.12 -49.68
CA LEU D 770 50.67 -8.66 -48.80
C LEU D 770 49.79 -7.75 -49.64
N LEU D 772 50.00 -7.78 -53.26
CA LEU D 772 49.57 -8.60 -54.39
C LEU D 772 50.04 -10.04 -54.22
N LYS E 2 -17.16 53.17 -79.74
CA LYS E 2 -16.39 52.47 -80.75
C LYS E 2 -14.99 52.22 -80.21
N ALA E 3 -14.81 51.12 -79.49
CA ALA E 3 -13.53 50.79 -78.91
C ALA E 3 -12.98 49.45 -79.41
N TYR E 4 -12.07 48.88 -78.64
CA TYR E 4 -11.45 47.61 -78.99
C TYR E 4 -10.86 47.00 -77.72
N HIS E 5 -11.20 45.74 -77.45
CA HIS E 5 -10.69 45.06 -76.28
C HIS E 5 -9.27 44.53 -76.49
N ILE E 6 -8.30 45.42 -76.32
CA ILE E 6 -6.89 45.06 -76.47
C ILE E 6 -6.49 44.03 -75.43
N HIS E 7 -5.60 43.12 -75.80
CA HIS E 7 -5.17 42.08 -74.88
C HIS E 7 -3.64 41.97 -74.86
N VAL E 8 -3.01 42.93 -74.20
CA VAL E 8 -1.55 42.97 -74.09
C VAL E 8 -1.09 41.88 -73.14
N GLN E 9 -0.04 41.16 -73.51
CA GLN E 9 0.49 40.08 -72.69
C GLN E 9 1.99 39.88 -72.88
N GLY E 10 2.69 39.58 -71.79
CA GLY E 10 4.12 39.36 -71.85
C GLY E 10 4.90 40.06 -70.74
N ILE E 11 6.09 40.53 -71.07
CA ILE E 11 6.95 41.22 -70.12
C ILE E 11 6.35 42.57 -69.72
N VAL E 12 5.82 43.28 -70.72
CA VAL E 12 5.20 44.59 -70.55
C VAL E 12 4.23 44.68 -69.37
N GLN E 13 3.89 43.54 -68.78
CA GLN E 13 2.95 43.49 -67.66
C GLN E 13 3.34 44.24 -66.38
N ALA E 14 4.53 43.98 -65.87
CA ALA E 14 4.96 44.60 -64.62
C ALA E 14 6.14 45.57 -64.70
N VAL E 15 5.93 46.68 -65.39
CA VAL E 15 6.97 47.70 -65.53
C VAL E 15 6.33 49.08 -65.38
N GLY E 16 6.78 50.03 -66.18
CA GLY E 16 6.22 51.37 -66.14
C GLY E 16 5.16 51.52 -67.21
N PHE E 17 4.52 50.41 -67.55
CA PHE E 17 3.48 50.41 -68.56
C PHE E 17 2.19 51.00 -68.00
N ARG E 18 2.01 50.88 -66.69
CA ARG E 18 0.82 51.42 -66.03
C ARG E 18 0.77 52.92 -66.33
N PRO E 19 1.86 53.65 -66.03
CA PRO E 19 1.89 55.09 -66.29
C PRO E 19 1.65 55.41 -67.76
N PHE E 20 2.42 54.76 -68.61
CA PHE E 20 2.32 54.95 -70.05
C PHE E 20 0.92 54.68 -70.60
N VAL E 21 0.39 53.49 -70.34
CA VAL E 21 -0.93 53.12 -70.82
C VAL E 21 -2.01 54.09 -70.34
N TYR E 22 -1.74 54.80 -69.25
CA TYR E 22 -2.70 55.74 -68.70
C TYR E 22 -2.48 57.15 -69.27
N ARG E 23 -1.24 57.45 -69.63
CA ARG E 23 -0.93 58.77 -70.20
C ARG E 23 -1.57 58.85 -71.58
N ILE E 24 -1.35 57.81 -72.39
CA ILE E 24 -1.87 57.75 -73.73
C ILE E 24 -3.41 57.79 -73.73
N ALA E 25 -3.99 57.63 -72.55
CA ALA E 25 -5.44 57.66 -72.41
C ALA E 25 -6.00 59.07 -72.53
N HIS E 26 -5.45 59.99 -71.73
CA HIS E 26 -5.89 61.39 -71.75
C HIS E 26 -5.15 62.21 -72.79
N GLU E 27 -3.94 61.80 -73.12
CA GLU E 27 -3.13 62.51 -74.12
C GLU E 27 -3.89 62.49 -75.45
N HIS E 28 -4.56 61.37 -75.71
CA HIS E 28 -5.33 61.22 -76.94
C HIS E 28 -6.80 61.56 -76.67
N ASN E 29 -7.06 62.17 -75.52
CA ASN E 29 -8.41 62.55 -75.12
C ASN E 29 -9.42 61.42 -75.26
N LEU E 30 -8.94 60.19 -75.23
CA LEU E 30 -9.82 59.03 -75.35
C LEU E 30 -9.73 58.22 -74.06
N ARG E 31 -10.69 58.41 -73.18
CA ARG E 31 -10.71 57.69 -71.91
C ARG E 31 -11.08 56.23 -72.11
N GLY E 32 -10.60 55.39 -71.20
CA GLY E 32 -10.88 53.97 -71.27
C GLY E 32 -10.66 53.30 -69.92
N TYR E 33 -10.01 52.15 -69.94
CA TYR E 33 -9.73 51.41 -68.71
C TYR E 33 -8.88 50.18 -69.01
N VAL E 34 -7.97 49.87 -68.09
CA VAL E 34 -7.09 48.72 -68.24
C VAL E 34 -7.29 47.75 -67.08
N LYS E 35 -7.05 46.47 -67.34
CA LYS E 35 -7.21 45.45 -66.30
C LYS E 35 -5.86 44.84 -65.96
N ASN E 36 -5.86 43.89 -65.03
CA ASN E 36 -4.63 43.23 -64.61
C ASN E 36 -4.93 42.15 -63.58
N LEU E 37 -4.94 40.89 -64.03
CA LEU E 37 -5.23 39.77 -63.15
C LEU E 37 -4.08 38.77 -63.11
N GLY E 38 -3.17 38.89 -64.08
CA GLY E 38 -2.03 37.98 -64.11
C GLY E 38 -0.91 38.47 -65.01
N ASP E 39 0.10 37.61 -65.22
CA ASP E 39 1.24 37.94 -66.06
C ASP E 39 0.76 38.44 -67.42
N ALA E 40 -0.07 37.64 -68.07
CA ALA E 40 -0.62 37.99 -69.37
C ALA E 40 -1.97 38.68 -69.13
N GLY E 41 -2.03 39.49 -68.08
CA GLY E 41 -3.24 40.20 -67.75
C GLY E 41 -3.07 41.69 -67.95
N VAL E 42 -3.11 42.13 -69.21
CA VAL E 42 -2.96 43.53 -69.53
C VAL E 42 -4.00 43.94 -70.58
N GLU E 43 -5.24 43.50 -70.37
CA GLU E 43 -6.32 43.83 -71.30
C GLU E 43 -6.62 45.33 -71.17
N ILE E 44 -7.11 45.91 -72.26
CA ILE E 44 -7.43 47.34 -72.26
C ILE E 44 -8.71 47.58 -73.05
N VAL E 45 -9.45 48.62 -72.66
CA VAL E 45 -10.70 48.97 -73.33
C VAL E 45 -10.72 50.47 -73.62
N VAL E 46 -10.01 50.88 -74.67
CA VAL E 46 -9.94 52.28 -75.06
C VAL E 46 -11.20 52.71 -75.80
N GLU E 47 -12.18 53.21 -75.06
CA GLU E 47 -13.45 53.64 -75.65
C GLU E 47 -13.43 55.14 -75.96
N GLY E 48 -13.58 55.46 -77.24
CA GLY E 48 -13.58 56.86 -77.65
C GLY E 48 -13.69 57.00 -79.16
N ARG E 49 -13.20 58.12 -79.68
CA ARG E 49 -13.24 58.36 -81.13
C ARG E 49 -12.29 57.40 -81.85
N GLU E 50 -12.36 57.40 -83.18
CA GLU E 50 -11.52 56.52 -83.98
C GLU E 50 -10.10 57.04 -84.21
N GLU E 51 -9.88 58.34 -84.04
CA GLU E 51 -8.56 58.91 -84.24
C GLU E 51 -7.60 58.52 -83.13
N ASP E 52 -8.13 58.06 -82.00
CA ASP E 52 -7.31 57.66 -80.87
C ASP E 52 -7.28 56.14 -80.72
N ILE E 53 -8.30 55.47 -81.26
CA ILE E 53 -8.37 54.02 -81.19
C ILE E 53 -7.26 53.44 -82.05
N GLU E 54 -6.71 54.27 -82.92
CA GLU E 54 -5.63 53.88 -83.81
C GLU E 54 -4.32 54.47 -83.32
N ALA E 55 -4.40 55.62 -82.66
CA ALA E 55 -3.22 56.29 -82.13
C ALA E 55 -2.89 55.72 -80.76
N PHE E 56 -3.72 54.79 -80.30
CA PHE E 56 -3.52 54.15 -79.01
C PHE E 56 -2.73 52.85 -79.19
N ILE E 57 -2.95 52.20 -80.33
CA ILE E 57 -2.27 50.95 -80.64
C ILE E 57 -0.88 51.18 -81.21
N GLU E 58 -0.79 51.93 -82.30
CA GLU E 58 0.49 52.22 -82.94
C GLU E 58 1.46 52.96 -82.03
N ASP E 59 0.95 53.83 -81.18
CA ASP E 59 1.79 54.59 -80.27
C ASP E 59 2.25 53.75 -79.08
N LEU E 60 1.58 52.62 -78.86
CA LEU E 60 1.91 51.73 -77.75
C LEU E 60 3.09 50.83 -78.12
N TYR E 61 3.22 50.53 -79.40
CA TYR E 61 4.28 49.67 -79.91
C TYR E 61 5.69 50.21 -79.70
N LYS E 62 5.87 51.51 -79.91
CA LYS E 62 7.17 52.14 -79.79
C LYS E 62 7.25 53.37 -78.88
N LYS E 63 6.80 53.23 -77.64
CA LYS E 63 6.85 54.36 -76.70
C LYS E 63 6.67 53.95 -75.25
N LYS E 64 6.40 52.68 -75.01
CA LYS E 64 6.22 52.17 -73.65
C LYS E 64 7.55 52.27 -72.91
N PRO E 65 7.57 51.93 -71.61
CA PRO E 65 8.83 52.00 -70.88
C PRO E 65 9.94 51.20 -71.55
N PRO E 66 11.19 51.66 -71.44
CA PRO E 66 12.34 50.98 -72.05
C PRO E 66 12.55 49.56 -71.52
N LEU E 67 11.53 49.02 -70.86
CA LEU E 67 11.61 47.68 -70.29
C LEU E 67 10.36 46.87 -70.58
N ALA E 68 9.63 47.25 -71.63
CA ALA E 68 8.40 46.55 -71.97
C ALA E 68 7.99 46.63 -73.44
N ARG E 69 8.42 45.63 -74.21
CA ARG E 69 8.09 45.53 -75.62
C ARG E 69 6.76 44.82 -75.71
N ILE E 70 5.75 45.50 -76.25
CA ILE E 70 4.43 44.92 -76.39
C ILE E 70 4.51 43.64 -77.22
N ASP E 71 4.04 42.55 -76.64
CA ASP E 71 4.08 41.25 -77.32
C ASP E 71 2.74 40.85 -77.93
N ARG E 72 1.64 41.37 -77.38
CA ARG E 72 0.32 41.04 -77.89
C ARG E 72 -0.66 42.20 -77.88
N ILE E 73 -1.57 42.20 -78.85
CA ILE E 73 -2.59 43.23 -78.99
C ILE E 73 -3.83 42.65 -79.70
N GLU E 74 -4.71 42.04 -78.93
CA GLU E 74 -5.94 41.46 -79.47
C GLU E 74 -7.00 42.55 -79.64
N LYS E 75 -7.86 42.38 -80.64
CA LYS E 75 -8.91 43.35 -80.91
C LYS E 75 -10.29 42.71 -80.87
N LYS E 76 -11.15 43.22 -79.99
CA LYS E 76 -12.50 42.70 -79.84
C LYS E 76 -13.49 43.86 -79.78
N GLU E 77 -14.35 43.95 -80.78
CA GLU E 77 -15.35 45.02 -80.85
C GLU E 77 -16.44 44.87 -79.79
N ILE E 78 -16.26 45.56 -78.67
CA ILE E 78 -17.22 45.53 -77.57
C ILE E 78 -17.50 46.95 -77.07
N PRO E 79 -18.78 47.30 -76.92
CA PRO E 79 -19.17 48.64 -76.45
C PRO E 79 -19.26 48.76 -74.93
N PRO E 80 -18.65 49.83 -74.37
CA PRO E 80 -18.66 50.05 -72.92
C PRO E 80 -20.08 50.31 -72.43
N GLN E 81 -20.54 49.50 -71.48
CA GLN E 81 -21.88 49.64 -70.92
C GLN E 81 -22.05 51.06 -70.38
N GLY E 82 -20.92 51.69 -70.05
CA GLY E 82 -20.93 53.04 -69.53
C GLY E 82 -19.82 53.85 -70.17
N PHE E 83 -20.20 54.84 -70.99
CA PHE E 83 -19.22 55.68 -71.68
C PHE E 83 -18.18 56.20 -70.70
N ASP E 84 -17.01 55.57 -70.68
CA ASP E 84 -15.93 55.96 -69.79
C ASP E 84 -15.59 57.45 -69.87
N ARG E 85 -15.67 58.13 -68.74
CA ARG E 85 -15.33 59.55 -68.66
C ARG E 85 -13.91 59.68 -68.15
N PHE E 86 -13.44 58.64 -67.46
CA PHE E 86 -12.09 58.62 -66.90
C PHE E 86 -11.47 57.25 -67.19
N TYR E 87 -10.16 57.14 -67.03
CA TYR E 87 -9.46 55.88 -67.27
C TYR E 87 -9.07 55.24 -65.95
N ILE E 88 -9.60 54.05 -65.69
CA ILE E 88 -9.32 53.33 -64.45
C ILE E 88 -8.61 52.00 -64.70
N GLU E 89 -7.92 51.51 -63.67
CA GLU E 89 -7.21 50.24 -63.76
C GLU E 89 -7.85 49.28 -62.77
N LYS E 90 -7.25 48.11 -62.60
CA LYS E 90 -7.79 47.12 -61.66
C LYS E 90 -6.72 46.12 -61.21
N SER E 91 -7.01 45.41 -60.12
CA SER E 91 -6.09 44.42 -59.59
C SER E 91 -6.55 43.00 -59.91
N ILE E 102 7.59 38.33 -66.39
CA ILE E 102 8.00 39.12 -65.24
C ILE E 102 9.29 39.88 -65.52
N PRO E 103 9.38 41.13 -65.02
CA PRO E 103 10.56 41.98 -65.21
C PRO E 103 11.66 41.64 -64.21
N PRO E 104 12.92 41.68 -64.64
CA PRO E 104 14.03 41.35 -63.75
C PRO E 104 14.40 42.51 -62.81
N ASP E 105 15.33 42.24 -61.89
CA ASP E 105 15.79 43.23 -60.94
C ASP E 105 16.68 44.26 -61.63
N ILE E 106 16.35 45.53 -61.48
CA ILE E 106 17.11 46.60 -62.10
C ILE E 106 17.73 47.53 -61.06
N ALA E 107 18.84 48.15 -61.42
CA ALA E 107 19.52 49.09 -60.53
C ALA E 107 18.92 50.47 -60.72
N ILE E 108 19.12 51.34 -59.75
CA ILE E 108 18.59 52.70 -59.82
C ILE E 108 18.88 53.36 -61.16
N CYS E 109 17.91 54.11 -61.68
CA CYS E 109 18.08 54.78 -62.95
C CYS E 109 18.73 56.15 -62.70
N ASP E 110 19.45 56.65 -63.69
CA ASP E 110 20.12 57.94 -63.58
C ASP E 110 19.21 59.02 -63.02
N ASP E 111 18.01 59.13 -63.58
CA ASP E 111 17.06 60.14 -63.13
C ASP E 111 16.74 60.07 -61.64
N CYS E 112 16.30 58.91 -61.17
CA CYS E 112 15.99 58.76 -59.76
C CYS E 112 17.19 59.07 -58.88
N LEU E 113 18.38 58.73 -59.38
CA LEU E 113 19.61 58.99 -58.65
C LEU E 113 19.62 60.46 -58.23
N ARG E 114 19.57 61.33 -59.23
CA ARG E 114 19.56 62.77 -59.00
C ARG E 114 18.64 63.15 -57.85
N GLU E 115 17.41 62.67 -57.91
CA GLU E 115 16.42 62.96 -56.89
C GLU E 115 16.97 62.75 -55.48
N LEU E 116 17.50 61.57 -55.20
CA LEU E 116 18.05 61.27 -53.88
C LEU E 116 19.35 62.03 -53.66
N PHE E 117 20.16 62.12 -54.71
CA PHE E 117 21.44 62.80 -54.64
C PHE E 117 21.30 64.32 -54.75
N ASP E 118 20.11 64.82 -54.46
CA ASP E 118 19.85 66.26 -54.54
C ASP E 118 18.79 66.74 -53.55
N PRO E 119 19.13 67.77 -52.75
CA PRO E 119 18.35 68.45 -51.70
C PRO E 119 16.88 68.80 -51.93
N THR E 120 16.54 69.15 -53.18
CA THR E 120 15.19 69.58 -53.54
C THR E 120 14.01 68.61 -53.46
N ASN E 121 14.30 67.33 -53.26
CA ASN E 121 13.25 66.31 -53.22
C ASN E 121 12.81 65.78 -51.86
N LYS E 122 11.64 65.14 -51.86
CA LYS E 122 11.04 64.56 -50.66
C LYS E 122 11.80 63.29 -50.30
N ARG E 123 12.47 62.72 -51.30
CA ARG E 123 13.23 61.50 -51.11
C ARG E 123 14.73 61.82 -51.03
N TYR E 124 15.04 63.03 -50.59
CA TYR E 124 16.42 63.48 -50.46
C TYR E 124 17.20 62.47 -49.63
N TYR E 126 17.30 59.25 -49.82
CA TYR E 126 16.48 58.12 -49.41
C TYR E 126 16.91 56.86 -50.15
N PRO E 127 17.40 55.85 -49.40
CA PRO E 127 17.87 54.57 -49.91
C PRO E 127 16.87 53.82 -50.81
N PHE E 128 15.81 53.29 -50.22
CA PHE E 128 14.83 52.54 -51.00
C PHE E 128 14.02 53.41 -51.97
N ILE E 129 14.72 54.12 -52.85
CA ILE E 129 14.05 54.97 -53.83
C ILE E 129 13.93 54.20 -55.13
N VAL E 130 12.84 54.42 -55.87
CA VAL E 130 12.63 53.71 -57.12
C VAL E 130 11.43 54.25 -57.91
N CYS E 131 11.64 54.46 -59.20
CA CYS E 131 10.57 54.95 -60.08
C CYS E 131 9.86 53.72 -60.62
N THR E 132 9.24 53.86 -61.80
CA THR E 132 8.52 52.75 -62.41
C THR E 132 9.36 52.11 -63.51
N ASN E 133 10.66 52.42 -63.53
CA ASN E 133 11.55 51.88 -64.55
C ASN E 133 12.84 51.30 -63.95
N CYS E 134 12.82 50.99 -62.66
CA CYS E 134 13.98 50.41 -62.00
C CYS E 134 13.63 49.84 -60.64
N GLY E 135 14.63 49.73 -59.78
CA GLY E 135 14.42 49.20 -58.45
C GLY E 135 14.38 47.68 -58.44
N PRO E 136 14.05 47.08 -57.28
CA PRO E 136 13.96 45.63 -57.12
C PRO E 136 12.77 45.03 -57.85
N ARG E 137 12.84 43.74 -58.13
CA ARG E 137 11.78 43.03 -58.83
C ARG E 137 11.75 41.57 -58.41
N PHE E 138 12.25 40.70 -59.28
CA PHE E 138 12.29 39.26 -59.02
C PHE E 138 12.53 38.95 -57.55
N THR E 139 13.54 39.60 -56.97
CA THR E 139 13.89 39.40 -55.58
C THR E 139 12.73 39.57 -54.60
N ILE E 140 11.88 40.56 -54.84
CA ILE E 140 10.75 40.81 -53.96
C ILE E 140 9.38 40.64 -54.60
N ILE E 141 9.30 39.84 -55.66
CA ILE E 141 8.04 39.60 -56.34
C ILE E 141 7.40 38.31 -55.82
N GLU E 142 6.51 38.45 -54.83
CA GLU E 142 5.83 37.30 -54.26
C GLU E 142 5.28 36.38 -55.33
N ASP E 143 4.35 36.90 -56.13
CA ASP E 143 3.74 36.13 -57.20
C ASP E 143 2.79 36.98 -58.03
N LEU E 144 2.70 36.67 -59.32
CA LEU E 144 1.81 37.39 -60.21
C LEU E 144 0.37 37.14 -59.77
N PRO E 145 -0.52 38.13 -59.94
CA PRO E 145 -0.26 39.46 -60.52
C PRO E 145 0.76 40.31 -59.77
N TYR E 146 1.43 41.19 -60.49
CA TYR E 146 2.42 42.07 -59.89
C TYR E 146 1.67 43.20 -59.19
N ASP E 147 1.47 43.05 -57.89
CA ASP E 147 0.75 44.04 -57.12
C ASP E 147 1.37 44.29 -55.75
N ARG E 148 1.19 45.49 -55.24
CA ARG E 148 1.71 45.90 -53.94
C ARG E 148 1.41 44.82 -52.90
N GLU E 149 0.18 44.30 -52.94
CA GLU E 149 -0.25 43.28 -52.00
C GLU E 149 0.39 41.91 -52.28
N ASN E 150 1.14 41.82 -53.37
CA ASN E 150 1.82 40.58 -53.72
C ASN E 150 3.32 40.78 -53.89
N THR E 151 3.89 41.60 -53.02
CA THR E 151 5.32 41.88 -53.05
C THR E 151 5.80 42.18 -51.63
N THR E 152 7.10 42.03 -51.39
CA THR E 152 7.66 42.27 -50.06
C THR E 152 7.19 43.60 -49.49
N LYS E 154 4.42 44.63 -49.37
CA LYS E 154 3.02 44.46 -48.95
C LYS E 154 2.86 44.91 -47.51
N GLU E 155 3.80 44.49 -46.66
CA GLU E 155 3.76 44.83 -45.25
C GLU E 155 3.85 46.35 -45.05
N PHE E 156 4.33 47.05 -46.06
CA PHE E 156 4.49 48.50 -45.99
C PHE E 156 3.33 49.28 -46.62
N PRO E 157 2.47 49.88 -45.78
CA PRO E 157 1.34 50.66 -46.28
C PRO E 157 1.83 51.96 -46.91
N CYS E 159 1.58 56.22 -47.78
CA CYS E 159 1.22 57.47 -47.14
C CYS E 159 0.53 58.33 -48.19
N ASP E 160 -0.52 59.04 -47.80
CA ASP E 160 -1.25 59.88 -48.74
C ASP E 160 -0.37 60.58 -49.76
N PHE E 161 0.82 60.99 -49.35
CA PHE E 161 1.74 61.68 -50.24
C PHE E 161 2.19 60.81 -51.40
N CYS E 162 2.51 59.55 -51.09
CA CYS E 162 2.97 58.60 -52.11
C CYS E 162 1.84 58.13 -53.01
N ARG E 163 0.71 57.75 -52.42
CA ARG E 163 -0.43 57.27 -53.18
C ARG E 163 -0.85 58.31 -54.23
N SER E 164 -0.58 59.57 -53.94
CA SER E 164 -0.93 60.65 -54.86
C SER E 164 -0.16 60.49 -56.16
N GLU E 165 1.16 60.31 -56.06
CA GLU E 165 2.01 60.13 -57.23
C GLU E 165 1.74 58.74 -57.82
N TYR E 166 1.06 57.91 -57.04
CA TYR E 166 0.72 56.56 -57.45
C TYR E 166 -0.49 56.58 -58.40
N GLU E 167 -1.33 57.59 -58.24
CA GLU E 167 -2.53 57.73 -59.07
C GLU E 167 -2.32 58.68 -60.24
N ASP E 168 -1.36 59.60 -60.10
CA ASP E 168 -1.07 60.58 -61.15
C ASP E 168 -0.31 59.95 -62.31
N PRO E 169 -0.76 60.20 -63.55
CA PRO E 169 -0.13 59.67 -64.76
C PRO E 169 1.17 60.37 -65.13
N LEU E 170 1.22 61.69 -64.93
CA LEU E 170 2.40 62.47 -65.26
C LEU E 170 3.58 62.17 -64.32
N ASN E 171 3.28 61.61 -63.15
CA ASN E 171 4.33 61.30 -62.19
C ASN E 171 4.90 59.90 -62.46
N ARG E 172 6.18 59.85 -62.80
CA ARG E 172 6.86 58.59 -63.11
C ARG E 172 6.62 57.52 -62.05
N ARG E 173 6.27 57.94 -60.84
CA ARG E 173 6.03 56.99 -59.76
C ARG E 173 4.64 56.37 -59.83
N TYR E 174 3.91 56.65 -60.91
CA TYR E 174 2.57 56.11 -61.07
C TYR E 174 2.55 54.59 -61.10
N HIS E 175 1.65 54.01 -60.31
CA HIS E 175 1.52 52.57 -60.20
C HIS E 175 2.81 51.82 -59.96
N ALA E 176 3.75 52.47 -59.27
CA ALA E 176 5.02 51.84 -58.95
C ALA E 176 4.81 51.07 -57.65
N GLU E 177 4.41 49.81 -57.77
CA GLU E 177 4.15 48.96 -56.62
C GLU E 177 5.15 49.13 -55.47
N PRO E 178 6.46 49.06 -55.76
CA PRO E 178 7.47 49.21 -54.72
C PRO E 178 7.79 50.66 -54.34
N THR E 179 6.83 51.56 -54.52
CA THR E 179 7.02 52.97 -54.20
C THR E 179 7.02 53.19 -52.69
N ALA E 180 7.89 54.08 -52.23
CA ALA E 180 7.99 54.38 -50.80
C ALA E 180 8.75 55.68 -50.53
N CYS E 181 8.96 55.95 -49.25
CA CYS E 181 9.70 57.14 -48.81
C CYS E 181 10.08 56.90 -47.35
N PRO E 182 10.89 57.80 -46.77
CA PRO E 182 11.31 57.63 -45.37
C PRO E 182 10.17 57.50 -44.36
N VAL E 183 8.95 57.87 -44.77
CA VAL E 183 7.80 57.82 -43.88
C VAL E 183 7.03 56.49 -43.91
N CYS E 184 6.55 56.11 -45.08
CA CYS E 184 5.80 54.85 -45.21
C CYS E 184 6.68 53.73 -45.71
N GLY E 185 7.94 54.04 -45.97
CA GLY E 185 8.87 53.03 -46.47
C GLY E 185 9.71 52.43 -45.36
N PRO E 186 10.37 51.29 -45.62
CA PRO E 186 11.22 50.60 -44.65
C PRO E 186 12.35 51.50 -44.16
N SER E 187 13.23 50.95 -43.31
CA SER E 187 14.33 51.73 -42.76
C SER E 187 15.58 50.90 -42.51
N TYR E 188 16.69 51.59 -42.28
CA TYR E 188 17.97 50.96 -42.03
C TYR E 188 18.26 50.84 -40.53
N ARG E 189 19.27 50.04 -40.19
CA ARG E 189 19.67 49.85 -38.81
C ARG E 189 21.12 49.41 -38.70
N LEU E 190 21.78 49.80 -37.62
CA LEU E 190 23.19 49.47 -37.40
C LEU E 190 23.37 48.52 -36.23
N TYR E 191 23.67 47.26 -36.53
CA TYR E 191 23.88 46.25 -35.49
C TYR E 191 25.37 45.93 -35.38
N THR E 192 25.74 45.20 -34.33
CA THR E 192 27.12 44.82 -34.11
C THR E 192 27.14 43.65 -33.15
N SER E 193 26.97 42.44 -33.68
CA SER E 193 26.93 41.24 -32.86
C SER E 193 25.87 41.50 -31.78
N ASP E 194 24.83 42.23 -32.19
CA ASP E 194 23.70 42.62 -31.33
C ASP E 194 23.86 44.08 -30.91
N GLY E 195 22.79 44.65 -30.37
CA GLY E 195 22.83 46.05 -29.96
C GLY E 195 22.76 46.89 -31.22
N GLN E 196 22.07 48.03 -31.19
CA GLN E 196 21.98 48.86 -32.39
C GLN E 196 21.51 50.30 -32.16
N GLU E 197 21.13 50.96 -33.25
CA GLU E 197 20.62 52.33 -33.22
C GLU E 197 19.13 52.28 -33.57
N ILE E 198 18.48 53.44 -33.63
CA ILE E 198 17.06 53.48 -33.95
C ILE E 198 16.73 54.33 -35.17
N TYR E 199 16.31 53.65 -36.24
CA TYR E 199 15.93 54.29 -37.49
C TYR E 199 17.07 54.80 -38.40
N GLY E 200 17.22 56.11 -38.48
CA GLY E 200 18.21 56.74 -39.35
C GLY E 200 19.58 57.13 -38.84
N ASP E 201 19.85 56.98 -37.55
CA ASP E 201 21.15 57.33 -37.02
C ASP E 201 22.27 56.51 -37.69
N PRO E 202 21.99 55.24 -38.06
CA PRO E 202 22.96 54.35 -38.70
C PRO E 202 23.48 54.76 -40.08
N LEU E 203 22.66 54.57 -41.12
CA LEU E 203 23.08 54.89 -42.48
C LEU E 203 24.38 55.69 -42.61
N ARG E 204 24.39 56.92 -42.11
CA ARG E 204 25.59 57.76 -42.21
C ARG E 204 26.82 57.13 -41.56
N LYS E 205 26.72 56.82 -40.28
CA LYS E 205 27.83 56.24 -39.53
C LYS E 205 28.38 54.94 -40.13
N ALA E 206 27.46 54.08 -40.58
CA ALA E 206 27.83 52.80 -41.16
C ALA E 206 29.13 52.85 -41.97
N ALA E 207 29.13 53.64 -43.04
CA ALA E 207 30.31 53.77 -43.89
C ALA E 207 31.47 54.36 -43.11
N GLU E 208 31.18 55.35 -42.27
CA GLU E 208 32.23 55.98 -41.48
C GLU E 208 33.04 54.93 -40.74
N LEU E 209 32.49 53.72 -40.60
CA LEU E 209 33.16 52.63 -39.91
C LEU E 209 33.83 51.65 -40.88
N ILE E 210 33.21 51.46 -42.04
CA ILE E 210 33.74 50.53 -43.04
C ILE E 210 35.15 50.96 -43.47
N ASP E 211 35.36 52.28 -43.58
CA ASP E 211 36.66 52.80 -43.98
C ASP E 211 37.60 52.80 -42.77
N LYS E 212 37.03 52.68 -41.58
CA LYS E 212 37.83 52.65 -40.36
C LYS E 212 38.60 51.34 -40.33
N GLY E 213 38.13 50.37 -41.11
CA GLY E 213 38.77 49.08 -41.17
C GLY E 213 37.79 47.95 -40.95
N TYR E 214 37.04 48.02 -39.86
CA TYR E 214 36.06 47.00 -39.53
C TYR E 214 35.23 46.60 -40.74
N ILE E 215 34.79 45.34 -40.77
CA ILE E 215 33.98 44.83 -41.86
C ILE E 215 32.51 44.83 -41.44
N VAL E 216 31.62 45.10 -42.38
CA VAL E 216 30.20 45.13 -42.08
C VAL E 216 29.35 44.57 -43.21
N ALA E 217 28.50 43.61 -42.88
CA ALA E 217 27.62 42.99 -43.87
C ALA E 217 26.40 43.87 -44.10
N ILE E 218 26.06 44.10 -45.36
CA ILE E 218 24.92 44.94 -45.71
C ILE E 218 23.80 44.10 -46.30
N LYS E 219 22.57 44.58 -46.18
CA LYS E 219 21.42 43.86 -46.71
C LYS E 219 21.10 44.26 -48.15
N GLY E 220 21.78 43.61 -49.09
CA GLY E 220 21.54 43.90 -50.49
C GLY E 220 20.08 43.73 -50.83
N ILE E 221 19.72 43.98 -52.08
CA ILE E 221 18.34 43.85 -52.54
C ILE E 221 18.00 42.43 -52.98
N GLY E 222 18.98 41.54 -52.90
CA GLY E 222 18.75 40.16 -53.31
C GLY E 222 19.69 39.21 -52.56
N GLY E 223 19.90 39.48 -51.28
CA GLY E 223 20.77 38.65 -50.48
C GLY E 223 21.90 39.48 -49.90
N ILE E 224 21.89 39.64 -48.58
CA ILE E 224 22.90 40.43 -47.89
C ILE E 224 24.28 39.80 -48.03
N HIS E 225 25.33 40.61 -47.92
CA HIS E 225 26.70 40.13 -48.04
C HIS E 225 27.70 41.01 -47.29
N LEU E 226 28.91 40.49 -47.09
CA LEU E 226 29.95 41.23 -46.38
C LEU E 226 30.52 42.39 -47.17
N ALA E 227 30.90 43.44 -46.45
CA ALA E 227 31.47 44.64 -47.04
C ALA E 227 32.69 45.07 -46.22
N CYS E 228 33.63 45.73 -46.88
CA CYS E 228 34.85 46.20 -46.22
C CYS E 228 35.65 47.10 -47.14
N ASP E 229 36.53 47.91 -46.56
CA ASP E 229 37.36 48.80 -47.36
C ASP E 229 38.39 47.98 -48.12
N ALA E 230 38.29 48.01 -49.45
CA ALA E 230 39.21 47.26 -50.30
C ALA E 230 40.63 47.83 -50.24
N ALA E 231 40.75 49.08 -49.79
CA ALA E 231 42.04 49.74 -49.68
C ALA E 231 42.85 49.23 -48.49
N ASN E 232 42.20 49.15 -47.33
CA ASN E 232 42.87 48.67 -46.12
C ASN E 232 43.27 47.21 -46.24
N GLU E 233 44.53 46.97 -46.56
CA GLU E 233 45.08 45.63 -46.72
C GLU E 233 44.99 44.86 -45.40
N GLU E 234 45.06 45.57 -44.29
CA GLU E 234 45.01 44.96 -42.96
C GLU E 234 43.70 44.20 -42.74
N VAL E 235 42.60 44.93 -42.69
CA VAL E 235 41.28 44.35 -42.46
C VAL E 235 40.80 43.41 -43.55
N VAL E 236 41.21 43.65 -44.79
CA VAL E 236 40.78 42.80 -45.90
C VAL E 236 41.34 41.39 -45.72
N ALA E 237 42.56 41.31 -45.18
CA ALA E 237 43.20 40.03 -44.95
C ALA E 237 42.49 39.31 -43.80
N GLU E 238 42.09 40.09 -42.80
CA GLU E 238 41.38 39.55 -41.64
C GLU E 238 40.13 38.82 -42.10
N LEU E 239 39.40 39.46 -43.00
CA LEU E 239 38.17 38.88 -43.53
C LEU E 239 38.41 37.50 -44.13
N ARG E 240 39.47 37.37 -44.93
CA ARG E 240 39.79 36.09 -45.55
C ARG E 240 39.91 34.94 -44.57
N ARG E 241 40.10 35.25 -43.28
CA ARG E 241 40.23 34.21 -42.27
C ARG E 241 38.87 33.89 -41.64
N ARG E 242 38.16 34.93 -41.20
CA ARG E 242 36.85 34.75 -40.58
C ARG E 242 35.93 33.99 -41.52
N THR E 243 36.25 34.02 -42.81
CA THR E 243 35.45 33.34 -43.82
C THR E 243 36.13 32.05 -44.27
N PHE E 244 37.39 31.87 -43.88
CA PHE E 244 38.15 30.67 -44.26
C PHE E 244 38.30 30.59 -45.77
N ARG E 245 38.53 31.74 -46.39
CA ARG E 245 38.70 31.84 -47.83
C ARG E 245 40.10 32.40 -48.10
N PRO E 246 41.04 31.53 -48.49
CA PRO E 246 42.43 31.88 -48.79
C PRO E 246 42.82 32.45 -50.15
N GLN E 247 42.03 32.21 -51.20
CA GLN E 247 42.45 32.73 -52.51
C GLN E 247 41.37 33.13 -53.51
N LYS E 248 40.09 32.98 -53.15
CA LYS E 248 39.02 33.33 -54.07
C LYS E 248 38.95 34.83 -54.35
N PRO E 249 39.10 35.23 -55.63
CA PRO E 249 39.08 36.63 -56.06
C PRO E 249 37.90 37.42 -55.49
N PHE E 250 38.20 38.28 -54.53
CA PHE E 250 37.20 39.11 -53.88
C PHE E 250 36.65 40.15 -54.86
N ALA E 251 35.38 40.49 -54.72
CA ALA E 251 34.74 41.47 -55.59
C ALA E 251 34.85 42.87 -55.00
N ILE E 252 35.19 43.84 -55.85
CA ILE E 252 35.33 45.22 -55.41
C ILE E 252 34.31 46.12 -56.11
N ALA E 254 33.98 49.81 -57.02
CA ALA E 254 34.54 51.15 -57.16
C ALA E 254 33.46 52.21 -57.31
N LYS E 255 33.79 53.44 -56.97
CA LYS E 255 32.85 54.56 -57.04
C LYS E 255 32.28 54.77 -58.43
N ASP E 256 32.95 55.60 -59.20
CA ASP E 256 32.53 55.91 -60.56
C ASP E 256 33.51 55.29 -61.54
N ILE E 257 33.11 55.20 -62.80
CA ILE E 257 33.95 54.61 -63.83
C ILE E 257 35.38 55.13 -63.75
N GLU E 258 35.53 56.40 -63.37
CA GLU E 258 36.85 57.02 -63.24
C GLU E 258 37.80 56.10 -62.48
N THR E 259 37.37 55.64 -61.31
CA THR E 259 38.18 54.76 -60.49
C THR E 259 38.41 53.43 -61.21
N VAL E 260 37.35 52.91 -61.82
CA VAL E 260 37.44 51.65 -62.54
C VAL E 260 38.67 51.63 -63.43
N LYS E 261 39.09 52.80 -63.90
CA LYS E 261 40.27 52.94 -64.75
C LYS E 261 41.56 52.93 -63.93
N SER E 262 41.72 53.96 -63.10
CA SER E 262 42.91 54.09 -62.26
C SER E 262 43.17 52.82 -61.46
N PHE E 263 42.13 52.03 -61.26
CA PHE E 263 42.24 50.79 -60.51
C PHE E 263 42.65 49.62 -61.40
N ALA E 264 42.35 49.74 -62.69
CA ALA E 264 42.69 48.70 -63.66
C ALA E 264 42.19 49.06 -65.06
N TYR E 265 42.75 48.40 -66.07
CA TYR E 265 42.37 48.65 -67.46
C TYR E 265 40.86 48.52 -67.62
N VAL E 266 40.33 49.07 -68.70
CA VAL E 266 38.90 49.02 -68.95
C VAL E 266 38.57 48.83 -70.42
N SER E 267 37.70 47.87 -70.71
CA SER E 267 37.29 47.60 -72.08
C SER E 267 36.20 48.58 -72.49
N PRO E 268 36.15 48.95 -73.78
CA PRO E 268 35.15 49.89 -74.32
C PRO E 268 33.69 49.49 -74.14
N GLU E 269 33.21 48.52 -74.92
CA GLU E 269 31.82 48.07 -74.79
C GLU E 269 31.57 47.53 -73.40
N GLU E 270 32.64 47.43 -72.61
CA GLU E 270 32.56 46.93 -71.25
C GLU E 270 31.84 47.94 -70.36
N GLU E 271 32.28 49.20 -70.44
CA GLU E 271 31.69 50.26 -69.66
C GLU E 271 30.17 50.18 -69.81
N GLU E 272 29.75 49.76 -71.00
CA GLU E 272 28.34 49.60 -71.31
C GLU E 272 27.79 48.48 -70.42
N GLU E 273 28.38 47.30 -70.55
CA GLU E 273 27.97 46.14 -69.77
C GLU E 273 28.07 46.42 -68.27
N LEU E 274 28.90 47.41 -67.92
CA LEU E 274 29.08 47.78 -66.52
C LEU E 274 27.98 48.73 -66.05
N THR E 275 27.95 49.93 -66.64
CA THR E 275 26.96 50.93 -66.28
C THR E 275 25.57 50.48 -66.70
N SER E 276 25.44 49.20 -67.03
CA SER E 276 24.17 48.62 -67.44
C SER E 276 23.20 48.58 -66.25
N TYR E 277 21.92 48.40 -66.55
CA TYR E 277 20.90 48.34 -65.52
C TYR E 277 21.10 47.15 -64.59
N ARG E 278 21.93 46.20 -65.00
CA ARG E 278 22.20 45.01 -64.20
C ARG E 278 23.37 45.15 -63.23
N ARG E 279 24.23 46.14 -63.49
CA ARG E 279 25.38 46.40 -62.63
C ARG E 279 26.09 45.12 -62.17
N PRO E 280 26.42 44.23 -63.11
CA PRO E 280 27.09 42.97 -62.80
C PRO E 280 28.58 43.12 -62.49
N ILE E 281 29.13 42.14 -61.77
CA ILE E 281 30.55 42.16 -61.41
C ILE E 281 31.40 41.73 -62.60
N ILE E 282 32.18 42.67 -63.13
CA ILE E 282 33.05 42.37 -64.27
C ILE E 282 34.40 41.89 -63.76
N THR E 283 35.33 41.70 -64.69
CA THR E 283 36.68 41.25 -64.33
C THR E 283 37.70 41.82 -65.32
N LEU E 284 38.24 42.98 -64.97
CA LEU E 284 39.21 43.66 -65.80
C LEU E 284 40.65 43.27 -65.52
N ARG E 285 41.57 43.98 -66.16
CA ARG E 285 43.00 43.73 -65.99
C ARG E 285 43.57 44.77 -65.03
N LYS E 286 43.90 44.35 -63.82
CA LYS E 286 44.46 45.26 -62.83
C LYS E 286 45.70 45.92 -63.45
N LYS E 287 45.79 47.24 -63.35
CA LYS E 287 46.92 47.97 -63.89
C LYS E 287 48.23 47.33 -63.43
N GLU E 288 49.17 47.16 -64.37
CA GLU E 288 50.46 46.57 -64.05
C GLU E 288 50.89 46.97 -62.64
N PRO E 289 51.08 48.28 -62.38
CA PRO E 289 51.48 48.68 -61.03
C PRO E 289 50.27 48.52 -60.11
N PHE E 290 50.17 47.37 -59.45
CA PHE E 290 49.04 47.09 -58.57
C PHE E 290 48.75 48.20 -57.57
N PRO E 291 47.56 48.82 -57.68
CA PRO E 291 47.16 49.90 -56.78
C PRO E 291 46.51 49.34 -55.50
N LEU E 292 45.41 48.62 -55.67
CA LEU E 292 44.71 48.02 -54.55
C LEU E 292 45.55 46.92 -53.92
N PRO E 293 45.35 46.67 -52.62
CA PRO E 293 46.10 45.63 -51.91
C PRO E 293 46.21 44.33 -52.70
N GLU E 294 47.44 43.86 -52.89
CA GLU E 294 47.67 42.63 -53.64
C GLU E 294 46.98 41.46 -52.96
N ASN E 295 46.28 41.74 -51.87
CA ASN E 295 45.57 40.72 -51.12
C ASN E 295 44.26 40.33 -51.79
N LEU E 296 43.49 41.32 -52.20
CA LEU E 296 42.20 41.08 -52.86
C LEU E 296 42.20 39.83 -53.72
N ALA E 297 43.29 39.60 -54.45
CA ALA E 297 43.40 38.43 -55.31
C ALA E 297 44.83 38.18 -55.77
N PRO E 298 45.44 37.06 -55.32
CA PRO E 298 46.81 36.71 -55.70
C PRO E 298 46.88 35.92 -57.00
N GLY E 299 48.00 36.07 -57.71
CA GLY E 299 48.19 35.36 -58.97
C GLY E 299 46.99 35.44 -59.90
N LEU E 300 46.45 36.64 -60.04
CA LEU E 300 45.29 36.86 -60.91
C LEU E 300 45.32 38.25 -61.54
N HIS E 301 45.84 38.31 -62.76
CA HIS E 301 45.92 39.56 -63.51
C HIS E 301 44.61 40.33 -63.50
N THR E 302 43.50 39.62 -63.34
CA THR E 302 42.18 40.26 -63.33
C THR E 302 41.65 40.46 -61.91
N ILE E 303 40.59 41.25 -61.80
CA ILE E 303 39.97 41.53 -60.51
C ILE E 303 38.49 41.88 -60.69
N GLY E 304 37.65 41.34 -59.81
CA GLY E 304 36.22 41.61 -59.91
C GLY E 304 35.94 43.09 -59.70
N VAL E 305 35.08 43.65 -60.54
CA VAL E 305 34.73 45.06 -60.44
C VAL E 305 33.22 45.28 -60.47
N LEU E 307 29.73 48.02 -59.57
CA LEU E 307 29.29 49.39 -59.67
C LEU E 307 28.06 49.54 -58.80
N PRO E 308 27.88 50.70 -58.15
CA PRO E 308 26.71 50.90 -57.30
C PRO E 308 25.44 50.61 -58.11
N TYR E 309 24.48 49.92 -57.50
CA TYR E 309 23.26 49.56 -58.20
C TYR E 309 21.94 49.83 -57.48
N ALA E 310 21.97 50.62 -56.41
CA ALA E 310 20.74 50.91 -55.69
C ALA E 310 20.88 52.05 -54.68
N GLY E 311 19.75 52.67 -54.36
CA GLY E 311 19.74 53.78 -53.43
C GLY E 311 20.84 53.79 -52.38
N THR E 312 20.86 52.76 -51.54
CA THR E 312 21.85 52.65 -50.49
C THR E 312 23.28 52.62 -51.01
N HIS E 313 23.53 51.82 -52.05
CA HIS E 313 24.86 51.72 -52.62
C HIS E 313 25.46 53.09 -52.91
N TYR E 314 24.71 53.92 -53.65
CA TYR E 314 25.18 55.26 -53.99
C TYR E 314 25.33 56.14 -52.75
N ILE E 315 24.29 56.18 -51.92
CA ILE E 315 24.29 56.99 -50.71
C ILE E 315 25.41 56.58 -49.76
N LEU E 316 25.59 55.27 -49.58
CA LEU E 316 26.62 54.75 -48.69
C LEU E 316 27.98 55.19 -49.21
N PHE E 317 28.12 55.17 -50.54
CA PHE E 317 29.37 55.56 -51.19
C PHE E 317 29.72 57.01 -50.91
N HIS E 318 28.70 57.85 -50.79
CA HIS E 318 28.92 59.27 -50.53
C HIS E 318 30.02 59.40 -49.48
N TRP E 319 29.71 58.98 -48.26
CA TRP E 319 30.66 59.03 -47.15
C TRP E 319 31.80 58.05 -47.40
N SER E 320 32.43 57.58 -46.33
CA SER E 320 33.52 56.64 -46.45
C SER E 320 34.56 57.10 -47.47
N LYS E 321 35.58 57.80 -47.00
CA LYS E 321 36.65 58.32 -47.86
C LYS E 321 36.98 57.37 -49.00
N THR E 322 37.58 56.23 -48.65
CA THR E 322 37.97 55.23 -49.62
C THR E 322 36.77 54.76 -50.45
N PRO E 323 36.86 54.91 -51.77
CA PRO E 323 35.78 54.50 -52.66
C PRO E 323 35.53 52.99 -52.70
N VAL E 324 36.49 52.25 -53.26
CA VAL E 324 36.38 50.81 -53.38
C VAL E 324 35.95 50.06 -52.13
N TYR E 325 34.97 49.17 -52.31
CA TYR E 325 34.45 48.34 -51.22
C TYR E 325 34.69 46.89 -51.61
N VAL E 326 34.38 45.98 -50.69
CA VAL E 326 34.57 44.56 -50.92
C VAL E 326 33.26 43.81 -50.63
N THR E 328 31.03 40.43 -50.92
CA THR E 328 31.02 38.98 -51.10
C THR E 328 29.95 38.29 -50.28
N SER E 329 29.32 37.30 -50.92
CA SER E 329 28.26 36.52 -50.29
C SER E 329 28.49 36.28 -48.81
N ALA E 330 27.63 36.85 -47.99
CA ALA E 330 27.71 36.71 -46.54
C ALA E 330 27.32 35.29 -46.15
N ASN E 331 28.29 34.38 -46.19
CA ASN E 331 28.04 32.99 -45.84
C ASN E 331 29.31 32.16 -45.95
N TYR E 332 29.55 31.32 -44.95
CA TYR E 332 30.72 30.46 -44.94
C TYR E 332 30.82 29.75 -46.29
N PRO E 333 32.03 29.34 -46.69
CA PRO E 333 32.25 28.65 -47.97
C PRO E 333 31.36 27.41 -48.14
N GLY E 334 30.30 27.57 -48.91
CA GLY E 334 29.39 26.46 -49.14
C GLY E 334 27.93 26.85 -49.06
N PRO E 336 24.56 29.23 -49.08
CA PRO E 336 24.11 30.31 -49.96
C PRO E 336 23.95 31.61 -49.19
N VAL E 338 22.95 34.79 -47.10
CA VAL E 338 22.01 34.88 -45.99
C VAL E 338 20.92 35.90 -46.32
N LYS E 339 19.67 35.53 -46.05
CA LYS E 339 18.54 36.39 -46.33
C LYS E 339 17.98 37.02 -45.06
N ASP E 340 17.06 36.31 -44.41
CA ASP E 340 16.43 36.81 -43.19
C ASP E 340 17.42 37.42 -42.21
N ASN E 341 17.10 38.64 -41.78
CA ASN E 341 17.93 39.37 -40.83
C ASN E 341 18.24 38.47 -39.64
N GLU E 342 17.31 37.56 -39.33
CA GLU E 342 17.46 36.63 -38.22
C GLU E 342 18.72 35.80 -38.41
N ARG E 343 18.69 34.91 -39.40
CA ARG E 343 19.81 34.04 -39.71
C ARG E 343 21.07 34.83 -40.02
N ALA E 344 20.95 36.15 -40.07
CA ALA E 344 22.08 37.02 -40.37
C ALA E 344 23.03 37.12 -39.19
N PHE E 345 22.50 36.99 -37.97
CA PHE E 345 23.31 37.08 -36.76
C PHE E 345 23.76 35.69 -36.32
N GLU E 346 22.84 34.74 -36.33
CA GLU E 346 23.11 33.38 -35.91
C GLU E 346 24.12 32.65 -36.81
N GLU E 347 24.66 33.37 -37.80
CA GLU E 347 25.62 32.78 -38.71
C GLU E 347 26.85 33.65 -38.93
N LEU E 348 26.70 34.96 -38.75
CA LEU E 348 27.82 35.87 -38.95
C LEU E 348 28.27 36.58 -37.67
N LYS E 349 28.09 35.93 -36.52
CA LYS E 349 28.50 36.53 -35.26
C LYS E 349 30.01 36.52 -35.13
N ASP E 350 30.62 35.39 -35.49
CA ASP E 350 32.07 35.23 -35.42
C ASP E 350 32.75 35.73 -36.68
N VAL E 351 31.94 36.21 -37.63
CA VAL E 351 32.47 36.70 -38.90
C VAL E 351 32.52 38.23 -38.98
N ALA E 352 31.48 38.83 -39.56
CA ALA E 352 31.41 40.28 -39.70
C ALA E 352 31.64 41.00 -38.39
N ASP E 353 31.95 42.30 -38.48
CA ASP E 353 32.17 43.12 -37.28
C ASP E 353 30.98 44.02 -36.99
N TYR E 354 30.16 44.24 -38.02
CA TYR E 354 28.98 45.09 -37.88
C TYR E 354 27.81 44.56 -38.70
N PHE E 355 26.71 45.30 -38.71
CA PHE E 355 25.52 44.92 -39.45
C PHE E 355 24.73 46.13 -39.93
N LEU E 356 24.15 46.01 -41.12
CA LEU E 356 23.35 47.07 -41.71
C LEU E 356 22.17 46.43 -42.42
N LEU E 357 21.11 46.13 -41.66
CA LEU E 357 19.92 45.50 -42.21
C LEU E 357 18.70 46.40 -42.21
N HIS E 358 17.74 46.07 -43.07
CA HIS E 358 16.50 46.83 -43.18
C HIS E 358 15.26 45.96 -43.05
N ASN E 359 14.09 46.57 -43.23
CA ASN E 359 12.81 45.88 -43.10
C ASN E 359 12.36 45.07 -44.31
N ARG E 360 12.67 45.56 -45.50
CA ARG E 360 12.27 44.88 -46.74
C ARG E 360 12.86 43.48 -46.84
N LYS E 361 12.02 42.47 -46.70
CA LYS E 361 12.47 41.08 -46.78
C LYS E 361 12.75 40.64 -48.20
N ILE E 362 13.96 40.11 -48.41
CA ILE E 362 14.36 39.63 -49.72
C ILE E 362 13.89 38.19 -49.89
N LEU E 363 12.70 38.03 -50.43
CA LEU E 363 12.10 36.72 -50.66
C LEU E 363 12.99 35.75 -51.44
N ASN E 364 13.24 36.08 -52.70
CA ASN E 364 14.06 35.24 -53.56
C ASN E 364 15.54 35.61 -53.52
N ARG E 365 16.38 34.59 -53.44
CA ARG E 365 17.83 34.78 -53.39
C ARG E 365 18.29 35.29 -54.74
N ALA E 366 19.41 36.01 -54.76
CA ALA E 366 19.94 36.55 -56.01
C ALA E 366 21.38 37.00 -55.89
N ASP E 367 22.31 36.15 -56.31
CA ASP E 367 23.73 36.48 -56.24
C ASP E 367 24.08 37.50 -57.31
N ASP E 368 25.15 38.25 -57.07
CA ASP E 368 25.60 39.28 -58.01
C ASP E 368 26.30 38.63 -59.21
N SER E 369 25.55 38.43 -60.28
CA SER E 369 26.11 37.83 -61.49
C SER E 369 27.45 38.43 -61.87
N VAL E 370 28.41 37.56 -62.13
CA VAL E 370 29.74 38.00 -62.52
C VAL E 370 29.94 37.71 -64.00
N ILE E 371 30.60 38.64 -64.70
CA ILE E 371 30.84 38.49 -66.13
C ILE E 371 32.27 38.85 -66.50
N ARG E 372 32.88 38.05 -67.37
CA ARG E 372 34.25 38.28 -67.82
C ARG E 372 34.33 38.08 -69.33
N PHE E 373 35.04 38.97 -70.00
CA PHE E 373 35.18 38.88 -71.45
C PHE E 373 36.28 37.92 -71.91
N VAL E 374 36.20 37.54 -73.18
CA VAL E 374 37.17 36.65 -73.79
C VAL E 374 37.55 37.21 -75.15
N ASP E 375 38.59 36.65 -75.76
CA ASP E 375 39.05 37.13 -77.06
C ASP E 375 37.97 37.22 -78.14
N GLY E 376 37.17 36.17 -78.27
CA GLY E 376 36.11 36.14 -79.27
C GLY E 376 35.03 37.19 -79.11
N LYS E 377 34.41 37.23 -77.93
CA LYS E 377 33.35 38.18 -77.66
C LYS E 377 33.40 38.61 -76.19
N ARG E 378 32.23 38.87 -75.62
CA ARG E 378 32.16 39.28 -74.23
C ARG E 378 31.05 38.50 -73.51
N ALA E 379 31.34 37.24 -73.19
CA ALA E 379 30.35 36.39 -72.52
C ALA E 379 30.38 36.54 -71.00
N VAL E 380 29.42 35.90 -70.35
CA VAL E 380 29.32 35.93 -68.89
C VAL E 380 29.58 34.55 -68.32
N ILE E 381 29.67 34.46 -67.00
CA ILE E 381 29.91 33.20 -66.34
C ILE E 381 28.86 32.93 -65.27
N ARG E 382 28.16 33.98 -64.86
CA ARG E 382 27.13 33.84 -63.84
C ARG E 382 25.78 34.39 -64.29
N ARG E 383 24.82 33.50 -64.45
CA ARG E 383 23.47 33.87 -64.88
C ARG E 383 22.58 34.06 -63.66
N SER E 384 22.27 35.32 -63.36
CA SER E 384 21.43 35.68 -62.22
C SER E 384 21.41 37.20 -62.12
N ARG E 385 21.51 37.72 -60.90
CA ARG E 385 21.52 39.16 -60.69
C ARG E 385 20.41 39.88 -61.47
N GLY E 386 20.81 40.73 -62.40
CA GLY E 386 19.84 41.50 -63.17
C GLY E 386 19.22 40.81 -64.37
N PHE E 387 19.42 39.51 -64.52
CA PHE E 387 18.85 38.79 -65.64
C PHE E 387 17.53 38.12 -65.28
N VAL E 388 17.62 37.06 -64.48
CA VAL E 388 16.43 36.33 -64.04
C VAL E 388 15.32 37.32 -63.68
N PRO E 389 14.07 37.03 -64.09
CA PRO E 389 13.67 35.85 -64.87
C PRO E 389 13.48 36.12 -66.36
N LEU E 390 14.59 36.26 -67.09
CA LEU E 390 14.51 36.49 -68.54
C LEU E 390 14.79 35.18 -69.26
N PRO E 391 13.94 34.84 -70.24
CA PRO E 391 14.06 33.60 -71.04
C PRO E 391 15.12 33.54 -72.12
N ILE E 392 15.35 32.31 -72.59
CA ILE E 392 16.29 32.01 -73.66
C ILE E 392 15.49 31.06 -74.55
N GLU E 393 15.31 31.43 -75.82
CA GLU E 393 14.51 30.63 -76.73
C GLU E 393 15.06 29.26 -77.14
N ILE E 394 14.19 28.26 -77.03
CA ILE E 394 14.50 26.88 -77.39
C ILE E 394 13.59 26.53 -78.56
N PRO E 395 14.13 25.84 -79.58
CA PRO E 395 13.33 25.45 -80.75
C PRO E 395 12.21 24.45 -80.46
N PHE E 396 12.15 23.95 -79.24
CA PHE E 396 11.13 22.98 -78.87
C PHE E 396 10.30 23.45 -77.68
N GLU E 397 8.99 23.53 -77.88
CA GLU E 397 8.08 23.97 -76.83
C GLU E 397 7.69 22.80 -75.95
N TYR E 398 7.89 22.95 -74.63
CA TYR E 398 7.54 21.90 -73.68
C TYR E 398 7.74 22.38 -72.26
N ASN E 399 6.76 22.11 -71.40
CA ASN E 399 6.82 22.51 -70.00
C ASN E 399 7.64 21.48 -69.24
N GLY E 400 8.93 21.75 -69.06
CA GLY E 400 9.77 20.81 -68.36
C GLY E 400 10.85 21.41 -67.49
N LEU E 401 11.24 20.69 -66.45
CA LEU E 401 12.27 21.12 -65.52
C LEU E 401 13.57 20.39 -65.82
N ALA E 402 14.69 21.00 -65.44
CA ALA E 402 16.00 20.40 -65.66
C ALA E 402 17.00 20.94 -64.65
N VAL E 403 17.64 20.03 -63.91
CA VAL E 403 18.62 20.44 -62.91
C VAL E 403 19.96 20.79 -63.54
N GLY E 404 20.70 19.77 -63.98
CA GLY E 404 21.99 20.00 -64.59
C GLY E 404 23.16 19.51 -63.77
N ALA E 405 24.26 20.26 -63.82
CA ALA E 405 25.46 19.91 -63.08
C ALA E 405 25.23 20.00 -61.58
N GLU E 406 26.19 19.52 -60.80
CA GLU E 406 26.08 19.55 -59.34
C GLU E 406 26.83 20.76 -58.76
N LEU E 407 27.90 21.16 -59.45
CA LEU E 407 28.72 22.27 -59.01
C LEU E 407 28.40 23.54 -59.80
N ASN E 409 25.69 25.22 -60.04
CA ASN E 409 24.46 24.89 -60.73
C ASN E 409 23.46 26.03 -60.88
N ALA E 410 22.39 25.76 -61.62
CA ALA E 410 21.31 26.71 -61.89
C ALA E 410 20.27 26.01 -62.74
N PHE E 411 19.18 25.55 -62.11
CA PHE E 411 18.13 24.85 -62.83
C PHE E 411 17.48 25.73 -63.88
N GLY E 412 16.63 25.13 -64.70
CA GLY E 412 15.96 25.89 -65.75
C GLY E 412 14.68 25.24 -66.24
N VAL E 413 13.56 25.93 -66.04
CA VAL E 413 12.25 25.45 -66.45
C VAL E 413 11.88 26.11 -67.77
N ALA E 414 11.47 25.31 -68.75
CA ALA E 414 11.11 25.84 -70.06
C ALA E 414 9.65 25.59 -70.45
N LYS E 415 9.21 26.28 -71.49
CA LYS E 415 7.84 26.16 -71.99
C LYS E 415 7.67 27.05 -73.22
N ASN E 416 6.84 26.59 -74.16
CA ASN E 416 6.57 27.34 -75.38
C ASN E 416 7.82 27.59 -76.23
N GLY E 417 8.99 27.37 -75.63
CA GLY E 417 10.23 27.57 -76.35
C GLY E 417 11.13 28.64 -75.75
N LYS E 418 11.05 28.81 -74.44
CA LYS E 418 11.86 29.81 -73.75
C LYS E 418 12.29 29.32 -72.37
N VAL E 419 13.42 28.63 -72.32
CA VAL E 419 13.95 28.11 -71.06
C VAL E 419 14.11 29.23 -70.05
N TYR E 420 14.13 28.88 -68.77
CA TYR E 420 14.26 29.87 -67.70
C TYR E 420 15.37 29.54 -66.71
N PRO E 421 16.51 30.22 -66.81
CA PRO E 421 17.64 29.99 -65.90
C PRO E 421 17.37 30.67 -64.56
N SER E 422 17.62 29.96 -63.47
CA SER E 422 17.40 30.50 -62.13
C SER E 422 18.61 31.24 -61.58
N GLN E 423 18.48 31.79 -60.38
CA GLN E 423 19.58 32.51 -59.76
C GLN E 423 20.70 31.50 -59.52
N TYR E 424 21.88 32.00 -59.18
CA TYR E 424 23.01 31.13 -58.92
C TYR E 424 22.78 30.33 -57.64
N ILE E 425 22.41 29.07 -57.80
CA ILE E 425 22.15 28.19 -56.66
C ILE E 425 23.44 27.57 -56.16
N GLY E 426 24.55 28.27 -56.36
CA GLY E 426 25.85 27.79 -55.90
C GLY E 426 26.08 26.30 -56.10
N ASN E 427 26.94 25.74 -55.26
CA ASN E 427 27.27 24.32 -55.30
C ASN E 427 26.23 23.51 -54.54
N THR E 428 25.52 22.64 -55.25
CA THR E 428 24.47 21.81 -54.64
C THR E 428 24.92 20.91 -53.49
N GLY E 429 26.23 20.89 -53.22
CA GLY E 429 26.74 20.05 -52.16
C GLY E 429 26.03 20.19 -50.82
N LYS E 430 26.46 21.15 -50.01
CA LYS E 430 25.87 21.39 -48.71
C LYS E 430 24.35 21.24 -48.71
N VAL E 431 23.84 20.42 -47.79
CA VAL E 431 22.40 20.20 -47.68
C VAL E 431 21.67 21.53 -47.60
N GLU E 432 22.31 22.52 -46.99
CA GLU E 432 21.71 23.84 -46.86
C GLU E 432 21.36 24.37 -48.25
N VAL E 433 22.10 23.92 -49.26
CA VAL E 433 21.86 24.34 -50.63
C VAL E 433 20.71 23.56 -51.26
N LEU E 434 20.83 22.23 -51.27
CA LEU E 434 19.81 21.37 -51.86
C LEU E 434 18.40 21.85 -51.53
N GLU E 435 18.19 22.25 -50.29
CA GLU E 435 16.87 22.73 -49.86
C GLU E 435 16.49 24.02 -50.54
N PHE E 436 17.49 24.85 -50.85
CA PHE E 436 17.22 26.11 -51.50
C PHE E 436 16.64 25.89 -52.89
N ARG E 438 14.76 23.82 -53.96
CA ARG E 438 13.34 23.50 -53.86
C ARG E 438 12.50 24.78 -53.80
N GLU E 439 12.85 25.66 -52.87
CA GLU E 439 12.14 26.93 -52.70
C GLU E 439 12.19 27.75 -53.99
N ALA E 440 13.30 27.63 -54.72
CA ALA E 440 13.47 28.37 -55.96
C ALA E 440 12.53 27.83 -57.04
N ILE E 441 12.51 26.51 -57.19
CA ILE E 441 11.64 25.87 -58.18
C ILE E 441 10.18 26.03 -57.79
N ALA E 442 9.91 25.98 -56.49
CA ALA E 442 8.56 26.13 -55.98
C ALA E 442 8.03 27.51 -56.34
N HIS E 443 8.93 28.49 -56.42
CA HIS E 443 8.55 29.85 -56.76
C HIS E 443 8.50 30.01 -58.27
N PHE E 444 9.57 29.58 -58.93
CA PHE E 444 9.65 29.66 -60.39
C PHE E 444 8.37 29.13 -61.01
N ARG E 445 7.79 28.10 -60.37
CA ARG E 445 6.57 27.49 -60.85
C ARG E 445 5.33 28.38 -60.69
N LYS E 446 5.30 29.19 -59.64
CA LYS E 446 4.15 30.06 -59.42
C LYS E 446 3.99 31.07 -60.55
N ILE E 447 4.90 31.03 -61.52
CA ILE E 447 4.85 31.92 -62.67
C ILE E 447 4.88 31.04 -63.92
N LEU E 448 4.41 29.80 -63.77
CA LEU E 448 4.38 28.85 -64.86
C LEU E 448 3.20 27.88 -64.73
N ARG E 449 3.44 26.63 -65.11
CA ARG E 449 2.40 25.61 -65.06
C ARG E 449 2.74 24.44 -64.13
N VAL E 450 1.78 24.05 -63.31
CA VAL E 450 1.95 22.93 -62.39
C VAL E 450 1.72 21.66 -63.20
N LYS E 451 2.05 20.50 -62.63
CA LYS E 451 1.86 19.24 -63.33
C LYS E 451 2.37 19.42 -64.76
N ASN E 452 3.54 20.04 -64.89
CA ASN E 452 4.14 20.28 -66.20
C ASN E 452 3.82 19.17 -67.18
N LEU E 453 3.28 19.55 -68.33
CA LEU E 453 2.89 18.61 -69.38
C LEU E 453 4.07 17.80 -69.93
N ASP E 454 5.26 18.03 -69.40
CA ASP E 454 6.44 17.31 -69.89
C ASP E 454 7.30 16.62 -68.83
N LEU E 455 8.55 16.35 -69.18
CA LEU E 455 9.49 15.66 -68.30
C LEU E 455 10.59 16.52 -67.69
N ILE E 456 11.64 15.85 -67.20
CA ILE E 456 12.78 16.52 -66.58
C ILE E 456 14.10 15.99 -67.15
N ILE E 457 15.19 16.70 -66.88
CA ILE E 457 16.51 16.30 -67.36
C ILE E 457 17.50 16.29 -66.20
N ALA E 458 18.69 15.77 -66.44
CA ALA E 458 19.73 15.71 -65.42
C ALA E 458 21.05 15.20 -66.01
N ASP E 459 22.16 15.70 -65.47
CA ASP E 459 23.47 15.28 -65.95
C ASP E 459 23.58 13.76 -65.85
N LEU E 460 24.33 13.15 -66.77
CA LEU E 460 24.48 11.71 -66.79
C LEU E 460 25.30 11.18 -65.62
N HIS E 461 25.20 11.83 -64.46
CA HIS E 461 25.93 11.39 -63.28
C HIS E 461 24.97 10.84 -62.23
N PRO E 462 24.98 9.52 -62.02
CA PRO E 462 24.12 8.83 -61.06
C PRO E 462 24.43 9.10 -59.59
N ALA E 463 25.14 10.19 -59.30
CA ALA E 463 25.48 10.51 -57.92
C ALA E 463 25.35 11.99 -57.57
N TYR E 464 24.89 12.80 -58.54
CA TYR E 464 24.74 14.22 -58.30
C TYR E 464 23.58 14.51 -57.37
N ASN E 465 23.77 15.45 -56.44
CA ASN E 465 22.71 15.82 -55.51
C ASN E 465 21.54 16.37 -56.31
N THR E 466 21.81 16.68 -57.58
CA THR E 466 20.80 17.22 -58.48
C THR E 466 19.98 16.06 -59.03
N THR E 467 20.66 15.11 -59.66
CA THR E 467 19.99 13.94 -60.22
C THR E 467 19.33 13.20 -59.07
N LYS E 468 19.78 13.50 -57.86
CA LYS E 468 19.25 12.90 -56.65
C LYS E 468 17.81 13.37 -56.48
N LEU E 469 17.59 14.65 -56.76
CA LEU E 469 16.26 15.25 -56.67
C LEU E 469 15.44 14.86 -57.89
N ALA E 470 16.09 14.88 -59.05
CA ALA E 470 15.44 14.53 -60.30
C ALA E 470 14.66 13.23 -60.16
N GLU E 472 13.80 11.43 -57.19
CA GLU E 472 12.76 11.52 -56.17
C GLU E 472 11.62 12.41 -56.68
N ALA E 474 10.86 12.71 -60.11
CA ALA E 474 10.23 11.95 -61.18
C ALA E 474 9.21 11.00 -60.56
N ASN E 475 9.52 10.52 -59.36
CA ASN E 475 8.64 9.61 -58.64
C ASN E 475 7.45 10.40 -58.09
N GLU E 476 7.41 11.69 -58.40
CA GLU E 476 6.33 12.56 -57.94
C GLU E 476 5.61 13.17 -59.13
N LEU E 477 4.29 13.31 -59.02
CA LEU E 477 3.48 13.86 -60.09
C LEU E 477 3.65 13.01 -61.35
N ASP E 478 4.31 11.87 -61.19
CA ASP E 478 4.56 10.95 -62.28
C ASP E 478 5.11 11.65 -63.51
N VAL E 479 6.38 12.04 -63.44
CA VAL E 479 7.04 12.73 -64.54
C VAL E 479 8.26 11.94 -65.00
N GLU E 480 8.28 11.54 -66.26
CA GLU E 480 9.40 10.79 -66.82
C GLU E 480 10.71 11.53 -66.59
N LEU E 481 11.76 10.77 -66.31
CA LEU E 481 13.08 11.37 -66.08
C LEU E 481 13.95 11.21 -67.32
N LEU E 482 15.00 12.03 -67.42
CA LEU E 482 15.90 12.00 -68.56
C LEU E 482 17.33 12.37 -68.18
N GLN E 483 18.27 11.46 -68.46
CA GLN E 483 19.67 11.70 -68.17
C GLN E 483 20.44 11.96 -69.45
N VAL E 484 21.01 13.15 -69.57
CA VAL E 484 21.77 13.52 -70.75
C VAL E 484 23.22 13.79 -70.37
N GLN E 485 24.14 13.49 -71.29
CA GLN E 485 25.56 13.72 -71.04
C GLN E 485 25.83 15.14 -70.60
N HIS E 486 26.92 15.32 -69.88
CA HIS E 486 27.32 16.62 -69.39
C HIS E 486 27.90 17.48 -70.52
N HIS E 487 28.93 16.97 -71.19
CA HIS E 487 29.58 17.69 -72.27
C HIS E 487 28.67 17.92 -73.48
N TYR E 488 27.91 16.90 -73.86
CA TYR E 488 26.99 17.04 -74.99
C TYR E 488 26.02 18.17 -74.65
N ALA E 489 25.87 18.45 -73.36
CA ALA E 489 24.98 19.50 -72.89
C ALA E 489 25.64 20.87 -73.04
N HIS E 490 26.87 20.99 -72.54
CA HIS E 490 27.61 22.25 -72.63
C HIS E 490 27.59 22.77 -74.06
N ILE E 491 28.09 21.97 -74.99
CA ILE E 491 28.13 22.35 -76.40
C ILE E 491 26.70 22.61 -76.89
N ALA E 492 25.73 22.02 -76.20
CA ALA E 492 24.33 22.19 -76.57
C ALA E 492 23.85 23.61 -76.28
N SER E 493 24.19 24.12 -75.10
CA SER E 493 23.78 25.47 -74.70
C SER E 493 24.02 26.47 -75.83
N VAL E 494 25.18 26.36 -76.47
CA VAL E 494 25.53 27.26 -77.57
C VAL E 494 24.52 27.16 -78.70
N ALA E 496 21.88 26.51 -78.86
CA ALA E 496 20.53 26.73 -78.33
C ALA E 496 20.29 28.21 -78.22
N GLU E 497 21.37 28.95 -77.94
CA GLU E 497 21.31 30.40 -77.80
C GLU E 497 21.42 31.06 -79.17
N LYS E 498 22.41 30.64 -79.94
CA LYS E 498 22.62 31.18 -81.28
C LYS E 498 21.55 30.62 -82.22
N ASN E 499 20.72 29.74 -81.68
CA ASN E 499 19.63 29.11 -82.43
C ASN E 499 20.09 28.49 -83.75
N LEU E 500 20.94 27.47 -83.64
CA LEU E 500 21.46 26.79 -84.82
C LEU E 500 21.30 25.27 -84.72
N ASP E 501 21.33 24.60 -85.86
CA ASP E 501 21.17 23.15 -85.90
C ASP E 501 22.45 22.39 -85.56
N SER E 502 22.45 21.10 -85.88
CA SER E 502 23.57 20.21 -85.63
C SER E 502 24.91 20.79 -86.04
N VAL E 503 25.84 20.86 -85.10
CA VAL E 503 27.17 21.42 -85.38
C VAL E 503 28.23 20.80 -84.46
N ILE E 504 29.45 20.67 -84.98
CA ILE E 504 30.54 20.10 -84.19
C ILE E 504 30.89 21.06 -83.06
N GLY E 505 31.58 20.56 -82.04
CA GLY E 505 31.94 21.41 -80.92
C GLY E 505 33.07 20.85 -80.07
N ILE E 506 33.62 21.69 -79.21
CA ILE E 506 34.71 21.29 -78.32
C ILE E 506 34.26 21.35 -76.87
N ALA E 507 34.53 20.29 -76.12
CA ALA E 507 34.18 20.22 -74.71
C ALA E 507 35.43 20.33 -73.85
N LEU E 508 35.54 21.44 -73.12
CA LEU E 508 36.70 21.67 -72.26
C LEU E 508 36.25 21.90 -70.82
N ASP E 509 35.86 20.84 -70.14
CA ASP E 509 35.39 20.95 -68.76
C ASP E 509 36.34 20.23 -67.79
N GLY E 510 36.49 20.78 -66.60
CA GLY E 510 37.36 20.19 -65.60
C GLY E 510 36.98 18.79 -65.16
N VAL E 511 35.69 18.52 -65.05
CA VAL E 511 35.21 17.20 -64.64
C VAL E 511 33.77 16.99 -65.09
N GLY E 512 33.56 16.01 -65.96
CA GLY E 512 32.24 15.73 -66.46
C GLY E 512 31.86 14.27 -66.33
N TYR E 513 30.57 14.00 -66.17
CA TYR E 513 30.06 12.63 -66.05
C TYR E 513 29.90 12.01 -67.43
N GLY E 514 30.98 12.01 -68.21
CA GLY E 514 30.94 11.44 -69.54
C GLY E 514 30.30 10.06 -69.59
N THR E 515 29.81 9.68 -70.77
CA THR E 515 29.18 8.38 -70.94
C THR E 515 30.16 7.27 -70.58
N ASP E 516 29.67 6.26 -69.88
CA ASP E 516 30.49 5.13 -69.45
C ASP E 516 31.36 5.48 -68.24
N GLY E 517 30.78 6.21 -67.30
CA GLY E 517 31.51 6.59 -66.11
C GLY E 517 32.95 7.00 -66.39
N ASN E 518 33.15 7.84 -67.39
CA ASN E 518 34.49 8.31 -67.73
C ASN E 518 34.59 9.79 -67.43
N THR E 519 35.57 10.17 -66.62
CA THR E 519 35.75 11.58 -66.29
C THR E 519 36.16 12.32 -67.54
N TRP E 520 35.17 12.77 -68.30
CA TRP E 520 35.41 13.50 -69.54
C TRP E 520 35.77 14.96 -69.25
N GLY E 521 36.23 15.66 -70.29
CA GLY E 521 36.61 17.06 -70.13
C GLY E 521 37.45 17.53 -71.30
N GLY E 522 37.84 16.58 -72.13
CA GLY E 522 38.65 16.90 -73.30
C GLY E 522 38.09 16.10 -74.47
N GLU E 523 36.88 16.45 -74.89
CA GLU E 523 36.21 15.73 -75.96
C GLU E 523 35.58 16.65 -76.98
N VAL E 524 35.94 16.46 -78.23
CA VAL E 524 35.36 17.21 -79.33
C VAL E 524 34.25 16.29 -79.79
N LEU E 525 33.04 16.85 -79.95
CA LEU E 525 31.90 16.04 -80.35
C LEU E 525 31.15 16.60 -81.54
N TYR E 526 30.05 15.95 -81.88
CA TYR E 526 29.21 16.37 -82.99
C TYR E 526 27.75 16.18 -82.60
N LEU E 527 27.05 17.27 -82.34
CA LEU E 527 25.65 17.22 -81.95
C LEU E 527 24.73 17.14 -83.16
N GLY E 528 24.70 15.97 -83.78
CA GLY E 528 23.85 15.78 -84.95
C GLY E 528 22.47 15.26 -84.59
N TYR E 529 21.45 16.03 -84.96
CA TYR E 529 20.06 15.66 -84.69
C TYR E 529 19.85 14.15 -84.62
N GLU E 530 20.22 13.46 -85.69
CA GLU E 530 20.07 12.01 -85.75
C GLU E 530 21.38 11.30 -85.43
N ASP E 531 21.40 10.57 -84.32
CA ASP E 531 22.57 9.82 -83.89
C ASP E 531 23.77 10.72 -83.58
N VAL E 532 23.86 11.16 -82.34
CA VAL E 532 24.97 12.01 -81.90
C VAL E 532 26.11 11.12 -81.42
N GLU E 533 27.33 11.42 -81.87
CA GLU E 533 28.48 10.61 -81.48
C GLU E 533 29.71 11.46 -81.16
N ARG E 534 30.59 10.91 -80.32
CA ARG E 534 31.82 11.58 -79.91
C ARG E 534 32.88 11.47 -81.00
N LEU E 535 33.63 12.55 -81.21
CA LEU E 535 34.70 12.55 -82.21
C LEU E 535 36.02 12.11 -81.57
N ALA E 536 36.95 13.04 -81.40
CA ALA E 536 38.24 12.74 -80.79
C ALA E 536 38.22 13.20 -79.34
N HIS E 537 39.34 12.98 -78.63
CA HIS E 537 39.43 13.39 -77.24
C HIS E 537 40.84 13.18 -76.69
N ILE E 538 41.00 13.49 -75.40
CA ILE E 538 42.29 13.33 -74.74
C ILE E 538 42.42 11.92 -74.18
N ASP E 539 43.59 11.32 -74.34
CA ASP E 539 43.83 9.96 -73.87
C ASP E 539 43.70 9.91 -72.36
N TYR E 540 42.74 9.11 -71.89
CA TYR E 540 42.49 8.96 -70.46
C TYR E 540 43.76 8.71 -69.66
N TYR E 541 43.91 9.44 -68.56
CA TYR E 541 45.07 9.30 -67.70
C TYR E 541 44.68 8.79 -66.32
N PRO E 542 45.50 7.92 -65.73
CA PRO E 542 45.25 7.34 -64.40
C PRO E 542 45.51 8.34 -63.28
N LEU E 543 44.43 8.88 -62.71
CA LEU E 543 44.55 9.85 -61.63
C LEU E 543 44.26 9.19 -60.28
N PRO E 544 45.23 9.26 -59.34
CA PRO E 544 45.08 8.67 -58.02
C PRO E 544 44.02 9.40 -57.18
N GLY E 545 42.86 8.76 -57.04
CA GLY E 545 41.78 9.36 -56.28
C GLY E 545 40.84 10.15 -57.18
N GLY E 546 39.56 9.78 -57.15
CA GLY E 546 38.59 10.47 -57.97
C GLY E 546 38.64 11.99 -57.81
N ASP E 547 38.17 12.46 -56.67
CA ASP E 547 38.16 13.89 -56.37
C ASP E 547 39.54 14.31 -55.87
N LEU E 548 40.27 13.34 -55.31
CA LEU E 548 41.60 13.57 -54.77
C LEU E 548 42.54 14.15 -55.82
N ALA E 549 42.39 13.70 -57.06
CA ALA E 549 43.23 14.16 -58.16
C ALA E 549 42.95 15.63 -58.44
N SER E 550 41.68 16.02 -58.38
CA SER E 550 41.29 17.40 -58.62
C SER E 550 41.68 18.25 -57.44
N TYR E 551 41.34 17.79 -56.24
CA TYR E 551 41.68 18.50 -55.01
C TYR E 551 43.15 18.85 -55.01
N TYR E 552 44.00 17.83 -54.88
CA TYR E 552 45.44 18.03 -54.90
C TYR E 552 45.96 17.78 -56.31
N PRO E 553 46.44 18.84 -56.97
CA PRO E 553 46.97 18.78 -58.34
C PRO E 553 48.15 17.83 -58.54
N LEU E 554 49.06 17.78 -57.57
CA LEU E 554 50.21 16.90 -57.68
C LEU E 554 49.78 15.50 -58.08
N ARG E 555 48.69 15.02 -57.48
CA ARG E 555 48.18 13.69 -57.78
C ARG E 555 47.85 13.58 -59.27
N ALA E 556 47.39 14.69 -59.85
CA ALA E 556 47.04 14.73 -61.26
C ALA E 556 48.29 14.87 -62.12
N LEU E 557 49.29 15.54 -61.58
CA LEU E 557 50.55 15.75 -62.30
C LEU E 557 51.27 14.42 -62.48
N GLY E 559 49.67 11.26 -62.25
CA GLY E 559 48.83 10.41 -63.07
C GLY E 559 49.12 10.49 -64.56
N ILE E 560 49.16 11.70 -65.10
CA ILE E 560 49.42 11.89 -66.51
C ILE E 560 50.85 11.54 -66.91
N LEU E 561 51.81 11.91 -66.07
CA LEU E 561 53.22 11.63 -66.35
C LEU E 561 53.45 10.13 -66.51
N SER E 562 52.68 9.32 -65.79
CA SER E 562 52.81 7.87 -65.87
C SER E 562 52.50 7.36 -67.27
N LYS E 563 51.84 8.20 -68.06
CA LYS E 563 51.47 7.84 -69.43
C LYS E 563 52.60 8.17 -70.41
N VAL E 564 53.77 8.52 -69.88
CA VAL E 564 54.92 8.85 -70.70
C VAL E 564 56.21 8.38 -70.05
N TYR E 565 56.14 8.07 -68.76
CA TYR E 565 57.31 7.60 -68.02
C TYR E 565 56.97 6.39 -67.16
N SER E 566 58.00 5.63 -66.80
CA SER E 566 57.82 4.44 -65.98
C SER E 566 57.79 4.78 -64.50
N ILE E 567 57.33 3.82 -63.69
CA ILE E 567 57.23 4.00 -62.24
C ILE E 567 58.46 4.73 -61.69
N ASP E 568 59.64 4.25 -62.06
CA ASP E 568 60.89 4.84 -61.59
C ASP E 568 61.17 6.15 -62.31
N GLU E 569 60.98 6.15 -63.63
CA GLU E 569 61.20 7.34 -64.43
C GLU E 569 60.45 8.52 -63.82
N LEU E 570 59.24 8.25 -63.34
CA LEU E 570 58.40 9.28 -62.72
C LEU E 570 59.08 9.85 -61.49
N GLU E 571 59.44 8.97 -60.57
CA GLU E 571 60.11 9.38 -59.34
C GLU E 571 61.21 10.39 -59.63
N GLY E 572 61.83 10.27 -60.80
CA GLY E 572 62.89 11.18 -61.18
C GLY E 572 62.41 12.47 -61.81
N VAL E 573 61.42 12.37 -62.69
CA VAL E 573 60.88 13.55 -63.37
C VAL E 573 60.32 14.55 -62.36
N ILE E 574 59.73 14.04 -61.29
CA ILE E 574 59.16 14.89 -60.26
C ILE E 574 60.26 15.73 -59.60
N ASN E 575 61.51 15.33 -59.84
CA ASN E 575 62.65 16.04 -59.27
C ASN E 575 62.92 17.36 -59.97
N ARG E 576 62.21 17.60 -61.08
CA ARG E 576 62.37 18.83 -61.84
C ARG E 576 61.74 19.97 -61.03
N CYS E 577 60.99 19.57 -60.00
CA CYS E 577 60.32 20.51 -59.11
C CYS E 577 60.21 19.89 -57.73
N CYS E 578 59.78 20.67 -56.74
CA CYS E 578 59.67 20.14 -55.38
C CYS E 578 58.29 20.38 -54.75
N PRO E 579 57.26 19.71 -55.27
CA PRO E 579 55.88 19.83 -54.77
C PRO E 579 55.49 18.73 -53.80
N LYS E 580 56.48 18.03 -53.25
CA LYS E 580 56.16 16.96 -52.31
C LYS E 580 55.65 17.55 -51.01
N ALA E 581 56.15 18.72 -50.65
CA ALA E 581 55.74 19.39 -49.41
C ALA E 581 54.44 20.16 -49.58
N VAL E 582 53.71 19.88 -50.65
CA VAL E 582 52.45 20.54 -50.93
C VAL E 582 51.33 19.92 -50.11
N GLU E 583 51.14 18.62 -50.32
CA GLU E 583 50.12 17.87 -49.61
C GLU E 583 50.72 17.50 -48.26
N SER E 584 51.77 18.21 -47.85
CA SER E 584 52.44 17.97 -46.58
C SER E 584 51.86 18.83 -45.49
N LEU E 585 51.48 20.05 -45.88
CA LEU E 585 50.91 21.02 -44.96
C LEU E 585 49.40 20.85 -44.87
N LYS E 586 48.92 19.62 -44.99
CA LYS E 586 47.50 19.34 -44.93
C LYS E 586 47.23 17.85 -44.79
N TYR E 587 48.25 17.05 -45.08
CA TYR E 587 48.15 15.59 -45.00
C TYR E 587 49.59 15.07 -45.09
N GLY E 588 49.75 13.75 -45.15
CA GLY E 588 51.10 13.21 -45.27
C GLY E 588 51.70 13.65 -46.59
N LYS E 589 53.02 13.69 -46.70
CA LYS E 589 53.64 14.09 -47.94
C LYS E 589 54.46 12.98 -48.58
N VAL E 590 55.56 12.61 -47.93
CA VAL E 590 56.42 11.56 -48.43
C VAL E 590 55.53 10.35 -48.69
N GLU E 591 54.57 10.14 -47.80
CA GLU E 591 53.64 9.02 -47.92
C GLU E 591 52.78 9.16 -49.17
N PHE E 592 52.38 10.38 -49.50
CA PHE E 592 51.56 10.60 -50.69
C PHE E 592 52.32 10.12 -51.92
N ASN E 593 53.61 10.46 -51.97
CA ASN E 593 54.44 10.05 -53.09
C ASN E 593 54.53 8.52 -53.10
N VAL E 594 54.44 7.94 -51.89
CA VAL E 594 54.49 6.49 -51.75
C VAL E 594 53.28 5.87 -52.44
N VAL E 595 52.26 6.68 -52.65
CA VAL E 595 51.04 6.22 -53.31
C VAL E 595 51.38 5.84 -54.75
N LEU E 596 52.61 6.13 -55.15
CA LEU E 596 53.08 5.83 -56.50
C LEU E 596 52.81 4.35 -56.81
N ASN E 597 52.71 3.53 -55.78
CA ASN E 597 52.44 2.11 -55.95
C ASN E 597 51.02 1.96 -56.49
N GLN E 598 50.10 2.72 -55.90
CA GLN E 598 48.70 2.72 -56.30
C GLN E 598 48.58 3.16 -57.76
N LEU E 599 49.54 3.97 -58.19
CA LEU E 599 49.55 4.50 -59.54
C LEU E 599 50.37 3.61 -60.48
N ALA E 600 51.35 2.92 -59.91
CA ALA E 600 52.22 2.03 -60.68
C ALA E 600 51.52 0.73 -61.03
N LYS E 601 50.90 0.10 -60.04
CA LYS E 601 50.20 -1.16 -60.24
C LYS E 601 48.85 -0.96 -60.93
N GLY E 602 48.41 0.29 -61.01
CA GLY E 602 47.14 0.57 -61.64
C GLY E 602 46.00 0.03 -60.80
N ILE E 603 46.25 -0.12 -59.49
CA ILE E 603 45.26 -0.62 -58.56
C ILE E 603 44.04 0.30 -58.52
N ASN E 604 44.14 1.35 -57.72
CA ASN E 604 43.08 2.34 -57.60
C ASN E 604 43.36 3.49 -58.54
N THR E 605 42.64 3.56 -59.64
CA THR E 605 42.82 4.63 -60.62
C THR E 605 41.64 4.77 -61.57
N ALA E 606 40.94 5.89 -61.48
CA ALA E 606 39.80 6.18 -62.34
C ALA E 606 40.38 6.77 -63.62
N TYR E 607 39.57 6.85 -64.67
CA TYR E 607 40.05 7.41 -65.93
C TYR E 607 39.48 8.77 -66.26
N ALA E 608 40.36 9.77 -66.31
CA ALA E 608 39.98 11.14 -66.61
C ALA E 608 40.60 11.65 -67.90
N SER E 609 39.88 12.53 -68.58
CA SER E 609 40.34 13.11 -69.84
C SER E 609 39.95 14.59 -69.87
N SER E 610 39.96 15.21 -68.70
CA SER E 610 39.61 16.62 -68.56
C SER E 610 40.71 17.58 -69.03
N THR E 611 40.31 18.63 -69.73
CA THR E 611 41.26 19.62 -70.21
C THR E 611 41.70 20.49 -69.04
N GLY E 612 40.84 20.55 -68.02
CA GLY E 612 41.16 21.34 -66.84
C GLY E 612 42.16 20.62 -65.98
N ARG E 613 42.11 19.29 -65.99
CA ARG E 613 43.03 18.47 -65.22
C ARG E 613 44.43 18.57 -65.82
N VAL E 614 44.51 18.52 -67.15
CA VAL E 614 45.79 18.62 -67.84
C VAL E 614 46.43 19.96 -67.53
N LEU E 615 45.60 20.94 -67.17
CA LEU E 615 46.08 22.27 -66.85
C LEU E 615 46.85 22.28 -65.52
N ASP E 616 46.15 21.95 -64.44
CA ASP E 616 46.79 21.94 -63.12
C ASP E 616 48.10 21.17 -63.15
N ALA E 617 48.10 20.03 -63.83
CA ALA E 617 49.29 19.20 -63.93
C ALA E 617 50.45 20.06 -64.42
N ILE E 618 50.15 21.00 -65.29
CA ILE E 618 51.15 21.91 -65.85
C ILE E 618 51.45 23.01 -64.82
N ALA E 619 50.44 23.37 -64.05
CA ALA E 619 50.59 24.41 -63.03
C ALA E 619 51.54 23.96 -61.93
N VAL E 620 51.49 22.67 -61.58
CA VAL E 620 52.35 22.12 -60.54
C VAL E 620 53.60 21.54 -61.17
N LEU E 621 53.63 21.48 -62.49
CA LEU E 621 54.79 20.97 -63.22
C LEU E 621 55.78 22.11 -63.31
N LEU E 622 55.35 23.28 -62.83
CA LEU E 622 56.16 24.49 -62.84
C LEU E 622 56.19 25.12 -61.44
N ASN E 623 55.96 26.42 -61.35
CA ASN E 623 55.99 27.11 -60.06
C ASN E 623 54.70 27.80 -59.61
N VAL E 624 53.68 27.79 -60.46
CA VAL E 624 52.41 28.44 -60.13
C VAL E 624 51.76 28.11 -58.78
N ALA E 625 50.77 27.23 -58.79
CA ALA E 625 50.09 26.85 -57.55
C ALA E 625 50.33 25.39 -57.21
N TYR E 626 50.34 25.08 -55.91
CA TYR E 626 50.60 23.72 -55.47
C TYR E 626 49.38 22.91 -55.05
N ARG E 627 48.34 23.57 -54.55
CA ARG E 627 47.14 22.84 -54.11
C ARG E 627 45.87 23.66 -54.33
N ARG E 628 44.82 23.00 -54.81
CA ARG E 628 43.54 23.66 -55.08
C ARG E 628 42.89 24.07 -53.77
N HIS E 629 42.44 25.32 -53.70
CA HIS E 629 41.78 25.83 -52.50
C HIS E 629 40.27 25.95 -52.69
N TYR E 630 39.85 26.08 -53.94
CA TYR E 630 38.43 26.19 -54.27
C TYR E 630 38.12 25.54 -55.61
N GLU E 631 37.09 26.03 -56.30
CA GLU E 631 36.70 25.47 -57.58
C GLU E 631 37.62 25.93 -58.71
N GLY E 632 38.44 25.00 -59.21
CA GLY E 632 39.36 25.30 -60.28
C GLY E 632 40.26 26.49 -60.00
N GLU E 633 41.38 26.23 -59.36
CA GLU E 633 42.34 27.28 -59.01
C GLU E 633 43.56 27.27 -59.93
N PRO E 634 44.01 26.08 -60.36
CA PRO E 634 45.19 25.99 -61.23
C PRO E 634 44.94 26.54 -62.64
N ALA E 635 43.76 26.23 -63.19
CA ALA E 635 43.40 26.68 -64.53
C ALA E 635 43.60 28.19 -64.66
N LYS E 637 45.09 30.33 -62.35
CA LYS E 637 46.46 30.65 -61.98
C LYS E 637 47.40 30.51 -63.16
N LEU E 638 47.37 29.34 -63.79
CA LEU E 638 48.23 29.07 -64.93
C LEU E 638 48.07 30.15 -66.00
N GLU E 639 46.82 30.50 -66.33
CA GLU E 639 46.56 31.52 -67.32
C GLU E 639 47.07 32.88 -66.86
N SER E 640 46.65 33.28 -65.66
CA SER E 640 47.06 34.56 -65.09
C SER E 640 48.57 34.73 -65.20
N PHE E 641 49.29 33.62 -65.17
CA PHE E 641 50.75 33.64 -65.27
C PHE E 641 51.20 33.59 -66.73
N ALA E 642 50.57 32.73 -67.50
CA ALA E 642 50.91 32.57 -68.92
C ALA E 642 50.84 33.88 -69.70
N PHE E 643 49.87 34.72 -69.37
CA PHE E 643 49.70 36.00 -70.04
C PHE E 643 51.00 36.78 -70.20
N LYS E 644 51.81 36.78 -69.15
CA LYS E 644 53.09 37.49 -69.14
C LYS E 644 54.12 36.96 -70.14
N GLY E 645 53.71 36.00 -70.97
CA GLY E 645 54.62 35.44 -71.94
C GLY E 645 54.69 36.25 -73.22
N LYS E 646 55.87 36.29 -73.83
CA LYS E 646 56.08 37.04 -75.05
C LYS E 646 56.32 36.13 -76.25
N ASN E 647 57.51 35.54 -76.32
CA ASN E 647 57.87 34.64 -77.41
C ASN E 647 57.01 33.38 -77.42
N ASP E 648 55.95 33.39 -78.21
CA ASP E 648 55.05 32.25 -78.32
C ASP E 648 55.77 31.02 -78.87
N LEU E 649 56.40 30.26 -77.97
CA LEU E 649 57.11 29.06 -78.38
C LEU E 649 56.16 28.19 -79.18
N LYS E 650 56.71 27.26 -79.95
CA LYS E 650 55.90 26.40 -80.78
C LYS E 650 55.80 24.94 -80.32
N PHE E 651 54.63 24.56 -79.82
CA PHE E 651 54.39 23.20 -79.38
C PHE E 651 53.28 22.65 -80.27
N GLU E 652 53.26 21.34 -80.46
CA GLU E 652 52.23 20.74 -81.30
C GLU E 652 51.76 19.38 -80.79
N VAL E 653 50.83 19.40 -79.85
CA VAL E 653 50.28 18.17 -79.31
C VAL E 653 49.61 17.41 -80.44
N PRO E 654 50.18 16.26 -80.82
CA PRO E 654 49.66 15.41 -81.90
C PRO E 654 48.23 14.91 -81.71
N VAL E 655 47.64 14.46 -82.81
CA VAL E 655 46.28 13.93 -82.81
C VAL E 655 46.20 12.74 -83.76
N GLU E 656 46.35 11.53 -83.22
CA GLU E 656 46.31 10.32 -84.01
C GLU E 656 44.93 9.67 -83.94
N GLY E 657 44.30 9.48 -85.09
CA GLY E 657 42.98 8.88 -85.12
C GLY E 657 41.95 9.73 -84.42
N GLU E 658 41.38 9.22 -83.34
CA GLU E 658 40.38 9.95 -82.57
C GLU E 658 40.87 10.12 -81.13
N LEU E 659 42.19 10.11 -80.97
CA LEU E 659 42.80 10.26 -79.65
C LEU E 659 43.91 11.30 -79.68
N ILE E 660 43.91 12.18 -78.68
CA ILE E 660 44.91 13.23 -78.58
C ILE E 660 46.02 12.83 -77.62
N ARG E 661 47.25 12.77 -78.12
CA ARG E 661 48.42 12.40 -77.34
C ARG E 661 48.83 13.60 -76.47
N VAL E 662 47.86 14.14 -75.73
CA VAL E 662 48.10 15.31 -74.87
C VAL E 662 49.22 15.09 -73.87
N GLU E 663 49.54 13.82 -73.60
CA GLU E 663 50.60 13.51 -72.65
C GLU E 663 51.95 13.93 -73.22
N GLU E 664 52.20 13.60 -74.48
CA GLU E 664 53.46 13.97 -75.12
C GLU E 664 53.75 15.45 -74.97
N LEU E 665 52.69 16.25 -74.88
CA LEU E 665 52.84 17.69 -74.70
C LEU E 665 53.70 17.93 -73.48
N PHE E 666 53.35 17.25 -72.38
CA PHE E 666 54.09 17.36 -71.13
C PHE E 666 55.56 17.06 -71.38
N GLN E 667 55.83 15.93 -72.01
CA GLN E 667 57.19 15.50 -72.32
C GLN E 667 57.99 16.65 -72.91
N SER E 668 57.47 17.22 -74.01
CA SER E 668 58.14 18.32 -74.68
C SER E 668 58.28 19.55 -73.77
N ILE E 669 57.17 19.98 -73.17
CA ILE E 669 57.18 21.13 -72.28
C ILE E 669 58.37 21.08 -71.34
N LEU E 670 58.70 19.89 -70.85
CA LEU E 670 59.82 19.70 -69.95
C LEU E 670 61.16 19.84 -70.65
N GLU E 671 61.27 19.27 -71.84
CA GLU E 671 62.51 19.32 -72.61
C GLU E 671 62.94 20.76 -72.94
N ALA E 672 62.08 21.72 -72.66
CA ALA E 672 62.39 23.12 -72.93
C ALA E 672 62.73 23.90 -71.66
N ILE E 673 62.43 23.31 -70.51
CA ILE E 673 62.71 23.95 -69.23
C ILE E 673 64.12 24.55 -69.19
N GLU E 674 65.06 23.89 -69.85
CA GLU E 674 66.43 24.35 -69.89
C GLU E 674 66.65 25.32 -71.05
N GLY E 675 66.52 26.61 -70.78
CA GLY E 675 66.70 27.61 -71.80
C GLY E 675 65.45 28.43 -72.04
N ALA E 676 64.30 27.77 -71.92
CA ALA E 676 63.01 28.45 -72.11
C ALA E 676 62.53 29.05 -70.79
N SER E 677 62.21 30.34 -70.82
CA SER E 677 61.73 31.04 -69.63
C SER E 677 60.44 30.39 -69.12
N PRO E 678 60.03 30.74 -67.89
CA PRO E 678 58.81 30.17 -67.31
C PRO E 678 57.52 30.62 -68.00
N ALA E 679 57.24 31.92 -67.93
CA ALA E 679 56.05 32.49 -68.55
C ALA E 679 55.84 31.99 -69.98
N ASP E 680 56.88 32.09 -70.80
CA ASP E 680 56.81 31.65 -72.18
C ASP E 680 56.44 30.18 -72.32
N ILE E 681 56.79 29.38 -71.31
CA ILE E 681 56.48 27.95 -71.33
C ILE E 681 55.00 27.71 -71.05
N ALA E 682 54.47 28.40 -70.05
CA ALA E 682 53.06 28.26 -69.70
C ALA E 682 52.20 28.84 -70.82
N TYR E 683 52.71 29.90 -71.45
CA TYR E 683 52.01 30.56 -72.55
C TYR E 683 52.06 29.71 -73.82
N SER E 684 53.23 29.15 -74.11
CA SER E 684 53.41 28.33 -75.30
C SER E 684 52.44 27.15 -75.32
N ALA E 685 52.62 26.23 -74.39
CA ALA E 685 51.75 25.05 -74.31
C ALA E 685 50.29 25.46 -74.30
N HIS E 686 49.99 26.55 -73.62
CA HIS E 686 48.62 27.05 -73.52
C HIS E 686 47.98 27.17 -74.90
N LEU E 687 48.69 27.81 -75.82
CA LEU E 687 48.21 28.00 -77.19
C LEU E 687 48.30 26.70 -77.97
N ALA E 688 49.47 26.07 -77.93
CA ALA E 688 49.71 24.81 -78.64
C ALA E 688 48.62 23.79 -78.38
N LEU E 689 48.26 23.62 -77.10
CA LEU E 689 47.23 22.67 -76.71
C LEU E 689 45.91 23.01 -77.40
N ALA E 690 45.46 24.24 -77.23
CA ALA E 690 44.21 24.70 -77.83
C ALA E 690 44.26 24.64 -79.35
N ARG E 691 45.47 24.80 -79.89
CA ARG E 691 45.69 24.77 -81.33
C ARG E 691 45.24 23.46 -81.97
N ALA E 692 45.87 22.38 -81.55
CA ALA E 692 45.57 21.04 -82.07
C ALA E 692 44.18 20.58 -81.68
N PHE E 693 43.62 21.20 -80.64
CA PHE E 693 42.28 20.84 -80.19
C PHE E 693 41.27 21.29 -81.24
N ALA E 694 41.41 22.54 -81.67
CA ALA E 694 40.51 23.10 -82.68
C ALA E 694 40.79 22.49 -84.04
N HIS E 695 42.06 22.34 -84.38
CA HIS E 695 42.45 21.75 -85.66
C HIS E 695 41.69 20.46 -85.92
N THR E 696 41.51 19.66 -84.88
CA THR E 696 40.80 18.40 -85.00
C THR E 696 39.32 18.69 -85.25
N ALA E 697 38.77 19.62 -84.48
CA ALA E 697 37.36 20.00 -84.63
C ALA E 697 37.17 20.52 -86.05
N VAL E 698 38.23 21.11 -86.59
CA VAL E 698 38.21 21.66 -87.95
C VAL E 698 38.27 20.54 -88.98
N GLU E 699 39.26 19.68 -88.85
CA GLU E 699 39.46 18.56 -89.75
C GLU E 699 38.22 17.68 -89.86
N ARG E 700 37.42 17.66 -88.80
CA ARG E 700 36.20 16.86 -88.79
C ARG E 700 35.04 17.57 -89.48
N ALA E 701 34.94 18.88 -89.27
CA ALA E 701 33.87 19.67 -89.87
C ALA E 701 33.71 19.32 -91.35
N ARG E 702 34.82 19.12 -92.03
CA ARG E 702 34.81 18.79 -93.45
C ARG E 702 34.66 17.28 -93.68
N GLU E 703 35.38 16.49 -92.87
CA GLU E 703 35.32 15.04 -92.98
C GLU E 703 33.89 14.51 -92.74
N PHE E 704 32.98 15.43 -92.45
CA PHE E 704 31.59 15.07 -92.19
C PHE E 704 30.61 16.06 -92.79
N GLY E 705 31.10 17.26 -93.12
CA GLY E 705 30.26 18.27 -93.73
C GLY E 705 29.46 19.15 -92.80
N VAL E 706 30.13 19.78 -91.84
CA VAL E 706 29.46 20.67 -90.91
C VAL E 706 30.07 22.06 -91.05
N LYS E 707 29.21 23.06 -91.16
CA LYS E 707 29.67 24.44 -91.34
C LYS E 707 30.34 25.07 -90.12
N ASN E 708 29.68 25.01 -88.97
CA ASN E 708 30.24 25.64 -87.78
C ASN E 708 30.45 24.75 -86.55
N VAL E 709 31.38 25.18 -85.69
CA VAL E 709 31.72 24.48 -84.46
C VAL E 709 31.45 25.37 -83.26
N ALA E 710 31.47 24.80 -82.05
CA ALA E 710 31.20 25.57 -80.84
C ALA E 710 32.01 25.13 -79.63
N LEU E 711 32.66 26.08 -78.98
CA LEU E 711 33.47 25.80 -77.79
C LEU E 711 32.62 26.10 -76.56
N SER E 712 32.67 25.21 -75.57
CA SER E 712 31.90 25.39 -74.35
C SER E 712 32.59 24.70 -73.18
N GLY E 713 32.01 24.84 -71.99
CA GLY E 713 32.58 24.22 -70.81
C GLY E 713 33.23 25.22 -69.87
N GLY E 714 33.83 24.71 -68.79
CA GLY E 714 34.49 25.57 -67.83
C GLY E 714 35.76 26.18 -68.38
N VAL E 715 36.66 25.33 -68.85
CA VAL E 715 37.93 25.78 -69.41
C VAL E 715 37.69 26.45 -70.77
N ALA E 716 36.56 27.13 -70.88
CA ALA E 716 36.19 27.82 -72.11
C ALA E 716 36.49 29.30 -71.96
N TYR E 717 36.68 29.72 -70.71
CA TYR E 717 36.98 31.11 -70.42
C TYR E 717 38.45 31.43 -70.58
N ASN E 718 39.28 30.38 -70.66
CA ASN E 718 40.71 30.55 -70.84
C ASN E 718 40.99 31.33 -72.11
N GLU E 719 41.14 32.65 -71.97
CA GLU E 719 41.40 33.51 -73.12
C GLU E 719 42.55 32.99 -73.97
N LEU E 720 43.64 32.57 -73.34
CA LEU E 720 44.79 32.05 -74.07
C LEU E 720 44.39 30.88 -74.96
N ILE E 721 43.29 30.24 -74.62
CA ILE E 721 42.79 29.10 -75.36
C ILE E 721 41.58 29.46 -76.22
N THR E 722 40.75 30.37 -75.71
CA THR E 722 39.57 30.81 -76.43
C THR E 722 39.96 31.68 -77.63
N LYS E 723 41.20 32.17 -77.60
CA LYS E 723 41.71 33.01 -78.68
C LYS E 723 42.28 32.15 -79.80
N ILE E 725 41.84 28.54 -80.21
CA ILE E 725 40.80 27.66 -80.70
C ILE E 725 39.79 28.40 -81.57
N ARG E 726 39.49 29.63 -81.20
CA ARG E 726 38.53 30.44 -81.96
C ARG E 726 39.09 30.87 -83.31
N LYS E 727 40.31 31.42 -83.30
CA LYS E 727 40.95 31.88 -84.52
C LYS E 727 41.17 30.73 -85.51
N VAL E 728 41.40 29.53 -84.98
CA VAL E 728 41.61 28.37 -85.83
C VAL E 728 40.40 28.13 -86.72
N VAL E 729 39.24 28.56 -86.25
CA VAL E 729 38.00 28.39 -86.98
C VAL E 729 37.83 29.45 -88.07
N GLU E 730 38.87 30.25 -88.27
CA GLU E 730 38.83 31.29 -89.30
C GLU E 730 39.21 30.67 -90.63
N ALA E 731 39.54 29.38 -90.60
CA ALA E 731 39.92 28.64 -91.78
C ALA E 731 38.75 27.71 -92.15
N ASN E 732 37.62 27.95 -91.49
CA ASN E 732 36.43 27.14 -91.72
C ASN E 732 35.21 27.99 -91.41
N GLY E 733 34.03 27.37 -91.36
CA GLY E 733 32.82 28.12 -91.06
C GLY E 733 32.95 28.84 -89.73
N LEU E 734 32.26 29.97 -89.60
CA LEU E 734 32.31 30.76 -88.37
C LEU E 734 31.79 29.99 -87.17
N ASN E 735 32.53 30.06 -86.07
CA ASN E 735 32.13 29.38 -84.83
C ASN E 735 31.44 30.37 -83.91
N PHE E 736 31.11 29.91 -82.70
CA PHE E 736 30.45 30.76 -81.71
C PHE E 736 30.48 30.10 -80.34
N HIS E 737 30.82 30.89 -79.32
CA HIS E 737 30.87 30.40 -77.96
C HIS E 737 29.84 31.15 -77.12
N VAL E 738 28.91 30.41 -76.53
CA VAL E 738 27.86 31.00 -75.70
C VAL E 738 28.28 32.38 -75.19
N THR E 739 27.51 33.40 -75.56
CA THR E 739 27.81 34.77 -75.15
C THR E 739 27.07 35.18 -73.87
N THR E 740 27.14 36.47 -73.55
CA THR E 740 26.50 37.01 -72.36
C THR E 740 25.24 36.26 -71.95
N GLU E 741 24.28 36.14 -72.89
CA GLU E 741 23.03 35.45 -72.62
C GLU E 741 23.26 34.18 -71.80
N VAL E 742 23.76 33.14 -72.43
CA VAL E 742 24.04 31.88 -71.76
C VAL E 742 25.54 31.80 -71.48
N PRO E 743 25.92 31.37 -70.27
CA PRO E 743 27.35 31.26 -69.93
C PRO E 743 27.94 29.90 -70.28
N ARG E 744 29.11 29.91 -70.93
CA ARG E 744 29.78 28.67 -71.31
C ARG E 744 30.08 27.85 -70.06
N GLY E 745 29.98 28.49 -68.89
CA GLY E 745 30.24 27.82 -67.64
C GLY E 745 29.26 26.70 -67.34
N ASP E 746 29.42 26.08 -66.17
CA ASP E 746 28.57 24.99 -65.75
C ASP E 746 27.13 25.41 -65.44
N ASN E 747 26.98 26.44 -64.61
CA ASN E 747 25.66 26.93 -64.23
C ASN E 747 24.73 27.16 -65.42
N GLY E 748 25.32 27.35 -66.59
CA GLY E 748 24.52 27.58 -67.78
C GLY E 748 24.33 26.34 -68.62
N VAL E 749 24.41 25.17 -67.98
CA VAL E 749 24.24 23.91 -68.68
C VAL E 749 22.76 23.53 -68.74
N ASN E 750 21.98 24.07 -67.81
CA ASN E 750 20.55 23.78 -67.76
C ASN E 750 19.87 24.08 -69.08
N VAL E 751 20.39 25.06 -69.81
CA VAL E 751 19.82 25.42 -71.11
C VAL E 751 20.25 24.42 -72.16
N GLY E 752 21.52 24.03 -72.11
CA GLY E 752 22.04 23.08 -73.07
C GLY E 752 21.27 21.78 -72.99
N GLN E 753 20.85 21.42 -71.78
CA GLN E 753 20.10 20.19 -71.54
C GLN E 753 18.68 20.33 -72.06
N ALA E 754 18.03 21.43 -71.69
CA ALA E 754 16.66 21.70 -72.09
C ALA E 754 16.43 21.49 -73.58
N PHE E 755 17.15 22.25 -74.41
CA PHE E 755 17.02 22.14 -75.86
C PHE E 755 17.58 20.81 -76.35
N LEU E 756 18.24 20.09 -75.45
CA LEU E 756 18.85 18.81 -75.77
C LEU E 756 17.88 17.66 -75.47
N GLY E 757 17.44 17.59 -74.21
CA GLY E 757 16.51 16.56 -73.80
C GLY E 757 15.12 16.83 -74.35
N GLY E 758 14.64 18.05 -74.15
CA GLY E 758 13.33 18.42 -74.64
C GLY E 758 13.28 18.33 -76.15
N LEU E 759 14.40 17.93 -76.73
CA LEU E 759 14.52 17.78 -78.18
C LEU E 759 14.08 16.37 -78.57
N TYR E 760 14.69 15.37 -77.95
CA TYR E 760 14.36 13.99 -78.20
C TYR E 760 12.85 13.78 -78.09
N LEU E 761 12.22 14.62 -77.29
CA LEU E 761 10.77 14.56 -77.10
C LEU E 761 10.10 14.68 -78.46
N GLU E 762 10.54 15.67 -79.23
CA GLU E 762 10.01 15.91 -80.57
C GLU E 762 10.27 14.70 -81.47
N GLY E 763 11.24 13.89 -81.09
CA GLY E 763 11.56 12.71 -81.87
C GLY E 763 12.71 12.94 -82.84
N TYR E 764 13.36 14.10 -82.72
CA TYR E 764 14.48 14.42 -83.59
C TYR E 764 15.78 13.84 -83.05
N LEU E 765 15.69 13.17 -81.90
CA LEU E 765 16.85 12.56 -81.28
C LEU E 765 16.45 11.21 -80.68
N THR E 766 17.36 10.24 -80.77
CA THR E 766 17.09 8.91 -80.25
C THR E 766 17.17 8.88 -78.73
N LYS E 767 16.29 8.10 -78.12
CA LYS E 767 16.23 7.97 -76.67
C LYS E 767 17.53 7.48 -76.03
N GLU E 768 18.22 6.55 -76.70
CA GLU E 768 19.45 6.00 -76.13
C GLU E 768 20.78 6.57 -76.64
N ASP E 769 20.74 7.62 -77.45
CA ASP E 769 21.99 8.21 -77.93
C ASP E 769 22.44 9.33 -77.02
N LEU E 770 21.91 9.33 -75.80
CA LEU E 770 22.28 10.33 -74.79
C LEU E 770 23.05 9.56 -73.72
N LEU E 772 24.53 6.34 -74.55
CA LEU E 772 25.65 5.76 -75.27
C LEU E 772 25.59 6.14 -76.75
N LYS F 2 17.02 -57.45 74.08
CA LYS F 2 16.55 -56.56 75.14
C LYS F 2 17.14 -55.18 74.93
N ALA F 3 16.38 -54.33 74.24
CA ALA F 3 16.84 -52.98 73.94
C ALA F 3 15.90 -51.92 74.53
N TYR F 4 16.12 -50.68 74.12
CA TYR F 4 15.32 -49.55 74.58
C TYR F 4 15.23 -48.51 73.47
N HIS F 5 14.10 -47.83 73.38
CA HIS F 5 13.90 -46.82 72.35
C HIS F 5 13.82 -45.42 72.96
N ILE F 6 14.98 -44.83 73.20
CA ILE F 6 15.07 -43.49 73.77
C ILE F 6 14.51 -42.45 72.81
N HIS F 7 14.73 -41.18 73.10
CA HIS F 7 14.23 -40.11 72.24
C HIS F 7 14.84 -38.77 72.63
N VAL F 8 16.01 -38.46 72.06
CA VAL F 8 16.70 -37.22 72.33
C VAL F 8 16.42 -36.20 71.23
N GLN F 9 16.08 -34.97 71.62
CA GLN F 9 15.77 -33.92 70.67
C GLN F 9 16.22 -32.54 71.14
N GLY F 10 16.55 -31.68 70.19
CA GLY F 10 16.98 -30.33 70.52
C GLY F 10 18.38 -30.00 70.02
N ILE F 11 19.31 -29.85 70.96
CA ILE F 11 20.70 -29.52 70.63
C ILE F 11 21.52 -30.82 70.65
N VAL F 12 21.02 -31.82 69.94
CA VAL F 12 21.68 -33.12 69.89
C VAL F 12 21.94 -33.65 68.47
N GLN F 13 20.98 -33.47 67.58
CA GLN F 13 21.09 -33.96 66.21
C GLN F 13 22.25 -33.44 65.36
N ALA F 14 22.73 -32.24 65.63
CA ALA F 14 23.81 -31.68 64.83
C ALA F 14 25.14 -31.48 65.53
N VAL F 15 25.11 -31.22 66.82
CA VAL F 15 26.34 -31.02 67.58
C VAL F 15 27.22 -32.26 67.47
N GLY F 16 28.37 -32.23 68.14
CA GLY F 16 29.27 -33.37 68.09
C GLY F 16 28.73 -34.51 68.93
N PHE F 17 27.40 -34.62 68.97
CA PHE F 17 26.75 -35.66 69.74
C PHE F 17 26.74 -36.97 68.97
N ARG F 18 26.77 -36.87 67.64
CA ARG F 18 26.79 -38.07 66.80
C ARG F 18 27.95 -38.97 67.24
N PRO F 19 29.16 -38.39 67.37
CA PRO F 19 30.32 -39.18 67.80
C PRO F 19 30.09 -39.90 69.12
N PHE F 20 29.46 -39.20 70.05
CA PHE F 20 29.19 -39.76 71.37
C PHE F 20 28.31 -41.01 71.26
N VAL F 21 27.21 -40.89 70.54
CA VAL F 21 26.27 -41.99 70.36
C VAL F 21 26.98 -43.30 70.03
N TYR F 22 28.15 -43.20 69.41
CA TYR F 22 28.90 -44.40 69.03
C TYR F 22 30.07 -44.63 70.00
N ARG F 23 30.54 -43.57 70.63
CA ARG F 23 31.63 -43.69 71.58
C ARG F 23 31.08 -44.09 72.94
N ILE F 24 29.75 -44.11 73.04
CA ILE F 24 29.07 -44.47 74.28
C ILE F 24 28.51 -45.89 74.18
N ALA F 25 28.21 -46.32 72.97
CA ALA F 25 27.66 -47.64 72.73
C ALA F 25 28.76 -48.70 72.66
N HIS F 26 29.88 -48.35 72.04
CA HIS F 26 31.00 -49.28 71.91
C HIS F 26 31.82 -49.37 73.19
N GLU F 27 31.91 -48.26 73.92
CA GLU F 27 32.65 -48.24 75.17
C GLU F 27 31.94 -49.11 76.19
N HIS F 28 30.67 -49.41 75.93
CA HIS F 28 29.87 -50.24 76.81
C HIS F 28 29.55 -51.57 76.14
N ASN F 29 30.25 -51.85 75.03
CA ASN F 29 30.05 -53.08 74.28
C ASN F 29 28.60 -53.29 73.86
N LEU F 30 27.77 -52.28 74.06
CA LEU F 30 26.37 -52.37 73.68
C LEU F 30 26.15 -51.77 72.30
N ARG F 31 25.95 -52.63 71.30
CA ARG F 31 25.73 -52.19 69.94
C ARG F 31 24.26 -51.91 69.67
N GLY F 32 23.93 -50.65 69.41
CA GLY F 32 22.56 -50.27 69.13
C GLY F 32 22.43 -49.63 67.76
N TYR F 33 21.48 -48.71 67.62
CA TYR F 33 21.24 -48.03 66.35
C TYR F 33 20.70 -46.62 66.59
N VAL F 34 21.32 -45.64 65.96
CA VAL F 34 20.88 -44.25 66.10
C VAL F 34 20.36 -43.73 64.76
N LYS F 35 19.30 -42.92 64.82
CA LYS F 35 18.71 -42.37 63.60
C LYS F 35 18.96 -40.86 63.49
N ASN F 36 18.61 -40.30 62.34
CA ASN F 36 18.78 -38.88 62.08
C ASN F 36 17.67 -38.33 61.19
N LEU F 37 16.91 -37.38 61.72
CA LEU F 37 15.81 -36.77 60.98
C LEU F 37 15.61 -35.33 61.38
N GLY F 38 16.70 -34.66 61.77
CA GLY F 38 16.61 -33.27 62.18
C GLY F 38 16.38 -33.12 63.66
N ASP F 39 16.36 -31.86 64.11
CA ASP F 39 16.15 -31.54 65.52
C ASP F 39 15.13 -32.42 66.22
N ALA F 40 14.02 -32.70 65.54
CA ALA F 40 12.93 -33.49 66.09
C ALA F 40 13.15 -35.00 66.20
N GLY F 41 14.39 -35.46 66.07
CA GLY F 41 14.60 -36.90 66.14
C GLY F 41 16.01 -37.43 66.04
N VAL F 42 16.55 -37.86 67.17
CA VAL F 42 17.89 -38.43 67.26
C VAL F 42 17.74 -39.74 68.03
N GLU F 43 16.50 -40.19 68.13
CA GLU F 43 16.15 -41.42 68.86
C GLU F 43 17.07 -42.60 68.58
N ILE F 44 17.37 -43.35 69.64
CA ILE F 44 18.26 -44.50 69.54
C ILE F 44 17.56 -45.79 69.94
N VAL F 45 18.20 -46.91 69.63
CA VAL F 45 17.68 -48.24 69.96
C VAL F 45 18.82 -49.04 70.59
N VAL F 46 19.43 -48.47 71.61
CA VAL F 46 20.53 -49.12 72.29
C VAL F 46 20.15 -50.54 72.70
N GLU F 47 20.80 -51.52 72.09
CA GLU F 47 20.52 -52.92 72.37
C GLU F 47 21.75 -53.62 72.94
N GLY F 48 21.61 -54.15 74.14
CA GLY F 48 22.73 -54.83 74.78
C GLY F 48 22.38 -55.28 76.19
N ARG F 49 23.36 -55.77 76.92
CA ARG F 49 23.15 -56.23 78.29
C ARG F 49 22.56 -55.10 79.13
N GLU F 50 21.83 -55.46 80.18
CA GLU F 50 21.20 -54.48 81.04
C GLU F 50 22.17 -53.52 81.73
N GLU F 51 23.45 -53.87 81.74
CA GLU F 51 24.45 -53.04 82.39
C GLU F 51 24.85 -51.85 81.51
N ASP F 52 24.52 -51.93 80.23
CA ASP F 52 24.85 -50.87 79.29
C ASP F 52 23.60 -50.14 78.79
N ILE F 53 22.45 -50.50 79.35
CA ILE F 53 21.19 -49.88 78.98
C ILE F 53 20.83 -48.85 80.05
N GLU F 54 21.39 -49.05 81.24
CA GLU F 54 21.15 -48.17 82.36
C GLU F 54 22.35 -47.25 82.59
N ALA F 55 23.53 -47.74 82.21
CA ALA F 55 24.76 -46.98 82.35
C ALA F 55 24.89 -46.01 81.18
N PHE F 56 24.42 -46.44 80.02
CA PHE F 56 24.47 -45.64 78.80
C PHE F 56 23.63 -44.37 78.96
N ILE F 57 22.45 -44.54 79.53
CA ILE F 57 21.53 -43.43 79.74
C ILE F 57 22.07 -42.38 80.70
N GLU F 58 22.90 -42.83 81.65
CA GLU F 58 23.48 -41.93 82.63
C GLU F 58 24.72 -41.22 82.10
N ASP F 59 25.46 -41.89 81.22
CA ASP F 59 26.66 -41.31 80.64
C ASP F 59 26.36 -40.26 79.58
N LEU F 60 25.14 -40.29 79.06
CA LEU F 60 24.72 -39.36 78.03
C LEU F 60 24.40 -37.98 78.60
N TYR F 61 24.41 -37.87 79.93
CA TYR F 61 24.11 -36.62 80.61
C TYR F 61 25.36 -35.82 80.96
N LYS F 62 26.53 -36.45 80.85
CA LYS F 62 27.78 -35.79 81.20
C LYS F 62 28.83 -35.77 80.09
N LYS F 63 29.45 -36.93 79.85
CA LYS F 63 30.49 -37.03 78.82
C LYS F 63 30.03 -36.60 77.43
N LYS F 64 28.78 -36.15 77.34
CA LYS F 64 28.22 -35.69 76.07
C LYS F 64 29.07 -34.53 75.56
N PRO F 65 28.84 -34.09 74.31
CA PRO F 65 29.63 -32.97 73.79
C PRO F 65 29.53 -31.74 74.69
N PRO F 66 30.65 -31.01 74.84
CA PRO F 66 30.70 -29.81 75.68
C PRO F 66 29.67 -28.75 75.31
N LEU F 67 29.07 -28.91 74.13
CA LEU F 67 28.07 -27.96 73.65
C LEU F 67 26.76 -28.65 73.32
N ALA F 68 26.08 -29.13 74.35
CA ALA F 68 24.80 -29.81 74.19
C ALA F 68 24.21 -30.23 75.53
N ARG F 69 23.08 -30.92 75.47
CA ARG F 69 22.39 -31.41 76.66
C ARG F 69 21.25 -32.31 76.24
N ILE F 70 20.97 -33.33 77.04
CA ILE F 70 19.89 -34.26 76.73
C ILE F 70 18.58 -33.62 77.16
N ASP F 71 17.77 -33.22 76.18
CA ASP F 71 16.49 -32.58 76.45
C ASP F 71 15.41 -33.57 76.87
N ARG F 72 15.40 -34.75 76.26
CA ARG F 72 14.39 -35.76 76.58
C ARG F 72 14.87 -37.20 76.41
N ILE F 73 14.24 -38.11 77.14
CA ILE F 73 14.54 -39.53 77.09
C ILE F 73 13.27 -40.33 77.35
N GLU F 74 12.71 -40.90 76.29
CA GLU F 74 11.49 -41.68 76.39
C GLU F 74 11.79 -43.15 76.11
N LYS F 75 12.31 -43.85 77.11
CA LYS F 75 12.65 -45.25 76.97
C LYS F 75 11.44 -46.10 76.56
N LYS F 76 11.72 -47.14 75.79
CA LYS F 76 10.67 -48.03 75.31
C LYS F 76 11.22 -49.46 75.29
N GLU F 77 10.34 -50.43 75.10
CA GLU F 77 10.76 -51.83 75.06
C GLU F 77 10.44 -52.50 73.74
N ILE F 78 11.22 -52.18 72.71
CA ILE F 78 11.04 -52.75 71.38
C ILE F 78 12.14 -53.77 71.10
N PRO F 79 11.77 -54.97 70.62
CA PRO F 79 12.73 -56.03 70.32
C PRO F 79 13.33 -55.96 68.91
N PRO F 80 14.65 -55.78 68.82
CA PRO F 80 15.33 -55.70 67.51
C PRO F 80 15.21 -57.02 66.75
N GLN F 81 14.49 -56.99 65.63
CA GLN F 81 14.31 -58.18 64.81
C GLN F 81 15.66 -58.80 64.49
N GLY F 82 16.64 -57.93 64.19
CA GLY F 82 17.98 -58.39 63.89
C GLY F 82 18.89 -58.14 65.07
N PHE F 83 19.46 -59.21 65.62
CA PHE F 83 20.35 -59.09 66.77
C PHE F 83 21.60 -58.30 66.39
N ASP F 84 21.51 -56.98 66.56
CA ASP F 84 22.62 -56.08 66.25
C ASP F 84 23.94 -56.51 66.87
N ARG F 85 24.89 -56.87 66.02
CA ARG F 85 26.22 -57.29 66.47
C ARG F 85 27.17 -56.11 66.34
N PHE F 86 26.78 -55.14 65.52
CA PHE F 86 27.58 -53.94 65.29
C PHE F 86 26.69 -52.73 65.56
N TYR F 87 27.24 -51.54 65.33
CA TYR F 87 26.47 -50.31 65.55
C TYR F 87 26.48 -49.47 64.28
N ILE F 88 25.30 -49.34 63.67
CA ILE F 88 25.16 -48.56 62.45
C ILE F 88 24.43 -47.26 62.76
N GLU F 89 24.64 -46.24 61.93
CA GLU F 89 23.97 -44.96 62.12
C GLU F 89 23.06 -44.74 60.92
N LYS F 90 22.52 -43.54 60.78
CA LYS F 90 21.65 -43.24 59.66
C LYS F 90 21.74 -41.78 59.24
N SER F 91 21.67 -41.53 57.94
CA SER F 91 21.74 -40.18 57.40
C SER F 91 20.34 -39.65 57.11
N ILE F 102 19.57 -27.08 66.66
CA ILE F 102 20.69 -26.71 65.80
C ILE F 102 21.77 -25.98 66.59
N PRO F 103 23.04 -26.36 66.40
CA PRO F 103 24.18 -25.76 67.07
C PRO F 103 24.64 -24.49 66.34
N PRO F 104 25.11 -23.49 67.10
CA PRO F 104 25.56 -22.24 66.48
C PRO F 104 26.97 -22.33 65.89
N ASP F 105 27.46 -21.21 65.37
CA ASP F 105 28.79 -21.15 64.77
C ASP F 105 29.84 -21.05 65.88
N ILE F 106 30.73 -22.02 65.92
CA ILE F 106 31.78 -22.05 66.93
C ILE F 106 33.16 -21.83 66.33
N ALA F 107 34.13 -21.48 67.17
CA ALA F 107 35.49 -21.24 66.73
C ALA F 107 36.29 -22.53 66.92
N ILE F 108 37.28 -22.75 66.05
CA ILE F 108 38.12 -23.94 66.14
C ILE F 108 38.55 -24.23 67.56
N CYS F 109 38.37 -25.47 67.99
CA CYS F 109 38.76 -25.87 69.34
C CYS F 109 40.27 -25.76 69.47
N ASP F 110 40.75 -25.74 70.71
CA ASP F 110 42.18 -25.63 70.98
C ASP F 110 42.98 -26.79 70.40
N ASP F 111 42.40 -27.99 70.45
CA ASP F 111 43.07 -29.18 69.94
C ASP F 111 43.30 -29.13 68.42
N CYS F 112 42.29 -28.70 67.68
CA CYS F 112 42.44 -28.63 66.22
C CYS F 112 43.38 -27.51 65.81
N LEU F 113 43.37 -26.42 66.58
CA LEU F 113 44.25 -25.28 66.31
C LEU F 113 45.69 -25.80 66.29
N ARG F 114 45.94 -26.80 67.13
CA ARG F 114 47.26 -27.40 67.24
C ARG F 114 47.59 -28.28 66.03
N GLU F 115 46.60 -29.04 65.57
CA GLU F 115 46.78 -29.93 64.43
C GLU F 115 47.14 -29.17 63.15
N LEU F 116 46.61 -27.97 63.01
CA LEU F 116 46.87 -27.15 61.82
C LEU F 116 48.13 -26.31 62.00
N PHE F 117 48.47 -26.03 63.26
CA PHE F 117 49.65 -25.22 63.57
C PHE F 117 50.88 -26.07 63.81
N ASP F 118 50.77 -27.38 63.55
CA ASP F 118 51.89 -28.29 63.74
C ASP F 118 52.07 -29.27 62.59
N PRO F 119 53.31 -29.39 62.08
CA PRO F 119 53.78 -30.24 60.98
C PRO F 119 53.32 -31.70 60.88
N THR F 120 52.94 -32.27 62.01
CA THR F 120 52.53 -33.68 62.11
C THR F 120 51.25 -34.16 61.41
N ASN F 121 50.27 -33.28 61.26
CA ASN F 121 48.99 -33.65 60.67
C ASN F 121 48.76 -33.39 59.18
N LYS F 122 47.79 -34.12 58.61
CA LYS F 122 47.41 -34.01 57.21
C LYS F 122 46.86 -32.62 56.95
N ARG F 123 46.07 -32.13 57.90
CA ARG F 123 45.46 -30.81 57.79
C ARG F 123 46.42 -29.74 58.29
N TYR F 124 47.71 -30.02 58.15
CA TYR F 124 48.75 -29.09 58.58
C TYR F 124 48.59 -27.78 57.82
N TYR F 126 45.89 -26.35 57.18
CA TYR F 126 44.70 -26.40 56.35
C TYR F 126 43.65 -25.48 56.97
N PRO F 127 43.27 -24.42 56.25
CA PRO F 127 42.28 -23.45 56.72
C PRO F 127 40.89 -24.02 57.02
N PHE F 128 40.41 -24.94 56.21
CA PHE F 128 39.08 -25.51 56.45
C PHE F 128 39.12 -26.70 57.39
N ILE F 129 39.91 -26.57 58.46
CA ILE F 129 40.03 -27.64 59.44
C ILE F 129 38.91 -27.50 60.47
N VAL F 130 38.36 -28.62 60.93
CA VAL F 130 37.28 -28.60 61.90
C VAL F 130 36.88 -29.98 62.38
N CYS F 131 36.78 -30.14 63.70
CA CYS F 131 36.38 -31.42 64.29
C CYS F 131 34.88 -31.36 64.50
N THR F 132 34.36 -32.28 65.31
CA THR F 132 32.92 -32.31 65.56
C THR F 132 32.59 -31.51 66.83
N ASN F 133 33.40 -30.50 67.12
CA ASN F 133 33.18 -29.68 68.30
C ASN F 133 33.37 -28.19 68.03
N CYS F 134 33.32 -27.80 66.76
CA CYS F 134 33.47 -26.39 66.40
C CYS F 134 33.26 -26.18 64.90
N GLY F 135 33.84 -25.10 64.38
CA GLY F 135 33.72 -24.80 62.97
C GLY F 135 32.37 -24.19 62.62
N PRO F 136 32.08 -24.03 61.32
CA PRO F 136 30.81 -23.46 60.84
C PRO F 136 29.61 -24.37 61.12
N ARG F 137 28.44 -23.75 61.25
CA ARG F 137 27.21 -24.49 61.53
C ARG F 137 26.02 -23.76 60.92
N PHE F 138 25.30 -23.01 61.75
CA PHE F 138 24.12 -22.26 61.31
C PHE F 138 24.36 -21.53 59.99
N THR F 139 25.58 -21.02 59.82
CA THR F 139 25.95 -20.28 58.62
C THR F 139 26.04 -21.15 57.37
N ILE F 140 25.91 -22.46 57.53
CA ILE F 140 26.00 -23.36 56.38
C ILE F 140 25.07 -24.56 56.43
N ILE F 141 24.27 -24.66 57.49
CA ILE F 141 23.33 -25.77 57.63
C ILE F 141 22.07 -25.49 56.82
N GLU F 142 21.99 -26.06 55.63
CA GLU F 142 20.84 -25.88 54.75
C GLU F 142 19.54 -26.02 55.52
N ASP F 143 19.26 -27.23 56.00
CA ASP F 143 18.04 -27.50 56.75
C ASP F 143 18.04 -28.91 57.32
N LEU F 144 17.70 -29.03 58.60
CA LEU F 144 17.64 -30.33 59.25
C LEU F 144 16.83 -31.27 58.37
N PRO F 145 17.17 -32.56 58.36
CA PRO F 145 18.25 -33.19 59.12
C PRO F 145 19.65 -32.68 58.80
N TYR F 146 20.36 -32.23 59.83
CA TYR F 146 21.72 -31.74 59.67
C TYR F 146 22.55 -32.85 59.06
N ASP F 147 22.87 -32.71 57.78
CA ASP F 147 23.64 -33.73 57.09
C ASP F 147 24.51 -33.14 55.99
N ARG F 148 25.58 -33.86 55.65
CA ARG F 148 26.52 -33.45 54.59
C ARG F 148 25.75 -33.02 53.35
N GLU F 149 24.68 -33.76 53.05
CA GLU F 149 23.86 -33.48 51.88
C GLU F 149 22.89 -32.33 52.09
N ASN F 150 22.78 -31.86 53.34
CA ASN F 150 21.90 -30.75 53.66
C ASN F 150 22.67 -29.57 54.26
N THR F 151 23.86 -29.33 53.73
CA THR F 151 24.70 -28.23 54.19
C THR F 151 25.55 -27.72 53.01
N THR F 152 26.17 -26.56 53.19
CA THR F 152 26.99 -25.97 52.14
C THR F 152 28.07 -26.94 51.65
N LYS F 154 27.68 -29.80 50.73
CA LYS F 154 27.03 -30.79 49.90
C LYS F 154 27.74 -30.90 48.55
N GLU F 155 28.34 -29.80 48.12
CA GLU F 155 29.06 -29.74 46.86
C GLU F 155 30.46 -30.32 47.00
N PHE F 156 30.73 -30.97 48.13
CA PHE F 156 32.04 -31.55 48.40
C PHE F 156 31.99 -33.01 48.81
N PRO F 157 32.20 -33.93 47.86
CA PRO F 157 32.18 -35.37 48.16
C PRO F 157 33.42 -35.75 48.95
N CYS F 159 36.60 -37.49 50.67
CA CYS F 159 37.61 -38.37 50.10
C CYS F 159 37.76 -39.54 51.06
N ASP F 160 38.22 -40.68 50.54
CA ASP F 160 38.40 -41.88 51.36
C ASP F 160 39.05 -41.61 52.71
N PHE F 161 39.88 -40.57 52.78
CA PHE F 161 40.57 -40.24 54.02
C PHE F 161 39.64 -39.57 55.03
N CYS F 162 38.61 -38.88 54.53
CA CYS F 162 37.66 -38.20 55.41
C CYS F 162 36.53 -39.12 55.86
N ARG F 163 36.23 -40.13 55.07
CA ARG F 163 35.16 -41.07 55.42
C ARG F 163 35.66 -42.14 56.37
N SER F 164 36.95 -42.46 56.27
CA SER F 164 37.56 -43.46 57.14
C SER F 164 37.44 -43.02 58.60
N GLU F 165 37.43 -41.72 58.82
CA GLU F 165 37.30 -41.17 60.17
C GLU F 165 35.84 -40.85 60.44
N TYR F 166 35.14 -40.45 59.38
CA TYR F 166 33.72 -40.10 59.46
C TYR F 166 32.92 -41.28 60.01
N GLU F 167 33.41 -42.49 59.76
CA GLU F 167 32.74 -43.70 60.21
C GLU F 167 33.35 -44.26 61.50
N ASP F 168 34.61 -43.90 61.74
CA ASP F 168 35.31 -44.38 62.94
C ASP F 168 34.88 -43.62 64.18
N PRO F 169 34.43 -44.35 65.21
CA PRO F 169 33.98 -43.76 66.47
C PRO F 169 35.13 -43.24 67.35
N LEU F 170 36.34 -43.71 67.06
CA LEU F 170 37.51 -43.31 67.84
C LEU F 170 38.14 -42.01 67.32
N ASN F 171 37.60 -41.48 66.24
CA ASN F 171 38.13 -40.25 65.66
C ASN F 171 37.14 -39.11 65.83
N ARG F 172 37.61 -38.00 66.42
CA ARG F 172 36.78 -36.83 66.66
C ARG F 172 36.03 -36.36 65.42
N ARG F 173 36.57 -36.67 64.24
CA ARG F 173 35.95 -36.25 62.99
C ARG F 173 34.75 -37.14 62.62
N TYR F 174 34.47 -38.13 63.47
CA TYR F 174 33.36 -39.04 63.20
C TYR F 174 32.04 -38.28 63.06
N HIS F 175 31.32 -38.58 61.97
CA HIS F 175 30.04 -37.95 61.67
C HIS F 175 30.07 -36.43 61.64
N ALA F 176 31.26 -35.87 61.45
CA ALA F 176 31.40 -34.43 61.36
C ALA F 176 31.15 -34.05 59.90
N GLU F 177 29.92 -33.65 59.61
CA GLU F 177 29.53 -33.27 58.25
C GLU F 177 30.50 -32.32 57.55
N PRO F 178 30.98 -31.28 58.26
CA PRO F 178 31.91 -30.34 57.64
C PRO F 178 33.36 -30.80 57.63
N THR F 179 33.58 -32.11 57.60
CA THR F 179 34.93 -32.66 57.59
C THR F 179 35.52 -32.64 56.18
N ALA F 180 36.66 -31.97 56.03
CA ALA F 180 37.31 -31.88 54.73
C ALA F 180 38.81 -31.61 54.85
N CYS F 181 39.53 -31.85 53.76
CA CYS F 181 40.97 -31.64 53.70
C CYS F 181 41.27 -30.99 52.35
N PRO F 182 42.54 -30.68 52.06
CA PRO F 182 42.89 -30.07 50.79
C PRO F 182 42.44 -30.83 49.54
N VAL F 183 42.12 -32.12 49.71
CA VAL F 183 41.71 -32.95 48.59
C VAL F 183 40.26 -32.77 48.17
N CYS F 184 39.32 -32.89 49.11
CA CYS F 184 37.91 -32.75 48.79
C CYS F 184 37.34 -31.44 49.34
N GLY F 185 38.08 -30.81 50.24
CA GLY F 185 37.63 -29.56 50.82
C GLY F 185 37.84 -28.38 49.90
N PRO F 186 37.08 -27.29 50.09
CA PRO F 186 37.19 -26.08 49.25
C PRO F 186 38.59 -25.49 49.29
N SER F 187 38.81 -24.44 48.51
CA SER F 187 40.13 -23.82 48.45
C SER F 187 40.08 -22.29 48.40
N TYR F 188 41.23 -21.66 48.59
CA TYR F 188 41.35 -20.21 48.57
C TYR F 188 41.83 -19.67 47.23
N ARG F 189 41.66 -18.37 47.05
CA ARG F 189 42.08 -17.70 45.82
C ARG F 189 42.30 -16.22 46.06
N LEU F 190 43.31 -15.66 45.39
CA LEU F 190 43.62 -14.24 45.51
C LEU F 190 43.25 -13.47 44.26
N TYR F 191 42.44 -12.43 44.42
CA TYR F 191 42.02 -11.60 43.31
C TYR F 191 42.45 -10.17 43.58
N THR F 192 42.40 -9.33 42.55
CA THR F 192 42.78 -7.93 42.68
C THR F 192 41.89 -7.11 41.76
N SER F 193 40.68 -6.80 42.21
CA SER F 193 39.74 -6.05 41.39
C SER F 193 39.53 -6.89 40.14
N ASP F 194 40.08 -8.10 40.17
CA ASP F 194 40.05 -9.09 39.08
C ASP F 194 41.43 -9.69 38.89
N GLY F 195 41.47 -10.87 38.26
CA GLY F 195 42.74 -11.55 38.06
C GLY F 195 42.99 -12.42 39.27
N GLN F 196 43.72 -13.53 39.10
CA GLN F 196 43.98 -14.41 40.23
C GLN F 196 44.99 -15.53 39.97
N GLU F 197 45.09 -16.43 40.95
CA GLU F 197 45.97 -17.59 40.88
C GLU F 197 45.09 -18.79 41.24
N ILE F 198 45.60 -19.99 41.05
CA ILE F 198 44.83 -21.20 41.34
C ILE F 198 45.26 -21.96 42.59
N TYR F 199 44.28 -22.56 43.26
CA TYR F 199 44.49 -23.36 44.46
C TYR F 199 45.32 -22.72 45.58
N GLY F 200 46.41 -23.38 45.96
CA GLY F 200 47.25 -22.93 47.06
C GLY F 200 48.24 -21.79 46.91
N ASP F 201 48.33 -21.19 45.74
CA ASP F 201 49.24 -20.05 45.55
C ASP F 201 48.98 -18.97 46.61
N PRO F 202 47.70 -18.62 46.86
CA PRO F 202 47.27 -17.61 47.82
C PRO F 202 47.75 -17.70 49.28
N LEU F 203 46.80 -17.63 50.21
CA LEU F 203 47.09 -17.65 51.64
C LEU F 203 48.39 -17.00 52.12
N ARG F 204 49.49 -17.74 52.07
CA ARG F 204 50.78 -17.22 52.53
C ARG F 204 50.99 -15.78 52.07
N LYS F 205 50.77 -15.55 50.78
CA LYS F 205 50.95 -14.24 50.17
C LYS F 205 49.86 -13.23 50.53
N ALA F 206 48.61 -13.69 50.57
CA ALA F 206 47.48 -12.82 50.89
C ALA F 206 47.80 -11.90 52.06
N ALA F 207 48.16 -12.48 53.19
CA ALA F 207 48.49 -11.71 54.39
C ALA F 207 49.71 -10.84 54.12
N GLU F 208 50.70 -11.40 53.42
CA GLU F 208 51.91 -10.67 53.10
C GLU F 208 51.58 -9.30 52.52
N LEU F 209 50.36 -9.16 52.00
CA LEU F 209 49.91 -7.90 51.41
C LEU F 209 49.11 -7.05 52.38
N ILE F 210 48.37 -7.70 53.27
CA ILE F 210 47.55 -6.99 54.24
C ILE F 210 48.43 -6.13 55.15
N ASP F 211 49.66 -6.57 55.37
CA ASP F 211 50.59 -5.83 56.22
C ASP F 211 51.35 -4.81 55.38
N LYS F 212 51.25 -4.94 54.05
CA LYS F 212 51.91 -4.02 53.15
C LYS F 212 51.15 -2.69 53.15
N GLY F 213 49.87 -2.78 53.52
CA GLY F 213 49.03 -1.59 53.57
C GLY F 213 47.71 -1.81 52.87
N TYR F 214 47.75 -2.45 51.71
CA TYR F 214 46.55 -2.73 50.92
C TYR F 214 45.45 -3.35 51.77
N ILE F 215 44.20 -3.15 51.35
CA ILE F 215 43.06 -3.72 52.06
C ILE F 215 42.42 -4.80 51.20
N VAL F 216 42.23 -5.99 51.79
CA VAL F 216 41.64 -7.09 51.06
C VAL F 216 40.54 -7.78 51.86
N ALA F 217 39.34 -7.86 51.28
CA ALA F 217 38.22 -8.51 51.94
C ALA F 217 38.48 -10.01 52.04
N ILE F 218 38.15 -10.59 53.19
CA ILE F 218 38.36 -12.02 53.42
C ILE F 218 37.05 -12.77 53.58
N LYS F 219 36.92 -13.89 52.89
CA LYS F 219 35.70 -14.69 52.95
C LYS F 219 35.47 -15.32 54.32
N GLY F 220 34.72 -14.61 55.16
CA GLY F 220 34.42 -15.11 56.48
C GLY F 220 33.48 -16.30 56.43
N ILE F 221 33.48 -17.12 57.48
CA ILE F 221 32.62 -18.29 57.55
C ILE F 221 31.15 -17.94 57.72
N GLY F 222 30.84 -16.64 57.72
CA GLY F 222 29.47 -16.21 57.87
C GLY F 222 29.24 -14.84 57.27
N GLY F 223 30.07 -14.48 56.30
CA GLY F 223 29.94 -13.19 55.66
C GLY F 223 31.30 -12.56 55.44
N ILE F 224 31.67 -12.39 54.17
CA ILE F 224 32.95 -11.81 53.80
C ILE F 224 33.02 -10.33 54.20
N HIS F 225 34.19 -9.91 54.68
CA HIS F 225 34.39 -8.53 55.09
C HIS F 225 35.82 -8.04 54.82
N LEU F 226 36.01 -6.72 54.83
CA LEU F 226 37.32 -6.14 54.58
C LEU F 226 38.39 -6.59 55.56
N ALA F 227 39.62 -6.15 55.31
CA ALA F 227 40.75 -6.49 56.14
C ALA F 227 41.92 -5.56 55.80
N CYS F 228 42.72 -5.23 56.80
CA CYS F 228 43.86 -4.35 56.60
C CYS F 228 44.68 -4.23 57.88
N ASP F 229 45.97 -3.94 57.74
CA ASP F 229 46.84 -3.79 58.90
C ASP F 229 46.33 -2.65 59.76
N ALA F 230 45.97 -2.96 61.00
CA ALA F 230 45.46 -1.95 61.92
C ALA F 230 46.57 -1.01 62.39
N ALA F 231 47.80 -1.49 62.36
CA ALA F 231 48.94 -0.69 62.79
C ALA F 231 49.35 0.34 61.75
N ASN F 232 48.77 0.23 60.55
CA ASN F 232 49.07 1.16 59.47
C ASN F 232 48.09 2.32 59.45
N GLU F 233 48.41 3.39 60.17
CA GLU F 233 47.55 4.56 60.26
C GLU F 233 47.25 5.11 58.86
N GLU F 234 48.19 4.89 57.95
CA GLU F 234 48.05 5.36 56.57
C GLU F 234 46.86 4.73 55.87
N VAL F 235 47.05 3.50 55.41
CA VAL F 235 46.01 2.76 54.70
C VAL F 235 44.66 2.68 55.41
N VAL F 236 44.69 2.55 56.73
CA VAL F 236 43.46 2.46 57.50
C VAL F 236 42.70 3.78 57.45
N ALA F 237 43.46 4.88 57.27
CA ALA F 237 42.86 6.20 57.19
C ALA F 237 42.24 6.37 55.81
N GLU F 238 42.79 5.66 54.84
CA GLU F 238 42.29 5.70 53.46
C GLU F 238 41.06 4.83 53.36
N LEU F 239 41.10 3.69 54.04
CA LEU F 239 39.99 2.73 54.02
C LEU F 239 38.68 3.38 54.44
N ARG F 240 38.76 4.45 55.22
CA ARG F 240 37.56 5.15 55.68
C ARG F 240 36.88 5.99 54.61
N ARG F 241 37.66 6.52 53.67
CA ARG F 241 37.10 7.33 52.59
C ARG F 241 36.50 6.46 51.50
N ARG F 242 37.01 5.24 51.36
CA ARG F 242 36.51 4.33 50.35
C ARG F 242 35.15 3.77 50.77
N THR F 243 34.90 3.78 52.07
CA THR F 243 33.66 3.28 52.63
C THR F 243 32.77 4.43 53.10
N PHE F 244 33.27 5.65 52.98
CA PHE F 244 32.53 6.84 53.40
C PHE F 244 32.17 6.74 54.88
N ARG F 245 33.08 6.17 55.66
CA ARG F 245 32.90 5.98 57.10
C ARG F 245 33.96 6.82 57.81
N PRO F 246 33.54 7.96 58.39
CA PRO F 246 34.41 8.89 59.12
C PRO F 246 34.79 8.63 60.57
N GLN F 247 33.87 8.15 61.40
CA GLN F 247 34.24 7.95 62.80
C GLN F 247 33.80 6.67 63.50
N LYS F 248 32.93 5.87 62.87
CA LYS F 248 32.46 4.64 63.50
C LYS F 248 33.62 3.73 63.91
N PRO F 249 33.67 3.34 65.20
CA PRO F 249 34.71 2.48 65.76
C PRO F 249 34.98 1.23 64.93
N PHE F 250 36.21 1.11 64.45
CA PHE F 250 36.62 -0.01 63.62
C PHE F 250 36.88 -1.25 64.50
N ALA F 251 36.92 -2.42 63.88
CA ALA F 251 37.15 -3.66 64.60
C ALA F 251 38.53 -4.23 64.26
N ILE F 252 39.35 -4.42 65.30
CA ILE F 252 40.70 -4.96 65.11
C ILE F 252 40.79 -6.38 65.67
N ALA F 254 43.46 -8.89 67.35
CA ALA F 254 44.77 -9.10 67.96
C ALA F 254 45.21 -10.56 67.85
N LYS F 255 46.52 -10.77 67.73
CA LYS F 255 47.10 -12.11 67.61
C LYS F 255 46.69 -13.04 68.73
N ASP F 256 47.24 -12.79 69.91
CA ASP F 256 46.96 -13.59 71.09
C ASP F 256 46.47 -12.68 72.20
N ILE F 257 46.39 -13.22 73.42
CA ILE F 257 45.93 -12.45 74.56
C ILE F 257 46.88 -11.30 74.88
N GLU F 258 48.18 -11.60 74.95
CA GLU F 258 49.17 -10.58 75.24
C GLU F 258 48.90 -9.31 74.44
N THR F 259 48.73 -9.46 73.13
CA THR F 259 48.46 -8.34 72.26
C THR F 259 47.28 -7.53 72.79
N VAL F 260 46.24 -8.23 73.23
CA VAL F 260 45.06 -7.59 73.78
C VAL F 260 45.44 -6.67 74.94
N LYS F 261 46.48 -7.05 75.67
CA LYS F 261 46.97 -6.27 76.81
C LYS F 261 47.71 -5.02 76.35
N SER F 262 48.90 -5.21 75.79
CA SER F 262 49.71 -4.10 75.32
C SER F 262 48.88 -3.10 74.53
N PHE F 263 47.86 -3.60 73.84
CA PHE F 263 46.98 -2.74 73.05
C PHE F 263 46.08 -1.93 73.96
N ALA F 264 45.58 -2.56 75.02
CA ALA F 264 44.69 -1.88 75.94
C ALA F 264 44.24 -2.76 77.11
N TYR F 265 43.59 -2.16 78.10
CA TYR F 265 43.12 -2.87 79.29
C TYR F 265 42.17 -4.03 79.04
N VAL F 266 42.24 -5.04 79.91
CA VAL F 266 41.39 -6.22 79.79
C VAL F 266 40.76 -6.61 81.11
N SER F 267 39.47 -6.95 81.07
CA SER F 267 38.74 -7.36 82.27
C SER F 267 38.96 -8.86 82.49
N PRO F 268 38.91 -9.31 83.75
CA PRO F 268 39.10 -10.71 84.13
C PRO F 268 38.15 -11.71 83.46
N GLU F 269 36.85 -11.50 83.62
CA GLU F 269 35.86 -12.38 83.02
C GLU F 269 35.75 -12.09 81.53
N GLU F 270 36.28 -10.94 81.13
CA GLU F 270 36.28 -10.52 79.73
C GLU F 270 37.20 -11.42 78.92
N GLU F 271 38.37 -11.68 79.47
CA GLU F 271 39.36 -12.53 78.82
C GLU F 271 38.73 -13.88 78.53
N GLU F 272 37.72 -14.23 79.33
CA GLU F 272 36.99 -15.48 79.15
C GLU F 272 35.99 -15.30 78.02
N GLU F 273 35.31 -14.15 78.04
CA GLU F 273 34.32 -13.83 77.01
C GLU F 273 34.97 -13.67 75.65
N LEU F 274 36.23 -13.26 75.64
CA LEU F 274 36.97 -13.07 74.39
C LEU F 274 37.33 -14.40 73.75
N THR F 275 38.05 -15.23 74.49
CA THR F 275 38.47 -16.54 73.99
C THR F 275 37.27 -17.49 73.92
N SER F 276 36.08 -16.95 74.12
CA SER F 276 34.85 -17.74 74.08
C SER F 276 34.71 -18.42 72.71
N TYR F 277 34.07 -19.57 72.70
CA TYR F 277 33.86 -20.34 71.48
C TYR F 277 33.26 -19.47 70.37
N ARG F 278 32.67 -18.35 70.76
CA ARG F 278 32.04 -17.46 69.79
C ARG F 278 32.97 -16.38 69.25
N ARG F 279 33.97 -15.99 70.05
CA ARG F 279 34.94 -14.98 69.64
C ARG F 279 34.29 -13.65 69.27
N PRO F 280 33.51 -13.06 70.19
CA PRO F 280 32.83 -11.78 69.96
C PRO F 280 33.75 -10.58 70.05
N ILE F 281 33.47 -9.57 69.23
CA ILE F 281 34.28 -8.35 69.22
C ILE F 281 33.98 -7.52 70.47
N ILE F 282 34.90 -7.53 71.42
CA ILE F 282 34.73 -6.78 72.66
C ILE F 282 35.22 -5.34 72.45
N THR F 283 34.96 -4.50 73.44
CA THR F 283 35.37 -3.10 73.39
C THR F 283 35.89 -2.68 74.75
N LEU F 284 37.20 -2.76 74.91
CA LEU F 284 37.83 -2.41 76.18
C LEU F 284 38.40 -0.98 76.11
N ARG F 285 39.05 -0.55 77.20
CA ARG F 285 39.63 0.78 77.27
C ARG F 285 41.07 0.83 76.72
N LYS F 286 41.27 1.54 75.63
CA LYS F 286 42.61 1.65 75.05
C LYS F 286 43.55 2.23 76.10
N LYS F 287 44.79 1.76 76.11
CA LYS F 287 45.77 2.25 77.08
C LYS F 287 45.99 3.74 76.93
N GLU F 288 46.24 4.42 78.04
CA GLU F 288 46.46 5.86 78.02
C GLU F 288 47.30 6.25 76.81
N PRO F 289 48.59 5.84 76.77
CA PRO F 289 49.42 6.18 75.63
C PRO F 289 48.95 5.35 74.43
N PHE F 290 48.12 5.96 73.58
CA PHE F 290 47.59 5.24 72.43
C PHE F 290 48.65 4.58 71.55
N PRO F 291 48.58 3.25 71.41
CA PRO F 291 49.52 2.49 70.59
C PRO F 291 49.10 2.47 69.12
N LEU F 292 48.03 1.74 68.83
CA LEU F 292 47.52 1.65 67.46
C LEU F 292 47.12 3.02 66.95
N PRO F 293 47.11 3.21 65.62
CA PRO F 293 46.74 4.48 65.01
C PRO F 293 45.49 5.08 65.65
N GLU F 294 45.53 6.38 65.90
CA GLU F 294 44.40 7.09 66.50
C GLU F 294 43.26 7.22 65.49
N ASN F 295 43.37 6.50 64.38
CA ASN F 295 42.36 6.54 63.33
C ASN F 295 41.31 5.46 63.55
N LEU F 296 41.74 4.30 64.03
CA LEU F 296 40.83 3.17 64.27
C LEU F 296 39.50 3.60 64.91
N ALA F 297 39.55 4.66 65.71
CA ALA F 297 38.35 5.17 66.37
C ALA F 297 38.63 6.40 67.22
N PRO F 298 38.34 7.60 66.68
CA PRO F 298 38.56 8.86 67.39
C PRO F 298 37.38 9.25 68.28
N GLY F 299 37.66 10.02 69.32
CA GLY F 299 36.61 10.47 70.22
C GLY F 299 35.98 9.35 71.02
N LEU F 300 36.70 8.24 71.15
CA LEU F 300 36.21 7.09 71.90
C LEU F 300 37.34 6.32 72.56
N HIS F 301 37.27 6.22 73.89
CA HIS F 301 38.27 5.51 74.67
C HIS F 301 38.34 4.03 74.34
N THR F 302 37.17 3.40 74.17
CA THR F 302 37.11 1.98 73.86
C THR F 302 37.48 1.68 72.40
N ILE F 303 37.75 0.41 72.12
CA ILE F 303 38.12 -0.02 70.78
C ILE F 303 37.74 -1.48 70.56
N GLY F 304 37.15 -1.77 69.41
CA GLY F 304 36.75 -3.13 69.11
C GLY F 304 37.94 -4.07 69.16
N VAL F 305 37.69 -5.32 69.52
CA VAL F 305 38.75 -6.32 69.61
C VAL F 305 38.26 -7.72 69.31
N LEU F 307 39.43 -11.99 67.97
CA LEU F 307 40.40 -13.05 68.21
C LEU F 307 40.27 -14.04 67.06
N PRO F 308 41.39 -14.66 66.64
CA PRO F 308 41.32 -15.61 65.53
C PRO F 308 40.28 -16.68 65.85
N TYR F 309 39.24 -16.79 65.02
CA TYR F 309 38.18 -17.75 65.27
C TYR F 309 37.96 -18.85 64.24
N ALA F 310 38.98 -19.16 63.45
CA ALA F 310 38.83 -20.22 62.44
C ALA F 310 40.13 -20.51 61.70
N GLY F 311 40.11 -21.60 60.94
CA GLY F 311 41.27 -22.03 60.18
C GLY F 311 42.10 -20.95 59.53
N THR F 312 41.42 -19.97 58.93
CA THR F 312 42.09 -18.87 58.26
C THR F 312 42.75 -17.89 59.20
N HIS F 313 42.00 -17.46 60.20
CA HIS F 313 42.49 -16.50 61.18
C HIS F 313 43.86 -16.88 61.72
N TYR F 314 43.98 -18.09 62.29
CA TYR F 314 45.24 -18.55 62.82
C TYR F 314 46.33 -18.59 61.76
N ILE F 315 46.10 -19.37 60.71
CA ILE F 315 47.07 -19.50 59.62
C ILE F 315 47.51 -18.14 59.08
N LEU F 316 46.56 -17.25 58.88
CA LEU F 316 46.86 -15.91 58.37
C LEU F 316 47.71 -15.17 59.39
N PHE F 317 47.21 -15.10 60.62
CA PHE F 317 47.89 -14.42 61.70
C PHE F 317 49.37 -14.81 61.76
N HIS F 318 49.64 -16.10 61.58
CA HIS F 318 51.01 -16.59 61.63
C HIS F 318 51.90 -15.62 60.86
N TRP F 319 51.51 -15.35 59.61
CA TRP F 319 52.24 -14.43 58.76
C TRP F 319 51.75 -13.01 58.97
N SER F 320 51.86 -12.18 57.93
CA SER F 320 51.43 -10.79 58.01
C SER F 320 52.00 -10.13 59.26
N LYS F 321 53.25 -10.45 59.57
CA LYS F 321 53.93 -9.89 60.74
C LYS F 321 52.94 -9.31 61.75
N THR F 322 52.71 -8.01 61.64
CA THR F 322 51.80 -7.31 62.52
C THR F 322 50.49 -8.06 62.69
N PRO F 323 50.12 -8.33 63.95
CA PRO F 323 48.89 -9.06 64.24
C PRO F 323 47.60 -8.28 63.95
N VAL F 324 47.42 -7.15 64.62
CA VAL F 324 46.25 -6.32 64.47
C VAL F 324 45.76 -6.10 63.04
N TYR F 325 44.58 -6.65 62.75
CA TYR F 325 43.95 -6.52 61.45
C TYR F 325 42.75 -5.58 61.60
N VAL F 326 41.83 -5.63 60.65
CA VAL F 326 40.64 -4.80 60.68
C VAL F 326 39.49 -5.49 59.97
N THR F 328 35.64 -5.60 59.15
CA THR F 328 34.35 -4.89 59.10
C THR F 328 33.52 -5.28 57.91
N SER F 329 32.23 -5.48 58.16
CA SER F 329 31.26 -5.84 57.15
C SER F 329 31.59 -5.28 55.77
N ALA F 330 31.91 -6.17 54.84
CA ALA F 330 32.24 -5.77 53.47
C ALA F 330 30.98 -5.26 52.78
N ASN F 331 30.71 -3.98 52.93
CA ASN F 331 29.55 -3.37 52.31
C ASN F 331 29.45 -1.89 52.64
N TYR F 332 28.97 -1.10 51.68
CA TYR F 332 28.81 0.33 51.88
C TYR F 332 27.91 0.57 53.09
N PRO F 333 27.94 1.79 53.65
CA PRO F 333 27.10 2.11 54.82
C PRO F 333 25.62 1.84 54.58
N GLY F 334 25.13 0.76 55.19
CA GLY F 334 23.72 0.41 55.05
C GLY F 334 23.52 -1.04 54.63
N PRO F 336 23.90 -4.95 53.96
CA PRO F 336 24.44 -6.00 54.82
C PRO F 336 25.65 -6.67 54.18
N VAL F 338 28.31 -9.03 52.30
CA VAL F 338 28.19 -9.69 51.00
C VAL F 338 28.55 -11.17 51.14
N LYS F 339 27.58 -12.03 50.87
CA LYS F 339 27.77 -13.47 50.97
C LYS F 339 28.40 -14.06 49.71
N ASP F 340 27.68 -13.93 48.59
CA ASP F 340 28.14 -14.46 47.32
C ASP F 340 29.43 -13.82 46.84
N ASN F 341 30.36 -14.66 46.41
CA ASN F 341 31.66 -14.22 45.92
C ASN F 341 31.44 -13.29 44.72
N GLU F 342 30.24 -13.34 44.15
CA GLU F 342 29.87 -12.51 43.01
C GLU F 342 29.84 -11.04 43.41
N ARG F 343 28.87 -10.68 44.24
CA ARG F 343 28.70 -9.31 44.70
C ARG F 343 30.01 -8.73 45.23
N ALA F 344 30.90 -9.60 45.70
CA ALA F 344 32.18 -9.18 46.23
C ALA F 344 33.00 -8.42 45.18
N PHE F 345 32.71 -8.70 43.90
CA PHE F 345 33.41 -8.05 42.80
C PHE F 345 32.58 -6.91 42.23
N GLU F 346 31.26 -7.02 42.39
CA GLU F 346 30.34 -6.02 41.88
C GLU F 346 30.11 -4.85 42.82
N GLU F 347 30.50 -5.01 44.08
CA GLU F 347 30.32 -3.96 45.07
C GLU F 347 31.62 -3.48 45.70
N LEU F 348 32.64 -4.34 45.71
CA LEU F 348 33.93 -3.97 46.29
C LEU F 348 35.01 -3.76 45.23
N LYS F 349 34.60 -3.41 44.03
CA LYS F 349 35.53 -3.16 42.92
C LYS F 349 36.40 -1.94 43.21
N ASP F 350 35.77 -0.90 43.75
CA ASP F 350 36.47 0.34 44.07
C ASP F 350 36.73 0.45 45.57
N VAL F 351 36.09 -0.43 46.34
CA VAL F 351 36.23 -0.44 47.79
C VAL F 351 37.54 -1.08 48.27
N ALA F 352 37.71 -2.36 47.97
CA ALA F 352 38.90 -3.09 48.38
C ALA F 352 39.98 -3.11 47.29
N ASP F 353 41.13 -3.68 47.62
CA ASP F 353 42.24 -3.78 46.68
C ASP F 353 42.46 -5.22 46.24
N TYR F 354 42.15 -6.16 47.12
CA TYR F 354 42.34 -7.57 46.82
C TYR F 354 41.15 -8.40 47.30
N PHE F 355 41.19 -9.70 47.05
CA PHE F 355 40.12 -10.61 47.44
C PHE F 355 40.64 -11.99 47.79
N LEU F 356 40.26 -12.48 48.97
CA LEU F 356 40.66 -13.79 49.45
C LEU F 356 39.40 -14.60 49.66
N LEU F 357 38.81 -15.08 48.57
CA LEU F 357 37.57 -15.86 48.64
C LEU F 357 37.79 -17.35 48.50
N HIS F 358 36.78 -18.13 48.88
CA HIS F 358 36.84 -19.57 48.79
C HIS F 358 35.55 -20.18 48.23
N ASN F 359 35.55 -21.49 48.05
CA ASN F 359 34.41 -22.21 47.50
C ASN F 359 33.19 -22.38 48.41
N ARG F 360 33.43 -22.79 49.66
CA ARG F 360 32.34 -23.00 50.61
C ARG F 360 31.37 -21.81 50.62
N LYS F 361 30.17 -22.02 50.08
CA LYS F 361 29.17 -20.96 50.03
C LYS F 361 28.57 -20.65 51.39
N ILE F 362 28.71 -19.40 51.82
CA ILE F 362 28.18 -18.96 53.10
C ILE F 362 26.69 -18.68 52.95
N LEU F 363 25.87 -19.67 53.27
CA LEU F 363 24.43 -19.57 53.18
C LEU F 363 23.83 -18.40 53.95
N ASN F 364 23.57 -18.62 55.23
CA ASN F 364 22.99 -17.59 56.08
C ASN F 364 24.00 -16.53 56.53
N ARG F 365 23.60 -15.27 56.42
CA ARG F 365 24.45 -14.15 56.81
C ARG F 365 24.81 -14.32 58.28
N ALA F 366 25.80 -13.55 58.74
CA ALA F 366 26.22 -13.63 60.13
C ALA F 366 27.26 -12.56 60.48
N ASP F 367 26.81 -11.50 61.16
CA ASP F 367 27.72 -10.43 61.55
C ASP F 367 28.42 -10.79 62.86
N ASP F 368 29.68 -10.36 62.97
CA ASP F 368 30.47 -10.63 64.17
C ASP F 368 29.89 -9.90 65.36
N SER F 369 29.20 -10.64 66.23
CA SER F 369 28.60 -10.05 67.43
C SER F 369 29.60 -9.25 68.23
N VAL F 370 29.26 -7.99 68.49
CA VAL F 370 30.12 -7.11 69.27
C VAL F 370 29.51 -6.94 70.66
N ILE F 371 30.32 -7.20 71.69
CA ILE F 371 29.87 -7.08 73.07
C ILE F 371 30.73 -6.12 73.87
N ARG F 372 30.08 -5.19 74.55
CA ARG F 372 30.77 -4.20 75.38
C ARG F 372 30.30 -4.29 76.81
N PHE F 373 31.23 -4.47 77.75
CA PHE F 373 30.87 -4.59 79.16
C PHE F 373 30.53 -3.26 79.82
N VAL F 374 29.44 -3.28 80.60
CA VAL F 374 28.99 -2.12 81.32
C VAL F 374 29.45 -2.24 82.77
N ASP F 375 29.02 -1.28 83.61
CA ASP F 375 29.40 -1.27 85.01
C ASP F 375 28.80 -2.41 85.84
N GLY F 376 27.49 -2.37 86.02
CA GLY F 376 26.79 -3.38 86.81
C GLY F 376 27.14 -4.82 86.50
N LYS F 377 27.31 -5.12 85.21
CA LYS F 377 27.63 -6.48 84.79
C LYS F 377 28.39 -6.45 83.47
N ARG F 378 28.15 -7.46 82.64
CA ARG F 378 28.82 -7.54 81.35
C ARG F 378 27.81 -7.85 80.26
N ALA F 379 27.00 -6.86 79.90
CA ALA F 379 25.97 -7.04 78.88
C ALA F 379 26.53 -7.00 77.46
N VAL F 380 25.67 -7.27 76.48
CA VAL F 380 26.06 -7.27 75.07
C VAL F 380 25.25 -6.23 74.32
N ILE F 381 25.65 -5.93 73.09
CA ILE F 381 24.95 -4.95 72.28
C ILE F 381 24.52 -5.56 70.95
N ARG F 382 25.30 -6.53 70.46
CA ARG F 382 24.99 -7.18 69.19
C ARG F 382 24.79 -8.68 69.35
N ARG F 383 23.55 -9.11 69.15
CA ARG F 383 23.19 -10.52 69.26
C ARG F 383 23.27 -11.16 67.88
N SER F 384 24.27 -12.03 67.70
CA SER F 384 24.50 -12.73 66.45
C SER F 384 25.72 -13.63 66.62
N ARG F 385 26.60 -13.64 65.64
CA ARG F 385 27.81 -14.45 65.70
C ARG F 385 27.55 -15.86 66.23
N GLY F 386 28.34 -16.28 67.22
CA GLY F 386 28.21 -17.61 67.78
C GLY F 386 26.95 -17.90 68.58
N PHE F 387 26.05 -16.94 68.70
CA PHE F 387 24.83 -17.16 69.45
C PHE F 387 23.80 -17.94 68.65
N VAL F 388 23.10 -17.25 67.75
CA VAL F 388 22.10 -17.89 66.91
C VAL F 388 22.59 -19.24 66.44
N PRO F 389 21.70 -20.25 66.38
CA PRO F 389 20.28 -20.18 66.73
C PRO F 389 19.95 -20.72 68.13
N LEU F 390 20.46 -20.08 69.17
CA LEU F 390 20.18 -20.51 70.54
C LEU F 390 19.07 -19.63 71.11
N PRO F 391 18.00 -20.26 71.62
CA PRO F 391 16.85 -19.56 72.20
C PRO F 391 16.99 -18.95 73.59
N ILE F 392 16.05 -18.05 73.89
CA ILE F 392 15.96 -17.38 75.18
C ILE F 392 14.54 -17.71 75.63
N GLU F 393 14.39 -18.21 76.86
CA GLU F 393 13.09 -18.61 77.36
C GLU F 393 12.09 -17.52 77.70
N ILE F 394 10.87 -17.69 77.19
CA ILE F 394 9.76 -16.78 77.42
C ILE F 394 8.74 -17.54 78.25
N PRO F 395 8.16 -16.88 79.27
CA PRO F 395 7.17 -17.53 80.13
C PRO F 395 5.86 -17.92 79.43
N PHE F 396 5.78 -17.67 78.12
CA PHE F 396 4.57 -18.01 77.37
C PHE F 396 4.90 -18.74 76.09
N GLU F 397 4.15 -19.80 75.82
CA GLU F 397 4.34 -20.61 74.62
C GLU F 397 3.38 -20.18 73.52
N TYR F 398 3.92 -19.87 72.35
CA TYR F 398 3.10 -19.46 71.22
C TYR F 398 3.96 -19.28 69.97
N ASN F 399 3.66 -20.09 68.95
CA ASN F 399 4.40 -20.04 67.69
C ASN F 399 4.05 -18.72 66.99
N GLY F 400 4.91 -17.71 67.14
CA GLY F 400 4.64 -16.44 66.52
C GLY F 400 5.83 -15.78 65.85
N LEU F 401 5.70 -14.49 65.59
CA LEU F 401 6.76 -13.70 64.96
C LEU F 401 6.74 -12.28 65.50
N ALA F 402 7.92 -11.73 65.78
CA ALA F 402 8.03 -10.39 66.30
C ALA F 402 9.18 -9.65 65.61
N VAL F 403 8.84 -8.83 64.63
CA VAL F 403 9.84 -8.08 63.89
C VAL F 403 10.66 -7.18 64.82
N GLY F 404 9.98 -6.23 65.47
CA GLY F 404 10.67 -5.33 66.38
C GLY F 404 10.77 -3.91 65.87
N ALA F 405 11.99 -3.39 65.83
CA ALA F 405 12.25 -2.04 65.37
C ALA F 405 12.87 -2.05 63.97
N GLU F 406 13.48 -0.93 63.59
CA GLU F 406 14.11 -0.82 62.28
C GLU F 406 15.61 -0.56 62.41
N LEU F 407 15.97 0.36 63.30
CA LEU F 407 17.35 0.73 63.52
C LEU F 407 18.09 -0.34 64.30
N ASN F 409 18.13 -3.66 63.93
CA ASN F 409 17.09 -4.63 64.26
C ASN F 409 17.51 -6.09 64.15
N ALA F 410 16.59 -6.97 64.55
CA ALA F 410 16.80 -8.43 64.53
C ALA F 410 15.47 -9.09 64.89
N PHE F 411 14.78 -9.61 63.90
CA PHE F 411 13.48 -10.25 64.12
C PHE F 411 13.60 -11.42 65.07
N GLY F 412 12.46 -12.03 65.41
CA GLY F 412 12.47 -13.15 66.32
C GLY F 412 11.25 -14.04 66.18
N VAL F 413 11.44 -15.33 66.42
CA VAL F 413 10.36 -16.30 66.33
C VAL F 413 10.29 -17.09 67.63
N ALA F 414 9.09 -17.23 68.19
CA ALA F 414 8.91 -17.94 69.45
C ALA F 414 7.99 -19.15 69.35
N LYS F 415 8.22 -20.12 70.23
CA LYS F 415 7.41 -21.34 70.27
C LYS F 415 7.76 -22.14 71.52
N ASN F 416 6.74 -22.56 72.25
CA ASN F 416 6.93 -23.35 73.48
C ASN F 416 7.55 -22.54 74.61
N GLY F 417 7.95 -21.30 74.31
CA GLY F 417 8.55 -20.46 75.34
C GLY F 417 10.04 -20.27 75.16
N LYS F 418 10.47 -20.04 73.93
CA LYS F 418 11.89 -19.83 73.64
C LYS F 418 12.09 -19.03 72.35
N VAL F 419 11.89 -17.72 72.43
CA VAL F 419 12.06 -16.85 71.27
C VAL F 419 13.40 -17.11 70.60
N TYR F 420 13.52 -16.70 69.34
CA TYR F 420 14.74 -16.90 68.57
C TYR F 420 15.28 -15.62 67.93
N PRO F 421 16.38 -15.09 68.47
CA PRO F 421 16.98 -13.86 67.92
C PRO F 421 17.77 -14.19 66.66
N SER F 422 17.46 -13.50 65.57
CA SER F 422 18.15 -13.73 64.30
C SER F 422 19.46 -12.98 64.21
N GLN F 423 20.22 -13.24 63.13
CA GLN F 423 21.50 -12.58 62.94
C GLN F 423 21.25 -11.08 62.95
N TYR F 424 22.32 -10.30 62.94
CA TYR F 424 22.21 -8.85 62.94
C TYR F 424 21.68 -8.37 61.60
N ILE F 425 20.37 -8.47 61.41
CA ILE F 425 19.74 -8.04 60.16
C ILE F 425 20.11 -6.59 59.84
N GLY F 426 20.53 -5.86 60.87
CA GLY F 426 20.92 -4.47 60.70
C GLY F 426 19.77 -3.50 60.55
N ASN F 427 20.06 -2.35 59.94
CA ASN F 427 19.06 -1.32 59.72
C ASN F 427 18.17 -1.68 58.53
N THR F 428 16.94 -2.08 58.81
CA THR F 428 15.99 -2.49 57.77
C THR F 428 15.57 -1.38 56.81
N GLY F 429 15.89 -0.13 57.14
CA GLY F 429 15.52 0.98 56.29
C GLY F 429 15.75 0.77 54.81
N LYS F 430 16.99 0.48 54.44
CA LYS F 430 17.35 0.25 53.05
C LYS F 430 16.61 -0.93 52.43
N VAL F 431 16.11 -0.73 51.21
CA VAL F 431 15.38 -1.79 50.51
C VAL F 431 16.24 -3.05 50.44
N GLU F 432 17.55 -2.88 50.34
CA GLU F 432 18.45 -4.02 50.28
C GLU F 432 18.31 -4.84 51.55
N VAL F 433 18.27 -4.15 52.69
CA VAL F 433 18.14 -4.81 53.98
C VAL F 433 16.82 -5.56 54.09
N LEU F 434 15.72 -4.85 53.85
CA LEU F 434 14.39 -5.46 53.93
C LEU F 434 14.34 -6.83 53.28
N GLU F 435 14.74 -6.90 52.01
CA GLU F 435 14.74 -8.17 51.28
C GLU F 435 15.45 -9.26 52.05
N PHE F 436 16.56 -8.90 52.70
CA PHE F 436 17.32 -9.88 53.46
C PHE F 436 16.50 -10.46 54.61
N ARG F 438 13.53 -10.97 55.00
CA ARG F 438 12.56 -11.95 54.53
C ARG F 438 13.22 -13.32 54.38
N GLU F 439 14.36 -13.35 53.68
CA GLU F 439 15.11 -14.58 53.46
C GLU F 439 15.51 -15.20 54.80
N ALA F 440 15.95 -14.36 55.73
CA ALA F 440 16.36 -14.83 57.05
C ALA F 440 15.20 -15.49 57.78
N ILE F 441 14.04 -14.83 57.76
CA ILE F 441 12.85 -15.35 58.41
C ILE F 441 12.41 -16.64 57.72
N ALA F 442 12.67 -16.73 56.42
CA ALA F 442 12.30 -17.90 55.64
C ALA F 442 13.11 -19.11 56.11
N HIS F 443 14.40 -18.90 56.34
CA HIS F 443 15.28 -19.96 56.80
C HIS F 443 14.94 -20.33 58.23
N PHE F 444 14.75 -19.31 59.07
CA PHE F 444 14.41 -19.53 60.47
C PHE F 444 13.17 -20.41 60.57
N ARG F 445 12.29 -20.29 59.59
CA ARG F 445 11.07 -21.09 59.57
C ARG F 445 11.27 -22.52 59.11
N LYS F 446 12.31 -22.77 58.32
CA LYS F 446 12.57 -24.12 57.84
C LYS F 446 13.00 -25.04 58.97
N ILE F 447 13.17 -24.48 60.16
CA ILE F 447 13.55 -25.25 61.34
C ILE F 447 12.53 -24.93 62.44
N LEU F 448 11.30 -24.67 62.03
CA LEU F 448 10.22 -24.35 62.96
C LEU F 448 8.88 -24.82 62.44
N ARG F 449 7.82 -24.11 62.82
CA ARG F 449 6.47 -24.46 62.41
C ARG F 449 5.87 -23.51 61.38
N VAL F 450 5.33 -24.08 60.32
CA VAL F 450 4.70 -23.29 59.26
C VAL F 450 3.30 -22.94 59.75
N LYS F 451 2.67 -21.93 59.13
CA LYS F 451 1.34 -21.53 59.53
C LYS F 451 1.34 -21.36 61.06
N ASN F 452 2.23 -20.52 61.55
CA ASN F 452 2.35 -20.29 62.99
C ASN F 452 0.99 -20.16 63.66
N LEU F 453 0.75 -21.04 64.63
CA LEU F 453 -0.52 -21.08 65.35
C LEU F 453 -0.80 -19.80 66.14
N ASP F 454 0.05 -18.80 66.00
CA ASP F 454 -0.14 -17.55 66.75
C ASP F 454 -0.01 -16.26 65.93
N LEU F 455 0.10 -15.14 66.64
CA LEU F 455 0.19 -13.81 66.03
C LEU F 455 1.59 -13.22 65.92
N ILE F 456 1.67 -12.04 65.30
CA ILE F 456 2.94 -11.34 65.10
C ILE F 456 3.02 -10.12 66.02
N ILE F 457 4.19 -9.49 66.06
CA ILE F 457 4.41 -8.31 66.89
C ILE F 457 5.32 -7.32 66.16
N ALA F 458 5.21 -6.04 66.53
CA ALA F 458 6.02 -5.00 65.90
C ALA F 458 6.00 -3.73 66.73
N ASP F 459 7.07 -2.94 66.63
CA ASP F 459 7.16 -1.69 67.38
C ASP F 459 5.94 -0.84 67.08
N LEU F 460 5.57 0.03 68.01
CA LEU F 460 4.41 0.89 67.85
C LEU F 460 4.64 2.06 66.90
N HIS F 461 5.35 1.81 65.80
CA HIS F 461 5.62 2.86 64.82
C HIS F 461 5.06 2.48 63.45
N PRO F 462 3.95 3.10 63.05
CA PRO F 462 3.27 2.86 61.77
C PRO F 462 4.02 3.33 60.53
N ALA F 463 5.35 3.35 60.60
CA ALA F 463 6.14 3.80 59.45
C ALA F 463 7.41 2.99 59.22
N TYR F 464 7.77 2.14 60.17
CA TYR F 464 8.97 1.32 60.04
C TYR F 464 8.84 0.32 58.88
N ASN F 465 9.96 0.02 58.23
CA ASN F 465 9.95 -0.94 57.13
C ASN F 465 9.64 -2.32 57.71
N THR F 466 9.68 -2.42 59.03
CA THR F 466 9.40 -3.65 59.73
C THR F 466 7.91 -3.76 59.97
N THR F 467 7.33 -2.73 60.59
CA THR F 467 5.89 -2.70 60.84
C THR F 467 5.19 -2.78 59.50
N LYS F 468 5.93 -2.43 58.45
CA LYS F 468 5.42 -2.48 57.08
C LYS F 468 5.34 -3.94 56.65
N LEU F 469 6.41 -4.67 56.94
CA LEU F 469 6.50 -6.08 56.60
C LEU F 469 5.52 -6.87 57.46
N ALA F 470 5.10 -6.27 58.58
CA ALA F 470 4.16 -6.91 59.49
C ALA F 470 2.75 -6.85 58.94
N GLU F 472 1.76 -6.28 55.72
CA GLU F 472 1.64 -7.04 54.47
C GLU F 472 1.72 -8.53 54.78
N ALA F 474 0.74 -9.82 57.60
CA ALA F 474 -0.46 -10.15 58.36
C ALA F 474 -1.55 -10.55 57.37
N ASN F 475 -1.68 -9.78 56.30
CA ASN F 475 -2.66 -10.06 55.26
C ASN F 475 -2.27 -11.33 54.51
N GLU F 476 -1.20 -11.96 54.97
CA GLU F 476 -0.71 -13.19 54.36
C GLU F 476 -0.80 -14.34 55.34
N LEU F 477 -1.16 -15.53 54.85
CA LEU F 477 -1.30 -16.71 55.68
C LEU F 477 -2.36 -16.44 56.76
N ASP F 478 -2.97 -15.26 56.69
CA ASP F 478 -4.00 -14.85 57.62
C ASP F 478 -3.54 -14.97 59.07
N VAL F 479 -2.83 -13.96 59.54
CA VAL F 479 -2.32 -13.95 60.92
C VAL F 479 -2.55 -12.58 61.55
N GLU F 480 -3.25 -12.57 62.68
CA GLU F 480 -3.53 -11.33 63.39
C GLU F 480 -2.26 -10.59 63.76
N LEU F 481 -2.23 -9.29 63.49
CA LEU F 481 -1.06 -8.47 63.79
C LEU F 481 -1.21 -7.83 65.17
N LEU F 482 -0.09 -7.56 65.82
CA LEU F 482 -0.08 -6.95 67.15
C LEU F 482 1.00 -5.90 67.30
N GLN F 483 0.60 -4.65 67.52
CA GLN F 483 1.54 -3.56 67.70
C GLN F 483 1.81 -3.35 69.17
N VAL F 484 3.07 -3.08 69.51
CA VAL F 484 3.46 -2.86 70.89
C VAL F 484 4.42 -1.69 70.98
N GLN F 485 4.33 -0.94 72.07
CA GLN F 485 5.21 0.22 72.26
C GLN F 485 6.67 -0.18 72.28
N HIS F 486 7.53 0.77 71.92
CA HIS F 486 8.96 0.54 71.89
C HIS F 486 9.54 0.45 73.29
N HIS F 487 9.26 1.47 74.11
CA HIS F 487 9.77 1.52 75.47
C HIS F 487 9.26 0.39 76.35
N TYR F 488 7.97 0.07 76.24
CA TYR F 488 7.40 -1.02 77.03
C TYR F 488 7.99 -2.33 76.51
N ALA F 489 8.53 -2.28 75.29
CA ALA F 489 9.13 -3.46 74.66
C ALA F 489 10.58 -3.60 75.11
N HIS F 490 11.23 -2.49 75.41
CA HIS F 490 12.62 -2.52 75.87
C HIS F 490 12.71 -3.06 77.28
N ILE F 491 12.19 -2.31 78.24
CA ILE F 491 12.21 -2.74 79.64
C ILE F 491 11.54 -4.10 79.78
N ALA F 492 10.97 -4.60 78.68
CA ALA F 492 10.31 -5.88 78.67
C ALA F 492 11.31 -7.01 78.48
N SER F 493 12.29 -6.78 77.61
CA SER F 493 13.31 -7.79 77.34
C SER F 493 13.99 -8.24 78.63
N VAL F 494 14.07 -7.35 79.60
CA VAL F 494 14.69 -7.66 80.88
C VAL F 494 13.92 -8.75 81.62
N ALA F 496 12.17 -10.80 80.56
CA ALA F 496 12.00 -11.94 79.67
C ALA F 496 13.23 -12.84 79.78
N GLU F 497 14.36 -12.22 80.10
CA GLU F 497 15.62 -12.92 80.27
C GLU F 497 15.80 -13.35 81.71
N LYS F 498 15.38 -12.50 82.63
CA LYS F 498 15.49 -12.78 84.07
C LYS F 498 14.31 -13.65 84.50
N ASN F 499 13.36 -13.83 83.59
CA ASN F 499 12.16 -14.63 83.85
C ASN F 499 11.42 -14.19 85.11
N LEU F 500 11.25 -12.88 85.25
CA LEU F 500 10.57 -12.32 86.41
C LEU F 500 9.21 -11.72 86.04
N ASP F 501 8.42 -11.36 87.05
CA ASP F 501 7.10 -10.79 86.82
C ASP F 501 7.08 -9.26 86.80
N SER F 502 5.90 -8.69 87.01
CA SER F 502 5.71 -7.24 87.01
C SER F 502 6.79 -6.50 87.79
N VAL F 503 7.48 -5.59 87.12
CA VAL F 503 8.54 -4.80 87.73
C VAL F 503 8.73 -3.45 87.04
N ILE F 504 9.18 -2.45 87.79
CA ILE F 504 9.42 -1.13 87.23
C ILE F 504 10.54 -1.20 86.19
N GLY F 505 10.75 -0.12 85.45
CA GLY F 505 11.79 -0.12 84.44
C GLY F 505 12.08 1.25 83.87
N ILE F 506 13.35 1.65 83.92
CA ILE F 506 13.79 2.94 83.42
C ILE F 506 14.45 2.78 82.05
N ALA F 507 13.64 2.86 80.99
CA ALA F 507 14.14 2.73 79.63
C ALA F 507 14.67 4.07 79.14
N LEU F 508 15.90 4.07 78.65
CA LEU F 508 16.53 5.30 78.16
C LEU F 508 17.02 5.11 76.72
N ASP F 509 16.13 5.35 75.75
CA ASP F 509 16.49 5.21 74.34
C ASP F 509 16.75 6.56 73.68
N GLY F 510 16.91 6.54 72.36
CA GLY F 510 17.16 7.75 71.62
C GLY F 510 16.01 8.25 70.78
N VAL F 511 15.27 7.34 70.16
CA VAL F 511 14.13 7.72 69.33
C VAL F 511 13.07 6.62 69.38
N GLY F 512 12.27 6.62 70.44
CA GLY F 512 11.22 5.63 70.58
C GLY F 512 9.89 6.10 70.04
N TYR F 513 9.14 5.18 69.44
CA TYR F 513 7.84 5.51 68.88
C TYR F 513 6.79 5.52 69.98
N GLY F 514 7.11 6.19 71.08
CA GLY F 514 6.19 6.27 72.20
C GLY F 514 4.74 6.44 71.78
N THR F 515 3.82 5.97 72.61
CA THR F 515 2.40 6.07 72.32
C THR F 515 2.01 7.53 72.12
N ASP F 516 1.03 7.76 71.25
CA ASP F 516 0.55 9.11 70.94
C ASP F 516 1.57 9.91 70.16
N GLY F 517 2.14 9.29 69.13
CA GLY F 517 3.12 9.97 68.31
C GLY F 517 4.08 10.84 69.10
N ASN F 518 4.43 10.40 70.31
CA ASN F 518 5.36 11.15 71.14
C ASN F 518 6.72 10.48 71.09
N THR F 519 7.73 11.23 70.68
CA THR F 519 9.08 10.68 70.60
C THR F 519 9.58 10.42 72.01
N TRP F 520 9.38 9.19 72.49
CA TRP F 520 9.81 8.80 73.83
C TRP F 520 11.29 8.46 73.86
N GLY F 521 11.89 8.51 75.04
CA GLY F 521 13.29 8.21 75.19
C GLY F 521 13.73 8.28 76.63
N GLY F 522 13.01 9.08 77.41
CA GLY F 522 13.31 9.23 78.82
C GLY F 522 12.02 9.02 79.58
N GLU F 523 11.70 7.74 79.82
CA GLU F 523 10.46 7.40 80.51
C GLU F 523 10.64 6.24 81.48
N VAL F 524 10.22 6.46 82.71
CA VAL F 524 10.25 5.44 83.74
C VAL F 524 8.83 4.88 83.65
N LEU F 525 8.72 3.56 83.73
CA LEU F 525 7.42 2.92 83.62
C LEU F 525 7.19 1.83 84.65
N TYR F 526 6.10 1.10 84.47
CA TYR F 526 5.74 0.01 85.37
C TYR F 526 5.09 -1.10 84.56
N LEU F 527 5.82 -2.21 84.39
CA LEU F 527 5.33 -3.34 83.62
C LEU F 527 4.39 -4.22 84.45
N GLY F 528 3.26 -3.65 84.86
CA GLY F 528 2.31 -4.40 85.64
C GLY F 528 1.44 -5.32 84.81
N TYR F 529 1.58 -6.62 85.04
CA TYR F 529 0.81 -7.63 84.33
C TYR F 529 -0.58 -7.14 83.95
N GLU F 530 -1.32 -6.66 84.94
CA GLU F 530 -2.66 -6.17 84.71
C GLU F 530 -2.69 -4.65 84.55
N ASP F 531 -2.87 -4.20 83.31
CA ASP F 531 -2.92 -2.77 83.01
C ASP F 531 -1.60 -2.06 83.28
N VAL F 532 -0.78 -1.92 82.24
CA VAL F 532 0.51 -1.24 82.34
C VAL F 532 0.30 0.25 82.09
N GLU F 533 1.21 1.08 82.60
CA GLU F 533 1.10 2.52 82.43
C GLU F 533 2.40 3.27 82.71
N ARG F 534 2.54 4.45 82.11
CA ARG F 534 3.72 5.29 82.29
C ARG F 534 3.67 5.97 83.65
N LEU F 535 4.84 6.21 84.24
CA LEU F 535 4.91 6.87 85.54
C LEU F 535 5.46 8.29 85.38
N ALA F 536 6.78 8.43 85.28
CA ALA F 536 7.41 9.73 85.12
C ALA F 536 8.26 9.72 83.86
N HIS F 537 8.58 10.91 83.34
CA HIS F 537 9.39 11.01 82.13
C HIS F 537 10.13 12.34 82.07
N ILE F 538 10.49 12.75 80.86
CA ILE F 538 11.19 14.02 80.66
C ILE F 538 10.26 14.99 79.95
N ASP F 539 10.06 16.17 80.53
CA ASP F 539 9.20 17.18 79.94
C ASP F 539 9.59 17.43 78.49
N TYR F 540 8.77 16.94 77.57
CA TYR F 540 9.02 17.08 76.14
C TYR F 540 9.64 18.43 75.78
N TYR F 541 10.46 18.42 74.73
CA TYR F 541 11.13 19.63 74.26
C TYR F 541 10.96 19.82 72.76
N PRO F 542 10.90 21.08 72.30
CA PRO F 542 10.73 21.41 70.89
C PRO F 542 12.00 21.19 70.07
N LEU F 543 11.96 20.22 69.16
CA LEU F 543 13.11 19.92 68.32
C LEU F 543 12.76 20.00 66.85
N PRO F 544 13.44 20.90 66.10
CA PRO F 544 13.19 21.07 64.67
C PRO F 544 13.61 19.85 63.86
N GLY F 545 12.73 19.38 62.98
CA GLY F 545 13.01 18.22 62.17
C GLY F 545 13.16 16.97 63.02
N GLY F 546 12.26 16.01 62.80
CA GLY F 546 12.30 14.78 63.57
C GLY F 546 13.63 14.05 63.43
N ASP F 547 14.06 13.84 62.19
CA ASP F 547 15.32 13.16 61.92
C ASP F 547 16.43 14.19 61.82
N LEU F 548 16.04 15.46 61.76
CA LEU F 548 16.98 16.56 61.65
C LEU F 548 17.69 16.83 62.98
N ALA F 549 16.91 16.98 64.04
CA ALA F 549 17.46 17.24 65.37
C ALA F 549 18.36 16.09 65.80
N SER F 550 18.29 14.98 65.08
CA SER F 550 19.10 13.81 65.38
C SER F 550 20.44 13.92 64.66
N TYR F 551 20.38 14.05 63.34
CA TYR F 551 21.59 14.18 62.52
C TYR F 551 22.40 15.37 63.03
N TYR F 552 21.79 16.55 62.99
CA TYR F 552 22.47 17.75 63.48
C TYR F 552 21.96 18.06 64.88
N PRO F 553 22.75 17.72 65.91
CA PRO F 553 22.43 17.92 67.33
C PRO F 553 22.15 19.37 67.70
N LEU F 554 22.88 20.29 67.07
CA LEU F 554 22.69 21.71 67.34
C LEU F 554 21.23 22.09 67.35
N ARG F 555 20.41 21.28 66.67
CA ARG F 555 18.98 21.54 66.61
C ARG F 555 18.34 21.22 67.95
N ALA F 556 18.75 20.11 68.54
CA ALA F 556 18.22 19.69 69.83
C ALA F 556 18.68 20.64 70.95
N LEU F 557 19.96 20.98 70.93
CA LEU F 557 20.53 21.88 71.93
C LEU F 557 19.72 23.16 71.99
N GLY F 559 16.64 23.52 70.91
CA GLY F 559 15.30 23.17 71.34
C GLY F 559 15.10 23.20 72.84
N ILE F 560 15.84 22.38 73.57
CA ILE F 560 15.72 22.33 75.02
C ILE F 560 16.01 23.66 75.69
N LEU F 561 17.01 24.39 75.19
CA LEU F 561 17.36 25.68 75.75
C LEU F 561 16.21 26.67 75.65
N SER F 562 15.36 26.49 74.65
CA SER F 562 14.22 27.38 74.46
C SER F 562 13.22 27.19 75.60
N LYS F 563 13.09 25.96 76.07
CA LYS F 563 12.17 25.64 77.17
C LYS F 563 12.63 26.23 78.49
N VAL F 564 13.78 26.92 78.45
CA VAL F 564 14.33 27.54 79.65
C VAL F 564 14.61 29.01 79.38
N TYR F 565 14.67 29.37 78.10
CA TYR F 565 14.94 30.74 77.72
C TYR F 565 13.91 31.27 76.73
N SER F 566 14.19 32.44 76.16
CA SER F 566 13.30 33.08 75.21
C SER F 566 13.85 33.01 73.79
N ILE F 567 13.03 33.37 72.81
CA ILE F 567 13.42 33.35 71.41
C ILE F 567 14.76 34.07 71.20
N ASP F 568 14.82 35.33 71.64
CA ASP F 568 16.03 36.13 71.50
C ASP F 568 17.05 35.73 72.57
N GLU F 569 16.57 35.43 73.77
CA GLU F 569 17.44 35.03 74.86
C GLU F 569 18.15 33.72 74.52
N LEU F 570 17.55 32.95 73.61
CA LEU F 570 18.12 31.69 73.18
C LEU F 570 19.31 31.92 72.27
N GLU F 571 19.41 33.14 71.75
CA GLU F 571 20.50 33.52 70.86
C GLU F 571 21.78 33.78 71.66
N GLY F 572 21.68 34.61 72.69
CA GLY F 572 22.83 34.93 73.50
C GLY F 572 23.43 33.72 74.21
N VAL F 573 22.61 32.71 74.46
CA VAL F 573 23.07 31.50 75.14
C VAL F 573 23.97 30.67 74.23
N ILE F 574 23.57 30.56 72.96
CA ILE F 574 24.35 29.79 71.98
C ILE F 574 25.67 30.49 71.70
N ASN F 575 25.79 31.75 72.12
CA ASN F 575 27.00 32.52 71.90
C ASN F 575 28.14 32.08 72.81
N ARG F 576 27.84 31.19 73.75
CA ARG F 576 28.86 30.68 74.67
C ARG F 576 29.86 29.86 73.88
N CYS F 577 29.37 29.24 72.81
CA CYS F 577 30.20 28.42 71.92
C CYS F 577 29.93 28.86 70.48
N CYS F 578 30.73 28.35 69.54
CA CYS F 578 30.56 28.71 68.14
C CYS F 578 30.37 27.50 67.24
N PRO F 579 29.19 26.85 67.35
CA PRO F 579 28.86 25.66 66.55
C PRO F 579 28.05 25.97 65.30
N LYS F 580 27.75 27.25 65.08
CA LYS F 580 26.97 27.63 63.91
C LYS F 580 27.54 27.03 62.63
N ALA F 581 28.85 27.08 62.48
CA ALA F 581 29.52 26.55 61.28
C ALA F 581 29.50 25.03 61.20
N VAL F 582 28.82 24.39 62.15
CA VAL F 582 28.73 22.93 62.17
C VAL F 582 27.91 22.41 61.01
N GLU F 583 26.70 22.93 60.89
CA GLU F 583 25.80 22.54 59.80
C GLU F 583 26.15 23.40 58.60
N SER F 584 27.35 23.97 58.62
CA SER F 584 27.82 24.83 57.53
C SER F 584 28.66 24.03 56.56
N LEU F 585 29.30 23.00 57.08
CA LEU F 585 30.16 22.15 56.28
C LEU F 585 29.35 21.02 55.68
N LYS F 586 28.04 21.24 55.54
CA LYS F 586 27.14 20.24 54.97
C LYS F 586 25.86 20.88 54.47
N TYR F 587 25.50 22.01 55.05
CA TYR F 587 24.28 22.72 54.68
C TYR F 587 24.48 24.21 55.00
N GLY F 588 23.42 25.00 54.89
CA GLY F 588 23.52 26.41 55.19
C GLY F 588 23.61 26.62 56.69
N LYS F 589 24.51 27.48 57.14
CA LYS F 589 24.67 27.70 58.58
C LYS F 589 23.90 28.88 59.14
N VAL F 590 24.32 30.08 58.75
CA VAL F 590 23.67 31.30 59.21
C VAL F 590 22.16 31.16 59.04
N GLU F 591 21.77 30.40 58.03
CA GLU F 591 20.37 30.16 57.74
C GLU F 591 19.76 29.15 58.70
N PHE F 592 20.54 28.16 59.12
CA PHE F 592 20.03 27.16 60.06
C PHE F 592 19.68 27.83 61.37
N ASN F 593 20.37 28.92 61.68
CA ASN F 593 20.11 29.66 62.91
C ASN F 593 18.86 30.51 62.71
N VAL F 594 18.53 30.76 61.44
CA VAL F 594 17.36 31.56 61.10
C VAL F 594 16.11 30.71 61.28
N VAL F 595 16.30 29.39 61.37
CA VAL F 595 15.19 28.47 61.57
C VAL F 595 14.67 28.61 62.99
N LEU F 596 15.31 29.50 63.76
CA LEU F 596 14.92 29.74 65.14
C LEU F 596 13.45 30.13 65.20
N ASN F 597 12.98 30.87 64.19
CA ASN F 597 11.58 31.29 64.13
C ASN F 597 10.72 30.03 64.17
N GLN F 598 11.11 29.04 63.38
CA GLN F 598 10.39 27.77 63.31
C GLN F 598 10.27 27.18 64.70
N LEU F 599 11.28 27.43 65.53
CA LEU F 599 11.31 26.92 66.89
C LEU F 599 10.77 27.95 67.89
N ALA F 600 10.63 29.18 67.43
CA ALA F 600 10.14 30.27 68.27
C ALA F 600 8.62 30.43 68.17
N LYS F 601 8.08 30.08 67.00
CA LYS F 601 6.65 30.21 66.76
C LYS F 601 5.92 28.89 67.01
N GLY F 602 6.69 27.84 67.32
CA GLY F 602 6.09 26.54 67.57
C GLY F 602 5.34 26.04 66.34
N ILE F 603 5.69 26.60 65.19
CA ILE F 603 5.06 26.22 63.92
C ILE F 603 5.34 24.75 63.62
N ASN F 604 6.40 24.51 62.87
CA ASN F 604 6.81 23.15 62.50
C ASN F 604 7.68 22.59 63.61
N THR F 605 7.11 21.73 64.44
CA THR F 605 7.84 21.12 65.54
C THR F 605 7.17 19.86 66.07
N ALA F 606 7.98 18.84 66.36
CA ALA F 606 7.47 17.59 66.91
C ALA F 606 7.88 17.56 68.38
N TYR F 607 7.16 16.82 69.20
CA TYR F 607 7.50 16.75 70.62
C TYR F 607 8.22 15.48 71.02
N ALA F 608 9.49 15.64 71.40
CA ALA F 608 10.33 14.52 71.80
C ALA F 608 10.71 14.59 73.27
N SER F 609 11.23 13.47 73.79
CA SER F 609 11.64 13.37 75.18
C SER F 609 12.63 12.23 75.32
N SER F 610 13.64 12.22 74.45
CA SER F 610 14.66 11.19 74.46
C SER F 610 15.87 11.52 75.32
N THR F 611 16.26 10.58 76.17
CA THR F 611 17.41 10.78 77.03
C THR F 611 18.68 10.80 76.18
N GLY F 612 18.52 10.45 74.91
CA GLY F 612 19.65 10.45 73.99
C GLY F 612 19.80 11.82 73.35
N ARG F 613 18.69 12.41 72.95
CA ARG F 613 18.69 13.73 72.34
C ARG F 613 19.25 14.76 73.32
N VAL F 614 18.86 14.62 74.59
CA VAL F 614 19.31 15.52 75.63
C VAL F 614 20.83 15.42 75.77
N LEU F 615 21.33 14.19 75.68
CA LEU F 615 22.77 13.93 75.79
C LEU F 615 23.52 14.65 74.69
N ASP F 616 23.09 14.45 73.45
CA ASP F 616 23.73 15.10 72.30
C ASP F 616 23.77 16.60 72.48
N ALA F 617 22.70 17.15 73.03
CA ALA F 617 22.60 18.59 73.26
C ALA F 617 23.69 19.02 74.25
N ILE F 618 23.89 18.21 75.29
CA ILE F 618 24.90 18.49 76.30
C ILE F 618 26.29 18.27 75.71
N ALA F 619 26.32 17.66 74.53
CA ALA F 619 27.57 17.38 73.85
C ALA F 619 28.00 18.54 72.95
N VAL F 620 27.03 19.20 72.33
CA VAL F 620 27.34 20.34 71.47
C VAL F 620 27.38 21.62 72.30
N LEU F 621 26.81 21.54 73.51
CA LEU F 621 26.80 22.67 74.42
C LEU F 621 28.22 22.76 74.95
N LEU F 622 29.11 22.00 74.32
CA LEU F 622 30.52 21.96 74.69
C LEU F 622 31.41 21.96 73.45
N ASN F 623 32.51 21.22 73.50
CA ASN F 623 33.44 21.17 72.38
C ASN F 623 33.55 19.84 71.63
N VAL F 624 33.26 18.75 72.33
CA VAL F 624 33.37 17.40 71.77
C VAL F 624 32.47 16.97 70.62
N ALA F 625 31.19 17.32 70.67
CA ALA F 625 30.27 16.86 69.64
C ALA F 625 29.49 17.88 68.83
N TYR F 626 29.29 17.53 67.56
CA TYR F 626 28.56 18.33 66.59
C TYR F 626 27.83 17.36 65.67
N ARG F 627 27.87 17.63 64.37
CA ARG F 627 27.21 16.77 63.38
C ARG F 627 27.42 15.28 63.64
N ARG F 628 26.32 14.54 63.71
CA ARG F 628 26.38 13.09 63.94
C ARG F 628 26.81 12.48 62.60
N HIS F 629 27.41 11.29 62.65
CA HIS F 629 27.85 10.64 61.43
C HIS F 629 27.30 9.22 61.29
N TYR F 630 26.71 8.72 62.38
CA TYR F 630 26.13 7.38 62.39
C TYR F 630 25.09 7.27 63.51
N GLU F 631 24.76 6.05 63.90
CA GLU F 631 23.76 5.85 64.95
C GLU F 631 24.33 6.16 66.34
N GLY F 632 23.90 7.29 66.90
CA GLY F 632 24.35 7.68 68.22
C GLY F 632 25.84 7.93 68.30
N GLU F 633 26.27 9.13 67.95
CA GLU F 633 27.68 9.49 67.99
C GLU F 633 28.00 10.42 69.16
N PRO F 634 27.17 11.45 69.38
CA PRO F 634 27.40 12.39 70.48
C PRO F 634 27.20 11.75 71.85
N ALA F 635 26.33 10.75 71.91
CA ALA F 635 26.04 10.05 73.16
C ALA F 635 27.26 9.24 73.58
N LYS F 637 30.35 9.99 72.40
CA LYS F 637 31.46 10.93 72.50
C LYS F 637 31.42 11.69 73.81
N LEU F 638 30.22 12.12 74.20
CA LEU F 638 30.04 12.87 75.44
C LEU F 638 30.42 12.03 76.65
N GLU F 639 30.47 10.71 76.49
CA GLU F 639 30.83 9.83 77.59
C GLU F 639 32.33 9.61 77.62
N SER F 640 32.92 9.38 76.45
CA SER F 640 34.36 9.15 76.35
C SER F 640 35.12 10.34 76.93
N PHE F 641 34.55 11.52 76.79
CA PHE F 641 35.16 12.75 77.29
C PHE F 641 34.92 12.91 78.79
N ALA F 642 33.68 12.66 79.22
CA ALA F 642 33.30 12.79 80.62
C ALA F 642 34.09 11.87 81.54
N PHE F 643 34.45 10.69 81.03
CA PHE F 643 35.19 9.71 81.80
C PHE F 643 36.38 10.31 82.56
N LYS F 644 37.17 11.11 81.86
CA LYS F 644 38.35 11.75 82.43
C LYS F 644 38.05 12.72 83.57
N GLY F 645 36.80 12.76 84.01
CA GLY F 645 36.42 13.64 85.10
C GLY F 645 36.79 13.10 86.47
N LYS F 646 37.35 13.96 87.31
CA LYS F 646 37.76 13.56 88.66
C LYS F 646 36.78 14.06 89.72
N ASN F 647 36.81 15.36 89.99
CA ASN F 647 35.94 15.96 90.99
C ASN F 647 34.48 15.91 90.55
N ASP F 648 33.80 14.83 90.92
CA ASP F 648 32.39 14.65 90.58
C ASP F 648 31.53 15.78 91.15
N LEU F 649 31.24 16.77 90.31
CA LEU F 649 30.43 17.90 90.74
C LEU F 649 29.03 17.38 91.05
N LYS F 650 28.22 18.20 91.73
CA LYS F 650 26.88 17.78 92.09
C LYS F 650 25.75 18.59 91.46
N PHE F 651 25.16 18.02 90.42
CA PHE F 651 24.03 18.65 89.73
C PHE F 651 22.79 17.85 90.13
N GLU F 652 21.70 18.55 90.40
CA GLU F 652 20.47 17.86 90.80
C GLU F 652 19.30 18.16 89.88
N VAL F 653 19.10 17.29 88.89
CA VAL F 653 18.00 17.44 87.95
C VAL F 653 16.70 17.14 88.70
N PRO F 654 15.91 18.18 89.00
CA PRO F 654 14.64 18.06 89.71
C PRO F 654 13.60 17.16 89.05
N VAL F 655 12.74 16.58 89.88
CA VAL F 655 11.67 15.69 89.41
C VAL F 655 10.37 16.07 90.10
N GLU F 656 9.62 16.98 89.47
CA GLU F 656 8.36 17.44 90.02
C GLU F 656 7.18 16.77 89.32
N GLY F 657 6.17 16.38 90.09
CA GLY F 657 5.01 15.73 89.52
C GLY F 657 5.36 14.38 88.92
N GLU F 658 5.65 14.37 87.62
CA GLU F 658 6.01 13.14 86.93
C GLU F 658 6.85 13.45 85.68
N LEU F 659 7.15 14.73 85.49
CA LEU F 659 7.95 15.16 84.35
C LEU F 659 9.27 15.73 84.83
N ILE F 660 10.35 15.00 84.57
CA ILE F 660 11.68 15.42 84.97
C ILE F 660 12.09 16.68 84.23
N ARG F 661 12.18 17.80 84.96
CA ARG F 661 12.58 19.06 84.36
C ARG F 661 14.05 19.02 83.96
N VAL F 662 14.34 18.14 83.00
CA VAL F 662 15.69 17.96 82.49
C VAL F 662 16.20 19.24 81.83
N GLU F 663 15.31 20.22 81.67
CA GLU F 663 15.69 21.48 81.05
C GLU F 663 16.56 22.29 82.01
N GLU F 664 16.16 22.33 83.29
CA GLU F 664 16.92 23.06 84.29
C GLU F 664 18.33 22.50 84.44
N LEU F 665 18.51 21.24 84.03
CA LEU F 665 19.82 20.61 84.10
C LEU F 665 20.78 21.42 83.25
N PHE F 666 20.29 21.88 82.11
CA PHE F 666 21.09 22.70 81.20
C PHE F 666 21.32 24.07 81.81
N GLN F 667 20.25 24.68 82.29
CA GLN F 667 20.30 26.00 82.91
C GLN F 667 21.44 26.08 83.92
N SER F 668 21.70 24.96 84.59
CA SER F 668 22.75 24.88 85.58
C SER F 668 24.10 24.54 84.96
N ILE F 669 24.15 23.45 84.19
CA ILE F 669 25.38 23.02 83.54
C ILE F 669 26.11 24.21 82.93
N LEU F 670 25.35 25.18 82.44
CA LEU F 670 25.92 26.37 81.82
C LEU F 670 26.43 27.36 82.87
N GLU F 671 25.66 27.55 83.93
CA GLU F 671 26.03 28.47 85.00
C GLU F 671 27.34 28.10 85.69
N ALA F 672 27.90 26.95 85.34
CA ALA F 672 29.15 26.49 85.94
C ALA F 672 30.33 26.60 84.99
N ILE F 673 30.04 26.77 83.70
CA ILE F 673 31.08 26.88 82.68
C ILE F 673 32.24 27.76 83.15
N GLU F 674 31.90 28.90 83.74
CA GLU F 674 32.91 29.83 84.23
C GLU F 674 33.54 29.33 85.52
N GLY F 675 34.64 28.60 85.38
CA GLY F 675 35.34 28.06 86.54
C GLY F 675 35.40 26.55 86.50
N ALA F 676 34.25 25.91 86.34
CA ALA F 676 34.18 24.46 86.29
C ALA F 676 34.82 23.94 85.01
N SER F 677 35.74 22.98 85.16
CA SER F 677 36.43 22.39 84.01
C SER F 677 35.46 21.58 83.17
N PRO F 678 35.80 21.36 81.88
CA PRO F 678 34.94 20.59 80.98
C PRO F 678 34.84 19.11 81.34
N ALA F 679 36.00 18.48 81.56
CA ALA F 679 36.05 17.06 81.91
C ALA F 679 35.15 16.72 83.09
N ASP F 680 35.00 17.67 84.01
CA ASP F 680 34.17 17.46 85.20
C ASP F 680 32.72 17.86 84.98
N ILE F 681 32.49 18.82 84.08
CA ILE F 681 31.12 19.27 83.79
C ILE F 681 30.36 18.21 83.00
N ALA F 682 30.97 17.70 81.94
CA ALA F 682 30.34 16.68 81.12
C ALA F 682 30.07 15.44 81.97
N TYR F 683 30.98 15.18 82.92
CA TYR F 683 30.86 14.04 83.81
C TYR F 683 29.83 14.31 84.90
N SER F 684 29.93 15.49 85.53
CA SER F 684 29.01 15.86 86.60
C SER F 684 27.56 15.70 86.18
N ALA F 685 27.20 16.28 85.04
CA ALA F 685 25.83 16.19 84.53
C ALA F 685 25.46 14.74 84.22
N HIS F 686 26.42 13.99 83.70
CA HIS F 686 26.20 12.59 83.37
C HIS F 686 25.52 11.84 84.51
N LEU F 687 26.17 11.84 85.67
CA LEU F 687 25.64 11.17 86.84
C LEU F 687 24.44 11.91 87.40
N ALA F 688 24.55 13.25 87.45
CA ALA F 688 23.49 14.10 87.97
C ALA F 688 22.12 13.70 87.42
N LEU F 689 22.07 13.36 86.14
CA LEU F 689 20.83 12.96 85.50
C LEU F 689 20.48 11.53 85.87
N ALA F 690 21.46 10.64 85.76
CA ALA F 690 21.28 9.22 86.06
C ALA F 690 20.78 9.00 87.49
N ARG F 691 21.16 9.88 88.40
CA ARG F 691 20.76 9.77 89.80
C ARG F 691 19.29 10.12 90.01
N ALA F 692 18.91 11.33 89.63
CA ALA F 692 17.54 11.80 89.79
C ALA F 692 16.57 11.04 88.90
N PHE F 693 17.08 10.47 87.81
CA PHE F 693 16.25 9.71 86.89
C PHE F 693 16.01 8.33 87.49
N ALA F 694 17.00 7.83 88.22
CA ALA F 694 16.91 6.52 88.85
C ALA F 694 16.23 6.63 90.21
N HIS F 695 16.63 7.64 90.98
CA HIS F 695 16.04 7.86 92.30
C HIS F 695 14.52 7.93 92.23
N THR F 696 13.99 7.85 91.02
CA THR F 696 12.54 7.90 90.81
C THR F 696 12.00 6.48 90.81
N ALA F 697 12.66 5.60 90.04
CA ALA F 697 12.25 4.20 89.97
C ALA F 697 12.15 3.65 91.38
N VAL F 698 12.96 4.21 92.27
CA VAL F 698 12.99 3.79 93.67
C VAL F 698 11.81 4.39 94.43
N GLU F 699 11.72 5.71 94.43
CA GLU F 699 10.65 6.43 95.11
C GLU F 699 9.27 5.97 94.64
N ARG F 700 9.22 5.35 93.46
CA ARG F 700 7.95 4.87 92.92
C ARG F 700 7.72 3.39 93.24
N ALA F 701 8.78 2.60 93.19
CA ALA F 701 8.68 1.17 93.46
C ALA F 701 8.01 0.93 94.81
N ARG F 702 8.17 1.90 95.72
CA ARG F 702 7.59 1.81 97.06
C ARG F 702 6.14 2.28 97.08
N GLU F 703 5.91 3.49 96.58
CA GLU F 703 4.56 4.06 96.55
C GLU F 703 3.62 3.19 95.70
N PHE F 704 4.17 2.16 95.08
CA PHE F 704 3.38 1.26 94.24
C PHE F 704 3.46 -0.19 94.71
N GLY F 705 4.62 -0.57 95.24
CA GLY F 705 4.79 -1.93 95.74
C GLY F 705 5.52 -2.90 94.82
N VAL F 706 6.68 -2.51 94.33
CA VAL F 706 7.48 -3.37 93.46
C VAL F 706 8.85 -3.55 94.11
N LYS F 707 9.45 -4.71 93.91
CA LYS F 707 10.75 -5.02 94.49
C LYS F 707 11.94 -4.76 93.58
N ASN F 708 11.79 -4.94 92.28
CA ASN F 708 12.91 -4.76 91.37
C ASN F 708 12.67 -3.93 90.11
N VAL F 709 13.63 -3.06 89.80
CA VAL F 709 13.58 -2.18 88.63
C VAL F 709 14.49 -2.73 87.53
N ALA F 710 14.36 -2.22 86.31
CA ALA F 710 15.16 -2.71 85.20
C ALA F 710 15.50 -1.64 84.16
N LEU F 711 16.79 -1.29 84.08
CA LEU F 711 17.27 -0.29 83.12
C LEU F 711 17.47 -0.98 81.77
N SER F 712 17.08 -0.30 80.70
CA SER F 712 17.23 -0.85 79.37
C SER F 712 17.11 0.25 78.31
N GLY F 713 17.58 -0.05 77.10
CA GLY F 713 17.52 0.93 76.03
C GLY F 713 18.88 1.25 75.44
N GLY F 714 18.95 2.32 74.67
CA GLY F 714 20.20 2.72 74.05
C GLY F 714 21.19 3.27 75.04
N VAL F 715 20.74 4.22 75.86
CA VAL F 715 21.60 4.83 76.87
C VAL F 715 21.80 3.86 78.03
N ALA F 716 21.76 2.56 77.71
CA ALA F 716 21.94 1.51 78.71
C ALA F 716 23.40 1.08 78.74
N TYR F 717 24.19 1.58 77.80
CA TYR F 717 25.60 1.24 77.71
C TYR F 717 26.47 2.36 78.26
N ASN F 718 25.84 3.43 78.74
CA ASN F 718 26.56 4.55 79.31
C ASN F 718 27.12 4.17 80.67
N GLU F 719 28.36 3.69 80.68
CA GLU F 719 29.00 3.28 81.93
C GLU F 719 28.95 4.36 83.00
N LEU F 720 28.76 5.61 82.57
CA LEU F 720 28.70 6.73 83.52
C LEU F 720 27.29 6.90 84.07
N ILE F 721 26.32 6.34 83.36
CA ILE F 721 24.92 6.44 83.76
C ILE F 721 24.39 5.10 84.28
N THR F 722 24.86 4.00 83.69
CA THR F 722 24.43 2.67 84.10
C THR F 722 25.02 2.33 85.46
N LYS F 723 25.86 3.22 85.98
CA LYS F 723 26.49 3.01 87.28
C LYS F 723 25.70 3.70 88.37
N ILE F 725 22.58 4.96 88.04
CA ILE F 725 21.21 4.47 87.96
C ILE F 725 21.07 3.07 88.57
N ARG F 726 22.13 2.28 88.47
CA ARG F 726 22.12 0.93 89.00
C ARG F 726 22.51 0.90 90.48
N LYS F 727 23.39 1.80 90.88
CA LYS F 727 23.84 1.86 92.27
C LYS F 727 22.77 2.46 93.18
N VAL F 728 22.12 3.52 92.71
CA VAL F 728 21.08 4.18 93.49
C VAL F 728 19.99 3.18 93.87
N VAL F 729 19.93 2.08 93.13
CA VAL F 729 18.94 1.04 93.38
C VAL F 729 19.40 0.07 94.46
N GLU F 730 20.44 0.46 95.20
CA GLU F 730 20.97 -0.36 96.28
C GLU F 730 20.20 -0.03 97.56
N ALA F 731 19.54 1.13 97.54
CA ALA F 731 18.74 1.57 98.67
C ALA F 731 17.31 1.09 98.46
N ASN F 732 17.18 -0.02 97.74
CA ASN F 732 15.88 -0.60 97.44
C ASN F 732 16.08 -2.07 97.09
N GLY F 733 15.12 -2.66 96.40
CA GLY F 733 15.23 -4.05 96.02
C GLY F 733 16.32 -4.26 94.99
N LEU F 734 16.59 -5.51 94.65
CA LEU F 734 17.62 -5.83 93.66
C LEU F 734 17.14 -5.65 92.23
N ASN F 735 17.89 -4.87 91.45
CA ASN F 735 17.54 -4.63 90.06
C ASN F 735 18.44 -5.45 89.16
N PHE F 736 18.17 -5.42 87.86
CA PHE F 736 18.97 -6.15 86.89
C PHE F 736 18.88 -5.49 85.53
N HIS F 737 19.94 -5.58 84.75
CA HIS F 737 19.98 -4.99 83.42
C HIS F 737 20.41 -6.06 82.43
N VAL F 738 19.54 -6.37 81.47
CA VAL F 738 19.81 -7.38 80.46
C VAL F 738 21.29 -7.75 80.39
N THR F 739 21.57 -9.05 80.50
CA THR F 739 22.95 -9.54 80.47
C THR F 739 23.41 -9.89 79.06
N THR F 740 24.52 -10.62 78.97
CA THR F 740 25.09 -11.02 77.69
C THR F 740 24.11 -11.75 76.79
N GLU F 741 23.21 -12.52 77.40
CA GLU F 741 22.21 -13.29 76.66
C GLU F 741 21.43 -12.40 75.69
N VAL F 742 20.73 -11.41 76.23
CA VAL F 742 19.95 -10.49 75.42
C VAL F 742 20.58 -9.09 75.52
N PRO F 743 20.49 -8.30 74.44
CA PRO F 743 21.07 -6.94 74.49
C PRO F 743 20.09 -5.89 75.01
N ARG F 744 20.62 -4.89 75.71
CA ARG F 744 19.79 -3.82 76.25
C ARG F 744 19.50 -2.79 75.16
N GLY F 745 19.91 -3.11 73.94
CA GLY F 745 19.69 -2.22 72.82
C GLY F 745 18.58 -2.67 71.90
N ASP F 746 18.31 -1.87 70.87
CA ASP F 746 17.26 -2.16 69.90
C ASP F 746 17.35 -3.58 69.34
N ASN F 747 18.54 -3.98 68.94
CA ASN F 747 18.77 -5.31 68.38
C ASN F 747 18.12 -6.41 69.21
N GLY F 748 17.87 -6.13 70.48
CA GLY F 748 17.27 -7.12 71.35
C GLY F 748 15.82 -6.86 71.72
N VAL F 749 15.25 -5.79 71.18
CA VAL F 749 13.87 -5.45 71.47
C VAL F 749 12.95 -6.54 70.95
N ASN F 750 13.49 -7.40 70.08
CA ASN F 750 12.72 -8.50 69.50
C ASN F 750 12.17 -9.43 70.58
N VAL F 751 12.97 -9.66 71.62
CA VAL F 751 12.55 -10.53 72.72
C VAL F 751 11.63 -9.75 73.66
N GLY F 752 11.94 -8.47 73.84
CA GLY F 752 11.13 -7.65 74.71
C GLY F 752 9.67 -7.67 74.29
N GLN F 753 9.45 -7.88 72.99
CA GLN F 753 8.10 -7.93 72.44
C GLN F 753 7.51 -9.32 72.61
N ALA F 754 8.26 -10.32 72.17
CA ALA F 754 7.83 -11.72 72.24
C ALA F 754 7.21 -12.06 73.60
N PHE F 755 7.95 -11.83 74.67
CA PHE F 755 7.46 -12.13 76.01
C PHE F 755 6.31 -11.21 76.38
N LEU F 756 6.22 -10.07 75.68
CA LEU F 756 5.18 -9.09 75.93
C LEU F 756 3.93 -9.41 75.09
N GLY F 757 4.15 -9.71 73.81
CA GLY F 757 3.04 -10.04 72.93
C GLY F 757 2.48 -11.41 73.24
N GLY F 758 3.38 -12.38 73.43
CA GLY F 758 2.95 -13.73 73.74
C GLY F 758 2.30 -13.77 75.10
N LEU F 759 2.21 -12.60 75.73
CA LEU F 759 1.59 -12.46 77.04
C LEU F 759 0.20 -11.88 76.89
N TYR F 760 -0.03 -11.20 75.78
CA TYR F 760 -1.32 -10.60 75.48
C TYR F 760 -2.29 -11.68 75.03
N LEU F 761 -1.78 -12.65 74.29
CA LEU F 761 -2.59 -13.76 73.81
C LEU F 761 -3.04 -14.59 75.00
N GLU F 762 -2.21 -14.61 76.04
CA GLU F 762 -2.51 -15.34 77.26
C GLU F 762 -3.70 -14.73 77.98
N GLY F 763 -3.97 -13.46 77.69
CA GLY F 763 -5.09 -12.78 78.31
C GLY F 763 -4.70 -12.03 79.57
N TYR F 764 -3.46 -12.22 80.01
CA TYR F 764 -2.97 -11.54 81.21
C TYR F 764 -2.68 -10.07 80.92
N LEU F 765 -2.61 -9.73 79.63
CA LEU F 765 -2.33 -8.37 79.21
C LEU F 765 -3.52 -7.83 78.41
N THR F 766 -3.96 -6.62 78.73
CA THR F 766 -5.10 -6.03 78.04
C THR F 766 -4.74 -5.67 76.61
N LYS F 767 -5.71 -5.84 75.71
CA LYS F 767 -5.53 -5.56 74.29
C LYS F 767 -5.11 -4.13 73.99
N GLU F 768 -5.75 -3.16 74.63
CA GLU F 768 -5.43 -1.76 74.36
C GLU F 768 -4.59 -1.01 75.39
N ASP F 769 -3.83 -1.72 76.21
CA ASP F 769 -2.99 -1.05 77.20
C ASP F 769 -1.54 -1.03 76.75
N LEU F 770 -1.30 -1.51 75.53
CA LEU F 770 0.03 -1.52 74.95
C LEU F 770 0.05 -0.39 73.94
N LEU F 772 -2.24 2.14 74.20
CA LEU F 772 -2.56 3.32 74.98
C LEU F 772 -2.42 3.01 76.48
#